data_2VAK
#
_entry.id   2VAK
#
_cell.length_a   103.210
_cell.length_b   129.909
_cell.length_c   144.037
_cell.angle_alpha   93.81
_cell.angle_beta   105.05
_cell.angle_gamma   98.16
#
_symmetry.space_group_name_H-M   'P 1'
#
loop_
_entity.id
_entity.type
_entity.pdbx_description
1 polymer 'SIGMA A'
2 non-polymer 'SULFATE ION'
3 water water
#
_entity_poly.entity_id   1
_entity_poly.type   'polypeptide(L)'
_entity_poly.pdbx_seq_one_letter_code
;ISEFGSTMARAIYDFFSTPFGNRGLATNRTQLSSLLSSSNSPWQRFLSSMTPLTAPGIVSTPEAPYPGSLMYQESMLHSA
TVPGVLGSRDAWRTFNVFGLSWTDEGLSGLVAAQDPPPAAPYQPASAQWSDLLNYPRWANRRRELQSKYPLLLRSTLLSA
MRAGPVLYVETWPNMISGRLADWFMSQYGNNFVDMCARLTQSCSNMPVEPDGNYDQQMRALISLWLLSYIGVVNQTNTIS
GFYFSSKTRGQALDSWTLFYTTNTNRVQITQRHFAYVCARSPDWNVDKSWIAAANLTAIVMACRQPPVFANQGVINQAQN
RPGFSMNGGTPVHELNLLTTAQECIRQWVMAGLVSAAKGQALTQEANDFSNLIQADLGQIKAQDDALYNQQPGYARRIKP
FVNGDWTPGMTAQALAVLATFTA
;
_entity_poly.pdbx_strand_id   A,B,C,D,E,F,G,H,I,J,K,L
#
# COMPACT_ATOMS: atom_id res chain seq x y z
N ILE A 1 38.28 -37.47 55.67
CA ILE A 1 37.86 -38.89 55.45
C ILE A 1 36.39 -39.00 55.01
N SER A 2 36.20 -39.50 53.79
CA SER A 2 34.88 -39.95 53.37
C SER A 2 34.55 -41.16 54.24
N GLU A 3 33.28 -41.28 54.66
CA GLU A 3 32.86 -42.38 55.51
C GLU A 3 33.03 -43.76 54.85
N PHE A 4 33.15 -43.75 53.53
CA PHE A 4 33.19 -44.98 52.72
C PHE A 4 34.62 -45.37 52.34
N GLY A 5 35.50 -44.39 52.32
CA GLY A 5 36.88 -44.63 51.92
C GLY A 5 37.06 -44.46 50.44
N SER A 6 37.91 -45.31 49.87
CA SER A 6 38.23 -45.25 48.44
C SER A 6 37.68 -46.48 47.75
N THR A 7 36.41 -46.38 47.38
CA THR A 7 35.60 -47.49 46.85
C THR A 7 35.72 -47.63 45.34
N MET A 8 36.24 -46.60 44.67
CA MET A 8 36.28 -46.46 43.22
C MET A 8 37.34 -47.37 42.62
N ALA A 9 36.97 -48.27 41.70
CA ALA A 9 37.99 -48.99 40.93
C ALA A 9 38.90 -48.02 40.18
N ARG A 10 40.12 -48.47 39.93
CA ARG A 10 41.12 -47.67 39.27
C ARG A 10 40.83 -47.54 37.78
N ALA A 11 40.95 -46.32 37.27
CA ALA A 11 40.73 -46.08 35.88
C ALA A 11 41.90 -45.35 35.25
N ILE A 12 42.76 -44.74 36.06
CA ILE A 12 43.92 -44.01 35.56
C ILE A 12 45.19 -44.80 35.87
N TYR A 13 45.99 -45.08 34.85
CA TYR A 13 47.19 -45.87 34.98
C TYR A 13 48.40 -45.04 34.60
N ASP A 14 48.79 -44.17 35.51
CA ASP A 14 49.90 -43.25 35.32
C ASP A 14 51.19 -43.87 35.85
N PHE A 15 52.31 -43.52 35.23
CA PHE A 15 53.61 -43.98 35.70
C PHE A 15 54.54 -42.78 35.82
N PHE A 16 55.35 -42.74 36.87
CA PHE A 16 56.30 -41.64 37.08
C PHE A 16 57.72 -42.21 37.10
N SER A 17 58.57 -41.76 36.18
CA SER A 17 59.96 -42.27 36.07
C SER A 17 60.88 -41.72 37.17
N THR A 18 61.97 -42.45 37.46
CA THR A 18 62.95 -42.09 38.49
C THR A 18 63.69 -40.82 38.12
N PRO A 19 63.75 -39.85 39.06
CA PRO A 19 64.64 -38.70 38.87
C PRO A 19 66.06 -39.18 38.71
N PHE A 20 66.77 -38.64 37.73
CA PHE A 20 68.22 -38.83 37.71
C PHE A 20 68.93 -37.50 37.53
N GLY A 21 70.26 -37.53 37.61
CA GLY A 21 71.08 -36.32 37.54
C GLY A 21 71.83 -36.18 36.22
N ASN A 22 73.04 -35.60 36.30
CA ASN A 22 73.88 -35.23 35.12
C ASN A 22 74.34 -36.32 34.20
N ARG A 23 74.52 -37.51 34.74
CA ARG A 23 75.08 -38.60 33.93
C ARG A 23 74.01 -39.62 33.51
N GLY A 24 72.74 -39.23 33.59
CA GLY A 24 71.64 -40.12 33.20
C GLY A 24 71.15 -41.04 34.32
N LEU A 25 70.34 -42.01 33.92
CA LEU A 25 69.77 -43.00 34.84
C LEU A 25 70.90 -43.79 35.45
N ALA A 26 70.96 -43.77 36.79
CA ALA A 26 72.06 -44.37 37.55
C ALA A 26 72.04 -45.90 37.55
N THR A 27 71.90 -46.48 36.37
CA THR A 27 71.91 -47.94 36.19
C THR A 27 72.65 -48.35 34.93
N ASN A 28 72.94 -49.64 34.82
CA ASN A 28 73.57 -50.16 33.63
C ASN A 28 72.99 -51.52 33.36
N ARG A 29 73.55 -52.23 32.38
CA ARG A 29 72.97 -53.47 31.93
C ARG A 29 73.25 -54.65 32.84
N THR A 30 74.31 -54.55 33.61
CA THR A 30 74.68 -55.59 34.55
C THR A 30 73.71 -55.58 35.72
N GLN A 31 73.33 -54.39 36.16
CA GLN A 31 72.41 -54.23 37.25
C GLN A 31 71.00 -54.63 36.80
N LEU A 32 70.51 -54.06 35.71
CA LEU A 32 69.22 -54.47 35.18
C LEU A 32 69.14 -55.97 34.93
N SER A 33 70.16 -56.54 34.29
CA SER A 33 70.23 -58.02 34.14
C SER A 33 70.02 -58.79 35.44
N SER A 34 70.61 -58.28 36.52
CA SER A 34 70.58 -58.93 37.79
C SER A 34 69.17 -59.01 38.39
N LEU A 35 68.25 -58.14 37.96
CA LEU A 35 66.90 -58.11 38.54
C LEU A 35 65.95 -59.13 37.91
N LEU A 36 66.33 -59.69 36.76
CA LEU A 36 65.41 -60.51 35.98
C LEU A 36 65.18 -61.89 36.60
N SER A 37 64.14 -62.58 36.14
CA SER A 37 63.91 -63.96 36.60
C SER A 37 64.59 -64.92 35.65
N SER A 38 64.79 -66.16 36.13
CA SER A 38 65.21 -67.27 35.25
C SER A 38 64.57 -67.27 33.84
N SER A 39 63.31 -66.85 33.72
CA SER A 39 62.65 -66.73 32.41
C SER A 39 62.74 -65.32 31.76
N ASN A 40 63.63 -64.46 32.29
CA ASN A 40 63.86 -63.11 31.74
C ASN A 40 62.75 -62.09 32.07
N SER A 41 61.95 -62.41 33.07
CA SER A 41 60.76 -61.65 33.42
C SER A 41 61.01 -60.58 34.47
N PRO A 42 60.61 -59.34 34.16
CA PRO A 42 60.76 -58.27 35.15
C PRO A 42 59.56 -58.22 36.09
N TRP A 43 58.54 -59.05 35.83
CA TRP A 43 57.25 -58.99 36.52
C TRP A 43 57.03 -60.07 37.58
N GLN A 44 57.88 -61.10 37.61
CA GLN A 44 57.79 -62.17 38.66
C GLN A 44 58.25 -61.64 40.01
N ILE A 58 68.89 -61.23 56.41
CA ILE A 58 69.35 -60.11 55.58
C ILE A 58 70.18 -60.62 54.39
N VAL A 59 69.49 -60.97 53.31
CA VAL A 59 70.13 -61.61 52.14
C VAL A 59 70.76 -60.55 51.21
N SER A 60 71.65 -59.76 51.81
CA SER A 60 72.51 -58.77 51.16
C SER A 60 73.40 -59.34 50.03
N THR A 61 73.72 -58.50 49.05
CA THR A 61 74.69 -58.81 47.99
C THR A 61 75.52 -57.53 47.72
N PRO A 62 76.72 -57.65 47.10
CA PRO A 62 77.43 -56.40 46.81
C PRO A 62 76.66 -55.46 45.87
N GLU A 63 76.03 -56.05 44.86
CA GLU A 63 75.20 -55.35 43.88
C GLU A 63 73.88 -54.74 44.45
N ALA A 64 73.25 -55.46 45.39
CA ALA A 64 72.11 -54.96 46.16
C ALA A 64 72.33 -55.13 47.67
N PRO A 65 73.14 -54.21 48.28
CA PRO A 65 73.46 -54.31 49.72
C PRO A 65 72.26 -54.47 50.68
N TYR A 66 71.15 -53.78 50.42
CA TYR A 66 70.02 -53.73 51.33
C TYR A 66 68.70 -54.24 50.68
N PRO A 67 67.70 -54.63 51.51
CA PRO A 67 66.34 -54.90 50.97
C PRO A 67 65.76 -53.74 50.17
N GLY A 68 65.95 -52.51 50.64
CA GLY A 68 65.43 -51.37 49.91
C GLY A 68 66.16 -51.09 48.61
N SER A 69 67.22 -51.84 48.31
CA SER A 69 67.99 -51.64 47.07
C SER A 69 67.21 -52.09 45.87
N LEU A 70 66.58 -53.24 45.98
CA LEU A 70 65.84 -53.82 44.86
C LEU A 70 64.66 -52.95 44.46
N MET A 71 64.03 -52.31 45.44
CA MET A 71 62.96 -51.37 45.20
C MET A 71 63.40 -50.20 44.31
N TYR A 72 64.49 -49.54 44.70
CA TYR A 72 65.06 -48.48 43.90
C TYR A 72 65.53 -48.98 42.54
N GLN A 73 66.27 -50.07 42.52
CA GLN A 73 66.83 -50.55 41.26
C GLN A 73 65.76 -51.00 40.26
N GLU A 74 64.62 -51.45 40.78
CA GLU A 74 63.50 -51.88 39.95
C GLU A 74 62.74 -50.71 39.39
N SER A 75 62.80 -49.58 40.10
CA SER A 75 62.22 -48.34 39.63
C SER A 75 63.00 -47.79 38.45
N MET A 76 64.32 -47.94 38.46
CA MET A 76 65.13 -47.68 37.27
C MET A 76 64.85 -48.67 36.13
N LEU A 77 64.63 -49.95 36.44
CA LEU A 77 64.29 -50.94 35.37
C LEU A 77 62.98 -50.59 34.65
N HIS A 78 61.96 -50.22 35.42
CA HIS A 78 60.70 -49.76 34.83
C HIS A 78 60.88 -48.50 33.98
N SER A 79 61.60 -47.53 34.54
CA SER A 79 61.86 -46.23 33.90
C SER A 79 62.68 -46.35 32.59
N ALA A 80 63.60 -47.32 32.54
CA ALA A 80 64.36 -47.62 31.31
C ALA A 80 63.52 -48.30 30.21
N THR A 81 62.68 -49.26 30.61
CA THR A 81 62.12 -50.25 29.69
C THR A 81 60.68 -50.00 29.24
N VAL A 82 59.86 -49.44 30.12
CA VAL A 82 58.40 -49.31 29.84
C VAL A 82 58.01 -48.03 29.04
N PRO A 83 58.43 -46.83 29.49
CA PRO A 83 57.98 -45.59 28.85
C PRO A 83 58.34 -45.48 27.37
N GLY A 84 59.35 -46.22 26.93
CA GLY A 84 59.84 -46.19 25.56
C GLY A 84 59.08 -47.04 24.54
N VAL A 85 58.32 -48.05 25.01
CA VAL A 85 57.50 -48.88 24.10
C VAL A 85 56.05 -48.46 23.97
N LEU A 86 55.66 -47.45 24.73
CA LEU A 86 54.25 -47.03 24.77
C LEU A 86 53.77 -46.45 23.43
N GLY A 87 54.73 -46.17 22.54
CA GLY A 87 54.46 -45.56 21.24
C GLY A 87 53.54 -46.39 20.35
N SER A 88 53.66 -47.70 20.38
CA SER A 88 52.70 -48.52 19.67
C SER A 88 52.97 -50.00 19.70
N ARG A 89 52.16 -50.71 18.92
CA ARG A 89 52.14 -52.17 18.81
C ARG A 89 53.43 -52.82 18.33
N ASP A 90 54.25 -52.11 17.55
CA ASP A 90 55.51 -52.66 17.01
C ASP A 90 56.77 -52.05 17.60
N ALA A 91 56.60 -51.06 18.49
CA ALA A 91 57.72 -50.46 19.24
C ALA A 91 58.72 -51.49 19.79
N TRP A 92 58.22 -52.64 20.26
CA TRP A 92 59.05 -53.67 20.88
C TRP A 92 60.03 -54.37 19.91
N ARG A 93 59.68 -54.43 18.64
CA ARG A 93 60.52 -55.13 17.64
C ARG A 93 61.93 -54.54 17.65
N THR A 94 62.04 -53.21 17.50
CA THR A 94 63.36 -52.55 17.52
C THR A 94 63.77 -51.81 18.79
N PHE A 95 62.91 -51.74 19.80
CA PHE A 95 63.23 -50.97 21.02
C PHE A 95 64.38 -51.61 21.74
N ASN A 96 65.33 -50.79 22.19
CA ASN A 96 66.39 -51.25 23.04
C ASN A 96 66.86 -50.17 23.98
N VAL A 97 67.26 -50.56 25.18
CA VAL A 97 67.75 -49.64 26.20
C VAL A 97 68.78 -50.37 27.03
N PHE A 98 69.88 -49.70 27.37
CA PHE A 98 70.98 -50.36 28.09
C PHE A 98 71.39 -51.76 27.56
N GLY A 99 71.24 -51.97 26.26
CA GLY A 99 71.54 -53.28 25.65
C GLY A 99 70.45 -54.32 25.85
N LEU A 100 69.23 -53.87 26.11
CA LEU A 100 68.16 -54.86 26.35
C LEU A 100 67.00 -54.56 25.42
N SER A 101 66.25 -55.62 25.10
CA SER A 101 65.11 -55.56 24.23
C SER A 101 64.05 -56.46 24.82
N TRP A 102 62.78 -56.17 24.50
CA TRP A 102 61.64 -56.99 24.88
C TRP A 102 61.47 -58.16 23.88
N THR A 103 60.89 -59.27 24.37
CA THR A 103 60.73 -60.50 23.57
C THR A 103 59.43 -60.50 22.72
N ASP A 104 58.41 -59.77 23.17
CA ASP A 104 57.06 -59.76 22.55
C ASP A 104 56.27 -58.52 22.95
N GLU A 105 55.19 -58.26 22.20
CA GLU A 105 54.33 -57.10 22.42
C GLU A 105 53.75 -57.06 23.83
N GLY A 106 53.64 -58.22 24.45
CA GLY A 106 53.16 -58.36 25.83
C GLY A 106 54.20 -58.06 26.89
N LEU A 107 55.42 -57.72 26.48
CA LEU A 107 56.52 -57.39 27.39
C LEU A 107 56.76 -58.51 28.37
N SER A 108 56.90 -59.73 27.87
CA SER A 108 57.03 -60.91 28.73
C SER A 108 58.38 -60.99 29.36
N GLY A 109 59.41 -60.66 28.59
CA GLY A 109 60.77 -60.83 29.04
C GLY A 109 61.67 -59.81 28.45
N LEU A 110 62.81 -59.64 29.11
CA LEU A 110 63.90 -58.78 28.66
C LEU A 110 65.11 -59.64 28.39
N VAL A 111 65.58 -59.60 27.16
CA VAL A 111 66.76 -60.35 26.72
C VAL A 111 67.76 -59.35 26.15
N ALA A 112 68.96 -59.84 25.84
CA ALA A 112 70.01 -59.05 25.18
C ALA A 112 69.50 -58.48 23.88
N ALA A 113 69.81 -57.21 23.62
CA ALA A 113 69.52 -56.60 22.32
C ALA A 113 70.54 -57.05 21.27
N GLN A 114 70.29 -56.69 20.01
CA GLN A 114 71.33 -56.74 18.96
C GLN A 114 72.32 -55.61 19.14
N ASP A 115 73.60 -55.83 18.80
CA ASP A 115 74.49 -54.66 18.48
C ASP A 115 75.38 -54.85 17.27
N PRO A 116 75.36 -53.86 16.36
CA PRO A 116 74.53 -52.67 16.53
C PRO A 116 73.03 -53.03 16.62
N PRO A 117 72.25 -52.24 17.38
CA PRO A 117 70.82 -52.50 17.53
C PRO A 117 70.02 -52.21 16.24
N PRO A 118 68.70 -52.54 16.21
CA PRO A 118 67.93 -52.12 15.02
C PRO A 118 67.77 -50.58 15.00
N ALA A 119 67.23 -50.02 16.08
CA ALA A 119 67.14 -48.57 16.18
C ALA A 119 68.16 -48.00 17.19
N ALA A 120 68.31 -46.68 17.19
CA ALA A 120 69.12 -45.99 18.20
C ALA A 120 68.56 -46.29 19.59
N PRO A 121 69.46 -46.57 20.56
CA PRO A 121 68.98 -46.96 21.90
C PRO A 121 68.07 -45.90 22.51
N TYR A 122 67.07 -46.32 23.26
CA TYR A 122 66.17 -45.41 23.97
C TYR A 122 66.92 -44.62 25.06
N GLN A 123 66.56 -43.36 25.25
CA GLN A 123 67.10 -42.52 26.34
C GLN A 123 66.05 -42.33 27.42
N PRO A 124 66.21 -43.03 28.56
CA PRO A 124 65.33 -42.73 29.70
C PRO A 124 65.17 -41.22 29.93
N ALA A 125 63.98 -40.80 30.34
CA ALA A 125 63.76 -39.43 30.82
C ALA A 125 63.60 -39.40 32.34
N SER A 126 64.13 -38.33 32.93
CA SER A 126 64.15 -38.12 34.37
C SER A 126 62.86 -37.57 34.89
N ALA A 127 62.30 -38.20 35.93
CA ALA A 127 61.11 -37.73 36.62
C ALA A 127 60.03 -37.28 35.67
N GLN A 128 59.49 -38.21 34.89
CA GLN A 128 58.58 -37.88 33.82
C GLN A 128 57.39 -38.81 33.90
N TRP A 129 56.21 -38.30 33.54
CA TRP A 129 54.94 -39.05 33.65
C TRP A 129 54.56 -39.74 32.35
N SER A 130 53.95 -40.93 32.47
CA SER A 130 53.48 -41.69 31.28
C SER A 130 52.08 -42.16 31.52
N ASP A 131 51.24 -42.08 30.51
CA ASP A 131 49.91 -42.72 30.53
C ASP A 131 50.04 -44.14 29.89
N LEU A 132 49.91 -45.16 30.74
CA LEU A 132 50.25 -46.50 30.38
C LEU A 132 49.16 -47.10 29.52
N LEU A 133 48.01 -46.41 29.46
CA LEU A 133 46.92 -46.79 28.58
C LEU A 133 47.15 -46.36 27.16
N ASN A 134 48.22 -45.62 26.89
CA ASN A 134 48.66 -45.37 25.51
C ASN A 134 49.20 -46.61 24.83
N TYR A 135 49.45 -47.67 25.61
CA TYR A 135 49.93 -48.92 25.04
C TYR A 135 48.74 -49.67 24.50
N PRO A 136 48.67 -49.85 23.16
CA PRO A 136 47.45 -50.37 22.55
C PRO A 136 47.03 -51.73 23.15
N ARG A 137 48.00 -52.62 23.35
CA ARG A 137 47.73 -53.89 24.01
C ARG A 137 47.11 -53.75 25.39
N TRP A 138 47.63 -52.83 26.21
CA TRP A 138 47.05 -52.62 27.55
C TRP A 138 45.67 -51.95 27.56
N ALA A 139 45.41 -51.14 26.53
CA ALA A 139 44.08 -50.55 26.34
C ALA A 139 43.05 -51.64 26.02
N ASN A 140 43.46 -52.67 25.25
CA ASN A 140 42.55 -53.76 24.89
C ASN A 140 42.54 -54.97 25.80
N ARG A 141 43.71 -55.46 26.20
CA ARG A 141 43.81 -56.53 27.19
C ARG A 141 44.09 -55.91 28.56
N ARG A 142 43.06 -55.36 29.18
CA ARG A 142 43.22 -54.61 30.43
C ARG A 142 43.83 -55.43 31.57
N ARG A 143 43.52 -56.72 31.63
CA ARG A 143 43.90 -57.57 32.76
C ARG A 143 45.38 -57.78 32.81
N GLU A 144 46.04 -57.58 31.68
CA GLU A 144 47.46 -57.73 31.70
C GLU A 144 48.27 -56.46 32.05
N LEU A 145 47.64 -55.29 32.01
CA LEU A 145 48.21 -54.11 32.67
C LEU A 145 47.98 -54.16 34.18
N GLN A 146 46.74 -54.39 34.58
CA GLN A 146 46.35 -54.47 35.97
C GLN A 146 47.21 -55.43 36.77
N SER A 147 47.75 -56.45 36.13
CA SER A 147 48.46 -57.46 36.86
C SER A 147 49.93 -57.03 37.08
N LYS A 148 50.40 -56.11 36.24
CA LYS A 148 51.75 -55.53 36.32
C LYS A 148 51.78 -54.24 37.10
N TYR A 149 50.61 -53.60 37.24
CA TYR A 149 50.52 -52.26 37.77
C TYR A 149 50.98 -52.04 39.22
N PRO A 150 50.66 -52.99 40.13
CA PRO A 150 51.24 -52.85 41.50
C PRO A 150 52.80 -52.66 41.49
N LEU A 151 53.52 -53.39 40.67
CA LEU A 151 54.99 -53.16 40.51
C LEU A 151 55.27 -51.80 40.03
N LEU A 152 54.57 -51.40 38.98
CA LEU A 152 54.75 -50.11 38.34
C LEU A 152 54.29 -48.97 39.24
N LEU A 153 53.18 -49.15 39.95
CA LEU A 153 52.79 -48.15 40.94
C LEU A 153 53.83 -47.99 42.08
N ARG A 154 54.34 -49.12 42.56
CA ARG A 154 55.39 -49.10 43.57
C ARG A 154 56.65 -48.24 43.22
N SER A 155 57.15 -48.42 42.00
CA SER A 155 58.13 -47.52 41.41
C SER A 155 57.69 -46.07 41.32
N THR A 156 56.48 -45.84 40.81
CA THR A 156 55.92 -44.52 40.67
C THR A 156 55.91 -43.79 42.03
N LEU A 157 55.47 -44.48 43.08
CA LEU A 157 55.36 -43.89 44.43
C LEU A 157 56.71 -43.65 45.09
N LEU A 158 57.68 -44.53 44.84
CA LEU A 158 59.04 -44.37 45.37
C LEU A 158 59.71 -43.16 44.69
N SER A 159 59.56 -43.06 43.38
CA SER A 159 60.08 -41.92 42.64
C SER A 159 59.47 -40.56 43.03
N ALA A 160 58.16 -40.55 43.30
CA ALA A 160 57.43 -39.36 43.69
C ALA A 160 57.72 -38.95 45.14
N MET A 161 58.22 -39.89 45.95
CA MET A 161 58.52 -39.62 47.34
C MET A 161 59.86 -38.96 47.45
N ARG A 162 59.97 -37.96 48.32
CA ARG A 162 61.25 -37.30 48.59
C ARG A 162 62.27 -38.22 49.28
N ALA A 163 61.80 -39.01 50.23
CA ALA A 163 62.65 -39.89 51.01
C ALA A 163 62.22 -41.34 50.76
N GLY A 164 61.86 -42.05 51.83
CA GLY A 164 61.48 -43.46 51.69
C GLY A 164 60.02 -43.70 51.32
N PRO A 165 59.64 -44.98 51.18
CA PRO A 165 58.35 -45.45 50.61
C PRO A 165 57.19 -45.09 51.49
N VAL A 166 56.07 -44.71 50.86
CA VAL A 166 54.86 -44.29 51.57
C VAL A 166 54.01 -45.53 51.93
N LEU A 167 53.28 -45.44 53.05
CA LEU A 167 52.32 -46.47 53.42
C LEU A 167 50.93 -45.91 53.33
N TYR A 168 49.99 -46.76 52.90
CA TYR A 168 48.54 -46.46 52.86
C TYR A 168 47.97 -46.94 54.19
N VAL A 169 47.58 -45.98 55.05
CA VAL A 169 47.19 -46.32 56.43
C VAL A 169 45.76 -45.97 56.74
N GLU A 170 44.93 -47.01 56.88
CA GLU A 170 43.50 -46.84 57.03
C GLU A 170 42.93 -47.73 58.14
N THR A 171 42.15 -47.12 59.03
CA THR A 171 41.34 -47.86 60.02
C THR A 171 39.87 -47.48 59.87
N TRP A 172 38.99 -48.40 60.25
CA TRP A 172 37.54 -48.14 60.13
C TRP A 172 36.79 -48.81 61.29
N PRO A 173 35.57 -48.31 61.63
CA PRO A 173 34.80 -48.93 62.73
C PRO A 173 34.68 -50.46 62.64
N ASN A 174 34.71 -51.08 63.82
CA ASN A 174 34.99 -52.52 63.97
C ASN A 174 35.57 -53.28 62.77
N MET A 175 36.74 -52.80 62.35
CA MET A 175 37.46 -53.26 61.17
C MET A 175 37.96 -54.72 61.17
N ILE A 176 38.38 -55.25 62.32
CA ILE A 176 38.72 -56.68 62.33
C ILE A 176 37.56 -57.50 62.93
N SER A 177 36.66 -57.95 62.07
CA SER A 177 35.51 -58.74 62.50
C SER A 177 35.16 -59.73 61.41
N GLY A 178 34.12 -60.51 61.65
CA GLY A 178 33.57 -61.42 60.63
C GLY A 178 34.63 -62.36 60.15
N ARG A 179 34.69 -62.56 58.83
CA ARG A 179 35.69 -63.44 58.20
C ARG A 179 37.09 -62.87 58.27
N LEU A 180 37.20 -61.54 58.34
CA LEU A 180 38.51 -60.91 58.48
C LEU A 180 39.18 -61.35 59.80
N ALA A 181 38.40 -61.34 60.89
CA ALA A 181 38.79 -61.91 62.21
C ALA A 181 39.28 -63.35 62.12
N ASP A 182 38.48 -64.24 61.54
CA ASP A 182 38.89 -65.64 61.38
C ASP A 182 40.19 -65.72 60.59
N TRP A 183 40.36 -64.82 59.63
CA TRP A 183 41.54 -64.85 58.79
C TRP A 183 42.78 -64.50 59.61
N PHE A 184 42.75 -63.37 60.34
CA PHE A 184 43.84 -63.02 61.28
C PHE A 184 44.12 -64.12 62.33
N MET A 185 43.05 -64.71 62.91
CA MET A 185 43.20 -65.84 63.83
C MET A 185 43.86 -67.05 63.19
N SER A 186 43.57 -67.30 61.91
CA SER A 186 44.28 -68.35 61.16
C SER A 186 45.78 -68.10 61.10
N GLN A 187 46.20 -66.85 61.32
CA GLN A 187 47.62 -66.51 61.28
C GLN A 187 48.29 -66.24 62.62
N TYR A 188 47.64 -66.68 63.69
CA TYR A 188 48.18 -66.54 65.04
C TYR A 188 49.62 -67.02 65.07
N GLY A 189 50.50 -66.21 65.68
CA GLY A 189 51.91 -66.56 65.83
C GLY A 189 52.79 -66.43 64.57
N ASN A 190 52.23 -65.98 63.43
CA ASN A 190 53.00 -65.80 62.16
C ASN A 190 53.78 -64.54 62.10
N ASN A 191 54.84 -64.55 61.31
CA ASN A 191 55.64 -63.36 61.13
C ASN A 191 54.95 -62.37 60.16
N PHE A 192 54.96 -61.09 60.52
CA PHE A 192 54.45 -60.01 59.63
C PHE A 192 54.90 -60.08 58.17
N VAL A 193 56.20 -60.23 57.91
CA VAL A 193 56.72 -60.25 56.53
C VAL A 193 56.23 -61.49 55.77
N ASP A 194 56.08 -62.62 56.48
CA ASP A 194 55.52 -63.84 55.90
C ASP A 194 54.07 -63.62 55.50
N MET A 195 53.30 -62.98 56.37
CA MET A 195 51.90 -62.65 56.10
C MET A 195 51.81 -61.81 54.83
N CYS A 196 52.70 -60.83 54.70
CA CYS A 196 52.68 -59.90 53.57
C CYS A 196 53.00 -60.62 52.26
N ALA A 197 53.95 -61.54 52.33
CA ALA A 197 54.43 -62.29 51.17
C ALA A 197 53.35 -63.25 50.67
N ARG A 198 52.58 -63.80 51.61
CA ARG A 198 51.50 -64.75 51.32
C ARG A 198 50.35 -64.05 50.63
N LEU A 199 50.05 -62.83 51.08
CA LEU A 199 49.03 -61.97 50.46
C LEU A 199 49.42 -61.52 49.06
N THR A 200 50.69 -61.16 48.88
CA THR A 200 51.26 -60.87 47.56
C THR A 200 51.04 -62.10 46.65
N GLN A 201 51.49 -63.25 47.14
CA GLN A 201 51.22 -64.59 46.62
C GLN A 201 49.75 -64.80 46.19
N SER A 202 48.79 -64.42 47.04
CA SER A 202 47.38 -64.66 46.75
C SER A 202 46.83 -63.78 45.63
N CYS A 203 47.51 -62.65 45.41
CA CYS A 203 47.04 -61.60 44.52
C CYS A 203 47.49 -61.76 43.07
N SER A 204 48.37 -62.74 42.83
CA SER A 204 49.00 -62.98 41.51
C SER A 204 48.02 -62.98 40.35
N ASN A 205 47.02 -63.88 40.43
CA ASN A 205 45.79 -63.78 39.64
C ASN A 205 44.98 -62.60 40.19
N MET A 206 44.99 -61.49 39.45
CA MET A 206 44.70 -60.18 40.04
C MET A 206 43.34 -60.02 40.76
N PRO A 207 42.18 -60.26 40.07
CA PRO A 207 40.91 -59.79 40.59
C PRO A 207 40.94 -59.31 42.07
N VAL A 208 41.44 -58.09 42.26
CA VAL A 208 41.37 -57.40 43.54
C VAL A 208 40.40 -56.23 43.41
N GLU A 209 39.23 -56.39 44.02
CA GLU A 209 38.23 -55.35 44.06
C GLU A 209 38.41 -54.48 45.31
N PRO A 210 38.29 -53.14 45.17
CA PRO A 210 38.23 -52.29 46.37
C PRO A 210 37.18 -52.86 47.32
N ASP A 211 37.52 -53.01 48.58
CA ASP A 211 36.62 -53.53 49.61
C ASP A 211 36.35 -55.02 49.56
N GLY A 212 37.01 -55.73 48.65
CA GLY A 212 36.93 -57.19 48.64
C GLY A 212 37.75 -57.76 49.76
N ASN A 213 37.86 -59.08 49.80
CA ASN A 213 38.59 -59.73 50.87
C ASN A 213 40.07 -59.46 50.91
N TYR A 214 40.76 -59.57 49.77
CA TYR A 214 42.21 -59.32 49.74
C TYR A 214 42.49 -57.87 50.11
N ASP A 215 41.71 -56.96 49.57
CA ASP A 215 41.86 -55.55 49.87
C ASP A 215 41.77 -55.31 51.38
N GLN A 216 40.67 -55.77 51.99
CA GLN A 216 40.42 -55.49 53.40
C GLN A 216 41.47 -56.11 54.30
N GLN A 217 42.00 -57.27 53.88
CA GLN A 217 43.10 -57.95 54.57
C GLN A 217 44.38 -57.13 54.56
N MET A 218 44.70 -56.58 53.40
CA MET A 218 45.93 -55.86 53.19
C MET A 218 45.90 -54.54 53.96
N ARG A 219 44.80 -53.82 53.87
CA ARG A 219 44.66 -52.57 54.60
C ARG A 219 44.72 -52.76 56.11
N ALA A 220 44.05 -53.81 56.62
CA ALA A 220 43.98 -54.10 58.06
C ALA A 220 45.30 -54.62 58.60
N LEU A 221 46.01 -55.40 57.76
CA LEU A 221 47.39 -55.85 58.05
C LEU A 221 48.43 -54.71 58.15
N ILE A 222 48.33 -53.72 57.28
CA ILE A 222 49.28 -52.63 57.24
C ILE A 222 49.12 -51.80 58.50
N SER A 223 47.87 -51.43 58.80
CA SER A 223 47.63 -50.56 59.95
C SER A 223 47.66 -51.25 61.32
N LEU A 224 47.28 -52.51 61.40
CA LEU A 224 47.53 -53.25 62.60
C LEU A 224 49.03 -53.24 62.89
N TRP A 225 49.83 -53.70 61.92
CA TRP A 225 51.27 -53.61 62.03
C TRP A 225 51.79 -52.22 62.40
N LEU A 226 51.53 -51.19 61.58
CA LEU A 226 52.07 -49.86 61.88
C LEU A 226 51.76 -49.41 63.33
N LEU A 227 50.50 -49.52 63.74
CA LEU A 227 50.11 -49.11 65.07
C LEU A 227 50.81 -49.88 66.18
N SER A 228 51.32 -51.08 65.86
CA SER A 228 52.20 -51.86 66.77
C SER A 228 53.67 -51.39 66.69
N TYR A 229 54.08 -51.01 65.48
CA TYR A 229 55.41 -50.48 65.22
C TYR A 229 55.67 -49.18 66.00
N ILE A 230 54.67 -48.33 66.09
CA ILE A 230 54.77 -47.09 66.81
C ILE A 230 54.35 -47.23 68.34
N GLY A 231 53.92 -48.43 68.73
CA GLY A 231 53.65 -48.74 70.15
C GLY A 231 52.25 -48.45 70.71
N VAL A 232 51.35 -47.83 69.95
CA VAL A 232 50.03 -47.50 70.49
C VAL A 232 49.11 -48.75 70.57
N VAL A 233 49.29 -49.64 69.61
CA VAL A 233 48.74 -50.96 69.66
C VAL A 233 49.83 -51.89 70.20
N ASN A 234 49.50 -52.60 71.26
CA ASN A 234 50.43 -53.54 71.90
C ASN A 234 49.56 -54.50 72.69
N GLN A 235 50.14 -55.36 73.51
CA GLN A 235 49.31 -56.39 74.14
C GLN A 235 48.30 -55.90 75.18
N THR A 236 48.48 -54.68 75.71
CA THR A 236 47.52 -54.09 76.66
C THR A 236 46.43 -53.32 75.93
N ASN A 237 46.64 -53.09 74.62
CA ASN A 237 45.76 -52.26 73.80
C ASN A 237 45.70 -52.83 72.39
N THR A 238 44.67 -53.64 72.14
CA THR A 238 44.61 -54.51 70.95
C THR A 238 43.52 -54.08 69.96
N ILE A 239 43.60 -54.55 68.71
CA ILE A 239 42.50 -54.36 67.78
C ILE A 239 41.80 -55.68 67.63
N SER A 240 40.60 -55.76 68.21
CA SER A 240 39.79 -56.99 68.24
C SER A 240 40.61 -58.16 68.74
N GLY A 241 41.49 -57.87 69.71
CA GLY A 241 42.33 -58.85 70.33
C GLY A 241 43.75 -58.93 69.80
N PHE A 242 43.94 -58.47 68.57
CA PHE A 242 45.19 -58.69 67.84
C PHE A 242 46.19 -57.56 68.02
N TYR A 243 47.46 -57.94 68.00
CA TYR A 243 48.59 -56.99 68.02
C TYR A 243 49.83 -57.75 67.48
N PHE A 244 50.82 -57.04 66.96
CA PHE A 244 52.13 -57.65 66.63
C PHE A 244 53.06 -57.34 67.78
N SER A 245 53.99 -58.25 68.06
CA SER A 245 55.02 -57.99 69.07
C SER A 245 56.41 -58.33 68.52
N SER A 246 57.43 -57.65 69.05
CA SER A 246 58.83 -57.97 68.81
C SER A 246 59.56 -57.97 70.13
N LYS A 247 60.46 -58.93 70.36
CA LYS A 247 61.28 -58.92 71.58
C LYS A 247 62.21 -57.71 71.59
N THR A 248 62.84 -57.45 70.45
CA THR A 248 63.71 -56.28 70.30
C THR A 248 63.01 -55.14 69.57
N ARG A 249 63.48 -53.91 69.74
CA ARG A 249 62.94 -52.75 69.00
C ARG A 249 63.97 -51.71 68.51
N GLY A 250 64.08 -51.60 67.18
CA GLY A 250 64.99 -50.63 66.51
C GLY A 250 66.33 -51.25 66.24
N GLN A 251 66.35 -52.58 66.17
CA GLN A 251 67.58 -53.36 66.29
C GLN A 251 67.67 -54.42 65.19
N ALA A 252 68.85 -55.03 65.04
CA ALA A 252 69.06 -56.03 63.97
C ALA A 252 68.05 -57.16 64.07
N LEU A 253 67.64 -57.47 65.30
CA LEU A 253 66.84 -58.67 65.55
C LEU A 253 65.31 -58.49 65.41
N ASP A 254 64.83 -57.26 65.19
CA ASP A 254 63.38 -56.99 65.10
C ASP A 254 62.62 -57.96 64.23
N SER A 255 61.56 -58.54 64.79
CA SER A 255 60.76 -59.55 64.11
C SER A 255 59.33 -59.51 64.72
N TRP A 256 58.37 -59.10 63.90
CA TRP A 256 57.02 -58.86 64.36
C TRP A 256 56.13 -60.10 64.16
N THR A 257 55.63 -60.59 65.29
CA THR A 257 54.80 -61.78 65.35
C THR A 257 53.35 -61.40 65.72
N LEU A 258 52.38 -61.99 65.00
CA LEU A 258 50.96 -61.74 65.31
C LEU A 258 50.53 -62.45 66.60
N PHE A 259 50.11 -61.67 67.59
CA PHE A 259 49.51 -62.29 68.77
C PHE A 259 48.05 -61.89 69.03
N TYR A 260 47.42 -62.63 69.93
CA TYR A 260 46.04 -62.42 70.20
C TYR A 260 45.79 -62.41 71.68
N THR A 261 45.00 -61.45 72.11
CA THR A 261 44.59 -61.40 73.49
C THR A 261 43.05 -61.44 73.68
N THR A 262 42.64 -62.39 74.50
CA THR A 262 41.31 -62.49 75.11
C THR A 262 40.92 -61.33 76.08
N ASN A 263 41.84 -60.99 76.99
CA ASN A 263 41.49 -60.29 78.25
C ASN A 263 41.97 -58.85 78.41
N THR A 264 42.59 -58.30 77.38
CA THR A 264 43.12 -56.92 77.50
C THR A 264 42.24 -55.97 76.70
N ASN A 265 42.41 -54.68 76.96
CA ASN A 265 41.61 -53.63 76.34
C ASN A 265 41.56 -53.76 74.82
N ARG A 266 40.36 -53.59 74.26
CA ARG A 266 40.19 -53.61 72.82
C ARG A 266 39.68 -52.25 72.43
N VAL A 267 40.35 -51.62 71.48
CA VAL A 267 40.01 -50.26 71.06
C VAL A 267 38.61 -50.18 70.46
N GLN A 268 38.01 -49.00 70.48
CA GLN A 268 36.71 -48.76 69.87
C GLN A 268 36.88 -47.72 68.79
N ILE A 269 37.24 -48.14 67.58
CA ILE A 269 37.30 -47.22 66.44
C ILE A 269 35.89 -46.67 66.11
N THR A 270 35.78 -45.35 66.17
CA THR A 270 34.52 -44.61 66.14
C THR A 270 34.24 -44.10 64.74
N GLN A 271 35.32 -43.84 64.01
CA GLN A 271 35.22 -43.34 62.66
C GLN A 271 36.27 -43.98 61.74
N ARG A 272 36.22 -43.63 60.46
CA ARG A 272 37.25 -43.96 59.49
C ARG A 272 38.40 -42.96 59.63
N HIS A 273 39.61 -43.48 59.45
CA HIS A 273 40.86 -42.74 59.58
C HIS A 273 41.75 -43.10 58.40
N PHE A 274 42.34 -42.09 57.78
CA PHE A 274 43.32 -42.33 56.75
C PHE A 274 44.54 -41.42 56.90
N ALA A 275 45.72 -41.94 56.57
CA ALA A 275 46.94 -41.15 56.49
C ALA A 275 47.85 -41.81 55.47
N TYR A 276 48.60 -41.02 54.71
CA TYR A 276 49.79 -41.50 54.06
C TYR A 276 50.95 -41.29 55.00
N VAL A 277 51.74 -42.32 55.21
CA VAL A 277 52.91 -42.26 56.11
C VAL A 277 54.18 -42.76 55.38
N CYS A 278 55.17 -41.88 55.22
CA CYS A 278 56.44 -42.28 54.62
C CYS A 278 57.59 -42.44 55.62
N ALA A 279 58.63 -43.15 55.22
CA ALA A 279 59.80 -43.29 56.04
C ALA A 279 60.73 -42.17 55.62
N ARG A 280 61.06 -41.33 56.59
CA ARG A 280 61.93 -40.18 56.37
C ARG A 280 63.40 -40.58 56.25
N SER A 281 63.83 -41.41 57.20
CA SER A 281 65.23 -41.72 57.37
C SER A 281 65.70 -42.87 56.49
N PRO A 282 66.96 -42.81 56.06
CA PRO A 282 67.42 -43.80 55.08
C PRO A 282 67.49 -45.23 55.60
N ASP A 283 67.42 -45.42 56.93
CA ASP A 283 67.38 -46.78 57.50
C ASP A 283 66.11 -47.58 57.08
N TRP A 284 65.20 -46.90 56.38
CA TRP A 284 64.11 -47.58 55.72
C TRP A 284 64.70 -48.69 54.89
N ASN A 285 65.92 -48.47 54.37
CA ASN A 285 66.56 -49.43 53.43
C ASN A 285 66.79 -50.79 54.05
N VAL A 286 66.97 -50.82 55.36
CA VAL A 286 67.24 -52.09 56.08
C VAL A 286 65.98 -52.67 56.75
N ASP A 287 64.90 -51.92 56.75
CA ASP A 287 63.71 -52.29 57.48
C ASP A 287 62.76 -53.15 56.60
N LYS A 288 62.81 -54.46 56.80
CA LYS A 288 62.06 -55.45 56.00
C LYS A 288 60.55 -55.34 56.18
N SER A 289 60.10 -54.88 57.35
CA SER A 289 58.68 -54.73 57.66
C SER A 289 58.08 -53.48 57.06
N TRP A 290 58.82 -52.38 57.12
CA TRP A 290 58.41 -51.18 56.40
C TRP A 290 58.30 -51.46 54.89
N ILE A 291 59.25 -52.22 54.34
CA ILE A 291 59.29 -52.48 52.90
C ILE A 291 58.16 -53.43 52.48
N ALA A 292 57.91 -54.46 53.29
CA ALA A 292 56.77 -55.39 53.10
C ALA A 292 55.41 -54.64 53.18
N ALA A 293 55.28 -53.71 54.12
CA ALA A 293 54.12 -52.83 54.19
C ALA A 293 54.01 -51.87 52.98
N ALA A 294 55.15 -51.51 52.40
CA ALA A 294 55.20 -50.64 51.25
C ALA A 294 54.81 -51.38 50.01
N ASN A 295 55.05 -52.69 50.00
CA ASN A 295 54.63 -53.53 48.88
C ASN A 295 53.12 -53.78 48.85
N LEU A 296 52.52 -54.17 49.98
CA LEU A 296 51.06 -54.25 50.13
C LEU A 296 50.39 -52.93 49.75
N THR A 297 50.95 -51.83 50.23
CA THR A 297 50.49 -50.44 49.89
C THR A 297 50.32 -50.23 48.39
N ALA A 298 51.29 -50.69 47.59
CA ALA A 298 51.19 -50.59 46.13
C ALA A 298 50.09 -51.50 45.55
N ILE A 299 49.95 -52.73 46.05
CA ILE A 299 48.80 -53.57 45.64
C ILE A 299 47.44 -52.93 46.00
N VAL A 300 47.29 -52.48 47.25
CA VAL A 300 46.10 -51.76 47.74
C VAL A 300 45.77 -50.48 46.90
N MET A 301 46.79 -49.73 46.53
CA MET A 301 46.60 -48.49 45.80
C MET A 301 46.32 -48.71 44.33
N ALA A 302 46.95 -49.74 43.78
CA ALA A 302 46.74 -50.18 42.39
C ALA A 302 45.30 -50.47 42.00
N CYS A 303 44.53 -51.08 42.91
CA CYS A 303 43.20 -51.58 42.58
C CYS A 303 42.12 -50.51 42.65
N ARG A 304 42.49 -49.31 43.11
CA ARG A 304 41.52 -48.25 43.35
C ARG A 304 42.00 -46.90 42.83
N GLN A 305 41.11 -45.90 42.93
CA GLN A 305 41.54 -44.50 42.94
C GLN A 305 41.71 -44.09 44.40
N PRO A 306 42.97 -43.93 44.85
CA PRO A 306 43.26 -43.64 46.25
C PRO A 306 43.17 -42.13 46.52
N PRO A 307 43.23 -41.68 47.80
CA PRO A 307 43.40 -40.26 48.11
C PRO A 307 44.50 -39.57 47.29
N VAL A 308 44.21 -38.35 46.86
CA VAL A 308 45.16 -37.53 46.12
C VAL A 308 46.18 -36.92 47.11
N PHE A 309 47.46 -37.05 46.76
CA PHE A 309 48.55 -36.53 47.56
C PHE A 309 48.54 -35.02 47.60
N ALA A 310 48.88 -34.47 48.76
CA ALA A 310 49.27 -33.08 48.85
C ALA A 310 50.53 -32.88 48.01
N ASN A 311 50.61 -31.75 47.30
CA ASN A 311 51.77 -31.42 46.49
C ASN A 311 53.08 -31.42 47.28
N GLN A 312 53.03 -30.91 48.51
CA GLN A 312 54.20 -30.81 49.38
C GLN A 312 54.70 -32.18 49.82
N GLY A 313 53.89 -33.22 49.58
CA GLY A 313 54.24 -34.58 49.92
C GLY A 313 55.07 -35.30 48.88
N VAL A 314 55.06 -34.80 47.66
CA VAL A 314 55.78 -35.44 46.57
C VAL A 314 56.87 -34.49 46.07
N ILE A 315 57.91 -35.03 45.43
CA ILE A 315 58.92 -34.18 44.80
C ILE A 315 58.28 -33.20 43.80
N ASN A 316 58.98 -32.11 43.48
CA ASN A 316 58.46 -31.07 42.58
C ASN A 316 57.89 -31.55 41.22
N GLN A 317 58.60 -32.49 40.59
CA GLN A 317 58.20 -33.04 39.29
C GLN A 317 56.96 -33.93 39.31
N ALA A 318 56.51 -34.30 40.51
CA ALA A 318 55.34 -35.15 40.71
C ALA A 318 54.09 -34.37 41.11
N GLN A 319 54.20 -33.04 41.19
CA GLN A 319 53.08 -32.21 41.68
C GLN A 319 52.10 -31.93 40.59
N ASN A 320 50.85 -31.68 40.97
CA ASN A 320 49.88 -31.28 39.96
C ASN A 320 49.65 -32.31 38.86
N ARG A 321 49.75 -33.60 39.20
CA ARG A 321 49.28 -34.67 38.33
C ARG A 321 47.86 -35.10 38.69
N PRO A 322 46.89 -34.78 37.80
CA PRO A 322 45.45 -35.11 37.95
C PRO A 322 45.15 -36.54 38.37
N GLY A 323 44.46 -36.65 39.51
CA GLY A 323 44.11 -37.94 40.10
C GLY A 323 45.12 -38.46 41.10
N PHE A 324 46.30 -37.84 41.11
CA PHE A 324 47.46 -38.31 41.87
C PHE A 324 47.93 -37.30 42.92
N SER A 325 48.21 -36.07 42.50
CA SER A 325 48.64 -35.00 43.40
C SER A 325 47.95 -33.63 43.11
N MET A 326 47.86 -32.79 44.14
CA MET A 326 47.08 -31.54 44.06
C MET A 326 47.48 -30.58 45.18
N ASN A 327 47.26 -29.29 44.95
CA ASN A 327 47.23 -28.36 46.04
C ASN A 327 46.02 -28.66 46.91
N GLY A 328 46.29 -28.98 48.16
CA GLY A 328 45.23 -29.32 49.12
C GLY A 328 45.00 -30.80 49.33
N GLY A 329 45.90 -31.62 48.81
CA GLY A 329 45.73 -33.07 48.84
C GLY A 329 45.91 -33.63 50.23
N THR A 330 45.92 -34.97 50.34
CA THR A 330 46.11 -35.65 51.63
C THR A 330 47.58 -35.49 51.94
N PRO A 331 47.91 -35.02 53.17
CA PRO A 331 49.32 -34.80 53.53
C PRO A 331 50.08 -36.11 53.66
N VAL A 332 51.38 -36.05 53.43
CA VAL A 332 52.23 -37.20 53.67
C VAL A 332 52.96 -37.00 55.00
N HIS A 333 52.55 -37.76 55.99
CA HIS A 333 53.25 -37.79 57.25
C HIS A 333 54.55 -38.59 57.12
N GLU A 334 55.55 -38.21 57.90
CA GLU A 334 56.87 -38.81 57.78
C GLU A 334 57.26 -39.39 59.12
N LEU A 335 58.00 -40.50 59.09
CA LEU A 335 58.57 -41.07 60.31
C LEU A 335 60.09 -41.24 60.19
N ASN A 336 60.82 -40.59 61.09
CA ASN A 336 62.16 -40.99 61.40
C ASN A 336 62.09 -42.33 62.15
N LEU A 337 62.75 -43.35 61.61
CA LEU A 337 62.64 -44.70 62.13
C LEU A 337 63.23 -44.88 63.54
N LEU A 338 64.35 -44.21 63.84
CA LEU A 338 64.95 -44.33 65.15
C LEU A 338 64.08 -43.69 66.22
N THR A 339 63.70 -42.44 65.99
CA THR A 339 62.75 -41.73 66.83
C THR A 339 61.52 -42.60 67.18
N THR A 340 61.04 -43.35 66.17
CA THR A 340 59.85 -44.15 66.29
C THR A 340 60.11 -45.39 67.14
N ALA A 341 61.26 -46.04 66.94
CA ALA A 341 61.71 -47.15 67.80
C ALA A 341 61.80 -46.73 69.24
N GLN A 342 62.40 -45.57 69.48
CA GLN A 342 62.52 -44.99 70.81
C GLN A 342 61.15 -44.73 71.42
N GLU A 343 60.23 -44.17 70.62
CA GLU A 343 58.86 -43.88 71.05
C GLU A 343 58.04 -45.15 71.29
N CYS A 344 58.19 -46.12 70.41
CA CYS A 344 57.60 -47.42 70.63
C CYS A 344 58.01 -47.92 72.00
N ILE A 345 59.31 -47.95 72.30
CA ILE A 345 59.85 -48.38 73.61
C ILE A 345 59.28 -47.59 74.80
N ARG A 346 59.13 -46.30 74.61
CA ARG A 346 58.57 -45.43 75.63
C ARG A 346 57.10 -45.83 75.95
N GLN A 347 56.35 -46.19 74.89
CA GLN A 347 54.98 -46.74 75.02
C GLN A 347 54.93 -48.10 75.76
N TRP A 348 55.93 -48.95 75.54
CA TRP A 348 56.04 -50.25 76.19
C TRP A 348 56.36 -50.17 77.69
N VAL A 349 57.21 -49.21 78.07
CA VAL A 349 57.50 -48.93 79.47
C VAL A 349 56.23 -48.40 80.14
N MET A 350 55.57 -47.43 79.49
CA MET A 350 54.33 -46.82 80.01
C MET A 350 53.18 -47.80 80.17
N ALA A 351 53.09 -48.77 79.27
CA ALA A 351 52.05 -49.80 79.32
C ALA A 351 52.36 -50.85 80.37
N GLY A 352 53.56 -50.77 80.95
CA GLY A 352 54.03 -51.75 81.93
C GLY A 352 54.46 -53.06 81.30
N LEU A 353 54.72 -53.03 79.99
CA LEU A 353 55.08 -54.22 79.22
C LEU A 353 56.51 -54.65 79.42
N VAL A 354 57.40 -53.67 79.64
CA VAL A 354 58.80 -53.91 80.10
C VAL A 354 59.11 -52.98 81.29
N SER A 355 60.14 -53.31 82.09
CA SER A 355 60.60 -52.40 83.21
C SER A 355 61.25 -51.13 82.64
N ALA A 356 61.37 -50.09 83.47
CA ALA A 356 62.04 -48.85 83.00
C ALA A 356 63.52 -49.08 82.67
N ALA A 357 64.13 -50.04 83.35
CA ALA A 357 65.50 -50.45 83.10
C ALA A 357 65.65 -51.24 81.81
N LYS A 358 64.68 -52.13 81.53
CA LYS A 358 64.71 -52.85 80.25
C LYS A 358 64.39 -51.95 79.06
N GLY A 359 63.64 -50.88 79.31
CA GLY A 359 63.43 -49.81 78.34
C GLY A 359 64.74 -49.13 77.93
N GLN A 360 65.62 -48.92 78.90
CA GLN A 360 66.89 -48.25 78.64
C GLN A 360 67.83 -49.14 77.87
N ALA A 361 67.85 -50.41 78.24
CA ALA A 361 68.66 -51.36 77.52
C ALA A 361 68.24 -51.34 76.05
N LEU A 362 66.93 -51.43 75.81
CA LEU A 362 66.34 -51.48 74.47
C LEU A 362 66.63 -50.23 73.67
N THR A 363 66.47 -49.06 74.28
CA THR A 363 66.80 -47.79 73.65
C THR A 363 68.28 -47.76 73.23
N GLN A 364 69.15 -48.22 74.12
CA GLN A 364 70.57 -48.28 73.84
C GLN A 364 70.92 -49.24 72.68
N GLU A 365 70.26 -50.39 72.61
CA GLU A 365 70.47 -51.31 71.48
C GLU A 365 69.90 -50.75 70.17
N ALA A 366 68.81 -49.99 70.26
CA ALA A 366 68.30 -49.24 69.10
C ALA A 366 69.30 -48.13 68.65
N ASN A 367 69.65 -47.23 69.58
CA ASN A 367 70.65 -46.18 69.34
C ASN A 367 71.96 -46.76 68.77
N ASP A 368 72.38 -47.91 69.32
CA ASP A 368 73.60 -48.55 68.87
C ASP A 368 73.49 -49.11 67.45
N PHE A 369 72.39 -49.79 67.14
CA PHE A 369 72.16 -50.33 65.78
C PHE A 369 72.04 -49.22 64.74
N SER A 370 71.37 -48.13 65.11
CA SER A 370 71.19 -46.99 64.21
C SER A 370 72.53 -46.31 63.87
N ASN A 371 73.48 -46.41 64.79
CA ASN A 371 74.81 -45.93 64.59
C ASN A 371 75.53 -46.72 63.50
N LEU A 372 75.52 -48.04 63.59
CA LEU A 372 76.08 -48.91 62.52
C LEU A 372 75.39 -48.75 61.16
N ILE A 373 74.10 -48.40 61.16
CA ILE A 373 73.34 -48.21 59.90
C ILE A 373 73.58 -46.83 59.28
N GLN A 374 73.63 -45.79 60.10
CA GLN A 374 74.04 -44.47 59.64
C GLN A 374 75.38 -44.49 58.94
N ALA A 375 76.33 -45.20 59.54
CA ALA A 375 77.67 -45.28 58.99
C ALA A 375 77.71 -46.13 57.74
N ASP A 376 76.98 -47.25 57.72
CA ASP A 376 77.03 -48.13 56.52
C ASP A 376 76.31 -47.52 55.34
N LEU A 377 75.20 -46.84 55.60
CA LEU A 377 74.49 -46.12 54.54
C LEU A 377 75.20 -44.83 54.14
N GLY A 378 75.73 -44.11 55.12
CA GLY A 378 76.57 -42.94 54.83
C GLY A 378 77.74 -43.21 53.90
N GLN A 379 78.36 -44.36 54.04
CA GLN A 379 79.45 -44.67 53.18
C GLN A 379 78.99 -45.12 51.82
N ILE A 380 77.92 -45.92 51.78
CA ILE A 380 77.26 -46.27 50.53
C ILE A 380 76.85 -45.03 49.78
N LYS A 381 76.17 -44.08 50.45
CA LYS A 381 75.86 -42.79 49.84
C LYS A 381 77.08 -42.09 49.22
N ALA A 382 78.12 -41.81 50.05
CA ALA A 382 79.34 -41.09 49.64
C ALA A 382 80.09 -41.76 48.45
N GLN A 383 80.35 -43.05 48.53
CA GLN A 383 80.87 -43.79 47.39
C GLN A 383 80.02 -43.70 46.13
N ASP A 384 78.70 -43.79 46.27
CA ASP A 384 77.76 -43.80 45.14
C ASP A 384 77.72 -42.46 44.44
N ASP A 385 77.59 -41.41 45.25
CA ASP A 385 77.63 -40.02 44.82
C ASP A 385 78.91 -39.67 44.03
N ALA A 386 80.06 -40.13 44.56
CA ALA A 386 81.36 -39.94 43.95
C ALA A 386 81.36 -40.70 42.66
N LEU A 387 81.12 -42.01 42.71
CA LEU A 387 81.13 -42.85 41.51
C LEU A 387 80.08 -42.51 40.44
N TYR A 388 78.92 -42.01 40.86
CA TYR A 388 77.90 -41.59 39.88
C TYR A 388 78.37 -40.38 39.07
N ASN A 389 79.04 -39.45 39.73
CA ASN A 389 79.52 -38.26 39.09
C ASN A 389 80.74 -38.46 38.21
N GLN A 390 81.48 -39.55 38.46
CA GLN A 390 82.79 -39.76 37.85
C GLN A 390 82.92 -41.00 36.95
N GLN A 391 82.31 -42.12 37.35
CA GLN A 391 82.41 -43.35 36.58
C GLN A 391 81.18 -43.43 35.67
N PRO A 392 81.38 -43.32 34.33
CA PRO A 392 80.23 -43.46 33.42
C PRO A 392 79.63 -44.88 33.48
N GLY A 393 78.30 -44.94 33.44
CA GLY A 393 77.61 -46.22 33.49
C GLY A 393 77.68 -46.89 34.85
N TYR A 394 77.91 -46.09 35.89
CA TYR A 394 77.85 -46.54 37.27
C TYR A 394 76.41 -46.82 37.72
N ALA A 395 76.21 -47.97 38.38
CA ALA A 395 74.90 -48.36 38.96
C ALA A 395 74.84 -48.05 40.45
N ARG A 396 73.98 -47.10 40.81
CA ARG A 396 73.76 -46.76 42.21
C ARG A 396 73.09 -47.94 42.91
N ARG A 397 73.42 -48.14 44.19
CA ARG A 397 72.99 -49.35 44.88
C ARG A 397 71.73 -49.10 45.73
N ILE A 398 71.41 -47.84 45.99
CA ILE A 398 70.26 -47.43 46.79
C ILE A 398 69.78 -46.04 46.33
N LYS A 399 68.53 -45.70 46.63
CA LYS A 399 67.98 -44.41 46.26
C LYS A 399 68.89 -43.35 46.87
N PRO A 400 69.14 -42.25 46.13
CA PRO A 400 69.88 -41.14 46.72
C PRO A 400 69.13 -40.51 47.90
N PHE A 401 69.86 -40.09 48.93
CA PHE A 401 69.27 -39.34 50.04
C PHE A 401 70.18 -38.22 50.46
N VAL A 402 69.69 -37.39 51.38
CA VAL A 402 70.46 -36.31 51.93
C VAL A 402 70.65 -36.57 53.43
N ASN A 403 71.76 -36.04 53.97
CA ASN A 403 72.15 -36.26 55.34
C ASN A 403 71.12 -35.75 56.35
N GLY A 404 70.33 -34.74 55.97
CA GLY A 404 69.28 -34.18 56.85
C GLY A 404 68.11 -35.11 57.14
N ASP A 405 68.04 -36.24 56.43
CA ASP A 405 66.95 -37.18 56.54
C ASP A 405 67.06 -37.91 57.85
N TRP A 406 68.25 -37.81 58.45
CA TRP A 406 68.51 -38.41 59.76
C TRP A 406 67.97 -37.60 60.95
N THR A 407 67.55 -36.36 60.72
CA THR A 407 66.93 -35.62 61.81
C THR A 407 65.52 -36.21 62.07
N PRO A 408 64.93 -35.96 63.26
CA PRO A 408 63.52 -36.31 63.53
C PRO A 408 62.52 -35.79 62.47
N GLY A 409 62.75 -34.58 61.94
CA GLY A 409 61.76 -33.85 61.17
C GLY A 409 60.45 -33.80 61.92
N MET A 410 59.35 -34.04 61.18
CA MET A 410 57.99 -34.02 61.70
C MET A 410 57.43 -35.35 62.24
N THR A 411 58.32 -36.25 62.68
CA THR A 411 57.96 -37.53 63.33
C THR A 411 56.91 -37.41 64.45
N ALA A 412 57.08 -36.46 65.35
CA ALA A 412 56.12 -36.23 66.42
C ALA A 412 54.72 -35.90 65.90
N GLN A 413 54.62 -35.13 64.82
CA GLN A 413 53.33 -34.82 64.22
C GLN A 413 52.63 -36.09 63.70
N ALA A 414 53.41 -36.97 63.07
CA ALA A 414 52.90 -38.23 62.54
C ALA A 414 52.47 -39.18 63.66
N LEU A 415 53.24 -39.24 64.75
CA LEU A 415 52.88 -40.09 65.90
C LEU A 415 51.60 -39.66 66.60
N ALA A 416 51.37 -38.35 66.62
CA ALA A 416 50.19 -37.76 67.23
C ALA A 416 48.95 -38.04 66.38
N VAL A 417 49.10 -37.93 65.07
CA VAL A 417 48.01 -38.27 64.13
C VAL A 417 47.67 -39.77 64.20
N LEU A 418 48.68 -40.63 64.11
CA LEU A 418 48.48 -42.07 64.14
C LEU A 418 47.84 -42.56 65.44
N ALA A 419 48.10 -41.86 66.55
CA ALA A 419 47.56 -42.25 67.85
C ALA A 419 46.05 -42.08 67.91
N THR A 420 45.52 -41.18 67.08
CA THR A 420 44.07 -40.97 66.94
C THR A 420 43.34 -42.02 66.09
N PHE A 421 44.06 -43.01 65.56
CA PHE A 421 43.50 -43.91 64.56
C PHE A 421 42.77 -45.04 65.24
N THR A 422 42.88 -45.02 66.55
CA THR A 422 42.31 -46.00 67.43
C THR A 422 40.99 -45.48 68.01
N ALA A 423 40.62 -44.26 67.61
CA ALA A 423 39.50 -43.52 68.20
C ALA A 423 38.33 -43.33 67.24
N SER B 2 9.45 -3.80 45.15
CA SER B 2 8.00 -3.81 44.86
C SER B 2 7.17 -3.36 46.07
N GLU B 3 5.89 -3.77 46.09
CA GLU B 3 4.94 -3.40 47.15
C GLU B 3 4.01 -4.58 47.40
N PHE B 4 3.52 -5.16 46.30
CA PHE B 4 2.61 -6.30 46.32
C PHE B 4 3.35 -7.64 46.15
N GLY B 5 4.52 -7.58 45.50
CA GLY B 5 5.37 -8.74 45.28
C GLY B 5 4.99 -9.45 44.01
N SER B 6 5.51 -10.67 43.84
CA SER B 6 5.20 -11.52 42.70
C SER B 6 3.84 -12.22 42.89
N THR B 7 2.82 -11.72 42.20
CA THR B 7 1.46 -12.25 42.38
C THR B 7 0.96 -12.98 41.15
N MET B 8 1.63 -12.80 40.02
CA MET B 8 1.20 -13.46 38.80
C MET B 8 1.55 -14.94 38.87
N ALA B 9 0.56 -15.78 38.57
CA ALA B 9 0.79 -17.22 38.41
C ALA B 9 1.76 -17.46 37.22
N ARG B 10 2.34 -18.66 37.20
CA ARG B 10 3.36 -19.02 36.23
C ARG B 10 2.73 -19.31 34.87
N ALA B 11 3.46 -19.02 33.81
CA ALA B 11 2.94 -19.15 32.46
C ALA B 11 4.07 -19.39 31.44
N ILE B 12 5.31 -19.22 31.90
CA ILE B 12 6.46 -19.65 31.13
C ILE B 12 7.16 -20.81 31.85
N TYR B 13 7.06 -22.01 31.26
CA TYR B 13 7.63 -23.24 31.81
C TYR B 13 8.90 -23.55 31.03
N ASP B 14 10.01 -22.93 31.44
CA ASP B 14 11.29 -23.17 30.81
C ASP B 14 12.04 -24.27 31.59
N PHE B 15 12.89 -25.01 30.89
CA PHE B 15 13.84 -25.93 31.52
C PHE B 15 15.25 -25.55 31.04
N PHE B 16 16.20 -25.51 31.98
CA PHE B 16 17.63 -25.28 31.60
C PHE B 16 18.45 -26.53 31.92
N SER B 17 19.19 -27.03 30.93
CA SER B 17 19.90 -28.30 31.08
C SER B 17 21.33 -28.17 31.64
N THR B 18 21.72 -29.16 32.44
CA THR B 18 23.03 -29.17 33.08
C THR B 18 24.11 -28.87 32.05
N PRO B 19 25.05 -27.93 32.37
CA PRO B 19 26.22 -27.75 31.53
C PRO B 19 27.21 -28.90 31.70
N PHE B 20 27.97 -29.20 30.65
CA PHE B 20 28.95 -30.24 30.70
C PHE B 20 30.07 -30.01 29.70
N GLY B 21 31.13 -30.81 29.84
CA GLY B 21 32.37 -30.58 29.12
C GLY B 21 32.51 -31.45 27.89
N ASN B 22 33.75 -31.76 27.57
CA ASN B 22 34.16 -32.47 26.34
C ASN B 22 33.75 -33.92 26.23
N ARG B 23 33.21 -34.50 27.30
CA ARG B 23 32.89 -35.94 27.32
C ARG B 23 31.43 -36.23 27.62
N GLY B 24 30.56 -35.26 27.33
CA GLY B 24 29.14 -35.43 27.54
C GLY B 24 28.68 -35.18 28.97
N LEU B 25 27.39 -35.37 29.18
CA LEU B 25 26.80 -35.26 30.50
C LEU B 25 27.46 -36.30 31.40
N ALA B 26 27.98 -35.83 32.53
CA ALA B 26 28.83 -36.64 33.37
C ALA B 26 27.95 -37.52 34.25
N THR B 27 27.21 -38.41 33.57
CA THR B 27 26.40 -39.44 34.23
C THR B 27 26.46 -40.72 33.39
N ASN B 28 25.69 -41.73 33.82
CA ASN B 28 25.57 -43.02 33.12
C ASN B 28 24.35 -43.79 33.58
N ARG B 29 24.09 -44.90 32.88
CA ARG B 29 22.94 -45.72 33.18
C ARG B 29 22.87 -46.16 34.64
N THR B 30 24.01 -46.55 35.20
CA THR B 30 24.11 -46.93 36.62
C THR B 30 23.74 -45.82 37.61
N GLN B 31 24.31 -44.62 37.41
CA GLN B 31 23.98 -43.48 38.26
C GLN B 31 22.50 -43.13 38.16
N LEU B 32 21.98 -43.10 36.94
CA LEU B 32 20.57 -42.75 36.71
C LEU B 32 19.59 -43.76 37.31
N SER B 33 19.87 -45.05 37.12
CA SER B 33 19.12 -46.14 37.71
C SER B 33 19.01 -46.03 39.24
N SER B 34 20.10 -45.67 39.91
CA SER B 34 20.11 -45.50 41.36
C SER B 34 19.14 -44.41 41.86
N LEU B 35 18.75 -43.51 40.97
CA LEU B 35 17.88 -42.39 41.31
C LEU B 35 16.38 -42.73 41.36
N LEU B 36 16.00 -43.79 40.65
CA LEU B 36 14.57 -44.09 40.42
C LEU B 36 13.86 -44.79 41.60
N SER B 37 12.66 -44.29 41.94
CA SER B 37 11.84 -44.89 43.00
C SER B 37 11.56 -46.38 42.73
N SER B 38 11.03 -47.07 43.74
CA SER B 38 10.61 -48.48 43.64
C SER B 38 9.75 -48.78 42.40
N SER B 39 8.73 -47.94 42.19
CA SER B 39 7.91 -47.94 40.97
C SER B 39 8.50 -46.99 39.90
N ASN B 40 9.83 -46.85 39.91
CA ASN B 40 10.64 -46.07 38.94
C ASN B 40 10.11 -44.70 38.45
N SER B 41 9.55 -43.92 39.36
CA SER B 41 9.17 -42.58 39.02
C SER B 41 10.31 -41.61 39.36
N PRO B 42 10.73 -40.77 38.39
CA PRO B 42 11.71 -39.74 38.72
C PRO B 42 11.08 -38.59 39.52
N TRP B 43 9.74 -38.56 39.60
CA TRP B 43 9.03 -37.46 40.23
C TRP B 43 8.78 -37.61 41.73
N GLN B 44 8.97 -38.82 42.28
CA GLN B 44 8.63 -39.12 43.69
C GLN B 44 9.58 -38.51 44.72
N ILE B 58 24.09 -39.23 57.67
CA ILE B 58 23.33 -39.10 56.42
C ILE B 58 23.33 -40.45 55.69
N VAL B 59 22.16 -40.89 55.19
CA VAL B 59 22.11 -42.15 54.39
C VAL B 59 22.75 -41.96 53.01
N SER B 60 24.00 -41.51 53.05
CA SER B 60 24.80 -41.24 51.88
C SER B 60 25.30 -42.58 51.32
N THR B 61 26.00 -42.50 50.19
CA THR B 61 26.31 -43.66 49.38
C THR B 61 27.64 -43.33 48.66
N PRO B 62 28.49 -44.34 48.37
CA PRO B 62 29.74 -43.94 47.68
C PRO B 62 29.51 -43.24 46.32
N GLU B 63 28.40 -43.56 45.66
CA GLU B 63 28.08 -42.92 44.39
C GLU B 63 27.26 -41.60 44.59
N ALA B 64 26.66 -41.45 45.76
CA ALA B 64 26.08 -40.18 46.18
C ALA B 64 26.52 -39.78 47.60
N PRO B 65 27.79 -39.34 47.75
CA PRO B 65 28.37 -39.19 49.11
C PRO B 65 27.74 -38.09 49.99
N TYR B 66 27.05 -37.13 49.37
CA TYR B 66 26.49 -35.98 50.10
C TYR B 66 25.00 -35.72 49.82
N PRO B 67 24.35 -34.96 50.72
CA PRO B 67 22.99 -34.43 50.48
C PRO B 67 22.87 -33.65 49.14
N GLY B 68 23.84 -32.78 48.84
CA GLY B 68 23.89 -32.06 47.57
C GLY B 68 24.28 -32.85 46.33
N SER B 69 24.67 -34.10 46.51
CA SER B 69 24.96 -35.03 45.39
C SER B 69 23.70 -35.33 44.58
N LEU B 70 22.62 -35.66 45.30
CA LEU B 70 21.35 -36.03 44.68
C LEU B 70 20.75 -34.89 43.84
N MET B 71 20.73 -33.66 44.38
CA MET B 71 20.34 -32.45 43.64
C MET B 71 21.02 -32.41 42.28
N TYR B 72 22.34 -32.52 42.27
CA TYR B 72 23.09 -32.44 41.02
C TYR B 72 22.81 -33.58 40.02
N GLN B 73 22.85 -34.81 40.51
CA GLN B 73 22.65 -35.99 39.67
C GLN B 73 21.22 -36.05 39.12
N GLU B 74 20.25 -35.56 39.87
CA GLU B 74 18.86 -35.43 39.33
C GLU B 74 18.75 -34.38 38.23
N SER B 75 19.50 -33.30 38.39
CA SER B 75 19.59 -32.30 37.35
C SER B 75 20.04 -32.96 36.07
N MET B 76 20.91 -33.96 36.18
CA MET B 76 21.45 -34.63 35.00
C MET B 76 20.43 -35.64 34.45
N LEU B 77 19.71 -36.31 35.35
CA LEU B 77 18.59 -37.18 34.98
C LEU B 77 17.61 -36.41 34.07
N HIS B 78 17.06 -35.30 34.60
CA HIS B 78 16.18 -34.38 33.84
C HIS B 78 16.72 -33.93 32.50
N SER B 79 18.00 -33.54 32.46
CA SER B 79 18.64 -33.09 31.23
C SER B 79 18.81 -34.21 30.18
N ALA B 80 18.94 -35.44 30.66
CA ALA B 80 19.08 -36.62 29.79
C ALA B 80 17.71 -37.01 29.23
N THR B 81 16.69 -36.97 30.09
CA THR B 81 15.40 -37.61 29.78
C THR B 81 14.25 -36.71 29.27
N VAL B 82 14.19 -35.45 29.72
CA VAL B 82 13.07 -34.55 29.41
C VAL B 82 13.16 -33.75 28.08
N PRO B 83 14.28 -33.04 27.80
CA PRO B 83 14.29 -32.22 26.59
C PRO B 83 14.15 -33.01 25.29
N GLY B 84 14.55 -34.28 25.30
CA GLY B 84 14.67 -35.07 24.08
C GLY B 84 13.36 -35.66 23.60
N VAL B 85 12.32 -35.54 24.43
CA VAL B 85 11.03 -36.13 24.11
C VAL B 85 9.92 -35.10 23.80
N LEU B 86 10.25 -33.79 23.92
CA LEU B 86 9.27 -32.72 23.76
C LEU B 86 8.89 -32.47 22.28
N GLY B 87 9.65 -33.06 21.35
CA GLY B 87 9.49 -32.78 19.93
C GLY B 87 8.23 -33.25 19.22
N SER B 88 7.37 -33.97 19.94
CA SER B 88 6.12 -34.50 19.40
C SER B 88 5.50 -35.38 20.47
N ARG B 89 4.23 -35.76 20.31
CA ARG B 89 3.57 -36.58 21.34
C ARG B 89 3.76 -38.11 21.19
N ASP B 90 4.47 -38.53 20.14
CA ASP B 90 4.82 -39.93 19.97
C ASP B 90 6.32 -40.27 20.16
N ALA B 91 7.10 -39.29 20.59
CA ALA B 91 8.57 -39.44 20.68
C ALA B 91 9.00 -40.41 21.78
N TRP B 92 8.17 -40.54 22.83
CA TRP B 92 8.38 -41.47 23.95
C TRP B 92 8.50 -42.96 23.54
N ARG B 93 7.71 -43.36 22.54
CA ARG B 93 7.67 -44.75 22.09
C ARG B 93 9.09 -45.34 22.01
N THR B 94 9.89 -44.80 21.08
CA THR B 94 11.23 -45.32 20.83
C THR B 94 12.38 -44.54 21.51
N PHE B 95 12.07 -43.40 22.16
CA PHE B 95 13.09 -42.56 22.81
C PHE B 95 13.88 -43.31 23.87
N ASN B 96 15.21 -43.28 23.73
CA ASN B 96 16.10 -43.85 24.76
C ASN B 96 17.35 -43.01 24.97
N VAL B 97 17.85 -43.09 26.19
CA VAL B 97 19.01 -42.33 26.62
C VAL B 97 19.63 -43.09 27.80
N PHE B 98 20.92 -43.40 27.73
CA PHE B 98 21.61 -44.21 28.77
C PHE B 98 20.86 -45.51 29.13
N GLY B 99 20.35 -46.21 28.11
CA GLY B 99 19.54 -47.43 28.31
C GLY B 99 18.28 -47.29 29.16
N LEU B 100 17.61 -46.14 29.07
CA LEU B 100 16.33 -45.91 29.75
C LEU B 100 15.30 -45.34 28.79
N SER B 101 14.02 -45.62 29.06
CA SER B 101 12.91 -45.19 28.21
C SER B 101 11.73 -44.87 29.09
N TRP B 102 10.82 -44.04 28.57
CA TRP B 102 9.62 -43.64 29.34
C TRP B 102 8.52 -44.70 29.21
N THR B 103 7.73 -44.87 30.28
CA THR B 103 6.65 -45.86 30.29
C THR B 103 5.44 -45.40 29.48
N ASP B 104 4.99 -44.17 29.71
CA ASP B 104 3.86 -43.61 28.96
C ASP B 104 4.15 -42.19 28.47
N GLU B 105 3.28 -41.69 27.59
CA GLU B 105 3.33 -40.28 27.11
C GLU B 105 3.39 -39.25 28.26
N GLY B 106 2.65 -39.52 29.33
CA GLY B 106 2.67 -38.67 30.52
C GLY B 106 3.98 -38.70 31.29
N LEU B 107 5.00 -39.35 30.70
CA LEU B 107 6.33 -39.49 31.30
C LEU B 107 6.24 -39.88 32.80
N SER B 108 5.72 -41.08 33.07
CA SER B 108 5.24 -41.45 34.40
C SER B 108 6.21 -42.36 35.19
N GLY B 109 7.03 -43.09 34.44
CA GLY B 109 8.05 -43.91 35.02
C GLY B 109 9.15 -44.03 34.00
N LEU B 110 10.37 -44.23 34.48
CA LEU B 110 11.46 -44.60 33.62
C LEU B 110 11.84 -46.06 33.87
N VAL B 111 11.99 -46.81 32.79
CA VAL B 111 12.32 -48.21 32.87
C VAL B 111 13.42 -48.50 31.89
N ALA B 112 13.85 -49.75 31.86
CA ALA B 112 14.94 -50.17 31.01
C ALA B 112 14.52 -50.01 29.57
N ALA B 113 15.45 -49.54 28.75
CA ALA B 113 15.23 -49.45 27.30
C ALA B 113 15.41 -50.82 26.68
N GLN B 114 14.63 -51.10 25.65
CA GLN B 114 14.95 -52.22 24.81
C GLN B 114 16.36 -52.09 24.25
N ASP B 115 17.13 -53.16 24.41
CA ASP B 115 18.56 -53.20 24.09
C ASP B 115 18.88 -54.41 23.20
N PRO B 116 19.63 -54.19 22.09
CA PRO B 116 19.94 -52.88 21.50
C PRO B 116 18.67 -52.07 21.21
N PRO B 117 18.79 -50.73 21.19
CA PRO B 117 17.64 -49.86 20.93
C PRO B 117 17.26 -49.83 19.45
N PRO B 118 15.95 -49.99 19.15
CA PRO B 118 15.41 -49.68 17.83
C PRO B 118 15.83 -48.29 17.30
N ALA B 119 15.55 -47.23 18.03
CA ALA B 119 15.94 -45.88 17.58
C ALA B 119 17.29 -45.48 18.18
N ALA B 120 18.08 -44.71 17.41
CA ALA B 120 19.35 -44.18 17.93
C ALA B 120 19.17 -43.52 19.31
N PRO B 121 20.12 -43.80 20.25
CA PRO B 121 20.09 -43.15 21.56
C PRO B 121 20.21 -41.61 21.48
N TYR B 122 19.44 -40.95 22.33
CA TYR B 122 19.44 -39.51 22.43
C TYR B 122 20.79 -39.01 22.94
N GLN B 123 21.26 -37.90 22.38
CA GLN B 123 22.50 -37.27 22.84
C GLN B 123 22.14 -35.99 23.61
N PRO B 124 22.30 -36.01 24.96
CA PRO B 124 21.90 -34.78 25.69
C PRO B 124 22.69 -33.52 25.25
N ALA B 125 22.08 -32.34 25.44
CA ALA B 125 22.68 -31.06 25.02
C ALA B 125 23.07 -30.27 26.26
N SER B 126 24.17 -29.53 26.14
CA SER B 126 24.78 -28.86 27.28
C SER B 126 24.24 -27.44 27.47
N ALA B 127 23.70 -27.14 28.66
CA ALA B 127 23.39 -25.76 29.07
C ALA B 127 22.44 -25.10 28.07
N GLN B 128 21.32 -25.77 27.80
CA GLN B 128 20.41 -25.44 26.71
C GLN B 128 19.04 -25.28 27.33
N TRP B 129 18.25 -24.36 26.78
CA TRP B 129 16.87 -24.07 27.24
C TRP B 129 15.85 -24.87 26.42
N SER B 130 14.76 -25.28 27.07
CA SER B 130 13.65 -25.95 26.42
C SER B 130 12.35 -25.33 26.94
N ASP B 131 11.40 -25.09 26.05
CA ASP B 131 10.07 -24.64 26.43
C ASP B 131 9.25 -25.92 26.70
N LEU B 132 8.79 -26.08 27.94
CA LEU B 132 8.14 -27.32 28.33
C LEU B 132 6.71 -27.43 27.78
N LEU B 133 6.15 -26.31 27.34
CA LEU B 133 4.77 -26.29 26.84
C LEU B 133 4.73 -26.71 25.38
N ASN B 134 5.90 -26.80 24.76
CA ASN B 134 6.01 -27.49 23.49
C ASN B 134 5.46 -28.91 23.56
N TYR B 135 5.48 -29.52 24.75
CA TYR B 135 4.97 -30.89 24.93
C TYR B 135 3.45 -30.99 24.91
N PRO B 136 2.89 -31.51 23.82
CA PRO B 136 1.45 -31.51 23.62
C PRO B 136 0.63 -31.93 24.83
N ARG B 137 1.03 -32.99 25.52
CA ARG B 137 0.26 -33.45 26.68
C ARG B 137 0.27 -32.43 27.84
N TRP B 138 1.38 -31.71 27.95
CA TRP B 138 1.62 -30.67 28.96
C TRP B 138 0.98 -29.31 28.59
N ALA B 139 0.95 -29.02 27.28
CA ALA B 139 0.16 -27.91 26.77
C ALA B 139 -1.33 -28.09 27.09
N ASN B 140 -1.84 -29.32 26.93
CA ASN B 140 -3.28 -29.65 27.14
C ASN B 140 -3.67 -30.04 28.58
N ARG B 141 -2.75 -30.64 29.32
CA ARG B 141 -2.98 -31.01 30.72
C ARG B 141 -1.95 -30.30 31.59
N ARG B 142 -2.18 -29.02 31.85
CA ARG B 142 -1.19 -28.16 32.47
C ARG B 142 -0.82 -28.54 33.90
N ARG B 143 -1.81 -29.03 34.66
CA ARG B 143 -1.56 -29.46 36.05
C ARG B 143 -0.59 -30.66 36.20
N GLU B 144 -0.40 -31.39 35.10
CA GLU B 144 0.58 -32.48 35.02
C GLU B 144 2.03 -31.95 34.97
N LEU B 145 2.26 -30.93 34.14
CA LEU B 145 3.49 -30.16 34.15
C LEU B 145 3.71 -29.51 35.50
N GLN B 146 2.70 -28.81 35.99
CA GLN B 146 2.79 -28.08 37.26
C GLN B 146 3.15 -28.99 38.40
N SER B 147 2.71 -30.24 38.29
CA SER B 147 3.02 -31.31 39.24
C SER B 147 4.54 -31.62 39.30
N LYS B 148 5.16 -31.67 38.11
CA LYS B 148 6.56 -32.04 37.95
C LYS B 148 7.51 -30.83 37.99
N TYR B 149 6.96 -29.64 37.78
CA TYR B 149 7.76 -28.42 37.53
C TYR B 149 8.67 -27.90 38.70
N PRO B 150 8.19 -27.95 39.97
CA PRO B 150 9.18 -27.63 41.02
C PRO B 150 10.52 -28.39 40.81
N LEU B 151 10.43 -29.72 40.60
CA LEU B 151 11.58 -30.58 40.38
C LEU B 151 12.43 -30.15 39.18
N LEU B 152 11.76 -29.92 38.05
CA LEU B 152 12.43 -29.47 36.85
C LEU B 152 13.04 -28.11 37.06
N LEU B 153 12.34 -27.24 37.79
CA LEU B 153 12.84 -25.88 38.06
C LEU B 153 14.04 -25.88 39.00
N ARG B 154 13.97 -26.73 40.03
CA ARG B 154 15.11 -26.95 40.95
C ARG B 154 16.41 -27.33 40.21
N SER B 155 16.32 -28.18 39.19
CA SER B 155 17.47 -28.50 38.32
C SER B 155 17.90 -27.32 37.49
N THR B 156 16.89 -26.62 36.96
CA THR B 156 17.08 -25.42 36.16
C THR B 156 17.86 -24.37 36.98
N LEU B 157 17.39 -24.15 38.21
CA LEU B 157 18.02 -23.20 39.11
C LEU B 157 19.43 -23.62 39.47
N LEU B 158 19.62 -24.90 39.82
CA LEU B 158 20.94 -25.42 40.18
C LEU B 158 21.90 -25.29 39.03
N SER B 159 21.42 -25.49 37.81
CA SER B 159 22.29 -25.42 36.61
C SER B 159 22.65 -23.98 36.18
N ALA B 160 21.69 -23.07 36.37
CA ALA B 160 21.85 -21.63 36.08
C ALA B 160 22.80 -20.94 37.06
N MET B 161 22.72 -21.37 38.33
CA MET B 161 23.63 -20.90 39.39
C MET B 161 25.09 -21.23 39.09
N ARG B 162 25.99 -20.32 39.44
CA ARG B 162 27.43 -20.52 39.22
C ARG B 162 28.04 -21.41 40.29
N ALA B 163 27.51 -21.33 41.51
CA ALA B 163 27.97 -22.17 42.59
C ALA B 163 26.80 -22.93 43.21
N GLY B 164 26.52 -22.68 44.49
CA GLY B 164 25.50 -23.45 45.19
C GLY B 164 24.10 -22.94 44.91
N PRO B 165 23.08 -23.70 45.33
CA PRO B 165 21.69 -23.39 45.00
C PRO B 165 21.14 -22.09 45.65
N VAL B 166 20.17 -21.49 44.96
CA VAL B 166 19.59 -20.20 45.35
C VAL B 166 18.36 -20.34 46.28
N LEU B 167 18.24 -19.36 47.18
CA LEU B 167 17.07 -19.19 48.05
C LEU B 167 16.18 -17.99 47.64
N TYR B 168 14.88 -18.23 47.69
CA TYR B 168 13.87 -17.18 47.54
C TYR B 168 13.52 -16.60 48.92
N VAL B 169 14.04 -15.41 49.21
CA VAL B 169 13.86 -14.80 50.53
C VAL B 169 12.92 -13.58 50.47
N GLU B 170 11.74 -13.71 51.09
CA GLU B 170 10.74 -12.62 51.14
C GLU B 170 10.28 -12.29 52.56
N THR B 171 10.49 -11.04 52.99
CA THR B 171 9.77 -10.53 54.17
C THR B 171 8.77 -9.43 53.81
N TRP B 172 7.67 -9.38 54.57
CA TRP B 172 6.64 -8.39 54.36
C TRP B 172 6.01 -7.99 55.72
N PRO B 173 5.40 -6.77 55.79
CA PRO B 173 4.81 -6.25 57.03
C PRO B 173 3.80 -7.21 57.67
N ASN B 174 3.95 -7.44 58.97
CA ASN B 174 3.06 -8.33 59.73
C ASN B 174 2.91 -9.71 59.06
N MET B 175 4.04 -10.32 58.71
CA MET B 175 4.06 -11.52 57.85
C MET B 175 3.57 -12.82 58.50
N ILE B 176 3.98 -13.06 59.74
CA ILE B 176 3.52 -14.20 60.52
C ILE B 176 2.35 -13.72 61.37
N SER B 177 1.13 -13.95 60.87
CA SER B 177 -0.08 -13.41 61.48
C SER B 177 -1.31 -14.24 61.10
N GLY B 178 -2.21 -14.43 62.06
CA GLY B 178 -3.49 -15.09 61.79
C GLY B 178 -3.37 -16.59 61.54
N ARG B 179 -3.64 -17.00 60.31
CA ARG B 179 -3.46 -18.40 59.87
C ARG B 179 -1.98 -18.79 59.70
N LEU B 180 -1.07 -17.99 60.27
CA LEU B 180 0.36 -18.24 60.14
C LEU B 180 1.07 -18.20 61.47
N ALA B 181 0.48 -17.53 62.46
CA ALA B 181 0.90 -17.70 63.85
C ALA B 181 0.21 -18.95 64.41
N ASP B 182 -0.69 -19.53 63.59
CA ASP B 182 -1.50 -20.69 63.94
C ASP B 182 -0.99 -21.99 63.29
N TRP B 183 -0.28 -21.84 62.17
CA TRP B 183 0.35 -22.98 61.52
C TRP B 183 1.74 -23.22 62.08
N PHE B 184 2.49 -22.12 62.25
CA PHE B 184 3.80 -22.13 62.90
C PHE B 184 3.72 -22.61 64.36
N MET B 185 2.62 -22.26 65.05
CA MET B 185 2.36 -22.74 66.41
C MET B 185 1.95 -24.21 66.43
N SER B 186 1.39 -24.67 65.31
CA SER B 186 1.02 -26.07 65.11
C SER B 186 2.25 -26.93 64.79
N GLN B 187 3.42 -26.28 64.77
CA GLN B 187 4.70 -26.98 64.67
C GLN B 187 5.73 -26.39 65.64
N TYR B 188 5.42 -26.45 66.94
CA TYR B 188 6.33 -25.96 67.98
C TYR B 188 7.39 -27.02 68.32
N GLY B 189 8.61 -26.56 68.59
CA GLY B 189 9.74 -27.43 68.96
C GLY B 189 10.25 -28.29 67.81
N ASN B 190 9.67 -28.10 66.64
CA ASN B 190 9.99 -28.93 65.47
C ASN B 190 11.35 -28.60 64.84
N ASN B 191 11.84 -29.56 64.06
CA ASN B 191 13.08 -29.41 63.32
C ASN B 191 12.81 -28.83 61.92
N PHE B 192 13.64 -27.86 61.53
CA PHE B 192 13.52 -27.16 60.24
C PHE B 192 13.37 -28.08 59.01
N VAL B 193 14.29 -29.04 58.83
CA VAL B 193 14.24 -30.00 57.69
C VAL B 193 12.97 -30.86 57.73
N ASP B 194 12.56 -31.20 58.96
CA ASP B 194 11.30 -31.87 59.25
C ASP B 194 10.08 -31.11 58.66
N MET B 195 9.93 -29.86 59.10
CA MET B 195 8.88 -28.96 58.62
C MET B 195 8.87 -28.79 57.09
N CYS B 196 10.06 -28.67 56.48
CA CYS B 196 10.20 -28.49 55.03
C CYS B 196 9.66 -29.68 54.25
N ALA B 197 9.88 -30.88 54.79
CA ALA B 197 9.41 -32.13 54.19
C ALA B 197 7.89 -32.27 54.27
N ARG B 198 7.30 -31.78 55.36
CA ARG B 198 5.85 -31.73 55.54
C ARG B 198 5.17 -30.89 54.44
N LEU B 199 5.80 -29.77 54.10
CA LEU B 199 5.30 -28.85 53.08
C LEU B 199 5.65 -29.23 51.64
N THR B 200 6.74 -29.98 51.45
CA THR B 200 7.06 -30.53 50.14
C THR B 200 6.02 -31.59 49.77
N GLN B 201 5.65 -32.38 50.78
CA GLN B 201 4.64 -33.45 50.67
C GLN B 201 3.20 -32.90 50.53
N SER B 202 2.87 -31.88 51.34
CA SER B 202 1.55 -31.21 51.27
C SER B 202 1.22 -30.64 49.88
N CYS B 203 2.25 -30.22 49.16
CA CYS B 203 2.10 -29.57 47.85
C CYS B 203 2.24 -30.55 46.67
N SER B 204 1.72 -31.78 46.84
CA SER B 204 1.71 -32.80 45.77
C SER B 204 0.61 -32.55 44.73
N ASN B 205 -0.61 -32.29 45.21
CA ASN B 205 -1.61 -31.62 44.38
C ASN B 205 -1.39 -30.10 44.48
N MET B 206 -1.51 -29.42 43.34
CA MET B 206 -1.03 -28.03 43.24
C MET B 206 -2.02 -26.89 43.55
N PRO B 207 -2.99 -27.10 44.46
CA PRO B 207 -3.54 -25.96 45.20
C PRO B 207 -2.48 -24.96 45.69
N VAL B 208 -1.38 -24.86 44.93
CA VAL B 208 -0.31 -23.90 45.21
C VAL B 208 -0.49 -22.69 44.29
N GLU B 209 -1.18 -21.67 44.81
CA GLU B 209 -1.36 -20.38 44.15
C GLU B 209 -0.47 -19.33 44.81
N PRO B 210 0.01 -18.33 44.03
CA PRO B 210 0.73 -17.19 44.62
C PRO B 210 -0.06 -16.52 45.75
N ASP B 211 0.55 -16.44 46.93
CA ASP B 211 -0.03 -15.82 48.13
C ASP B 211 -1.03 -16.69 48.89
N GLY B 212 -1.25 -17.91 48.41
CA GLY B 212 -2.11 -18.87 49.10
C GLY B 212 -1.55 -19.26 50.45
N ASN B 213 -2.17 -20.25 51.09
CA ASN B 213 -1.71 -20.77 52.39
C ASN B 213 -0.31 -21.39 52.33
N TYR B 214 -0.12 -22.37 51.43
CA TYR B 214 1.18 -23.03 51.22
C TYR B 214 2.27 -22.02 50.86
N ASP B 215 1.98 -21.14 49.90
CA ASP B 215 2.94 -20.13 49.43
C ASP B 215 3.44 -19.24 50.56
N GLN B 216 2.52 -18.75 51.39
CA GLN B 216 2.84 -17.99 52.59
C GLN B 216 3.66 -18.81 53.57
N GLN B 217 3.23 -20.06 53.80
CA GLN B 217 3.89 -20.98 54.74
C GLN B 217 5.38 -21.13 54.46
N MET B 218 5.72 -21.49 53.22
CA MET B 218 7.10 -21.73 52.85
C MET B 218 7.97 -20.49 52.60
N ARG B 219 7.39 -19.42 52.03
CA ARG B 219 8.10 -18.13 51.95
C ARG B 219 8.46 -17.59 53.34
N ALA B 220 7.60 -17.83 54.32
CA ALA B 220 7.83 -17.38 55.71
C ALA B 220 8.79 -18.31 56.44
N LEU B 221 8.74 -19.60 56.10
CA LEU B 221 9.63 -20.64 56.67
C LEU B 221 11.07 -20.42 56.24
N ILE B 222 11.29 -20.33 54.93
CA ILE B 222 12.61 -20.05 54.35
C ILE B 222 13.28 -18.87 55.06
N SER B 223 12.59 -17.73 55.05
CA SER B 223 13.15 -16.45 55.56
C SER B 223 13.27 -16.35 57.10
N LEU B 224 12.47 -17.14 57.83
CA LEU B 224 12.56 -17.17 59.29
C LEU B 224 13.81 -17.94 59.71
N TRP B 225 14.00 -19.10 59.06
CA TRP B 225 15.22 -19.89 59.24
C TRP B 225 16.49 -19.13 58.81
N LEU B 226 16.48 -18.55 57.61
CA LEU B 226 17.66 -17.85 57.06
C LEU B 226 18.14 -16.69 57.94
N LEU B 227 17.19 -15.99 58.53
CA LEU B 227 17.50 -14.90 59.42
C LEU B 227 18.02 -15.43 60.74
N SER B 228 17.53 -16.59 61.15
CA SER B 228 18.08 -17.29 62.30
C SER B 228 19.50 -17.82 61.97
N TYR B 229 19.61 -18.55 60.85
CA TYR B 229 20.87 -19.01 60.27
C TYR B 229 21.99 -17.94 60.29
N ILE B 230 21.70 -16.73 59.81
CA ILE B 230 22.67 -15.64 59.76
C ILE B 230 22.92 -14.90 61.12
N GLY B 231 22.14 -15.28 62.14
CA GLY B 231 22.33 -14.76 63.50
C GLY B 231 21.34 -13.72 64.00
N VAL B 232 20.76 -12.95 63.08
CA VAL B 232 19.98 -11.74 63.42
C VAL B 232 18.59 -11.98 64.04
N VAL B 233 17.98 -13.12 63.72
CA VAL B 233 16.77 -13.55 64.42
C VAL B 233 17.18 -14.63 65.42
N ASN B 234 16.99 -14.34 66.71
CA ASN B 234 17.36 -15.26 67.79
C ASN B 234 16.43 -15.16 69.00
N GLN B 235 16.90 -15.65 70.16
CA GLN B 235 16.12 -15.61 71.41
C GLN B 235 15.73 -14.19 71.81
N THR B 236 16.63 -13.24 71.55
CA THR B 236 16.42 -11.82 71.88
C THR B 236 15.70 -11.00 70.79
N ASN B 237 15.28 -11.65 69.71
CA ASN B 237 14.82 -10.94 68.50
C ASN B 237 13.99 -11.82 67.57
N THR B 238 12.67 -11.82 67.75
CA THR B 238 11.80 -12.76 67.02
C THR B 238 10.90 -12.15 65.93
N ILE B 239 10.22 -13.01 65.18
CA ILE B 239 9.13 -12.62 64.31
C ILE B 239 7.86 -13.31 64.82
N SER B 240 6.97 -12.51 65.43
CA SER B 240 5.76 -13.02 66.09
C SER B 240 6.08 -14.13 67.08
N GLY B 241 7.12 -13.92 67.89
CA GLY B 241 7.54 -14.90 68.89
C GLY B 241 8.39 -16.05 68.36
N PHE B 242 8.42 -16.22 67.03
CA PHE B 242 9.08 -17.35 66.40
C PHE B 242 10.53 -17.08 65.99
N TYR B 243 11.38 -18.06 66.30
CA TYR B 243 12.78 -18.12 65.85
C TYR B 243 13.22 -19.58 65.68
N PHE B 244 14.43 -19.78 65.17
CA PHE B 244 15.04 -21.11 65.04
C PHE B 244 16.33 -21.13 65.84
N SER B 245 16.53 -22.16 66.67
CA SER B 245 17.80 -22.32 67.38
C SER B 245 18.56 -23.59 67.05
N SER B 246 19.88 -23.46 67.04
CA SER B 246 20.80 -24.60 66.94
C SER B 246 21.71 -24.64 68.17
N LYS B 247 21.92 -25.84 68.70
CA LYS B 247 22.88 -26.05 69.79
C LYS B 247 24.31 -25.72 69.36
N THR B 248 24.78 -26.34 68.28
CA THR B 248 26.07 -25.99 67.67
C THR B 248 25.84 -25.08 66.46
N ARG B 249 26.91 -24.40 66.01
CA ARG B 249 26.82 -23.62 64.79
C ARG B 249 28.08 -23.70 63.91
N GLY B 250 27.87 -24.21 62.69
CA GLY B 250 28.91 -24.27 61.67
C GLY B 250 29.72 -25.55 61.64
N GLN B 251 29.15 -26.61 62.24
CA GLN B 251 29.81 -27.90 62.33
C GLN B 251 28.79 -29.00 62.04
N ALA B 252 29.22 -30.26 62.14
CA ALA B 252 28.41 -31.42 61.72
C ALA B 252 27.10 -31.58 62.49
N LEU B 253 27.13 -31.20 63.76
CA LEU B 253 26.00 -31.39 64.67
C LEU B 253 24.81 -30.40 64.48
N ASP B 254 25.05 -29.26 63.79
CA ASP B 254 24.00 -28.24 63.50
C ASP B 254 22.61 -28.86 63.22
N SER B 255 21.60 -28.35 63.90
CA SER B 255 20.21 -28.76 63.67
C SER B 255 19.30 -27.65 64.19
N TRP B 256 18.37 -27.21 63.36
CA TRP B 256 17.56 -26.04 63.69
C TRP B 256 16.16 -26.38 64.21
N THR B 257 15.88 -25.90 65.41
CA THR B 257 14.62 -26.16 66.09
C THR B 257 13.73 -24.91 66.08
N LEU B 258 12.43 -25.09 65.84
CA LEU B 258 11.48 -23.96 65.96
C LEU B 258 11.07 -23.70 67.42
N PHE B 259 11.62 -22.63 67.99
CA PHE B 259 11.28 -22.20 69.34
C PHE B 259 10.37 -20.97 69.35
N TYR B 260 10.04 -20.50 70.57
CA TYR B 260 9.06 -19.42 70.79
C TYR B 260 9.33 -18.77 72.13
N THR B 261 9.16 -17.44 72.21
CA THR B 261 9.35 -16.75 73.49
C THR B 261 8.32 -15.63 73.71
N THR B 262 8.00 -15.41 74.98
CA THR B 262 6.99 -14.42 75.42
C THR B 262 7.64 -13.13 75.94
N ASN B 263 8.59 -13.28 76.87
CA ASN B 263 9.32 -12.12 77.41
C ASN B 263 10.20 -11.42 76.38
N THR B 264 10.42 -12.10 75.25
CA THR B 264 11.41 -11.64 74.27
C THR B 264 10.89 -10.62 73.26
N ASN B 265 11.81 -9.76 72.83
CA ASN B 265 11.58 -8.78 71.78
C ASN B 265 11.00 -9.39 70.50
N ARG B 266 9.94 -8.77 69.97
CA ARG B 266 9.36 -9.15 68.68
C ARG B 266 9.57 -8.02 67.68
N VAL B 267 10.16 -8.35 66.54
CA VAL B 267 10.43 -7.36 65.49
C VAL B 267 9.26 -7.28 64.52
N GLN B 268 9.00 -6.08 64.01
CA GLN B 268 7.93 -5.90 63.04
C GLN B 268 8.43 -5.14 61.81
N ILE B 269 7.87 -5.46 60.64
CA ILE B 269 8.42 -5.00 59.38
C ILE B 269 7.61 -3.83 58.74
N THR B 270 8.34 -2.75 58.37
CA THR B 270 7.83 -1.57 57.65
C THR B 270 7.30 -1.93 56.25
N GLN B 271 8.18 -2.50 55.43
CA GLN B 271 7.88 -2.73 54.03
C GLN B 271 8.23 -4.15 53.55
N ARG B 272 7.84 -4.45 52.30
CA ARG B 272 8.25 -5.67 51.62
C ARG B 272 9.74 -5.63 51.28
N HIS B 273 10.44 -6.69 51.70
CA HIS B 273 11.85 -6.95 51.34
C HIS B 273 11.92 -8.25 50.52
N PHE B 274 12.70 -8.25 49.45
CA PHE B 274 13.00 -9.50 48.73
C PHE B 274 14.47 -9.74 48.42
N ALA B 275 14.95 -10.98 48.60
CA ALA B 275 16.29 -11.37 48.08
C ALA B 275 16.42 -12.75 47.48
N TYR B 276 17.29 -12.86 46.48
CA TYR B 276 17.85 -14.14 46.05
C TYR B 276 19.20 -14.33 46.75
N VAL B 277 19.32 -15.42 47.50
CA VAL B 277 20.57 -15.72 48.22
C VAL B 277 21.06 -17.13 47.86
N CYS B 278 22.25 -17.23 47.31
CA CYS B 278 22.77 -18.55 47.00
C CYS B 278 23.91 -18.85 47.95
N ALA B 279 24.23 -20.14 48.11
CA ALA B 279 25.38 -20.58 48.91
C ALA B 279 26.60 -20.57 48.00
N ARG B 280 27.58 -19.75 48.35
CA ARG B 280 28.79 -19.59 47.57
C ARG B 280 29.71 -20.82 47.65
N SER B 281 29.99 -21.28 48.88
CA SER B 281 31.03 -22.30 49.13
C SER B 281 30.56 -23.76 48.92
N PRO B 282 31.49 -24.66 48.52
CA PRO B 282 31.11 -26.04 48.11
C PRO B 282 30.53 -26.87 49.25
N ASP B 283 30.75 -26.40 50.48
CA ASP B 283 30.14 -26.99 51.67
C ASP B 283 28.63 -26.85 51.76
N TRP B 284 28.01 -26.17 50.80
CA TRP B 284 26.56 -26.29 50.64
C TRP B 284 26.18 -27.77 50.48
N ASN B 285 27.08 -28.56 49.88
CA ASN B 285 26.82 -29.96 49.58
C ASN B 285 26.49 -30.81 50.81
N VAL B 286 26.98 -30.37 51.96
CA VAL B 286 26.76 -31.06 53.22
C VAL B 286 25.75 -30.33 54.17
N ASP B 287 25.24 -29.15 53.75
CA ASP B 287 24.30 -28.34 54.56
C ASP B 287 22.83 -28.65 54.24
N LYS B 288 22.19 -29.38 55.14
CA LYS B 288 20.91 -30.00 54.84
C LYS B 288 19.74 -29.03 54.93
N SER B 289 19.89 -28.00 55.75
CA SER B 289 18.87 -26.97 55.94
C SER B 289 18.90 -26.00 54.79
N TRP B 290 20.10 -25.67 54.32
CA TRP B 290 20.23 -24.91 53.09
C TRP B 290 19.59 -25.65 51.92
N ILE B 291 19.79 -26.98 51.87
CA ILE B 291 19.26 -27.79 50.77
C ILE B 291 17.76 -27.97 50.90
N ALA B 292 17.29 -28.14 52.13
CA ALA B 292 15.84 -28.16 52.45
C ALA B 292 15.20 -26.86 51.96
N ALA B 293 15.82 -25.73 52.31
CA ALA B 293 15.38 -24.41 51.90
C ALA B 293 15.48 -24.14 50.40
N ALA B 294 16.45 -24.76 49.71
CA ALA B 294 16.53 -24.63 48.24
C ALA B 294 15.43 -25.40 47.50
N ASN B 295 14.88 -26.40 48.17
CA ASN B 295 13.79 -27.21 47.64
C ASN B 295 12.42 -26.50 47.78
N LEU B 296 12.13 -25.96 48.96
CA LEU B 296 11.00 -25.01 49.10
C LEU B 296 11.07 -23.89 48.06
N THR B 297 12.18 -23.15 48.04
CA THR B 297 12.44 -22.14 47.00
C THR B 297 12.04 -22.62 45.61
N ALA B 298 12.19 -23.92 45.36
CA ALA B 298 11.80 -24.51 44.09
C ALA B 298 10.27 -24.55 43.93
N ILE B 299 9.56 -24.92 45.00
CA ILE B 299 8.09 -24.97 44.98
C ILE B 299 7.52 -23.54 44.91
N VAL B 300 8.13 -22.62 45.68
CA VAL B 300 7.79 -21.18 45.71
C VAL B 300 7.89 -20.47 44.33
N MET B 301 9.00 -20.66 43.62
CA MET B 301 9.20 -19.98 42.36
C MET B 301 8.43 -20.60 41.18
N ALA B 302 7.97 -21.84 41.35
CA ALA B 302 7.35 -22.60 40.25
C ALA B 302 5.89 -22.19 40.01
N CYS B 303 5.18 -21.90 41.10
CA CYS B 303 3.78 -21.50 41.01
C CYS B 303 3.58 -20.10 40.39
N ARG B 304 4.62 -19.26 40.46
CA ARG B 304 4.54 -17.83 40.10
C ARG B 304 5.52 -17.41 38.96
N GLN B 305 5.39 -16.16 38.51
CA GLN B 305 6.47 -15.54 37.77
C GLN B 305 7.29 -14.70 38.79
N PRO B 306 8.50 -15.19 39.17
CA PRO B 306 9.26 -14.61 40.29
C PRO B 306 10.21 -13.53 39.77
N PRO B 307 10.89 -12.80 40.68
CA PRO B 307 11.78 -11.77 40.12
C PRO B 307 12.73 -12.33 39.05
N VAL B 308 13.03 -11.52 38.05
CA VAL B 308 13.90 -11.90 36.98
C VAL B 308 15.36 -11.76 37.44
N PHE B 309 16.12 -12.85 37.34
CA PHE B 309 17.53 -12.85 37.73
C PHE B 309 18.38 -11.76 37.04
N ALA B 310 19.31 -11.17 37.78
CA ALA B 310 20.41 -10.42 37.18
C ALA B 310 21.31 -11.36 36.35
N ASN B 311 21.59 -11.00 35.10
CA ASN B 311 22.49 -11.79 34.28
C ASN B 311 23.76 -12.30 34.95
N GLN B 312 24.35 -11.50 35.85
CA GLN B 312 25.61 -11.92 36.44
C GLN B 312 25.41 -12.74 37.70
N GLY B 313 24.15 -12.95 38.07
CA GLY B 313 23.80 -13.94 39.10
C GLY B 313 23.66 -15.37 38.55
N VAL B 314 23.74 -15.52 37.24
CA VAL B 314 23.61 -16.82 36.61
C VAL B 314 24.73 -17.00 35.58
N ILE B 315 24.98 -18.26 35.19
CA ILE B 315 26.09 -18.58 34.30
C ILE B 315 25.79 -18.01 32.93
N ASN B 316 26.84 -17.80 32.16
CA ASN B 316 26.73 -17.21 30.82
C ASN B 316 25.63 -17.75 29.88
N GLN B 317 25.46 -19.06 29.81
CA GLN B 317 24.45 -19.65 28.96
C GLN B 317 23.03 -19.52 29.54
N ALA B 318 22.91 -19.05 30.77
CA ALA B 318 21.58 -18.86 31.33
C ALA B 318 21.17 -17.40 31.25
N GLN B 319 21.99 -16.60 30.58
CA GLN B 319 21.77 -15.16 30.54
C GLN B 319 20.81 -14.76 29.42
N ASN B 320 20.00 -13.74 29.67
CA ASN B 320 19.17 -13.12 28.63
C ASN B 320 18.10 -14.07 28.12
N ARG B 321 17.45 -14.75 29.05
CA ARG B 321 16.34 -15.64 28.78
C ARG B 321 15.09 -14.95 29.26
N PRO B 322 14.19 -14.59 28.31
CA PRO B 322 12.93 -13.85 28.59
C PRO B 322 12.13 -14.39 29.78
N GLY B 323 12.00 -13.61 30.84
CA GLY B 323 11.19 -14.02 31.99
C GLY B 323 12.06 -14.59 33.10
N PHE B 324 13.31 -14.93 32.75
CA PHE B 324 14.17 -15.65 33.66
C PHE B 324 15.32 -14.81 34.20
N SER B 325 16.16 -14.34 33.27
CA SER B 325 17.31 -13.56 33.55
C SER B 325 17.31 -12.33 32.61
N MET B 326 18.11 -11.31 32.97
CA MET B 326 18.13 -10.00 32.30
C MET B 326 19.31 -9.14 32.70
N ASN B 327 19.69 -8.26 31.78
CA ASN B 327 20.49 -7.11 32.11
C ASN B 327 19.72 -6.25 33.14
N GLY B 328 20.40 -5.70 34.14
CA GLY B 328 19.71 -5.15 35.31
C GLY B 328 19.22 -6.30 36.16
N GLY B 329 18.02 -6.25 36.70
CA GLY B 329 17.46 -7.47 37.31
C GLY B 329 17.94 -7.77 38.71
N THR B 330 17.16 -8.55 39.45
CA THR B 330 17.43 -8.87 40.84
C THR B 330 18.78 -9.58 41.03
N PRO B 331 19.71 -8.91 41.76
CA PRO B 331 21.05 -9.43 42.02
C PRO B 331 20.99 -10.71 42.85
N VAL B 332 21.90 -11.64 42.56
CA VAL B 332 22.00 -12.86 43.36
C VAL B 332 23.04 -12.64 44.43
N HIS B 333 22.56 -12.55 45.67
CA HIS B 333 23.46 -12.43 46.81
C HIS B 333 24.03 -13.80 47.17
N GLU B 334 25.23 -13.79 47.76
CA GLU B 334 25.95 -15.03 48.07
C GLU B 334 26.38 -15.10 49.53
N LEU B 335 26.29 -16.31 50.09
CA LEU B 335 26.82 -16.59 51.43
C LEU B 335 27.91 -17.68 51.39
N ASN B 336 29.11 -17.31 51.82
CA ASN B 336 30.12 -18.28 52.24
C ASN B 336 29.64 -18.83 53.59
N LEU B 337 29.33 -20.13 53.61
CA LEU B 337 28.61 -20.75 54.72
C LEU B 337 29.37 -20.83 56.04
N LEU B 338 30.71 -20.78 55.98
CA LEU B 338 31.55 -20.74 57.19
C LEU B 338 31.66 -19.32 57.74
N THR B 339 31.89 -18.35 56.85
CA THR B 339 31.80 -16.93 57.23
C THR B 339 30.43 -16.62 57.90
N THR B 340 29.33 -17.07 57.29
CA THR B 340 27.98 -17.00 57.89
C THR B 340 27.89 -17.67 59.30
N ALA B 341 28.72 -18.68 59.54
CA ALA B 341 28.74 -19.37 60.82
C ALA B 341 29.46 -18.52 61.86
N GLN B 342 30.65 -18.03 61.48
CA GLN B 342 31.45 -17.11 62.29
C GLN B 342 30.66 -15.84 62.65
N GLU B 343 29.83 -15.37 61.71
CA GLU B 343 29.00 -14.19 61.92
C GLU B 343 27.76 -14.47 62.75
N CYS B 344 27.12 -15.64 62.55
CA CYS B 344 25.93 -16.00 63.34
C CYS B 344 26.23 -16.26 64.81
N ILE B 345 27.33 -16.96 65.06
CA ILE B 345 27.85 -17.15 66.42
C ILE B 345 28.14 -15.79 67.07
N ARG B 346 28.82 -14.91 66.31
CA ARG B 346 29.11 -13.51 66.72
C ARG B 346 27.85 -12.70 67.12
N GLN B 347 26.72 -12.97 66.44
CA GLN B 347 25.46 -12.33 66.77
C GLN B 347 24.91 -12.92 68.07
N TRP B 348 25.42 -14.08 68.47
CA TRP B 348 25.04 -14.72 69.75
C TRP B 348 25.82 -14.20 70.97
N VAL B 349 27.09 -13.85 70.77
CA VAL B 349 27.92 -13.20 71.80
C VAL B 349 27.43 -11.77 72.03
N MET B 350 27.37 -10.99 70.94
CA MET B 350 26.83 -9.63 70.98
C MET B 350 25.44 -9.56 71.64
N ALA B 351 24.61 -10.58 71.40
CA ALA B 351 23.32 -10.68 72.08
C ALA B 351 23.52 -10.99 73.55
N GLY B 352 24.42 -11.93 73.85
CA GLY B 352 24.59 -12.46 75.22
C GLY B 352 23.94 -13.83 75.36
N LEU B 353 23.67 -14.47 74.23
CA LEU B 353 23.07 -15.79 74.20
C LEU B 353 24.09 -16.91 74.43
N VAL B 354 25.37 -16.57 74.24
CA VAL B 354 26.49 -17.43 74.66
C VAL B 354 27.62 -16.61 75.30
N SER B 355 28.36 -17.26 76.20
CA SER B 355 29.60 -16.70 76.77
C SER B 355 30.49 -16.14 75.66
N ALA B 356 31.28 -15.10 75.95
CA ALA B 356 32.24 -14.59 74.96
C ALA B 356 33.29 -15.65 74.59
N ALA B 357 33.44 -16.65 75.46
CA ALA B 357 34.43 -17.72 75.28
C ALA B 357 33.82 -19.05 74.77
N LYS B 358 32.53 -19.27 75.04
CA LYS B 358 31.80 -20.36 74.40
C LYS B 358 31.63 -20.04 72.92
N GLY B 359 31.56 -18.74 72.61
CA GLY B 359 31.44 -18.26 71.25
C GLY B 359 32.74 -18.37 70.47
N GLN B 360 33.86 -18.46 71.19
CA GLN B 360 35.20 -18.67 70.60
C GLN B 360 35.51 -20.16 70.43
N ALA B 361 34.98 -20.95 71.36
CA ALA B 361 34.96 -22.40 71.24
C ALA B 361 34.09 -22.79 70.04
N LEU B 362 32.95 -22.10 69.88
CA LEU B 362 32.02 -22.35 68.78
C LEU B 362 32.67 -22.09 67.42
N THR B 363 33.33 -20.96 67.28
CA THR B 363 34.08 -20.63 66.08
C THR B 363 35.26 -21.61 65.87
N GLN B 364 35.69 -22.28 66.93
CA GLN B 364 36.76 -23.28 66.83
C GLN B 364 36.26 -24.59 66.21
N GLU B 365 35.11 -25.06 66.68
CA GLU B 365 34.57 -26.32 66.18
C GLU B 365 34.10 -26.10 64.76
N ALA B 366 33.68 -24.85 64.47
CA ALA B 366 33.19 -24.47 63.16
C ALA B 366 34.31 -24.43 62.15
N ASN B 367 35.35 -23.64 62.46
CA ASN B 367 36.57 -23.53 61.62
C ASN B 367 37.27 -24.87 61.39
N ASP B 368 37.22 -25.75 62.39
CA ASP B 368 37.86 -27.05 62.35
C ASP B 368 37.08 -27.96 61.44
N PHE B 369 35.76 -27.91 61.55
CA PHE B 369 34.88 -28.74 60.73
C PHE B 369 34.94 -28.35 59.26
N SER B 370 35.16 -27.07 58.99
CA SER B 370 35.24 -26.59 57.61
C SER B 370 36.55 -26.97 56.92
N ASN B 371 37.61 -27.13 57.70
CA ASN B 371 38.88 -27.62 57.17
C ASN B 371 38.79 -29.08 56.72
N LEU B 372 37.99 -29.84 57.45
CA LEU B 372 37.72 -31.24 57.22
C LEU B 372 36.91 -31.42 55.94
N ILE B 373 35.90 -30.56 55.79
CA ILE B 373 34.93 -30.59 54.69
C ILE B 373 35.56 -30.07 53.40
N GLN B 374 36.36 -29.01 53.51
CA GLN B 374 37.13 -28.50 52.39
C GLN B 374 38.01 -29.60 51.83
N ALA B 375 38.71 -30.32 52.72
CA ALA B 375 39.70 -31.32 52.33
C ALA B 375 39.07 -32.49 51.58
N ASP B 376 37.92 -32.93 52.06
CA ASP B 376 37.17 -34.03 51.49
C ASP B 376 36.55 -33.72 50.14
N LEU B 377 35.73 -32.67 50.09
CA LEU B 377 35.21 -32.14 48.82
C LEU B 377 36.31 -31.84 47.79
N GLY B 378 37.46 -31.37 48.25
CA GLY B 378 38.62 -31.15 47.35
C GLY B 378 39.15 -32.44 46.72
N GLN B 379 39.12 -33.53 47.48
CA GLN B 379 39.43 -34.90 47.02
C GLN B 379 38.44 -35.34 45.92
N ILE B 380 37.15 -35.23 46.24
CA ILE B 380 36.06 -35.49 45.29
C ILE B 380 36.16 -34.69 43.98
N LYS B 381 36.48 -33.40 44.09
CA LYS B 381 36.75 -32.56 42.92
C LYS B 381 37.94 -33.02 42.11
N ALA B 382 39.06 -33.26 42.79
CA ALA B 382 40.30 -33.66 42.10
C ALA B 382 40.05 -34.96 41.36
N GLN B 383 39.41 -35.92 42.03
CA GLN B 383 39.13 -37.20 41.40
C GLN B 383 38.06 -37.11 40.29
N ASP B 384 36.90 -36.53 40.62
CA ASP B 384 35.83 -36.33 39.65
C ASP B 384 36.34 -35.60 38.42
N ASP B 385 37.15 -34.57 38.61
CA ASP B 385 37.65 -33.77 37.49
C ASP B 385 38.50 -34.59 36.53
N ALA B 386 39.44 -35.37 37.10
CA ALA B 386 40.38 -36.23 36.31
C ALA B 386 39.68 -37.41 35.63
N LEU B 387 38.83 -38.09 36.38
CA LEU B 387 38.12 -39.24 35.86
C LEU B 387 37.15 -38.83 34.77
N TYR B 388 36.53 -37.66 34.93
CA TYR B 388 35.65 -37.13 33.89
C TYR B 388 36.45 -36.84 32.61
N ASN B 389 37.57 -36.17 32.74
CA ASN B 389 38.38 -35.87 31.58
C ASN B 389 38.98 -37.11 30.86
N GLN B 390 39.27 -38.17 31.63
CA GLN B 390 40.02 -39.32 31.14
C GLN B 390 39.19 -40.61 30.96
N GLN B 391 38.18 -40.85 31.78
CA GLN B 391 37.41 -42.12 31.74
C GLN B 391 36.00 -42.00 31.13
N PRO B 392 35.84 -42.44 29.85
CA PRO B 392 34.53 -42.32 29.20
C PRO B 392 33.44 -43.00 30.04
N GLY B 393 32.29 -42.33 30.16
CA GLY B 393 31.17 -42.88 30.90
C GLY B 393 31.19 -42.62 32.38
N TYR B 394 32.19 -41.85 32.84
CA TYR B 394 32.31 -41.45 34.25
C TYR B 394 31.17 -40.60 34.74
N ALA B 395 30.62 -40.96 35.90
CA ALA B 395 29.54 -40.24 36.56
C ALA B 395 30.07 -39.35 37.68
N ARG B 396 29.83 -38.03 37.58
CA ARG B 396 30.23 -37.02 38.64
C ARG B 396 29.39 -37.17 39.89
N ARG B 397 30.00 -37.07 41.06
CA ARG B 397 29.28 -37.34 42.31
C ARG B 397 28.62 -36.09 42.90
N ILE B 398 29.20 -34.92 42.63
CA ILE B 398 28.69 -33.64 43.09
C ILE B 398 28.80 -32.67 41.94
N LYS B 399 28.19 -31.50 42.09
CA LYS B 399 28.31 -30.41 41.12
C LYS B 399 29.78 -29.95 40.99
N PRO B 400 30.28 -29.70 39.76
CA PRO B 400 31.63 -29.15 39.63
C PRO B 400 31.77 -27.80 40.34
N PHE B 401 32.96 -27.48 40.87
CA PHE B 401 33.20 -26.20 41.50
C PHE B 401 34.61 -25.69 41.25
N VAL B 402 34.87 -24.47 41.67
CA VAL B 402 36.22 -23.96 41.64
C VAL B 402 36.69 -23.69 43.08
N ASN B 403 38.00 -23.81 43.29
CA ASN B 403 38.61 -23.64 44.60
C ASN B 403 38.34 -22.26 45.20
N GLY B 404 38.23 -21.26 44.32
CA GLY B 404 37.84 -19.89 44.72
C GLY B 404 36.56 -19.76 45.52
N ASP B 405 35.57 -20.60 45.22
CA ASP B 405 34.30 -20.64 45.98
C ASP B 405 34.47 -20.69 47.49
N TRP B 406 35.68 -20.97 47.94
CA TRP B 406 36.02 -21.05 49.36
C TRP B 406 36.33 -19.69 49.99
N THR B 407 36.76 -18.70 49.20
CA THR B 407 36.89 -17.32 49.71
C THR B 407 35.53 -16.78 50.20
N PRO B 408 35.54 -15.73 51.07
CA PRO B 408 34.30 -15.04 51.47
C PRO B 408 33.44 -14.46 50.32
N GLY B 409 34.07 -13.98 49.24
CA GLY B 409 33.35 -13.15 48.28
C GLY B 409 32.43 -12.11 48.97
N MET B 410 31.24 -11.92 48.42
CA MET B 410 30.32 -10.85 48.84
C MET B 410 29.43 -11.24 50.01
N THR B 411 29.98 -12.03 50.93
CA THR B 411 29.23 -12.50 52.08
C THR B 411 28.67 -11.34 52.88
N ALA B 412 29.52 -10.33 53.15
CA ALA B 412 29.18 -9.17 53.97
C ALA B 412 28.03 -8.37 53.37
N GLN B 413 28.09 -8.06 52.08
CA GLN B 413 26.94 -7.43 51.39
C GLN B 413 25.69 -8.19 51.73
N ALA B 414 25.71 -9.52 51.50
CA ALA B 414 24.52 -10.36 51.70
C ALA B 414 24.04 -10.31 53.15
N LEU B 415 24.96 -10.35 54.09
CA LEU B 415 24.61 -10.27 55.50
C LEU B 415 24.04 -8.89 55.85
N ALA B 416 24.62 -7.84 55.27
CA ALA B 416 24.15 -6.45 55.43
C ALA B 416 22.72 -6.28 54.90
N VAL B 417 22.46 -6.77 53.68
CA VAL B 417 21.11 -6.74 53.11
C VAL B 417 20.14 -7.50 54.01
N LEU B 418 20.51 -8.72 54.38
CA LEU B 418 19.67 -9.57 55.18
C LEU B 418 19.34 -8.99 56.56
N ALA B 419 20.25 -8.17 57.09
CA ALA B 419 20.05 -7.54 58.40
C ALA B 419 18.82 -6.61 58.36
N THR B 420 18.63 -5.95 57.22
CA THR B 420 17.53 -4.99 57.01
C THR B 420 16.14 -5.62 56.75
N PHE B 421 16.10 -6.94 56.56
CA PHE B 421 14.82 -7.67 56.34
C PHE B 421 13.95 -7.62 57.58
N THR B 422 14.42 -6.87 58.56
CA THR B 422 13.74 -6.74 59.83
C THR B 422 13.27 -5.28 60.02
N ALA B 423 13.85 -4.40 59.19
CA ALA B 423 13.42 -3.01 59.08
C ALA B 423 12.14 -2.92 58.26
N THR C 7 -5.72 30.98 17.67
CA THR C 7 -6.46 29.98 18.51
C THR C 7 -7.76 29.51 17.82
N MET C 8 -7.64 28.45 17.02
CA MET C 8 -8.78 27.78 16.40
C MET C 8 -9.49 26.97 17.47
N ALA C 9 -10.82 26.97 17.45
CA ALA C 9 -11.58 25.91 18.10
C ALA C 9 -11.32 24.60 17.33
N ARG C 10 -11.68 23.44 17.91
CA ARG C 10 -11.37 22.17 17.23
C ARG C 10 -12.29 21.84 16.06
N ALA C 11 -11.67 21.65 14.91
CA ALA C 11 -12.36 21.19 13.68
C ALA C 11 -12.38 19.65 13.57
N ILE C 12 -11.18 19.05 13.63
CA ILE C 12 -10.99 17.62 13.38
C ILE C 12 -10.82 16.80 14.67
N TYR C 13 -11.61 15.72 14.80
CA TYR C 13 -11.59 14.85 15.95
C TYR C 13 -10.96 13.50 15.64
N ASP C 14 -9.63 13.47 15.70
CA ASP C 14 -8.82 12.27 15.44
C ASP C 14 -8.59 11.33 16.64
N PHE C 15 -8.53 10.02 16.34
CA PHE C 15 -8.11 9.01 17.33
C PHE C 15 -7.00 8.08 16.81
N PHE C 16 -5.96 7.95 17.62
CA PHE C 16 -4.88 6.98 17.38
C PHE C 16 -4.95 5.86 18.41
N SER C 17 -5.19 4.63 17.94
CA SER C 17 -5.18 3.44 18.76
C SER C 17 -3.78 3.04 19.26
N THR C 18 -3.77 2.31 20.38
CA THR C 18 -2.57 1.71 20.98
C THR C 18 -1.85 0.76 20.02
N PRO C 19 -0.57 1.07 19.68
CA PRO C 19 0.25 0.11 18.90
C PRO C 19 0.45 -1.18 19.67
N PHE C 20 0.34 -2.31 18.96
CA PHE C 20 0.70 -3.61 19.51
C PHE C 20 1.49 -4.45 18.48
N GLY C 21 1.94 -5.65 18.86
CA GLY C 21 2.71 -6.54 17.96
C GLY C 21 1.98 -7.82 17.55
N ASN C 22 2.75 -8.92 17.51
CA ASN C 22 2.33 -10.28 17.07
C ASN C 22 1.10 -10.91 17.71
N ARG C 23 0.83 -10.61 18.99
CA ARG C 23 -0.26 -11.29 19.71
C ARG C 23 -1.45 -10.39 20.02
N GLY C 24 -1.61 -9.33 19.23
CA GLY C 24 -2.71 -8.39 19.37
C GLY C 24 -2.56 -7.35 20.48
N LEU C 25 -3.66 -6.67 20.78
CA LEU C 25 -3.74 -5.68 21.83
C LEU C 25 -3.49 -6.33 23.20
N ALA C 26 -2.57 -5.74 23.95
CA ALA C 26 -2.07 -6.33 25.19
C ALA C 26 -3.00 -6.11 26.38
N THR C 27 -4.27 -6.45 26.19
CA THR C 27 -5.28 -6.34 27.24
C THR C 27 -6.23 -7.52 27.21
N ASN C 28 -7.07 -7.64 28.23
CA ASN C 28 -8.13 -8.63 28.26
C ASN C 28 -9.34 -8.09 29.00
N ARG C 29 -10.38 -8.90 29.06
CA ARG C 29 -11.65 -8.55 29.72
C ARG C 29 -11.49 -8.17 31.20
N THR C 30 -10.64 -8.91 31.92
CA THR C 30 -10.39 -8.64 33.35
C THR C 30 -9.82 -7.22 33.55
N GLN C 31 -8.82 -6.88 32.74
CA GLN C 31 -8.24 -5.54 32.78
C GLN C 31 -9.22 -4.45 32.38
N LEU C 32 -9.77 -4.53 31.17
CA LEU C 32 -10.78 -3.55 30.69
C LEU C 32 -11.92 -3.35 31.68
N SER C 33 -12.47 -4.44 32.23
CA SER C 33 -13.51 -4.36 33.26
C SER C 33 -13.06 -3.56 34.48
N SER C 34 -11.78 -3.64 34.84
CA SER C 34 -11.23 -2.94 36.03
C SER C 34 -11.27 -1.39 35.91
N LEU C 35 -11.28 -0.90 34.69
CA LEU C 35 -11.16 0.54 34.39
C LEU C 35 -12.50 1.28 34.45
N LEU C 36 -13.60 0.53 34.56
CA LEU C 36 -14.95 1.11 34.50
C LEU C 36 -15.43 1.59 35.87
N SER C 37 -16.31 2.59 35.87
CA SER C 37 -16.90 3.06 37.13
C SER C 37 -17.90 2.04 37.65
N SER C 38 -18.30 2.17 38.93
CA SER C 38 -19.29 1.26 39.50
C SER C 38 -20.62 1.38 38.77
N SER C 39 -20.54 1.75 37.49
CA SER C 39 -21.69 2.13 36.67
C SER C 39 -21.44 1.74 35.21
N ASN C 40 -20.31 1.06 34.95
CA ASN C 40 -19.92 0.56 33.63
C ASN C 40 -19.47 1.67 32.65
N SER C 41 -19.28 2.87 33.19
CA SER C 41 -18.84 4.02 32.39
C SER C 41 -17.31 4.02 32.23
N PRO C 42 -16.81 4.00 30.97
CA PRO C 42 -15.39 4.23 30.77
C PRO C 42 -15.03 5.73 30.73
N TRP C 43 -16.03 6.59 30.91
CA TRP C 43 -15.89 8.04 30.72
C TRP C 43 -15.77 8.82 32.04
N GLN C 44 -16.26 8.21 33.11
CA GLN C 44 -16.27 8.80 34.46
C GLN C 44 -14.87 8.79 35.08
N ILE C 58 0.00 6.15 46.43
CA ILE C 58 -0.93 6.11 45.30
C ILE C 58 -2.11 5.15 45.58
N VAL C 59 -2.97 4.95 44.57
CA VAL C 59 -4.20 4.12 44.66
C VAL C 59 -3.98 2.67 44.13
N SER C 60 -2.74 2.18 44.24
CA SER C 60 -2.22 1.08 43.42
C SER C 60 -2.81 -0.34 43.62
N THR C 61 -2.59 -1.16 42.60
CA THR C 61 -3.04 -2.55 42.53
C THR C 61 -2.02 -3.35 41.67
N PRO C 62 -1.83 -4.67 41.93
CA PRO C 62 -0.86 -5.44 41.11
C PRO C 62 -0.98 -5.34 39.57
N GLU C 63 -2.20 -5.39 39.02
CA GLU C 63 -2.39 -5.18 37.56
C GLU C 63 -2.23 -3.71 37.11
N ALA C 64 -2.25 -2.80 38.08
CA ALA C 64 -1.89 -1.40 37.85
C ALA C 64 -1.02 -0.83 39.01
N PRO C 65 0.27 -1.28 39.08
CA PRO C 65 1.24 -0.88 40.12
C PRO C 65 1.69 0.62 40.12
N TYR C 66 1.48 1.34 39.01
CA TYR C 66 1.86 2.77 38.93
C TYR C 66 0.70 3.68 38.48
N PRO C 67 0.75 4.97 38.87
CA PRO C 67 -0.05 6.05 38.26
C PRO C 67 -0.17 5.98 36.71
N GLY C 68 0.95 5.75 36.02
CA GLY C 68 0.95 5.61 34.55
C GLY C 68 0.36 4.31 33.99
N SER C 69 0.02 3.38 34.86
CA SER C 69 -0.58 2.11 34.43
C SER C 69 -2.00 2.35 33.96
N LEU C 70 -2.76 3.15 34.72
CA LEU C 70 -4.13 3.50 34.32
C LEU C 70 -4.19 4.28 32.98
N MET C 71 -3.23 5.13 32.74
CA MET C 71 -3.09 5.81 31.44
C MET C 71 -2.96 4.85 30.23
N TYR C 72 -2.08 3.83 30.35
CA TYR C 72 -1.81 2.92 29.21
C TYR C 72 -2.98 2.01 29.00
N GLN C 73 -3.54 1.54 30.11
CA GLN C 73 -4.61 0.58 30.11
C GLN C 73 -5.91 1.18 29.58
N GLU C 74 -6.20 2.43 29.97
CA GLU C 74 -7.28 3.21 29.35
C GLU C 74 -7.09 3.48 27.85
N SER C 75 -5.86 3.74 27.40
CA SER C 75 -5.60 3.89 25.97
C SER C 75 -5.91 2.60 25.19
N MET C 76 -5.79 1.46 25.86
CA MET C 76 -6.09 0.16 25.25
C MET C 76 -7.59 -0.11 25.26
N LEU C 77 -8.27 0.27 26.33
CA LEU C 77 -9.72 0.27 26.37
C LEU C 77 -10.35 1.05 25.21
N HIS C 78 -9.94 2.31 25.05
CA HIS C 78 -10.47 3.17 23.98
C HIS C 78 -10.16 2.61 22.60
N SER C 79 -8.97 2.02 22.45
CA SER C 79 -8.56 1.38 21.19
C SER C 79 -9.43 0.16 20.83
N ALA C 80 -9.82 -0.59 21.86
CA ALA C 80 -10.64 -1.78 21.74
C ALA C 80 -12.07 -1.40 21.36
N THR C 81 -12.65 -0.48 22.12
CA THR C 81 -14.09 -0.28 22.13
C THR C 81 -14.62 0.78 21.13
N VAL C 82 -13.78 1.72 20.73
CA VAL C 82 -14.29 2.86 19.99
C VAL C 82 -14.22 2.80 18.44
N PRO C 83 -13.06 2.49 17.84
CA PRO C 83 -13.00 2.50 16.36
C PRO C 83 -13.89 1.43 15.69
N GLY C 84 -14.22 0.38 16.44
CA GLY C 84 -15.11 -0.69 15.99
C GLY C 84 -16.54 -0.26 15.70
N VAL C 85 -17.01 0.77 16.40
CA VAL C 85 -18.42 1.20 16.36
C VAL C 85 -18.72 2.39 15.41
N LEU C 86 -17.70 2.93 14.76
CA LEU C 86 -17.88 4.14 13.96
C LEU C 86 -18.52 3.89 12.57
N GLY C 87 -18.79 2.63 12.24
CA GLY C 87 -19.41 2.25 10.97
C GLY C 87 -20.78 2.88 10.75
N SER C 88 -21.52 3.05 11.85
CA SER C 88 -22.82 3.69 11.80
C SER C 88 -23.60 3.64 13.10
N ARG C 89 -24.82 4.15 13.01
CA ARG C 89 -25.76 4.31 14.12
C ARG C 89 -26.20 2.99 14.76
N ASP C 90 -26.07 1.89 14.00
CA ASP C 90 -26.52 0.55 14.44
C ASP C 90 -25.38 -0.35 14.94
N ALA C 91 -24.14 0.04 14.64
CA ALA C 91 -22.94 -0.75 14.94
C ALA C 91 -22.91 -1.23 16.39
N TRP C 92 -23.43 -0.40 17.29
CA TRP C 92 -23.34 -0.63 18.73
C TRP C 92 -24.16 -1.83 19.22
N ARG C 93 -25.10 -2.29 18.40
CA ARG C 93 -26.11 -3.28 18.83
C ARG C 93 -25.56 -4.69 18.96
N THR C 94 -24.73 -5.11 18.01
CA THR C 94 -24.19 -6.47 17.98
C THR C 94 -22.65 -6.52 18.12
N PHE C 95 -22.04 -5.33 18.20
CA PHE C 95 -20.61 -5.17 18.47
C PHE C 95 -20.19 -5.74 19.84
N ASN C 96 -19.20 -6.63 19.81
CA ASN C 96 -18.53 -7.13 21.00
C ASN C 96 -17.00 -7.14 20.82
N VAL C 97 -16.27 -6.71 21.86
CA VAL C 97 -14.81 -6.86 21.94
C VAL C 97 -14.42 -7.29 23.35
N PHE C 98 -13.53 -8.28 23.46
CA PHE C 98 -13.07 -8.83 24.74
C PHE C 98 -14.20 -9.26 25.68
N GLY C 99 -15.26 -9.80 25.08
CA GLY C 99 -16.47 -10.21 25.81
C GLY C 99 -17.23 -9.02 26.38
N LEU C 100 -16.98 -7.84 25.80
CA LEU C 100 -17.60 -6.60 26.26
C LEU C 100 -18.45 -5.94 25.17
N SER C 101 -19.53 -5.28 25.60
CA SER C 101 -20.48 -4.59 24.72
C SER C 101 -21.00 -3.25 25.30
N TRP C 102 -21.35 -2.33 24.40
CA TRP C 102 -21.96 -1.03 24.75
C TRP C 102 -23.46 -1.16 25.11
N THR C 103 -23.91 -0.35 26.08
CA THR C 103 -25.30 -0.42 26.55
C THR C 103 -26.33 0.21 25.59
N ASP C 104 -25.94 1.32 24.95
CA ASP C 104 -26.80 2.08 24.03
C ASP C 104 -25.95 2.77 22.94
N GLU C 105 -26.59 3.61 22.13
CA GLU C 105 -25.93 4.34 21.02
C GLU C 105 -25.03 5.46 21.55
N GLY C 106 -25.44 6.02 22.69
CA GLY C 106 -24.68 7.07 23.36
C GLY C 106 -23.39 6.58 23.98
N LEU C 107 -23.20 5.25 23.92
CA LEU C 107 -22.02 4.57 24.48
C LEU C 107 -21.86 4.91 25.98
N SER C 108 -22.96 4.80 26.72
CA SER C 108 -22.99 5.25 28.12
C SER C 108 -22.30 4.32 29.11
N GLY C 109 -22.38 3.00 28.84
CA GLY C 109 -21.74 1.99 29.67
C GLY C 109 -21.19 0.85 28.85
N LEU C 110 -20.43 -0.02 29.51
CA LEU C 110 -19.92 -1.25 28.90
C LEU C 110 -20.28 -2.44 29.78
N VAL C 111 -20.90 -3.44 29.16
CA VAL C 111 -21.35 -4.66 29.85
C VAL C 111 -20.85 -5.90 29.11
N ALA C 112 -21.25 -7.08 29.58
CA ALA C 112 -20.77 -8.37 29.06
C ALA C 112 -21.55 -8.87 27.82
N ALA C 113 -20.87 -8.96 26.67
CA ALA C 113 -21.49 -9.43 25.43
C ALA C 113 -22.03 -10.87 25.53
N GLN C 114 -23.09 -11.16 24.78
CA GLN C 114 -23.68 -12.50 24.75
C GLN C 114 -22.66 -13.49 24.16
N ASP C 115 -22.76 -14.76 24.57
CA ASP C 115 -22.00 -15.85 23.91
C ASP C 115 -22.81 -17.14 23.66
N PRO C 116 -22.65 -17.76 22.47
CA PRO C 116 -21.85 -17.22 21.35
C PRO C 116 -22.23 -15.75 21.01
N PRO C 117 -21.23 -14.89 20.72
CA PRO C 117 -21.50 -13.49 20.37
C PRO C 117 -22.48 -13.34 19.20
N PRO C 118 -23.46 -12.41 19.31
CA PRO C 118 -24.35 -12.09 18.18
C PRO C 118 -23.59 -11.88 16.86
N ALA C 119 -22.55 -11.05 16.88
CA ALA C 119 -21.69 -10.91 15.70
C ALA C 119 -20.22 -11.27 15.98
N ALA C 120 -19.43 -11.36 14.91
CA ALA C 120 -18.02 -11.65 15.00
C ALA C 120 -17.39 -10.69 15.99
N PRO C 121 -16.51 -11.20 16.88
CA PRO C 121 -15.76 -10.34 17.82
C PRO C 121 -14.94 -9.28 17.06
N TYR C 122 -14.97 -8.05 17.55
CA TYR C 122 -14.15 -6.98 16.96
C TYR C 122 -12.64 -7.29 17.14
N GLN C 123 -11.85 -7.04 16.09
CA GLN C 123 -10.40 -7.16 16.23
C GLN C 123 -9.65 -5.82 16.08
N PRO C 124 -9.12 -5.29 17.21
CA PRO C 124 -8.40 -4.01 17.25
C PRO C 124 -7.31 -3.91 16.19
N ALA C 125 -7.15 -2.72 15.64
CA ALA C 125 -6.03 -2.46 14.74
C ALA C 125 -4.98 -1.79 15.57
N SER C 126 -3.76 -1.81 15.06
CA SER C 126 -2.61 -1.33 15.80
C SER C 126 -2.18 -0.02 15.17
N ALA C 127 -2.00 1.00 16.02
CA ALA C 127 -1.51 2.31 15.55
C ALA C 127 -2.33 2.85 14.39
N GLN C 128 -3.65 2.86 14.57
CA GLN C 128 -4.53 3.20 13.46
C GLN C 128 -5.22 4.55 13.72
N TRP C 129 -5.38 5.36 12.67
CA TRP C 129 -6.24 6.55 12.80
C TRP C 129 -7.71 6.25 12.53
N SER C 130 -8.57 6.77 13.40
CA SER C 130 -10.00 6.90 13.12
C SER C 130 -10.41 8.40 13.09
N ASP C 131 -11.44 8.71 12.31
CA ASP C 131 -12.11 10.01 12.44
C ASP C 131 -13.39 9.80 13.26
N LEU C 132 -13.42 10.40 14.46
CA LEU C 132 -14.50 10.20 15.41
C LEU C 132 -15.82 10.83 14.99
N LEU C 133 -15.76 11.83 14.10
CA LEU C 133 -17.00 12.40 13.53
C LEU C 133 -17.79 11.44 12.64
N ASN C 134 -17.14 10.34 12.21
CA ASN C 134 -17.80 9.24 11.50
C ASN C 134 -18.96 8.64 12.28
N TYR C 135 -18.90 8.73 13.61
CA TYR C 135 -20.02 8.24 14.44
C TYR C 135 -21.22 9.19 14.30
N PRO C 136 -22.37 8.68 13.78
CA PRO C 136 -23.47 9.60 13.46
C PRO C 136 -23.94 10.45 14.65
N ARG C 137 -24.02 9.85 15.84
CA ARG C 137 -24.49 10.56 17.05
C ARG C 137 -23.60 11.71 17.49
N TRP C 138 -22.29 11.57 17.28
CA TRP C 138 -21.35 12.62 17.65
C TRP C 138 -21.32 13.75 16.63
N ALA C 139 -21.58 13.43 15.37
CA ALA C 139 -21.59 14.44 14.29
C ALA C 139 -22.79 15.34 14.44
N ASN C 140 -23.85 14.78 15.02
CA ASN C 140 -25.09 15.49 15.26
C ASN C 140 -25.20 16.16 16.64
N ARG C 141 -24.72 15.51 17.70
CA ARG C 141 -24.54 16.20 18.99
C ARG C 141 -23.06 16.33 19.37
N ARG C 142 -22.41 17.41 18.91
CA ARG C 142 -20.97 17.62 19.15
C ARG C 142 -20.59 17.69 20.64
N ARG C 143 -21.45 18.33 21.45
CA ARG C 143 -21.34 18.34 22.93
C ARG C 143 -20.99 16.95 23.53
N GLU C 144 -21.58 15.90 22.95
CA GLU C 144 -21.33 14.53 23.41
C GLU C 144 -19.93 14.04 23.12
N LEU C 145 -19.41 14.31 21.93
CA LEU C 145 -18.01 14.01 21.63
C LEU C 145 -17.06 14.90 22.43
N GLN C 146 -17.35 16.21 22.45
CA GLN C 146 -16.51 17.19 23.18
C GLN C 146 -16.34 16.85 24.66
N SER C 147 -17.33 16.20 25.26
CA SER C 147 -17.23 15.79 26.66
C SER C 147 -16.26 14.62 26.89
N LYS C 148 -16.14 13.72 25.91
CA LYS C 148 -15.26 12.56 26.04
C LYS C 148 -13.91 12.78 25.37
N TYR C 149 -13.77 13.85 24.59
CA TYR C 149 -12.58 14.00 23.75
C TYR C 149 -11.23 14.23 24.48
N PRO C 150 -11.21 14.95 25.62
CA PRO C 150 -9.94 14.95 26.38
C PRO C 150 -9.39 13.56 26.77
N LEU C 151 -10.27 12.62 27.12
CA LEU C 151 -9.87 11.25 27.45
C LEU C 151 -9.31 10.48 26.26
N LEU C 152 -10.00 10.57 25.11
CA LEU C 152 -9.58 9.92 23.87
C LEU C 152 -8.34 10.58 23.24
N LEU C 153 -8.24 11.89 23.39
CA LEU C 153 -7.05 12.61 22.93
C LEU C 153 -5.83 12.31 23.85
N ARG C 154 -6.06 12.12 25.14
CA ARG C 154 -4.97 11.71 26.04
C ARG C 154 -4.36 10.36 25.62
N SER C 155 -5.24 9.38 25.44
CA SER C 155 -4.93 8.09 24.77
C SER C 155 -4.21 8.25 23.41
N THR C 156 -4.78 9.05 22.53
CA THR C 156 -4.17 9.39 21.23
C THR C 156 -2.73 9.86 21.42
N LEU C 157 -2.53 10.68 22.46
CA LEU C 157 -1.29 11.40 22.63
C LEU C 157 -0.24 10.51 23.25
N LEU C 158 -0.69 9.63 24.13
CA LEU C 158 0.19 8.67 24.75
C LEU C 158 0.68 7.64 23.72
N SER C 159 -0.24 7.15 22.88
CA SER C 159 0.07 6.18 21.79
C SER C 159 0.97 6.73 20.70
N ALA C 160 0.79 8.00 20.37
CA ALA C 160 1.63 8.68 19.36
C ALA C 160 3.01 9.06 19.88
N MET C 161 3.14 9.14 21.20
CA MET C 161 4.43 9.39 21.87
C MET C 161 5.36 8.15 21.84
N ARG C 162 6.64 8.38 21.54
CA ARG C 162 7.62 7.30 21.55
C ARG C 162 7.83 6.80 22.97
N ALA C 163 7.87 7.74 23.92
CA ALA C 163 8.15 7.45 25.31
C ALA C 163 7.00 7.85 26.23
N GLY C 164 7.30 8.71 27.21
CA GLY C 164 6.32 9.20 28.15
C GLY C 164 5.43 10.29 27.56
N PRO C 165 4.36 10.65 28.29
CA PRO C 165 3.35 11.60 27.79
C PRO C 165 3.82 13.05 27.64
N VAL C 166 3.20 13.75 26.69
CA VAL C 166 3.60 15.12 26.31
C VAL C 166 2.84 16.17 27.15
N LEU C 167 3.52 17.28 27.38
CA LEU C 167 3.00 18.48 28.06
C LEU C 167 2.90 19.66 27.08
N TYR C 168 1.77 20.37 27.13
CA TYR C 168 1.54 21.64 26.40
C TYR C 168 2.07 22.80 27.27
N VAL C 169 3.20 23.39 26.83
CA VAL C 169 3.97 24.36 27.67
C VAL C 169 4.00 25.77 27.05
N GLU C 170 3.22 26.65 27.64
CA GLU C 170 3.11 28.03 27.14
C GLU C 170 3.29 29.09 28.21
N THR C 171 4.09 30.10 27.87
CA THR C 171 4.18 31.34 28.65
C THR C 171 3.89 32.57 27.77
N TRP C 172 3.35 33.61 28.40
CA TRP C 172 3.08 34.88 27.74
C TRP C 172 3.27 36.05 28.71
N PRO C 173 3.41 37.30 28.18
CA PRO C 173 3.58 38.45 29.07
C PRO C 173 2.43 38.60 30.08
N ASN C 174 2.78 39.01 31.31
CA ASN C 174 1.88 38.91 32.49
C ASN C 174 0.75 37.95 32.33
N MET C 175 1.11 36.68 32.11
CA MET C 175 0.14 35.59 32.12
C MET C 175 -0.65 35.62 33.43
N ILE C 176 0.08 35.63 34.54
CA ILE C 176 -0.54 35.65 35.86
C ILE C 176 -0.86 37.08 36.30
N SER C 177 -1.97 37.62 35.80
CA SER C 177 -2.49 38.92 36.25
C SER C 177 -4.02 38.94 36.18
N GLY C 178 -4.64 40.03 36.64
CA GLY C 178 -6.09 40.14 36.62
C GLY C 178 -6.74 38.98 37.36
N ARG C 179 -7.80 38.41 36.77
CA ARG C 179 -8.56 37.29 37.34
C ARG C 179 -7.72 36.04 37.58
N LEU C 180 -6.77 35.78 36.67
CA LEU C 180 -5.88 34.64 36.78
C LEU C 180 -5.09 34.75 38.09
N ALA C 181 -4.37 35.87 38.27
CA ALA C 181 -3.61 36.14 39.51
C ALA C 181 -4.43 35.88 40.79
N ASP C 182 -5.69 36.31 40.82
CA ASP C 182 -6.54 36.13 42.02
C ASP C 182 -6.89 34.65 42.22
N TRP C 183 -7.06 33.94 41.10
CA TRP C 183 -7.33 32.52 41.09
C TRP C 183 -6.18 31.73 41.66
N PHE C 184 -4.98 32.06 41.21
CA PHE C 184 -3.75 31.48 41.74
C PHE C 184 -3.61 31.76 43.24
N MET C 185 -3.77 33.03 43.62
CA MET C 185 -3.66 33.42 45.03
C MET C 185 -4.64 32.65 45.93
N SER C 186 -5.83 32.34 45.41
CA SER C 186 -6.80 31.47 46.12
C SER C 186 -6.30 30.03 46.32
N GLN C 187 -5.29 29.62 45.55
CA GLN C 187 -4.70 28.29 45.66
C GLN C 187 -3.40 28.28 46.47
N TYR C 188 -3.10 29.39 47.13
CA TYR C 188 -1.89 29.53 47.93
C TYR C 188 -1.72 28.34 48.86
N GLY C 189 -0.52 27.76 48.90
CA GLY C 189 -0.27 26.62 49.78
C GLY C 189 -0.72 25.26 49.24
N ASN C 190 -1.70 25.24 48.34
CA ASN C 190 -2.17 23.98 47.77
C ASN C 190 -1.12 23.21 47.00
N ASN C 191 -1.42 21.93 46.81
CA ASN C 191 -0.57 20.97 46.14
C ASN C 191 -0.92 20.93 44.65
N PHE C 192 0.10 20.86 43.80
CA PHE C 192 -0.09 20.98 42.35
C PHE C 192 -1.10 19.99 41.73
N VAL C 193 -1.04 18.74 42.18
CA VAL C 193 -1.86 17.64 41.65
C VAL C 193 -3.34 17.75 42.07
N ASP C 194 -3.57 18.12 43.33
CA ASP C 194 -4.88 18.59 43.82
C ASP C 194 -5.46 19.74 43.00
N MET C 195 -4.62 20.74 42.70
CA MET C 195 -5.01 21.86 41.86
C MET C 195 -5.49 21.37 40.48
N CYS C 196 -4.70 20.48 39.85
CA CYS C 196 -5.04 19.90 38.53
C CYS C 196 -6.36 19.14 38.52
N ALA C 197 -6.58 18.38 39.59
CA ALA C 197 -7.78 17.56 39.77
C ALA C 197 -9.05 18.38 40.18
N ARG C 198 -8.84 19.58 40.72
CA ARG C 198 -9.94 20.53 40.96
C ARG C 198 -10.41 21.09 39.61
N LEU C 199 -9.47 21.39 38.72
CA LEU C 199 -9.76 21.91 37.36
C LEU C 199 -10.44 20.92 36.43
N THR C 200 -10.06 19.64 36.48
CA THR C 200 -10.81 18.58 35.75
C THR C 200 -12.26 18.69 36.14
N GLN C 201 -12.50 18.42 37.43
CA GLN C 201 -13.72 18.71 38.17
C GLN C 201 -14.54 19.90 37.66
N SER C 202 -13.88 21.05 37.48
CA SER C 202 -14.52 22.29 37.00
C SER C 202 -14.74 22.30 35.47
N CYS C 203 -13.79 21.73 34.72
CA CYS C 203 -13.91 21.63 33.25
C CYS C 203 -14.78 20.45 32.77
N SER C 204 -15.56 19.86 33.69
CA SER C 204 -16.40 18.67 33.40
C SER C 204 -17.54 18.90 32.40
N ASN C 205 -18.29 19.99 32.59
CA ASN C 205 -19.15 20.48 31.51
C ASN C 205 -18.28 21.11 30.41
N MET C 206 -18.05 20.34 29.34
CA MET C 206 -17.03 20.68 28.34
C MET C 206 -17.21 21.94 27.49
N PRO C 207 -18.27 22.74 27.75
CA PRO C 207 -18.16 24.20 27.67
C PRO C 207 -16.78 24.78 28.05
N VAL C 208 -15.73 24.28 27.39
CA VAL C 208 -14.35 24.79 27.53
C VAL C 208 -13.93 25.50 26.22
N GLU C 209 -13.80 26.82 26.29
CA GLU C 209 -13.47 27.66 25.13
C GLU C 209 -12.00 28.09 25.22
N PRO C 210 -11.25 27.98 24.09
CA PRO C 210 -9.85 28.41 24.10
C PRO C 210 -9.71 29.91 24.38
N ASP C 211 -8.79 30.24 25.30
CA ASP C 211 -8.66 31.58 25.92
C ASP C 211 -9.72 31.90 26.99
N GLY C 212 -10.65 30.99 27.22
CA GLY C 212 -11.55 31.10 28.34
C GLY C 212 -10.76 31.14 29.63
N ASN C 213 -11.45 31.31 30.74
CA ASN C 213 -10.77 31.40 32.03
C ASN C 213 -10.09 30.10 32.40
N TYR C 214 -10.80 28.99 32.21
CA TYR C 214 -10.28 27.64 32.48
C TYR C 214 -9.06 27.30 31.62
N ASP C 215 -9.12 27.66 30.35
CA ASP C 215 -8.07 27.37 29.40
C ASP C 215 -6.79 28.02 29.83
N GLN C 216 -6.86 29.32 30.10
CA GLN C 216 -5.73 30.11 30.61
C GLN C 216 -5.16 29.60 31.94
N GLN C 217 -6.02 29.31 32.90
CA GLN C 217 -5.65 28.68 34.14
C GLN C 217 -4.83 27.41 33.90
N MET C 218 -5.33 26.51 33.06
CA MET C 218 -4.67 25.25 32.79
C MET C 218 -3.29 25.44 32.19
N ARG C 219 -3.20 26.31 31.19
CA ARG C 219 -1.96 26.57 30.53
C ARG C 219 -0.96 27.27 31.46
N ALA C 220 -1.42 28.20 32.28
CA ALA C 220 -0.51 28.87 33.25
C ALA C 220 -0.09 27.94 34.42
N LEU C 221 -1.01 27.12 34.89
CA LEU C 221 -0.70 26.09 35.89
C LEU C 221 0.40 25.13 35.43
N ILE C 222 0.28 24.60 34.21
CA ILE C 222 1.27 23.66 33.64
C ILE C 222 2.65 24.28 33.60
N SER C 223 2.78 25.44 32.97
CA SER C 223 4.12 26.01 32.75
C SER C 223 4.76 26.61 34.01
N LEU C 224 3.96 27.13 34.93
CA LEU C 224 4.47 27.59 36.24
C LEU C 224 4.98 26.40 37.07
N TRP C 225 4.27 25.27 37.01
CA TRP C 225 4.72 24.03 37.65
C TRP C 225 6.00 23.50 37.04
N LEU C 226 6.05 23.44 35.71
CA LEU C 226 7.18 22.85 35.01
C LEU C 226 8.46 23.68 35.15
N LEU C 227 8.32 25.02 35.18
CA LEU C 227 9.48 25.89 35.40
C LEU C 227 10.05 25.82 36.85
N SER C 228 9.15 25.60 37.82
CA SER C 228 9.52 25.20 39.18
C SER C 228 10.25 23.85 39.21
N TYR C 229 9.71 22.90 38.44
CA TYR C 229 10.16 21.50 38.36
C TYR C 229 11.60 21.37 37.92
N ILE C 230 11.95 22.16 36.91
CA ILE C 230 13.30 22.19 36.36
C ILE C 230 14.17 23.26 37.11
N GLY C 231 13.59 23.90 38.12
CA GLY C 231 14.32 24.82 39.00
C GLY C 231 14.50 26.30 38.64
N VAL C 232 14.25 26.70 37.38
CA VAL C 232 14.42 28.12 36.98
C VAL C 232 13.44 29.11 37.64
N VAL C 233 12.24 28.62 37.96
CA VAL C 233 11.30 29.34 38.78
C VAL C 233 11.36 28.76 40.19
N ASN C 234 11.61 29.63 41.15
CA ASN C 234 11.85 29.23 42.52
C ASN C 234 11.56 30.42 43.40
N GLN C 235 12.03 30.40 44.64
CA GLN C 235 11.67 31.44 45.57
C GLN C 235 12.25 32.78 45.16
N THR C 236 13.45 32.75 44.56
CA THR C 236 14.24 33.93 44.18
C THR C 236 13.91 34.43 42.77
N ASN C 237 13.08 33.66 42.05
CA ASN C 237 12.70 33.91 40.68
C ASN C 237 11.24 33.41 40.47
N THR C 238 10.28 34.28 40.79
CA THR C 238 8.85 33.97 40.74
C THR C 238 8.16 34.44 39.45
N ILE C 239 6.94 33.94 39.22
CA ILE C 239 6.05 34.48 38.22
C ILE C 239 4.89 35.20 38.92
N SER C 240 4.97 36.55 38.87
CA SER C 240 4.03 37.44 39.54
C SER C 240 3.81 37.06 40.98
N GLY C 241 4.91 36.65 41.63
CA GLY C 241 4.93 36.32 43.03
C GLY C 241 4.99 34.83 43.31
N PHE C 242 4.50 34.04 42.34
CA PHE C 242 4.23 32.58 42.50
C PHE C 242 5.34 31.70 41.99
N TYR C 243 5.42 30.55 42.65
CA TYR C 243 6.33 29.46 42.30
C TYR C 243 5.81 28.23 43.02
N PHE C 244 6.25 27.06 42.59
CA PHE C 244 5.97 25.82 43.30
C PHE C 244 7.19 25.39 44.07
N SER C 245 6.98 24.87 45.27
CA SER C 245 8.08 24.38 46.08
C SER C 245 7.90 22.93 46.46
N SER C 246 9.02 22.21 46.52
CA SER C 246 9.04 20.84 47.04
C SER C 246 10.19 20.64 48.04
N LYS C 247 9.85 20.14 49.24
CA LYS C 247 10.84 19.83 50.28
C LYS C 247 11.92 18.88 49.78
N THR C 248 11.50 17.85 49.05
CA THR C 248 12.42 16.94 48.38
C THR C 248 12.34 17.08 46.85
N ARG C 249 13.44 16.78 46.18
CA ARG C 249 13.44 16.72 44.74
C ARG C 249 13.97 15.40 44.18
N GLY C 250 13.07 14.66 43.52
CA GLY C 250 13.45 13.50 42.70
C GLY C 250 13.35 12.18 43.43
N GLN C 251 12.30 12.02 44.21
CA GLN C 251 12.32 11.09 45.30
C GLN C 251 10.87 10.78 45.64
N ALA C 252 10.63 9.63 46.27
CA ALA C 252 9.30 9.20 46.72
C ALA C 252 8.45 10.34 47.31
N LEU C 253 9.08 11.25 48.05
CA LEU C 253 8.34 12.26 48.79
C LEU C 253 8.20 13.67 48.11
N ASP C 254 8.49 13.75 46.80
CA ASP C 254 8.26 14.96 45.99
C ASP C 254 6.82 15.43 46.13
N SER C 255 6.65 16.70 46.44
CA SER C 255 5.33 17.28 46.54
C SER C 255 5.49 18.76 46.31
N TRP C 256 4.80 19.23 45.27
CA TRP C 256 4.87 20.63 44.82
C TRP C 256 3.73 21.42 45.41
N THR C 257 4.09 22.36 46.27
CA THR C 257 3.15 23.28 46.91
C THR C 257 3.31 24.68 46.30
N LEU C 258 2.19 25.30 45.95
CA LEU C 258 2.18 26.70 45.47
C LEU C 258 2.48 27.70 46.60
N PHE C 259 3.53 28.49 46.43
CA PHE C 259 3.78 29.62 47.33
C PHE C 259 3.85 31.00 46.61
N TYR C 260 3.80 32.07 47.41
CA TYR C 260 3.75 33.44 46.94
C TYR C 260 4.76 34.36 47.66
N THR C 261 5.48 35.14 46.85
CA THR C 261 6.47 36.12 47.28
C THR C 261 5.96 37.54 46.97
N THR C 262 6.02 38.40 47.99
CA THR C 262 5.83 39.84 47.84
C THR C 262 7.16 40.49 47.44
N ASN C 263 8.27 39.93 47.96
CA ASN C 263 9.57 40.63 48.05
C ASN C 263 10.73 40.10 47.21
N THR C 264 10.52 39.04 46.42
CA THR C 264 11.59 38.51 45.56
C THR C 264 11.38 38.79 44.07
N ASN C 265 12.49 38.65 43.34
CA ASN C 265 12.60 38.97 41.94
C ASN C 265 11.50 38.34 41.07
N ARG C 266 10.84 39.17 40.28
CA ARG C 266 9.80 38.70 39.39
C ARG C 266 10.29 38.69 37.96
N VAL C 267 10.08 37.53 37.35
CA VAL C 267 10.32 37.29 35.94
C VAL C 267 9.57 38.37 35.12
N GLN C 268 10.22 38.92 34.10
CA GLN C 268 9.56 39.86 33.18
C GLN C 268 9.37 39.24 31.78
N ILE C 269 8.20 38.62 31.57
CA ILE C 269 7.97 37.89 30.32
C ILE C 269 7.69 38.86 29.17
N THR C 270 8.56 38.83 28.17
CA THR C 270 8.54 39.78 27.09
C THR C 270 7.66 39.30 25.96
N GLN C 271 7.85 38.03 25.58
CA GLN C 271 7.15 37.47 24.45
C GLN C 271 6.44 36.16 24.79
N ARG C 272 5.64 35.67 23.85
CA ARG C 272 4.96 34.37 23.99
C ARG C 272 5.94 33.24 23.63
N HIS C 273 5.98 32.22 24.49
CA HIS C 273 6.83 31.06 24.27
C HIS C 273 5.95 29.82 24.23
N PHE C 274 6.25 28.89 23.32
CA PHE C 274 5.55 27.60 23.27
C PHE C 274 6.50 26.40 23.05
N ALA C 275 6.30 25.35 23.84
CA ALA C 275 6.96 24.09 23.54
C ALA C 275 6.06 22.88 23.85
N TYR C 276 6.31 21.79 23.14
CA TYR C 276 5.87 20.47 23.59
C TYR C 276 7.01 19.79 24.32
N VAL C 277 6.71 19.20 25.48
CA VAL C 277 7.74 18.48 26.23
C VAL C 277 7.20 17.16 26.83
N CYS C 278 7.87 16.06 26.52
CA CYS C 278 7.46 14.76 27.06
C CYS C 278 8.49 14.21 28.03
N ALA C 279 8.07 13.23 28.81
CA ALA C 279 8.98 12.49 29.68
C ALA C 279 9.70 11.40 28.86
N ARG C 280 11.03 11.45 28.83
CA ARG C 280 11.88 10.45 28.12
C ARG C 280 11.96 9.12 28.84
N SER C 281 12.27 9.19 30.13
CA SER C 281 12.62 8.07 30.94
C SER C 281 11.33 7.41 31.46
N PRO C 282 11.35 6.06 31.65
CA PRO C 282 10.20 5.28 32.15
C PRO C 282 9.75 5.61 33.56
N ASP C 283 10.57 6.32 34.33
CA ASP C 283 10.16 6.76 35.68
C ASP C 283 9.00 7.77 35.66
N TRP C 284 8.61 8.24 34.47
CA TRP C 284 7.37 9.03 34.35
C TRP C 284 6.17 8.29 34.92
N ASN C 285 6.20 6.94 34.86
CA ASN C 285 5.14 6.09 35.40
C ASN C 285 4.87 6.33 36.88
N VAL C 286 5.89 6.81 37.58
CA VAL C 286 5.81 7.01 39.02
C VAL C 286 5.50 8.51 39.40
N ASP C 287 5.53 9.37 38.38
CA ASP C 287 5.54 10.81 38.56
C ASP C 287 4.13 11.39 38.41
N LYS C 288 3.41 11.41 39.53
CA LYS C 288 2.01 11.84 39.62
C LYS C 288 1.78 13.31 39.23
N SER C 289 2.79 14.15 39.46
CA SER C 289 2.75 15.56 39.03
C SER C 289 2.84 15.72 37.51
N TRP C 290 3.78 15.03 36.88
CA TRP C 290 3.91 15.03 35.40
C TRP C 290 2.63 14.53 34.71
N ILE C 291 2.01 13.54 35.34
CA ILE C 291 0.84 12.87 34.79
C ILE C 291 -0.42 13.73 34.96
N ALA C 292 -0.48 14.49 36.05
CA ALA C 292 -1.58 15.44 36.28
C ALA C 292 -1.46 16.62 35.28
N ALA C 293 -0.22 17.03 35.01
CA ALA C 293 0.11 17.97 33.96
C ALA C 293 -0.19 17.41 32.56
N ALA C 294 0.00 16.09 32.37
CA ALA C 294 -0.31 15.43 31.10
C ALA C 294 -1.82 15.33 30.87
N ASN C 295 -2.56 15.11 31.94
CA ASN C 295 -4.02 15.13 31.91
C ASN C 295 -4.58 16.51 31.56
N LEU C 296 -4.02 17.58 32.16
CA LEU C 296 -4.43 18.95 31.85
C LEU C 296 -4.04 19.33 30.42
N THR C 297 -2.89 18.87 29.97
CA THR C 297 -2.50 18.98 28.55
C THR C 297 -3.53 18.44 27.57
N ALA C 298 -4.12 17.29 27.88
CA ALA C 298 -5.10 16.68 26.99
C ALA C 298 -6.31 17.61 26.87
N ILE C 299 -6.75 18.19 28.00
CA ILE C 299 -7.88 19.15 28.01
C ILE C 299 -7.60 20.45 27.22
N VAL C 300 -6.49 21.11 27.51
CA VAL C 300 -6.00 22.25 26.77
C VAL C 300 -6.00 21.99 25.26
N MET C 301 -5.45 20.85 24.85
CA MET C 301 -5.36 20.52 23.41
C MET C 301 -6.68 20.04 22.83
N ALA C 302 -7.54 19.46 23.65
CA ALA C 302 -8.88 19.02 23.20
C ALA C 302 -9.77 20.17 22.67
N CYS C 303 -9.71 21.32 23.37
CA CYS C 303 -10.64 22.43 23.11
C CYS C 303 -10.23 23.34 21.94
N ARG C 304 -9.02 23.15 21.41
CA ARG C 304 -8.52 23.98 20.28
C ARG C 304 -7.91 23.13 19.16
N GLN C 305 -7.58 23.75 18.04
CA GLN C 305 -6.63 23.12 17.13
C GLN C 305 -5.22 23.51 17.60
N PRO C 306 -4.54 22.63 18.35
CA PRO C 306 -3.23 23.02 18.91
C PRO C 306 -2.13 22.98 17.82
N PRO C 307 -0.91 23.48 18.12
CA PRO C 307 0.20 23.39 17.15
C PRO C 307 0.53 21.94 16.74
N VAL C 308 0.81 21.73 15.46
CA VAL C 308 1.05 20.41 14.88
C VAL C 308 2.46 19.92 15.30
N PHE C 309 2.56 18.64 15.68
CA PHE C 309 3.84 18.02 16.05
C PHE C 309 4.76 17.84 14.84
N ALA C 310 6.06 18.07 15.03
CA ALA C 310 7.07 17.48 14.13
C ALA C 310 6.85 15.97 14.03
N ASN C 311 6.92 15.44 12.81
CA ASN C 311 6.90 13.99 12.59
C ASN C 311 7.85 13.18 13.45
N GLN C 312 9.06 13.71 13.66
CA GLN C 312 10.06 13.05 14.52
C GLN C 312 9.59 12.97 15.96
N GLY C 313 8.75 13.93 16.34
CA GLY C 313 8.20 14.02 17.69
C GLY C 313 7.30 12.84 18.01
N VAL C 314 6.81 12.21 16.95
CA VAL C 314 5.89 11.08 17.09
C VAL C 314 6.47 9.80 16.46
N ILE C 315 5.97 8.64 16.88
CA ILE C 315 6.29 7.34 16.24
C ILE C 315 5.83 7.25 14.78
N ASN C 316 6.54 6.46 13.97
CA ASN C 316 6.38 6.44 12.50
C ASN C 316 4.92 6.36 12.05
N GLN C 317 4.12 5.49 12.67
CA GLN C 317 2.72 5.30 12.26
C GLN C 317 1.81 6.50 12.57
N ALA C 318 2.25 7.36 13.48
CA ALA C 318 1.48 8.56 13.89
C ALA C 318 1.85 9.74 13.03
N GLN C 319 2.81 9.54 12.12
CA GLN C 319 3.34 10.62 11.30
C GLN C 319 2.41 10.95 10.13
N ASN C 320 2.53 12.18 9.62
CA ASN C 320 1.74 12.66 8.49
C ASN C 320 0.21 12.50 8.66
N ARG C 321 -0.29 12.86 9.84
CA ARG C 321 -1.72 13.01 10.07
C ARG C 321 -2.02 14.52 10.03
N PRO C 322 -2.76 14.98 9.02
CA PRO C 322 -3.09 16.41 8.92
C PRO C 322 -3.74 16.92 10.23
N GLY C 323 -3.26 18.06 10.71
CA GLY C 323 -3.78 18.66 11.93
C GLY C 323 -3.08 18.16 13.20
N PHE C 324 -2.37 17.03 13.10
CA PHE C 324 -1.71 16.39 14.22
C PHE C 324 -0.18 16.33 14.08
N SER C 325 0.31 15.65 13.03
CA SER C 325 1.74 15.51 12.75
C SER C 325 2.05 15.95 11.31
N MET C 326 3.22 16.52 11.10
CA MET C 326 3.63 16.92 9.75
C MET C 326 5.10 17.24 9.78
N ASN C 327 5.69 17.32 8.58
CA ASN C 327 7.10 17.65 8.43
C ASN C 327 7.33 19.11 8.75
N GLY C 328 8.14 19.37 9.77
CA GLY C 328 8.44 20.72 10.18
C GLY C 328 7.45 21.26 11.17
N GLY C 329 6.78 20.37 11.90
CA GLY C 329 5.84 20.78 12.95
C GLY C 329 6.59 21.28 14.17
N THR C 330 5.88 21.51 15.27
CA THR C 330 6.51 21.87 16.53
C THR C 330 7.31 20.65 17.08
N PRO C 331 8.66 20.84 17.25
CA PRO C 331 9.50 19.81 17.85
C PRO C 331 8.98 19.37 19.21
N VAL C 332 9.24 18.10 19.57
CA VAL C 332 8.83 17.56 20.88
C VAL C 332 10.04 17.33 21.78
N HIS C 333 10.21 18.21 22.77
CA HIS C 333 11.36 18.10 23.66
C HIS C 333 11.14 17.03 24.71
N GLU C 334 12.23 16.39 25.10
CA GLU C 334 12.18 15.32 26.09
C GLU C 334 13.00 15.71 27.33
N LEU C 335 12.49 15.31 28.49
CA LEU C 335 13.24 15.36 29.71
C LEU C 335 13.44 13.95 30.28
N ASN C 336 14.72 13.55 30.43
CA ASN C 336 15.05 12.50 31.38
C ASN C 336 14.77 13.00 32.79
N LEU C 337 13.94 12.28 33.53
CA LEU C 337 13.41 12.81 34.77
C LEU C 337 14.38 12.84 35.97
N LEU C 338 15.43 12.00 35.93
CA LEU C 338 16.50 12.08 36.90
C LEU C 338 17.49 13.21 36.56
N THR C 339 17.93 13.30 35.32
CA THR C 339 18.79 14.39 34.92
C THR C 339 18.14 15.75 35.31
N THR C 340 16.81 15.77 35.30
CA THR C 340 16.02 16.95 35.57
C THR C 340 15.97 17.26 37.08
N ALA C 341 15.84 16.21 37.88
CA ALA C 341 15.91 16.31 39.35
C ALA C 341 17.26 16.90 39.77
N GLN C 342 18.33 16.25 39.31
CA GLN C 342 19.72 16.68 39.50
C GLN C 342 19.94 18.13 39.09
N GLU C 343 19.33 18.54 37.98
CA GLU C 343 19.46 19.92 37.50
C GLU C 343 18.64 20.93 38.31
N CYS C 344 17.46 20.51 38.78
CA CYS C 344 16.62 21.36 39.62
C CYS C 344 17.29 21.64 40.97
N ILE C 345 17.90 20.58 41.53
CA ILE C 345 18.60 20.65 42.81
C ILE C 345 19.80 21.61 42.73
N ARG C 346 20.45 21.63 41.58
CA ARG C 346 21.58 22.50 41.27
C ARG C 346 21.20 23.97 41.03
N GLN C 347 20.04 24.20 40.41
CA GLN C 347 19.46 25.53 40.33
C GLN C 347 19.18 26.04 41.75
N TRP C 348 18.74 25.13 42.61
CA TRP C 348 18.52 25.41 44.03
C TRP C 348 19.80 25.76 44.81
N VAL C 349 20.90 25.07 44.53
CA VAL C 349 22.20 25.41 45.13
C VAL C 349 22.69 26.82 44.71
N MET C 350 22.54 27.14 43.42
CA MET C 350 22.94 28.43 42.91
C MET C 350 22.10 29.57 43.52
N ALA C 351 20.78 29.49 43.37
CA ALA C 351 19.89 30.48 43.98
C ALA C 351 20.24 30.65 45.45
N GLY C 352 20.86 29.63 46.04
CA GLY C 352 21.26 29.64 47.43
C GLY C 352 20.18 29.21 48.38
N LEU C 353 19.20 28.43 47.86
CA LEU C 353 18.07 27.94 48.68
C LEU C 353 18.41 26.69 49.51
N VAL C 354 19.47 26.00 49.11
CA VAL C 354 20.00 24.83 49.82
C VAL C 354 21.55 24.98 49.90
N SER C 355 22.14 24.49 51.01
CA SER C 355 23.61 24.31 51.11
C SER C 355 24.15 23.46 49.95
N ALA C 356 25.38 23.73 49.51
CA ALA C 356 26.03 22.89 48.48
C ALA C 356 26.25 21.45 48.97
N ALA C 357 26.04 21.25 50.27
CA ALA C 357 26.13 19.94 50.91
C ALA C 357 24.74 19.33 51.13
N LYS C 358 23.73 20.19 51.17
CA LYS C 358 22.33 19.78 51.08
C LYS C 358 21.97 19.34 49.66
N GLY C 359 22.53 20.04 48.67
CA GLY C 359 22.39 19.67 47.25
C GLY C 359 23.31 18.53 46.83
N GLN C 360 23.94 17.90 47.81
CA GLN C 360 24.64 16.61 47.65
C GLN C 360 23.77 15.53 48.26
N ALA C 361 23.26 15.81 49.46
CA ALA C 361 22.29 14.93 50.10
C ALA C 361 21.15 14.64 49.14
N LEU C 362 20.61 15.71 48.54
CA LEU C 362 19.39 15.65 47.71
C LEU C 362 19.59 14.86 46.42
N THR C 363 20.70 15.15 45.75
CA THR C 363 21.11 14.45 44.56
C THR C 363 21.28 12.94 44.81
N GLN C 364 21.82 12.57 45.97
CA GLN C 364 21.99 11.16 46.36
C GLN C 364 20.65 10.46 46.57
N GLU C 365 19.78 11.05 47.36
CA GLU C 365 18.43 10.52 47.58
C GLU C 365 17.68 10.29 46.25
N ALA C 366 17.96 11.12 45.25
CA ALA C 366 17.31 11.04 43.94
C ALA C 366 17.87 9.85 43.17
N ASN C 367 19.19 9.88 42.98
CA ASN C 367 19.95 8.76 42.44
C ASN C 367 19.54 7.41 43.05
N ASP C 368 19.54 7.31 44.38
CA ASP C 368 19.10 6.11 45.11
C ASP C 368 17.70 5.62 44.75
N PHE C 369 16.76 6.56 44.64
CA PHE C 369 15.37 6.24 44.29
C PHE C 369 15.25 5.91 42.78
N SER C 370 16.09 6.55 41.97
CA SER C 370 16.10 6.28 40.53
C SER C 370 16.47 4.83 40.18
N ASN C 371 17.65 4.39 40.64
CA ASN C 371 18.08 3.00 40.52
C ASN C 371 17.07 2.04 41.09
N LEU C 372 16.43 2.44 42.18
CA LEU C 372 15.42 1.62 42.79
C LEU C 372 14.24 1.47 41.82
N ILE C 373 13.74 2.60 41.32
CA ILE C 373 12.59 2.63 40.41
C ILE C 373 12.96 2.04 39.06
N GLN C 374 14.20 2.25 38.63
CA GLN C 374 14.66 1.69 37.40
C GLN C 374 14.72 0.16 37.48
N ALA C 375 15.00 -0.36 38.66
CA ALA C 375 15.04 -1.79 38.89
C ALA C 375 13.63 -2.42 38.83
N ASP C 376 12.65 -1.82 39.53
CA ASP C 376 11.31 -2.40 39.56
C ASP C 376 10.64 -2.33 38.18
N LEU C 377 10.90 -1.25 37.44
CA LEU C 377 10.36 -1.07 36.09
C LEU C 377 10.98 -2.07 35.10
N GLY C 378 12.30 -2.26 35.18
CA GLY C 378 12.98 -3.35 34.45
C GLY C 378 12.32 -4.71 34.69
N GLN C 379 11.92 -4.98 35.93
CA GLN C 379 11.19 -6.18 36.29
C GLN C 379 9.87 -6.29 35.51
N ILE C 380 9.10 -5.21 35.52
CA ILE C 380 7.84 -5.16 34.78
C ILE C 380 8.05 -5.25 33.27
N LYS C 381 9.01 -4.51 32.73
CA LYS C 381 9.35 -4.64 31.32
C LYS C 381 9.71 -6.08 30.93
N ALA C 382 10.63 -6.72 31.68
CA ALA C 382 11.15 -8.04 31.33
C ALA C 382 10.08 -9.14 31.41
N GLN C 383 9.28 -9.08 32.47
CA GLN C 383 8.13 -9.94 32.64
C GLN C 383 6.98 -9.67 31.66
N ASP C 384 6.55 -8.40 31.53
CA ASP C 384 5.48 -8.07 30.58
C ASP C 384 5.87 -8.49 29.15
N ASP C 385 7.10 -8.21 28.73
CA ASP C 385 7.55 -8.53 27.35
C ASP C 385 7.53 -10.03 27.03
N ALA C 386 7.93 -10.84 28.01
CA ALA C 386 8.04 -12.28 27.83
C ALA C 386 6.65 -12.90 27.83
N LEU C 387 5.83 -12.45 28.78
CA LEU C 387 4.46 -12.95 28.91
C LEU C 387 3.49 -12.50 27.79
N TYR C 388 3.69 -11.30 27.23
CA TYR C 388 2.86 -10.85 26.11
C TYR C 388 3.23 -11.62 24.83
N ASN C 389 4.55 -11.73 24.62
CA ASN C 389 5.19 -12.46 23.52
C ASN C 389 4.83 -13.95 23.49
N GLN C 390 4.63 -14.55 24.66
CA GLN C 390 4.49 -16.00 24.76
C GLN C 390 3.10 -16.45 25.13
N GLN C 391 2.49 -15.80 26.13
CA GLN C 391 1.17 -16.21 26.61
C GLN C 391 -0.01 -15.52 25.88
N PRO C 392 -1.01 -16.32 25.44
CA PRO C 392 -2.26 -15.82 24.87
C PRO C 392 -3.11 -14.97 25.84
N GLY C 393 -3.52 -13.78 25.39
CA GLY C 393 -4.41 -12.91 26.18
C GLY C 393 -3.78 -12.30 27.42
N TYR C 394 -2.50 -11.95 27.31
CA TYR C 394 -1.80 -11.33 28.43
C TYR C 394 -1.99 -9.79 28.48
N ALA C 395 -2.35 -9.29 29.67
CA ALA C 395 -2.55 -7.85 29.91
C ALA C 395 -1.28 -7.11 30.44
N ARG C 396 -0.69 -6.27 29.61
CA ARG C 396 0.41 -5.39 30.04
C ARG C 396 0.02 -4.43 31.20
N ARG C 397 0.92 -4.30 32.19
CA ARG C 397 0.74 -3.40 33.33
C ARG C 397 1.16 -1.93 33.03
N ILE C 398 2.06 -1.72 32.06
CA ILE C 398 2.54 -0.39 31.68
C ILE C 398 2.85 -0.29 30.19
N LYS C 399 2.92 0.92 29.68
CA LYS C 399 3.36 1.12 28.33
C LYS C 399 4.74 0.48 28.08
N PRO C 400 4.86 -0.38 27.04
CA PRO C 400 6.20 -0.81 26.65
C PRO C 400 7.15 0.38 26.50
N PHE C 401 8.37 0.20 27.00
CA PHE C 401 9.46 1.15 26.82
C PHE C 401 10.74 0.41 26.36
N VAL C 402 11.79 1.15 26.07
CA VAL C 402 13.10 0.57 25.84
C VAL C 402 14.08 1.07 26.92
N ASN C 403 15.15 0.31 27.16
CA ASN C 403 16.11 0.64 28.21
C ASN C 403 17.02 1.80 27.82
N GLY C 404 17.05 2.13 26.53
CA GLY C 404 17.71 3.33 26.05
C GLY C 404 17.03 4.59 26.58
N ASP C 405 15.79 4.46 27.05
CA ASP C 405 15.00 5.59 27.58
C ASP C 405 15.54 6.14 28.89
N TRP C 406 16.42 5.36 29.53
CA TRP C 406 17.01 5.75 30.79
C TRP C 406 18.25 6.63 30.60
N THR C 407 18.74 6.79 29.38
CA THR C 407 19.82 7.73 29.13
C THR C 407 19.25 9.16 29.12
N PRO C 408 20.15 10.18 29.25
CA PRO C 408 19.72 11.59 29.28
C PRO C 408 19.04 12.05 27.98
N GLY C 409 19.41 11.43 26.87
CA GLY C 409 18.94 11.86 25.57
C GLY C 409 19.11 13.37 25.42
N MET C 410 18.11 14.02 24.86
CA MET C 410 18.19 15.44 24.55
C MET C 410 17.73 16.36 25.72
N THR C 411 17.97 15.94 26.96
CA THR C 411 17.50 16.68 28.14
C THR C 411 18.06 18.10 28.26
N ALA C 412 19.34 18.26 27.93
CA ALA C 412 20.03 19.56 28.01
C ALA C 412 19.41 20.62 27.11
N GLN C 413 19.05 20.22 25.90
CA GLN C 413 18.40 21.10 24.93
C GLN C 413 17.00 21.56 25.44
N ALA C 414 16.23 20.62 25.98
CA ALA C 414 14.91 20.92 26.55
C ALA C 414 14.98 21.90 27.74
N LEU C 415 15.95 21.67 28.63
CA LEU C 415 16.23 22.54 29.76
C LEU C 415 16.69 23.95 29.35
N ALA C 416 17.54 24.00 28.34
CA ALA C 416 18.02 25.27 27.81
C ALA C 416 16.89 26.06 27.17
N VAL C 417 16.00 25.36 26.43
CA VAL C 417 14.82 25.96 25.78
C VAL C 417 13.85 26.52 26.83
N LEU C 418 13.49 25.66 27.78
CA LEU C 418 12.55 26.01 28.83
C LEU C 418 13.01 27.18 29.69
N ALA C 419 14.33 27.39 29.76
CA ALA C 419 14.91 28.46 30.58
C ALA C 419 14.70 29.85 29.95
N THR C 420 14.52 29.88 28.63
CA THR C 420 14.18 31.09 27.91
C THR C 420 12.71 31.48 28.08
N PHE C 421 11.89 30.61 28.70
CA PHE C 421 10.44 30.86 28.78
C PHE C 421 10.10 31.97 29.76
N THR C 422 11.16 32.58 30.24
CA THR C 422 11.11 33.56 31.31
C THR C 422 11.57 34.95 30.76
N ALA C 423 12.08 34.93 29.53
CA ALA C 423 12.62 36.13 28.86
C ALA C 423 11.54 36.96 28.21
N SER D 2 41.29 5.10 7.27
CA SER D 2 42.75 5.31 7.54
C SER D 2 43.55 5.48 6.27
N GLU D 3 44.67 6.20 6.37
CA GLU D 3 45.51 6.51 5.21
C GLU D 3 46.33 5.30 4.70
N PHE D 4 46.45 4.28 5.54
CA PHE D 4 47.26 3.07 5.22
C PHE D 4 46.43 1.85 4.80
N GLY D 5 45.11 1.92 5.06
CA GLY D 5 44.20 0.81 4.79
C GLY D 5 44.31 -0.25 5.87
N SER D 6 44.31 -1.53 5.47
CA SER D 6 44.46 -2.64 6.41
C SER D 6 45.72 -3.44 6.12
N THR D 7 46.75 -3.16 6.90
CA THR D 7 48.10 -3.63 6.62
C THR D 7 48.50 -4.81 7.50
N MET D 8 47.72 -5.10 8.53
CA MET D 8 48.12 -6.14 9.47
C MET D 8 47.83 -7.53 8.89
N ALA D 9 48.84 -8.40 8.87
CA ALA D 9 48.59 -9.84 8.65
C ALA D 9 47.60 -10.41 9.69
N ARG D 10 46.84 -11.41 9.24
CA ARG D 10 45.70 -11.95 9.98
C ARG D 10 46.19 -12.81 11.12
N ALA D 11 45.48 -12.76 12.24
CA ALA D 11 45.90 -13.46 13.41
C ALA D 11 44.70 -14.18 14.04
N ILE D 12 43.50 -13.72 13.67
CA ILE D 12 42.28 -14.37 14.12
C ILE D 12 41.61 -15.12 12.97
N TYR D 13 41.60 -16.43 13.11
CA TYR D 13 41.03 -17.32 12.12
C TYR D 13 39.74 -17.81 12.71
N ASP D 14 38.69 -17.04 12.50
CA ASP D 14 37.35 -17.37 12.98
C ASP D 14 36.47 -18.01 11.84
N PHE D 15 35.57 -18.91 12.24
CA PHE D 15 34.63 -19.52 11.29
C PHE D 15 33.23 -19.42 11.81
N PHE D 16 32.32 -19.03 10.93
CA PHE D 16 30.92 -18.88 11.28
C PHE D 16 30.04 -19.88 10.46
N SER D 17 29.25 -20.73 11.12
CA SER D 17 28.47 -21.76 10.41
C SER D 17 27.22 -21.25 9.71
N THR D 18 26.82 -21.96 8.65
CA THR D 18 25.56 -21.67 7.97
C THR D 18 24.41 -21.68 8.96
N PRO D 19 23.60 -20.61 8.96
CA PRO D 19 22.33 -20.64 9.69
C PRO D 19 21.36 -21.61 9.05
N PHE D 20 20.68 -22.35 9.89
CA PHE D 20 19.70 -23.27 9.40
C PHE D 20 18.49 -23.25 10.35
N GLY D 21 17.39 -23.83 9.91
CA GLY D 21 16.16 -23.71 10.67
C GLY D 21 15.71 -24.99 11.31
N ASN D 22 14.45 -25.31 11.05
CA ASN D 22 13.72 -26.29 11.82
C ASN D 22 14.22 -27.71 11.73
N ARG D 23 14.57 -28.17 10.53
CA ARG D 23 14.94 -29.58 10.31
C ARG D 23 16.44 -29.77 10.09
N GLY D 24 17.27 -28.91 10.65
CA GLY D 24 18.71 -29.10 10.54
C GLY D 24 19.39 -28.39 9.37
N LEU D 25 20.67 -28.69 9.21
CA LEU D 25 21.44 -28.20 8.09
C LEU D 25 20.84 -28.83 6.84
N ALA D 26 20.44 -27.98 5.91
CA ALA D 26 19.72 -28.35 4.71
C ALA D 26 20.64 -29.00 3.68
N THR D 27 21.32 -30.06 4.11
CA THR D 27 22.17 -30.84 3.20
C THR D 27 22.08 -32.35 3.50
N ASN D 28 22.82 -33.14 2.74
CA ASN D 28 22.90 -34.61 2.93
C ASN D 28 24.15 -35.23 2.33
N ARG D 29 24.34 -36.53 2.56
CA ARG D 29 25.52 -37.22 2.06
C ARG D 29 25.70 -37.13 0.55
N THR D 30 24.60 -37.20 -0.20
CA THR D 30 24.69 -37.07 -1.65
C THR D 30 25.18 -35.68 -2.08
N GLN D 31 24.62 -34.62 -1.47
CA GLN D 31 25.04 -33.29 -1.87
C GLN D 31 26.49 -33.00 -1.49
N LEU D 32 26.88 -33.31 -0.24
CA LEU D 32 28.25 -33.11 0.25
C LEU D 32 29.29 -33.89 -0.56
N SER D 33 29.00 -35.14 -0.92
CA SER D 33 29.87 -35.92 -1.83
C SER D 33 30.03 -35.32 -3.21
N SER D 34 28.94 -34.80 -3.78
CA SER D 34 29.00 -34.13 -5.08
C SER D 34 29.99 -32.95 -5.10
N LEU D 35 30.23 -32.37 -3.93
CA LEU D 35 31.16 -31.26 -3.81
C LEU D 35 32.64 -31.69 -3.75
N LEU D 36 32.88 -33.00 -3.62
CA LEU D 36 34.22 -33.51 -3.35
C LEU D 36 35.00 -33.76 -4.66
N SER D 37 36.34 -33.73 -4.58
CA SER D 37 37.21 -33.83 -5.76
C SER D 37 37.53 -35.27 -6.11
N SER D 38 38.12 -35.49 -7.29
CA SER D 38 38.66 -36.83 -7.71
C SER D 38 39.26 -37.68 -6.56
N SER D 39 40.00 -37.03 -5.67
CA SER D 39 40.59 -37.66 -4.48
C SER D 39 39.88 -37.29 -3.15
N ASN D 40 38.57 -36.98 -3.23
CA ASN D 40 37.73 -36.71 -2.04
C ASN D 40 38.06 -35.42 -1.25
N SER D 41 38.75 -34.47 -1.88
CA SER D 41 39.19 -33.27 -1.21
C SER D 41 38.10 -32.20 -1.19
N PRO D 42 37.72 -31.73 0.01
CA PRO D 42 36.85 -30.54 0.05
C PRO D 42 37.59 -29.22 -0.24
N TRP D 43 38.92 -29.28 -0.41
CA TRP D 43 39.73 -28.06 -0.40
C TRP D 43 40.21 -27.65 -1.80
N GLN D 44 40.71 -28.61 -2.58
CA GLN D 44 41.02 -28.35 -4.01
C GLN D 44 39.79 -28.55 -4.90
N ILE D 58 27.10 -22.12 -17.02
CA ILE D 58 26.13 -23.22 -17.13
C ILE D 58 26.78 -24.64 -17.33
N VAL D 59 27.90 -24.88 -16.65
CA VAL D 59 28.24 -26.23 -16.17
C VAL D 59 27.26 -26.49 -14.99
N SER D 60 26.10 -25.81 -15.10
CA SER D 60 24.91 -25.97 -14.28
C SER D 60 24.48 -27.43 -14.17
N THR D 61 23.59 -27.70 -13.21
CA THR D 61 23.30 -29.06 -12.78
C THR D 61 21.97 -29.00 -12.02
N PRO D 62 21.13 -30.05 -12.13
CA PRO D 62 19.94 -30.12 -11.27
C PRO D 62 20.24 -29.95 -9.76
N GLU D 63 21.33 -30.53 -9.27
CA GLU D 63 21.73 -30.48 -7.87
C GLU D 63 22.23 -29.08 -7.48
N ALA D 64 22.85 -28.41 -8.44
CA ALA D 64 23.38 -27.08 -8.24
C ALA D 64 23.10 -26.21 -9.48
N PRO D 65 21.87 -25.66 -9.60
CA PRO D 65 21.42 -24.95 -10.83
C PRO D 65 22.15 -23.63 -11.22
N TYR D 66 22.73 -22.95 -10.23
CA TYR D 66 23.39 -21.67 -10.46
C TYR D 66 24.82 -21.72 -9.93
N PRO D 67 25.72 -20.90 -10.53
CA PRO D 67 27.05 -20.66 -9.94
C PRO D 67 26.97 -20.31 -8.44
N GLY D 68 25.95 -19.54 -8.04
CA GLY D 68 25.75 -19.22 -6.63
C GLY D 68 25.44 -20.42 -5.75
N SER D 69 24.98 -21.50 -6.35
CA SER D 69 24.66 -22.76 -5.63
C SER D 69 25.85 -23.37 -4.89
N LEU D 70 27.00 -23.46 -5.55
CA LEU D 70 28.17 -24.17 -4.96
C LEU D 70 28.75 -23.43 -3.76
N MET D 71 28.69 -22.12 -3.82
CA MET D 71 29.07 -21.22 -2.76
C MET D 71 28.33 -21.52 -1.43
N TYR D 72 27.00 -21.54 -1.50
CA TYR D 72 26.12 -21.88 -0.36
C TYR D 72 26.29 -23.32 0.13
N GLN D 73 26.33 -24.24 -0.84
CA GLN D 73 26.52 -25.66 -0.58
C GLN D 73 27.84 -25.93 0.11
N GLU D 74 28.94 -25.35 -0.39
CA GLU D 74 30.22 -25.53 0.30
C GLU D 74 30.28 -24.91 1.71
N SER D 75 29.48 -23.86 1.94
CA SER D 75 29.34 -23.27 3.28
C SER D 75 28.73 -24.25 4.22
N MET D 76 27.79 -25.05 3.72
CA MET D 76 27.17 -26.15 4.48
C MET D 76 28.13 -27.34 4.69
N LEU D 77 28.98 -27.64 3.70
CA LEU D 77 30.01 -28.67 3.86
C LEU D 77 31.04 -28.29 4.96
N HIS D 78 31.51 -27.03 4.92
CA HIS D 78 32.35 -26.47 5.99
C HIS D 78 31.70 -26.56 7.36
N SER D 79 30.42 -26.24 7.44
CA SER D 79 29.73 -26.12 8.73
C SER D 79 29.51 -27.49 9.36
N ALA D 80 29.47 -28.51 8.52
CA ALA D 80 29.14 -29.87 8.94
C ALA D 80 30.39 -30.62 9.40
N THR D 81 31.49 -30.41 8.70
CA THR D 81 32.64 -31.27 8.82
C THR D 81 33.78 -30.67 9.63
N VAL D 82 33.78 -29.35 9.82
CA VAL D 82 34.95 -28.65 10.43
C VAL D 82 34.74 -28.32 11.92
N PRO D 83 33.73 -27.53 12.27
CA PRO D 83 33.65 -27.26 13.70
C PRO D 83 33.74 -28.51 14.61
N GLY D 84 33.16 -29.64 14.21
CA GLY D 84 33.05 -30.81 15.10
C GLY D 84 34.31 -31.61 15.34
N VAL D 85 35.38 -31.29 14.60
CA VAL D 85 36.67 -31.96 14.72
C VAL D 85 37.70 -31.09 15.45
N LEU D 86 37.30 -29.88 15.87
CA LEU D 86 38.25 -28.89 16.37
C LEU D 86 38.86 -29.24 17.74
N GLY D 87 38.08 -29.91 18.58
CA GLY D 87 38.46 -30.10 19.98
C GLY D 87 39.43 -31.24 20.30
N SER D 88 40.40 -31.51 19.43
CA SER D 88 41.27 -32.65 19.66
C SER D 88 42.00 -33.17 18.44
N ARG D 89 43.23 -33.63 18.65
CA ARG D 89 44.07 -34.08 17.54
C ARG D 89 43.79 -35.52 17.11
N ASP D 90 42.86 -36.17 17.82
CA ASP D 90 42.34 -37.50 17.48
C ASP D 90 40.81 -37.51 17.31
N ALA D 91 40.23 -36.36 16.96
CA ALA D 91 38.80 -36.28 16.72
C ALA D 91 38.44 -36.91 15.37
N TRP D 92 39.32 -36.77 14.40
CA TRP D 92 39.09 -37.26 13.05
C TRP D 92 38.85 -38.78 12.98
N ARG D 93 39.19 -39.48 14.06
CA ARG D 93 39.23 -40.96 14.09
C ARG D 93 37.83 -41.56 14.14
N THR D 94 37.00 -41.06 15.05
CA THR D 94 35.60 -41.48 15.15
C THR D 94 34.55 -40.44 14.68
N PHE D 95 34.99 -39.21 14.34
CA PHE D 95 34.08 -38.14 13.81
C PHE D 95 33.43 -38.53 12.50
N ASN D 96 32.10 -38.55 12.53
CA ASN D 96 31.28 -38.73 11.35
C ASN D 96 30.15 -37.73 11.35
N VAL D 97 29.80 -37.28 10.15
CA VAL D 97 28.66 -36.37 9.96
C VAL D 97 28.05 -36.66 8.58
N PHE D 98 26.72 -36.84 8.54
CA PHE D 98 26.01 -37.24 7.31
C PHE D 98 26.73 -38.44 6.65
N GLY D 99 27.20 -39.37 7.49
CA GLY D 99 27.91 -40.57 7.04
C GLY D 99 29.21 -40.31 6.30
N LEU D 100 29.92 -39.25 6.66
CA LEU D 100 31.24 -38.97 6.08
C LEU D 100 32.20 -38.78 7.23
N SER D 101 33.47 -39.08 6.94
CA SER D 101 34.57 -39.02 7.89
C SER D 101 35.79 -38.51 7.16
N TRP D 102 36.76 -37.97 7.92
CA TRP D 102 38.02 -37.47 7.34
C TRP D 102 39.04 -38.60 7.21
N THR D 103 39.92 -38.51 6.20
CA THR D 103 40.90 -39.55 5.92
C THR D 103 42.08 -39.57 6.93
N ASP D 104 42.19 -38.52 7.75
CA ASP D 104 43.41 -38.20 8.51
C ASP D 104 43.27 -36.91 9.36
N GLU D 105 44.34 -36.54 10.04
CA GLU D 105 44.33 -35.38 10.94
C GLU D 105 44.44 -34.06 10.16
N GLY D 106 45.22 -34.07 9.08
CA GLY D 106 45.31 -32.93 8.17
C GLY D 106 44.00 -32.62 7.46
N LEU D 107 42.94 -33.35 7.81
CA LEU D 107 41.59 -33.21 7.21
C LEU D 107 41.68 -33.19 5.68
N SER D 108 42.39 -34.15 5.12
CA SER D 108 42.76 -34.09 3.71
C SER D 108 41.65 -34.56 2.75
N GLY D 109 40.77 -35.44 3.21
CA GLY D 109 39.72 -35.91 2.37
C GLY D 109 38.56 -36.35 3.19
N LEU D 110 37.41 -36.43 2.55
CA LEU D 110 36.20 -36.98 3.18
C LEU D 110 35.77 -38.20 2.41
N VAL D 111 35.58 -39.30 3.12
CA VAL D 111 35.16 -40.58 2.55
C VAL D 111 34.01 -41.08 3.36
N ALA D 112 33.36 -42.15 2.93
CA ALA D 112 32.25 -42.73 3.70
C ALA D 112 32.71 -43.10 5.10
N ALA D 113 31.80 -43.05 6.06
CA ALA D 113 32.10 -43.44 7.43
C ALA D 113 31.86 -44.93 7.65
N GLN D 114 32.44 -45.49 8.71
CA GLN D 114 32.05 -46.80 9.18
C GLN D 114 30.55 -46.82 9.44
N ASP D 115 29.89 -47.93 9.14
CA ASP D 115 28.46 -48.04 9.33
C ASP D 115 28.16 -49.38 10.02
N PRO D 116 27.61 -49.34 11.26
CA PRO D 116 27.29 -48.17 12.10
C PRO D 116 28.55 -47.47 12.62
N PRO D 117 28.49 -46.14 12.79
CA PRO D 117 29.69 -45.32 13.03
C PRO D 117 30.40 -45.64 14.35
N PRO D 118 31.67 -45.21 14.52
CA PRO D 118 32.38 -45.60 15.74
C PRO D 118 32.09 -44.64 16.89
N ALA D 119 31.32 -43.59 16.60
CA ALA D 119 30.79 -42.66 17.60
C ALA D 119 29.45 -42.11 17.10
N ALA D 120 28.72 -41.40 17.96
CA ALA D 120 27.45 -40.84 17.55
C ALA D 120 27.71 -39.79 16.49
N PRO D 121 26.85 -39.75 15.44
CA PRO D 121 27.00 -38.72 14.42
C PRO D 121 26.97 -37.29 15.02
N TYR D 122 27.96 -36.48 14.62
CA TYR D 122 28.01 -35.03 14.92
C TYR D 122 26.80 -34.28 14.42
N GLN D 123 26.30 -33.36 15.24
CA GLN D 123 25.20 -32.52 14.85
C GLN D 123 25.65 -31.09 14.58
N PRO D 124 25.58 -30.63 13.31
CA PRO D 124 25.97 -29.24 13.05
C PRO D 124 25.18 -28.26 13.92
N ALA D 125 25.78 -27.09 14.19
CA ALA D 125 25.07 -26.05 14.88
C ALA D 125 24.78 -24.93 13.89
N SER D 126 23.63 -24.27 14.10
CA SER D 126 23.17 -23.14 13.29
C SER D 126 23.87 -21.88 13.72
N ALA D 127 24.52 -21.19 12.79
CA ALA D 127 24.95 -19.82 13.00
C ALA D 127 25.83 -19.66 14.23
N GLN D 128 26.96 -20.36 14.23
CA GLN D 128 27.80 -20.52 15.40
C GLN D 128 29.22 -20.16 15.05
N TRP D 129 29.93 -19.60 16.02
CA TRP D 129 31.34 -19.24 15.82
C TRP D 129 32.26 -20.33 16.33
N SER D 130 33.35 -20.57 15.61
CA SER D 130 34.45 -21.44 16.03
C SER D 130 35.73 -20.67 15.84
N ASP D 131 36.72 -20.97 16.69
CA ASP D 131 38.09 -20.50 16.57
C ASP D 131 38.94 -21.62 15.97
N LEU D 132 39.44 -21.41 14.76
CA LEU D 132 40.03 -22.49 14.00
C LEU D 132 41.38 -22.95 14.56
N LEU D 133 42.00 -22.07 15.37
CA LEU D 133 43.27 -22.37 16.03
C LEU D 133 43.15 -23.27 17.27
N ASN D 134 41.92 -23.60 17.70
CA ASN D 134 41.69 -24.71 18.66
C ASN D 134 42.18 -26.09 18.15
N TYR D 135 42.37 -26.23 16.83
CA TYR D 135 42.82 -27.46 16.22
C TYR D 135 44.35 -27.51 16.27
N PRO D 136 44.92 -28.46 17.07
CA PRO D 136 46.37 -28.50 17.31
C PRO D 136 47.19 -28.47 16.03
N ARG D 137 46.84 -29.32 15.05
CA ARG D 137 47.47 -29.31 13.72
C ARG D 137 47.59 -27.91 13.19
N TRP D 138 46.50 -27.19 13.26
CA TRP D 138 46.38 -25.87 12.67
C TRP D 138 47.17 -24.80 13.44
N ALA D 139 47.06 -24.81 14.77
CA ALA D 139 47.98 -24.04 15.65
C ALA D 139 49.49 -24.22 15.30
N ASN D 140 49.95 -25.47 15.22
CA ASN D 140 51.39 -25.75 15.06
C ASN D 140 51.87 -25.76 13.60
N ARG D 141 50.95 -25.96 12.66
CA ARG D 141 51.28 -25.91 11.21
C ARG D 141 50.31 -24.93 10.57
N ARG D 142 50.64 -23.65 10.68
CA ARG D 142 49.69 -22.59 10.38
C ARG D 142 49.43 -22.42 8.89
N ARG D 143 50.44 -22.68 8.04
CA ARG D 143 50.22 -22.59 6.59
C ARG D 143 49.25 -23.62 6.01
N GLU D 144 48.90 -24.63 6.81
CA GLU D 144 47.82 -25.58 6.50
C GLU D 144 46.44 -24.97 6.73
N LEU D 145 46.32 -24.09 7.73
CA LEU D 145 45.11 -23.29 7.88
C LEU D 145 45.03 -22.16 6.83
N GLN D 146 46.12 -21.43 6.66
CA GLN D 146 46.17 -20.26 5.75
C GLN D 146 45.85 -20.68 4.30
N SER D 147 46.33 -21.86 3.93
CA SER D 147 45.94 -22.53 2.70
C SER D 147 44.42 -22.75 2.59
N LYS D 148 43.82 -23.28 3.66
CA LYS D 148 42.40 -23.60 3.68
C LYS D 148 41.51 -22.39 3.92
N TYR D 149 42.03 -21.38 4.62
CA TYR D 149 41.22 -20.27 5.18
C TYR D 149 40.42 -19.36 4.22
N PRO D 150 40.98 -18.99 3.04
CA PRO D 150 40.13 -18.20 2.15
C PRO D 150 38.78 -18.84 1.83
N LEU D 151 38.78 -20.15 1.63
CA LEU D 151 37.58 -20.91 1.38
C LEU D 151 36.67 -20.92 2.62
N LEU D 152 37.24 -21.17 3.79
CA LEU D 152 36.49 -21.08 5.06
C LEU D 152 36.01 -19.62 5.40
N LEU D 153 36.80 -18.60 5.08
CA LEU D 153 36.32 -17.23 5.21
C LEU D 153 35.14 -16.91 4.25
N ARG D 154 35.23 -17.37 3.00
CA ARG D 154 34.17 -17.18 1.99
C ARG D 154 32.84 -17.69 2.50
N SER D 155 32.86 -18.87 3.12
CA SER D 155 31.66 -19.44 3.74
C SER D 155 31.18 -18.60 4.90
N THR D 156 32.13 -18.15 5.72
CA THR D 156 31.86 -17.39 6.92
C THR D 156 31.16 -16.08 6.56
N LEU D 157 31.69 -15.41 5.52
CA LEU D 157 31.15 -14.17 4.98
C LEU D 157 29.78 -14.34 4.33
N LEU D 158 29.59 -15.43 3.58
CA LEU D 158 28.27 -15.70 3.00
C LEU D 158 27.19 -15.95 4.07
N SER D 159 27.54 -16.66 5.13
CA SER D 159 26.62 -16.89 6.23
C SER D 159 26.35 -15.62 7.06
N ALA D 160 27.38 -14.79 7.23
CA ALA D 160 27.27 -13.55 8.01
C ALA D 160 26.43 -12.51 7.25
N MET D 161 26.52 -12.52 5.92
CA MET D 161 25.63 -11.71 5.07
C MET D 161 24.15 -12.09 5.18
N ARG D 162 23.29 -11.07 5.26
CA ARG D 162 21.84 -11.28 5.19
C ARG D 162 21.36 -11.67 3.79
N ALA D 163 22.07 -11.26 2.74
CA ALA D 163 21.68 -11.61 1.35
C ALA D 163 22.85 -12.19 0.54
N GLY D 164 23.23 -11.52 -0.54
CA GLY D 164 24.29 -12.03 -1.42
C GLY D 164 25.68 -11.84 -0.87
N PRO D 165 26.71 -12.33 -1.58
CA PRO D 165 28.08 -12.25 -1.06
C PRO D 165 28.59 -10.81 -0.98
N VAL D 166 29.50 -10.56 -0.04
CA VAL D 166 30.06 -9.24 0.17
C VAL D 166 31.33 -9.02 -0.65
N LEU D 167 31.49 -7.80 -1.13
CA LEU D 167 32.69 -7.39 -1.84
C LEU D 167 33.52 -6.43 -0.98
N TYR D 168 34.83 -6.62 -1.01
CA TYR D 168 35.80 -5.74 -0.41
C TYR D 168 36.20 -4.72 -1.46
N VAL D 169 35.70 -3.49 -1.34
CA VAL D 169 35.87 -2.46 -2.37
C VAL D 169 36.80 -1.31 -1.92
N GLU D 170 38.00 -1.26 -2.49
CA GLU D 170 38.99 -0.29 -2.04
C GLU D 170 39.71 0.46 -3.18
N THR D 171 39.52 1.78 -3.22
CA THR D 171 40.26 2.66 -4.13
C THR D 171 41.28 3.51 -3.36
N TRP D 172 42.38 3.86 -4.02
CA TRP D 172 43.41 4.71 -3.41
C TRP D 172 44.13 5.72 -4.36
N PRO D 173 44.76 6.79 -3.79
CA PRO D 173 45.74 7.68 -4.44
C PRO D 173 46.59 7.00 -5.54
N ASN D 174 46.35 7.40 -6.80
CA ASN D 174 46.68 6.60 -8.02
C ASN D 174 47.10 5.12 -7.87
N MET D 175 46.10 4.25 -7.91
CA MET D 175 46.27 2.81 -7.66
C MET D 175 46.88 2.06 -8.83
N ILE D 176 46.36 2.30 -10.03
CA ILE D 176 46.84 1.61 -11.21
C ILE D 176 48.04 2.37 -11.81
N SER D 177 49.19 2.21 -11.16
CA SER D 177 50.47 2.74 -11.63
C SER D 177 51.55 1.70 -11.36
N GLY D 178 52.82 2.05 -11.58
CA GLY D 178 53.94 1.11 -11.40
C GLY D 178 53.80 -0.15 -12.25
N ARG D 179 54.29 -1.27 -11.73
CA ARG D 179 54.15 -2.58 -12.39
C ARG D 179 52.71 -3.14 -12.42
N LEU D 180 51.84 -2.62 -11.56
CA LEU D 180 50.42 -3.04 -11.52
C LEU D 180 49.62 -2.50 -12.71
N ALA D 181 49.95 -1.29 -13.16
CA ALA D 181 49.37 -0.72 -14.39
C ALA D 181 49.83 -1.49 -15.61
N ASP D 182 51.01 -2.10 -15.51
CA ASP D 182 51.53 -3.00 -16.55
C ASP D 182 50.78 -4.33 -16.58
N TRP D 183 50.43 -4.82 -15.38
CA TRP D 183 49.63 -6.04 -15.21
C TRP D 183 48.22 -5.85 -15.79
N PHE D 184 47.65 -4.66 -15.60
CA PHE D 184 46.39 -4.30 -16.25
C PHE D 184 46.54 -4.04 -17.76
N MET D 185 47.75 -3.70 -18.20
CA MET D 185 48.03 -3.54 -19.64
C MET D 185 48.31 -4.89 -20.29
N SER D 186 48.92 -5.79 -19.52
CA SER D 186 49.16 -7.17 -19.98
C SER D 186 47.85 -8.00 -19.94
N GLN D 187 46.80 -7.41 -19.37
CA GLN D 187 45.49 -8.06 -19.25
C GLN D 187 44.46 -7.39 -20.17
N TYR D 188 44.90 -7.00 -21.37
CA TYR D 188 44.09 -6.21 -22.29
C TYR D 188 43.07 -7.07 -23.05
N GLY D 189 41.84 -6.55 -23.15
CA GLY D 189 40.75 -7.22 -23.86
C GLY D 189 40.24 -8.50 -23.20
N ASN D 190 40.77 -8.80 -22.01
CA ASN D 190 40.39 -10.00 -21.26
C ASN D 190 39.05 -9.87 -20.56
N ASN D 191 38.49 -11.03 -20.23
CA ASN D 191 37.26 -11.14 -19.46
C ASN D 191 37.59 -11.20 -17.96
N PHE D 192 36.90 -10.34 -17.20
CA PHE D 192 37.08 -10.18 -15.75
C PHE D 192 37.15 -11.50 -14.96
N VAL D 193 36.13 -12.36 -15.12
CA VAL D 193 36.07 -13.68 -14.45
C VAL D 193 37.33 -14.54 -14.70
N ASP D 194 37.82 -14.48 -15.93
CA ASP D 194 39.00 -15.24 -16.32
C ASP D 194 40.29 -14.69 -15.70
N MET D 195 40.32 -13.36 -15.52
CA MET D 195 41.43 -12.70 -14.82
C MET D 195 41.47 -13.14 -13.34
N CYS D 196 40.30 -13.24 -12.72
CA CYS D 196 40.13 -13.66 -11.31
C CYS D 196 40.54 -15.11 -11.08
N ALA D 197 40.17 -15.97 -12.02
CA ALA D 197 40.45 -17.40 -11.97
C ALA D 197 41.94 -17.67 -12.08
N ARG D 198 42.64 -16.82 -12.83
CA ARG D 198 44.09 -16.90 -13.00
C ARG D 198 44.81 -16.49 -11.70
N LEU D 199 44.29 -15.44 -11.04
CA LEU D 199 44.78 -15.00 -9.71
C LEU D 199 44.47 -15.97 -8.58
N THR D 200 43.23 -16.46 -8.54
CA THR D 200 42.82 -17.54 -7.63
C THR D 200 43.74 -18.76 -7.73
N GLN D 201 44.46 -18.86 -8.85
CA GLN D 201 45.34 -20.02 -9.10
C GLN D 201 46.77 -19.74 -8.68
N SER D 202 47.17 -18.47 -8.78
CA SER D 202 48.52 -18.03 -8.38
C SER D 202 48.72 -18.08 -6.85
N CYS D 203 47.63 -17.87 -6.10
CA CYS D 203 47.66 -17.84 -4.63
C CYS D 203 47.54 -19.25 -3.99
N SER D 204 47.56 -20.29 -4.82
CA SER D 204 47.35 -21.70 -4.38
C SER D 204 48.35 -22.16 -3.29
N ASN D 205 49.62 -22.29 -3.67
CA ASN D 205 50.71 -22.50 -2.70
C ASN D 205 51.04 -21.16 -2.03
N MET D 206 50.45 -20.97 -0.83
CA MET D 206 50.07 -19.65 -0.31
C MET D 206 50.87 -18.38 -0.72
N PRO D 207 52.02 -18.11 -0.06
CA PRO D 207 52.51 -16.77 0.27
C PRO D 207 51.70 -15.59 -0.29
N VAL D 208 50.72 -15.13 0.50
CA VAL D 208 50.01 -13.87 0.22
C VAL D 208 50.18 -12.91 1.41
N GLU D 209 50.99 -11.88 1.21
CA GLU D 209 51.23 -10.88 2.22
C GLU D 209 50.42 -9.62 1.85
N PRO D 210 49.79 -8.97 2.87
CA PRO D 210 49.08 -7.71 2.64
C PRO D 210 49.96 -6.66 1.94
N ASP D 211 49.38 -5.99 0.94
CA ASP D 211 50.08 -4.94 0.19
C ASP D 211 51.18 -5.42 -0.74
N GLY D 212 51.41 -6.73 -0.80
CA GLY D 212 52.28 -7.32 -1.83
C GLY D 212 51.60 -7.29 -3.19
N ASN D 213 52.25 -7.84 -4.20
CA ASN D 213 51.73 -7.83 -5.58
C ASN D 213 50.39 -8.51 -5.78
N TYR D 214 50.26 -9.75 -5.30
CA TYR D 214 48.98 -10.50 -5.42
C TYR D 214 47.80 -9.79 -4.76
N ASP D 215 48.01 -9.28 -3.54
CA ASP D 215 46.99 -8.49 -2.83
C ASP D 215 46.54 -7.26 -3.64
N GLN D 216 47.50 -6.55 -4.23
CA GLN D 216 47.21 -5.32 -4.96
C GLN D 216 46.57 -5.58 -6.33
N GLN D 217 47.03 -6.61 -7.01
CA GLN D 217 46.30 -7.20 -8.15
C GLN D 217 44.81 -7.31 -7.84
N MET D 218 44.49 -8.18 -6.87
CA MET D 218 43.11 -8.52 -6.53
C MET D 218 42.26 -7.31 -6.11
N ARG D 219 42.84 -6.40 -5.34
CA ARG D 219 42.14 -5.23 -4.79
C ARG D 219 41.72 -4.17 -5.82
N ALA D 220 42.63 -3.84 -6.76
CA ALA D 220 42.28 -2.92 -7.86
C ALA D 220 41.36 -3.60 -8.86
N LEU D 221 41.65 -4.88 -9.16
CA LEU D 221 40.79 -5.73 -10.00
C LEU D 221 39.32 -5.72 -9.55
N ILE D 222 39.07 -6.01 -8.28
CA ILE D 222 37.71 -5.97 -7.72
C ILE D 222 37.06 -4.62 -7.91
N SER D 223 37.77 -3.55 -7.55
CA SER D 223 37.14 -2.21 -7.52
C SER D 223 37.11 -1.49 -8.88
N LEU D 224 38.07 -1.77 -9.76
CA LEU D 224 37.95 -1.33 -11.16
C LEU D 224 36.64 -1.82 -11.76
N TRP D 225 36.40 -3.12 -11.61
CA TRP D 225 35.24 -3.80 -12.17
C TRP D 225 33.92 -3.28 -11.59
N LEU D 226 33.88 -3.05 -10.28
CA LEU D 226 32.62 -2.63 -9.66
C LEU D 226 32.19 -1.22 -10.09
N LEU D 227 33.16 -0.31 -10.24
CA LEU D 227 32.88 1.06 -10.70
C LEU D 227 32.39 1.07 -12.17
N SER D 228 32.99 0.20 -13.00
CA SER D 228 32.50 -0.11 -14.36
C SER D 228 31.10 -0.71 -14.32
N TYR D 229 30.91 -1.62 -13.36
CA TYR D 229 29.67 -2.40 -13.21
C TYR D 229 28.50 -1.52 -12.77
N ILE D 230 28.78 -0.39 -12.13
CA ILE D 230 27.68 0.51 -11.68
C ILE D 230 27.55 1.80 -12.51
N GLY D 231 28.34 1.89 -13.58
CA GLY D 231 28.21 2.96 -14.56
C GLY D 231 28.95 4.25 -14.26
N VAL D 232 29.54 4.36 -13.06
CA VAL D 232 30.28 5.57 -12.65
C VAL D 232 31.63 5.68 -13.36
N VAL D 233 32.27 4.53 -13.57
CA VAL D 233 33.40 4.43 -14.48
C VAL D 233 32.89 3.85 -15.80
N ASN D 234 33.44 4.37 -16.91
CA ASN D 234 33.03 3.98 -18.26
C ASN D 234 34.10 4.27 -19.29
N GLN D 235 33.66 4.54 -20.51
CA GLN D 235 34.54 4.79 -21.67
C GLN D 235 35.10 6.22 -21.61
N THR D 236 34.22 7.16 -21.33
CA THR D 236 34.56 8.57 -21.20
C THR D 236 35.18 8.91 -19.84
N ASN D 237 35.32 7.91 -18.96
CA ASN D 237 35.61 8.16 -17.53
C ASN D 237 36.35 7.02 -16.80
N THR D 238 37.68 6.99 -16.94
CA THR D 238 38.47 5.79 -16.65
C THR D 238 39.37 5.86 -15.39
N ILE D 239 40.03 4.75 -15.08
CA ILE D 239 41.00 4.68 -13.97
C ILE D 239 42.41 4.41 -14.52
N SER D 240 43.19 5.47 -14.67
CA SER D 240 44.50 5.45 -15.35
C SER D 240 44.42 4.77 -16.72
N GLY D 241 43.37 5.15 -17.47
CA GLY D 241 43.11 4.60 -18.79
C GLY D 241 42.05 3.50 -18.79
N PHE D 242 42.13 2.58 -17.83
CA PHE D 242 41.36 1.34 -17.84
C PHE D 242 39.90 1.47 -17.40
N TYR D 243 39.07 0.59 -17.98
CA TYR D 243 37.67 0.39 -17.57
C TYR D 243 37.22 -0.99 -18.07
N PHE D 244 36.11 -1.49 -17.54
CA PHE D 244 35.48 -2.71 -18.08
C PHE D 244 34.25 -2.36 -18.93
N SER D 245 33.87 -3.26 -19.84
CA SER D 245 32.76 -2.97 -20.77
C SER D 245 31.93 -4.19 -21.20
N SER D 246 30.62 -3.97 -21.31
CA SER D 246 29.67 -5.02 -21.69
C SER D 246 28.73 -4.52 -22.81
N LYS D 247 28.55 -5.37 -23.83
CA LYS D 247 27.61 -5.10 -24.92
C LYS D 247 26.16 -5.18 -24.40
N THR D 248 25.82 -6.32 -23.82
CA THR D 248 24.59 -6.48 -23.03
C THR D 248 24.79 -5.83 -21.66
N ARG D 249 23.71 -5.51 -20.95
CA ARG D 249 23.85 -5.04 -19.57
C ARG D 249 22.68 -5.46 -18.68
N GLY D 250 22.91 -6.48 -17.86
CA GLY D 250 21.87 -7.03 -17.00
C GLY D 250 21.10 -8.14 -17.69
N GLN D 251 21.72 -8.76 -18.68
CA GLN D 251 21.12 -9.85 -19.46
C GLN D 251 21.98 -11.10 -19.36
N ALA D 252 21.51 -12.19 -19.95
CA ALA D 252 22.26 -13.45 -20.01
C ALA D 252 23.69 -13.24 -20.53
N LEU D 253 23.81 -12.44 -21.58
CA LEU D 253 25.03 -12.41 -22.39
C LEU D 253 26.25 -11.65 -21.80
N ASP D 254 26.02 -10.87 -20.73
CA ASP D 254 27.04 -9.99 -20.10
C ASP D 254 28.43 -10.60 -19.96
N SER D 255 29.40 -9.97 -20.61
CA SER D 255 30.81 -10.22 -20.39
C SER D 255 31.48 -8.90 -20.06
N TRP D 256 32.41 -8.94 -19.12
CA TRP D 256 33.21 -7.77 -18.80
C TRP D 256 34.62 -7.97 -19.35
N THR D 257 34.94 -7.19 -20.38
CA THR D 257 36.26 -7.22 -20.98
C THR D 257 36.96 -5.87 -20.74
N LEU D 258 38.28 -5.91 -20.53
CA LEU D 258 39.05 -4.74 -20.08
C LEU D 258 39.58 -3.86 -21.23
N PHE D 259 39.15 -2.60 -21.23
CA PHE D 259 39.42 -1.67 -22.33
C PHE D 259 40.06 -0.36 -21.87
N TYR D 260 40.87 0.22 -22.76
CA TYR D 260 41.75 1.32 -22.42
C TYR D 260 41.61 2.51 -23.38
N THR D 261 41.46 3.70 -22.82
CA THR D 261 41.36 4.93 -23.59
C THR D 261 42.62 5.79 -23.45
N THR D 262 42.99 6.47 -24.55
CA THR D 262 44.08 7.42 -24.53
C THR D 262 43.53 8.86 -24.56
N ASN D 263 42.28 8.99 -25.02
CA ASN D 263 41.69 10.29 -25.37
C ASN D 263 40.65 10.87 -24.38
N THR D 264 39.96 10.01 -23.63
CA THR D 264 38.87 10.48 -22.76
C THR D 264 39.25 10.66 -21.27
N ASN D 265 38.31 11.23 -20.52
CA ASN D 265 38.51 11.70 -19.13
C ASN D 265 39.02 10.65 -18.14
N ARG D 266 39.90 11.07 -17.23
CA ARG D 266 40.45 10.20 -16.18
C ARG D 266 40.14 10.67 -14.75
N VAL D 267 39.89 9.71 -13.87
CA VAL D 267 39.53 9.94 -12.48
C VAL D 267 40.73 10.51 -11.67
N GLN D 268 40.44 11.39 -10.70
CA GLN D 268 41.48 11.95 -9.82
C GLN D 268 41.25 11.73 -8.31
N ILE D 269 41.50 10.49 -7.87
CA ILE D 269 41.28 10.07 -6.46
C ILE D 269 42.28 10.73 -5.47
N THR D 270 41.75 11.57 -4.59
CA THR D 270 42.54 12.22 -3.53
C THR D 270 42.84 11.23 -2.41
N GLN D 271 41.92 11.15 -1.44
CA GLN D 271 42.06 10.25 -0.29
C GLN D 271 41.55 8.81 -0.56
N ARG D 272 42.02 7.86 0.26
CA ARG D 272 41.65 6.44 0.18
C ARG D 272 40.15 6.20 0.46
N HIS D 273 39.56 5.25 -0.25
CA HIS D 273 38.14 4.93 -0.09
C HIS D 273 37.95 3.45 0.20
N PHE D 274 37.03 3.15 1.11
CA PHE D 274 36.70 1.77 1.39
C PHE D 274 35.22 1.58 1.54
N ALA D 275 34.74 0.51 0.92
CA ALA D 275 33.40 0.03 1.19
C ALA D 275 33.29 -1.49 1.17
N TYR D 276 32.41 -2.00 2.02
CA TYR D 276 31.82 -3.29 1.86
C TYR D 276 30.54 -3.08 1.05
N VAL D 277 30.49 -3.75 -0.11
CA VAL D 277 29.28 -3.80 -0.95
C VAL D 277 28.87 -5.24 -1.20
N CYS D 278 27.65 -5.56 -0.83
CA CYS D 278 27.11 -6.88 -1.08
C CYS D 278 25.90 -6.76 -2.05
N ALA D 279 25.56 -7.87 -2.74
CA ALA D 279 24.35 -7.93 -3.57
C ALA D 279 23.09 -8.12 -2.72
N ARG D 280 22.09 -7.28 -2.97
CA ARG D 280 20.79 -7.41 -2.30
C ARG D 280 19.95 -8.55 -2.89
N SER D 281 19.88 -8.56 -4.22
CA SER D 281 18.89 -9.36 -4.94
C SER D 281 19.39 -10.79 -5.21
N PRO D 282 18.46 -11.76 -5.12
CA PRO D 282 18.75 -13.19 -5.34
C PRO D 282 19.44 -13.50 -6.65
N ASP D 283 19.31 -12.61 -7.64
CA ASP D 283 19.96 -12.77 -8.96
C ASP D 283 21.48 -12.68 -8.98
N TRP D 284 22.10 -12.52 -7.81
CA TRP D 284 23.58 -12.68 -7.67
C TRP D 284 23.95 -14.14 -7.96
N ASN D 285 23.03 -15.05 -7.65
CA ASN D 285 23.20 -16.47 -7.92
C ASN D 285 23.66 -16.76 -9.35
N VAL D 286 23.21 -15.93 -10.28
CA VAL D 286 23.46 -16.14 -11.70
C VAL D 286 24.56 -15.22 -12.23
N ASP D 287 24.99 -14.26 -11.41
CA ASP D 287 26.02 -13.30 -11.81
C ASP D 287 27.40 -13.89 -11.55
N LYS D 288 28.01 -14.42 -12.60
CA LYS D 288 29.31 -15.08 -12.49
C LYS D 288 30.40 -14.08 -12.14
N SER D 289 30.16 -12.81 -12.44
CA SER D 289 31.16 -11.76 -12.21
C SER D 289 31.19 -11.25 -10.74
N TRP D 290 30.01 -10.95 -10.18
CA TRP D 290 29.86 -10.78 -8.75
C TRP D 290 30.53 -11.95 -8.02
N ILE D 291 30.04 -13.17 -8.24
CA ILE D 291 30.65 -14.37 -7.63
C ILE D 291 32.19 -14.40 -7.73
N ALA D 292 32.73 -14.01 -8.88
CA ALA D 292 34.20 -14.05 -9.06
C ALA D 292 34.95 -13.02 -8.18
N ALA D 293 34.40 -11.81 -8.10
CA ALA D 293 34.93 -10.79 -7.18
C ALA D 293 34.70 -11.15 -5.70
N ALA D 294 33.57 -11.81 -5.39
CA ALA D 294 33.32 -12.31 -4.03
C ALA D 294 34.35 -13.35 -3.57
N ASN D 295 34.82 -14.18 -4.50
CA ASN D 295 35.87 -15.20 -4.23
C ASN D 295 37.23 -14.58 -3.96
N LEU D 296 37.59 -13.59 -4.77
CA LEU D 296 38.79 -12.80 -4.59
C LEU D 296 38.73 -12.02 -3.29
N THR D 297 37.54 -11.50 -2.97
CA THR D 297 37.29 -10.78 -1.71
C THR D 297 37.74 -11.64 -0.52
N ALA D 298 37.45 -12.94 -0.60
CA ALA D 298 37.83 -13.90 0.44
C ALA D 298 39.35 -14.05 0.56
N ILE D 299 40.06 -14.08 -0.57
CA ILE D 299 41.54 -14.20 -0.51
C ILE D 299 42.16 -12.89 0.02
N VAL D 300 41.68 -11.76 -0.51
CA VAL D 300 42.08 -10.44 -0.03
C VAL D 300 41.84 -10.31 1.50
N MET D 301 40.62 -10.62 1.95
CA MET D 301 40.31 -10.57 3.37
C MET D 301 41.01 -11.62 4.25
N ALA D 302 41.49 -12.70 3.64
CA ALA D 302 42.01 -13.85 4.41
C ALA D 302 43.41 -13.61 4.93
N CYS D 303 44.17 -12.78 4.20
CA CYS D 303 45.61 -12.58 4.47
C CYS D 303 45.85 -11.50 5.52
N ARG D 304 44.81 -10.73 5.81
CA ARG D 304 44.90 -9.54 6.66
C ARG D 304 43.85 -9.54 7.79
N GLN D 305 44.00 -8.60 8.72
CA GLN D 305 42.87 -8.21 9.56
C GLN D 305 42.10 -7.05 8.86
N PRO D 306 40.92 -7.35 8.30
CA PRO D 306 40.19 -6.38 7.50
C PRO D 306 39.25 -5.47 8.38
N PRO D 307 38.71 -4.37 7.80
CA PRO D 307 37.71 -3.57 8.52
C PRO D 307 36.55 -4.34 9.19
N VAL D 308 36.22 -3.95 10.42
CA VAL D 308 35.20 -4.62 11.25
C VAL D 308 33.78 -4.17 10.84
N PHE D 309 32.89 -5.14 10.62
CA PHE D 309 31.56 -4.89 10.12
C PHE D 309 30.72 -4.17 11.14
N ALA D 310 29.83 -3.32 10.63
CA ALA D 310 28.72 -2.80 11.41
C ALA D 310 27.78 -3.97 11.69
N ASN D 311 27.34 -4.09 12.95
CA ASN D 311 26.39 -5.12 13.36
C ASN D 311 25.15 -5.24 12.49
N GLN D 312 24.71 -4.08 11.99
CA GLN D 312 23.53 -3.96 11.15
C GLN D 312 23.73 -4.55 9.74
N GLY D 313 24.99 -4.69 9.32
CA GLY D 313 25.32 -5.25 8.02
C GLY D 313 25.59 -6.76 8.02
N VAL D 314 25.34 -7.43 9.15
CA VAL D 314 25.45 -8.90 9.25
C VAL D 314 24.21 -9.43 9.97
N ILE D 315 23.95 -10.72 9.85
CA ILE D 315 22.76 -11.30 10.53
C ILE D 315 22.92 -11.19 12.05
N ASN D 316 21.83 -11.36 12.80
CA ASN D 316 21.86 -11.19 14.26
C ASN D 316 22.94 -12.04 14.92
N GLN D 317 23.01 -13.32 14.55
CA GLN D 317 23.94 -14.26 15.21
C GLN D 317 25.44 -14.00 14.94
N ALA D 318 25.76 -13.21 13.90
CA ALA D 318 27.15 -12.83 13.55
C ALA D 318 27.62 -11.47 14.12
N GLN D 319 26.78 -10.86 14.96
CA GLN D 319 27.06 -9.55 15.55
C GLN D 319 27.89 -9.64 16.82
N ASN D 320 28.67 -8.56 17.08
CA ASN D 320 29.54 -8.47 18.26
C ASN D 320 30.53 -9.62 18.38
N ARG D 321 31.18 -9.96 17.26
CA ARG D 321 32.28 -10.92 17.26
C ARG D 321 33.57 -10.15 17.21
N PRO D 322 34.38 -10.24 18.29
CA PRO D 322 35.61 -9.47 18.37
C PRO D 322 36.55 -9.63 17.15
N GLY D 323 36.84 -8.47 16.54
CA GLY D 323 37.67 -8.43 15.35
C GLY D 323 36.91 -8.59 14.05
N PHE D 324 35.63 -8.95 14.13
CA PHE D 324 34.82 -9.26 12.94
C PHE D 324 33.65 -8.29 12.76
N SER D 325 32.81 -8.18 13.79
CA SER D 325 31.67 -7.27 13.79
C SER D 325 31.56 -6.43 15.11
N MET D 326 31.01 -5.20 14.99
CA MET D 326 30.93 -4.24 16.12
C MET D 326 29.78 -3.23 15.89
N ASN D 327 29.27 -2.68 17.00
CA ASN D 327 28.44 -1.47 16.94
C ASN D 327 29.28 -0.31 16.40
N GLY D 328 28.80 0.30 15.33
CA GLY D 328 29.54 1.39 14.70
C GLY D 328 30.65 0.95 13.76
N GLY D 329 30.52 -0.26 13.21
CA GLY D 329 31.52 -0.75 12.28
C GLY D 329 31.44 -0.12 10.91
N THR D 330 32.27 -0.62 9.99
CA THR D 330 32.14 -0.27 8.59
C THR D 330 30.79 -0.79 8.07
N PRO D 331 30.00 0.09 7.41
CA PRO D 331 28.70 -0.38 6.94
C PRO D 331 28.80 -1.28 5.70
N VAL D 332 27.80 -2.13 5.52
CA VAL D 332 27.70 -2.94 4.32
C VAL D 332 26.63 -2.32 3.45
N HIS D 333 27.07 -1.67 2.38
CA HIS D 333 26.14 -1.15 1.37
C HIS D 333 25.59 -2.24 0.40
N GLU D 334 24.31 -2.10 0.06
CA GLU D 334 23.52 -2.99 -0.81
C GLU D 334 23.49 -2.60 -2.29
N LEU D 335 23.46 -3.62 -3.16
CA LEU D 335 23.14 -3.39 -4.56
C LEU D 335 22.08 -4.38 -5.00
N ASN D 336 20.86 -3.88 -5.21
CA ASN D 336 19.84 -4.61 -5.96
C ASN D 336 20.25 -4.59 -7.43
N LEU D 337 20.60 -5.76 -7.97
CA LEU D 337 21.39 -5.82 -9.22
C LEU D 337 20.60 -5.50 -10.50
N LEU D 338 19.27 -5.65 -10.45
CA LEU D 338 18.45 -5.13 -11.58
C LEU D 338 18.51 -3.59 -11.60
N THR D 339 18.13 -2.96 -10.49
CA THR D 339 18.28 -1.50 -10.28
C THR D 339 19.68 -1.01 -10.65
N THR D 340 20.71 -1.74 -10.21
CA THR D 340 22.09 -1.45 -10.59
C THR D 340 22.32 -1.54 -12.10
N ALA D 341 21.48 -2.33 -12.78
CA ALA D 341 21.61 -2.46 -14.23
C ALA D 341 20.97 -1.25 -14.91
N GLN D 342 19.74 -0.95 -14.48
CA GLN D 342 18.99 0.23 -14.93
C GLN D 342 19.76 1.53 -14.73
N GLU D 343 20.40 1.68 -13.57
CA GLU D 343 21.26 2.84 -13.25
C GLU D 343 22.63 2.86 -13.94
N CYS D 344 23.13 1.70 -14.36
CA CYS D 344 24.35 1.65 -15.16
C CYS D 344 24.04 2.10 -16.57
N ILE D 345 22.83 1.81 -17.03
CA ILE D 345 22.37 2.27 -18.36
C ILE D 345 21.94 3.75 -18.29
N ARG D 346 21.13 4.10 -17.30
CA ARG D 346 20.85 5.51 -17.00
C ARG D 346 22.16 6.32 -17.08
N GLN D 347 23.25 5.72 -16.58
CA GLN D 347 24.60 6.29 -16.67
C GLN D 347 25.17 6.27 -18.10
N TRP D 348 24.82 5.25 -18.87
CA TRP D 348 25.38 5.06 -20.21
C TRP D 348 24.78 6.03 -21.23
N VAL D 349 23.50 6.38 -21.03
CA VAL D 349 22.77 7.33 -21.87
C VAL D 349 23.17 8.78 -21.53
N MET D 350 23.42 9.04 -20.26
CA MET D 350 23.87 10.36 -19.83
C MET D 350 25.34 10.62 -20.14
N ALA D 351 26.14 9.56 -20.15
CA ALA D 351 27.52 9.64 -20.65
C ALA D 351 27.53 9.69 -22.17
N GLY D 352 26.35 9.56 -22.76
CA GLY D 352 26.17 9.64 -24.22
C GLY D 352 26.88 8.54 -24.97
N LEU D 353 26.96 7.36 -24.36
CA LEU D 353 27.64 6.19 -24.95
C LEU D 353 26.73 5.46 -25.92
N VAL D 354 25.41 5.63 -25.72
CA VAL D 354 24.39 4.96 -26.51
C VAL D 354 23.27 5.96 -26.82
N SER D 355 22.43 5.64 -27.80
CA SER D 355 21.22 6.43 -28.03
C SER D 355 20.18 6.16 -26.94
N ALA D 356 19.24 7.09 -26.74
CA ALA D 356 18.16 6.89 -25.77
C ALA D 356 17.20 5.77 -26.22
N ALA D 357 17.25 5.44 -27.52
CA ALA D 357 16.51 4.31 -28.10
C ALA D 357 17.27 2.99 -27.91
N LYS D 358 18.57 3.10 -27.64
CA LYS D 358 19.39 1.97 -27.19
C LYS D 358 19.32 1.86 -25.67
N GLY D 359 19.29 3.00 -24.99
CA GLY D 359 19.15 3.05 -23.54
C GLY D 359 17.85 2.42 -23.06
N GLN D 360 16.77 2.69 -23.78
CA GLN D 360 15.47 2.07 -23.47
C GLN D 360 15.40 0.65 -24.01
N ALA D 361 16.34 0.32 -24.89
CA ALA D 361 16.46 -1.04 -25.42
C ALA D 361 17.06 -1.99 -24.36
N LEU D 362 18.27 -1.66 -23.90
CA LEU D 362 18.99 -2.47 -22.91
C LEU D 362 18.28 -2.54 -21.56
N THR D 363 17.55 -1.47 -21.21
CA THR D 363 16.67 -1.45 -20.03
C THR D 363 15.51 -2.45 -20.19
N GLN D 364 15.02 -2.58 -21.43
CA GLN D 364 13.93 -3.48 -21.74
C GLN D 364 14.39 -4.93 -21.76
N GLU D 365 15.62 -5.16 -22.21
CA GLU D 365 16.19 -6.51 -22.26
C GLU D 365 16.70 -6.98 -20.88
N ALA D 366 17.21 -6.04 -20.08
CA ALA D 366 17.61 -6.32 -18.71
C ALA D 366 16.38 -6.59 -17.83
N ASN D 367 15.33 -5.80 -18.03
CA ASN D 367 14.04 -6.06 -17.38
C ASN D 367 13.44 -7.40 -17.78
N ASP D 368 13.75 -7.84 -19.01
CA ASP D 368 13.29 -9.13 -19.55
C ASP D 368 14.00 -10.28 -18.88
N PHE D 369 15.31 -10.18 -18.77
CA PHE D 369 16.13 -11.22 -18.18
C PHE D 369 15.82 -11.37 -16.69
N SER D 370 15.81 -10.25 -15.97
CA SER D 370 15.50 -10.25 -14.53
C SER D 370 14.07 -10.66 -14.23
N ASN D 371 13.26 -10.72 -15.28
CA ASN D 371 11.91 -11.27 -15.15
C ASN D 371 11.95 -12.80 -15.21
N LEU D 372 12.79 -13.32 -16.10
CA LEU D 372 13.04 -14.77 -16.21
C LEU D 372 13.77 -15.33 -14.98
N ILE D 373 14.90 -14.71 -14.61
CA ILE D 373 15.69 -15.15 -13.46
C ILE D 373 14.88 -15.10 -12.15
N GLN D 374 14.14 -14.01 -11.94
CA GLN D 374 13.24 -13.88 -10.81
C GLN D 374 12.17 -14.97 -10.70
N ALA D 375 11.68 -15.43 -11.86
CA ALA D 375 10.63 -16.45 -11.88
C ALA D 375 11.24 -17.82 -11.62
N ASP D 376 12.39 -18.06 -12.25
CA ASP D 376 13.18 -19.27 -12.01
C ASP D 376 13.60 -19.39 -10.54
N LEU D 377 14.34 -18.39 -10.04
CA LEU D 377 14.75 -18.33 -8.62
C LEU D 377 13.59 -18.35 -7.67
N GLY D 378 12.47 -17.77 -8.09
CA GLY D 378 11.23 -17.87 -7.33
C GLY D 378 10.74 -19.29 -7.16
N GLN D 379 10.85 -20.10 -8.19
CA GLN D 379 10.37 -21.48 -8.08
C GLN D 379 11.36 -22.35 -7.30
N ILE D 380 12.66 -22.15 -7.53
CA ILE D 380 13.70 -22.81 -6.73
C ILE D 380 13.52 -22.50 -5.22
N LYS D 381 13.26 -21.23 -4.89
CA LYS D 381 12.99 -20.87 -3.50
C LYS D 381 11.75 -21.58 -2.97
N ALA D 382 10.69 -21.60 -3.77
CA ALA D 382 9.40 -22.12 -3.36
C ALA D 382 9.41 -23.63 -3.18
N GLN D 383 10.11 -24.35 -4.06
CA GLN D 383 10.23 -25.81 -3.86
C GLN D 383 11.22 -26.18 -2.77
N ASP D 384 12.39 -25.56 -2.77
CA ASP D 384 13.33 -25.70 -1.64
C ASP D 384 12.65 -25.46 -0.29
N ASP D 385 12.02 -24.29 -0.12
CA ASP D 385 11.31 -23.95 1.12
C ASP D 385 10.32 -25.03 1.53
N ALA D 386 9.54 -25.52 0.57
CA ALA D 386 8.52 -26.54 0.84
C ALA D 386 9.16 -27.86 1.22
N LEU D 387 10.08 -28.32 0.38
CA LEU D 387 10.73 -29.64 0.56
C LEU D 387 11.64 -29.73 1.77
N TYR D 388 12.33 -28.64 2.10
CA TYR D 388 13.11 -28.62 3.33
C TYR D 388 12.24 -28.88 4.57
N ASN D 389 11.08 -28.21 4.64
CA ASN D 389 10.23 -28.32 5.81
C ASN D 389 9.36 -29.60 5.83
N GLN D 390 9.06 -30.14 4.65
CA GLN D 390 8.25 -31.35 4.52
C GLN D 390 9.03 -32.67 4.52
N GLN D 391 10.23 -32.64 3.93
CA GLN D 391 10.93 -33.87 3.52
C GLN D 391 12.32 -34.04 4.19
N PRO D 392 12.45 -35.05 5.08
CA PRO D 392 13.69 -35.34 5.80
C PRO D 392 14.90 -35.50 4.88
N GLY D 393 15.99 -34.83 5.23
CA GLY D 393 17.23 -34.92 4.47
C GLY D 393 17.25 -34.23 3.10
N TYR D 394 16.40 -33.23 2.92
CA TYR D 394 16.44 -32.45 1.69
C TYR D 394 17.60 -31.44 1.69
N ALA D 395 18.32 -31.41 0.56
CA ALA D 395 19.42 -30.48 0.30
C ALA D 395 18.97 -29.25 -0.48
N ARG D 396 18.95 -28.08 0.17
CA ARG D 396 18.75 -26.79 -0.54
C ARG D 396 19.80 -26.60 -1.63
N ARG D 397 19.38 -26.01 -2.75
CA ARG D 397 20.23 -25.82 -3.92
C ARG D 397 20.86 -24.40 -3.92
N ILE D 398 20.26 -23.49 -3.17
CA ILE D 398 20.72 -22.13 -3.11
C ILE D 398 20.49 -21.59 -1.72
N LYS D 399 21.22 -20.53 -1.40
CA LYS D 399 21.02 -19.81 -0.16
C LYS D 399 19.54 -19.39 -0.09
N PRO D 400 18.86 -19.69 1.04
CA PRO D 400 17.54 -19.16 1.35
C PRO D 400 17.50 -17.62 1.22
N PHE D 401 16.38 -17.10 0.73
CA PHE D 401 16.22 -15.64 0.62
C PHE D 401 14.77 -15.23 0.82
N VAL D 402 14.53 -13.94 0.99
CA VAL D 402 13.16 -13.42 1.09
C VAL D 402 12.73 -12.65 -0.18
N ASN D 403 11.44 -12.69 -0.49
CA ASN D 403 10.91 -12.04 -1.70
C ASN D 403 11.17 -10.52 -1.69
N GLY D 404 11.19 -9.94 -0.48
CA GLY D 404 11.54 -8.53 -0.27
C GLY D 404 12.88 -8.11 -0.85
N ASP D 405 13.77 -9.10 -1.08
CA ASP D 405 15.14 -8.86 -1.58
C ASP D 405 15.14 -8.30 -3.00
N TRP D 406 13.97 -8.38 -3.65
CA TRP D 406 13.79 -7.89 -5.03
C TRP D 406 13.51 -6.39 -5.13
N THR D 407 12.92 -5.79 -4.08
CA THR D 407 12.78 -4.32 -3.97
C THR D 407 14.15 -3.60 -4.04
N PRO D 408 14.18 -2.29 -4.39
CA PRO D 408 15.50 -1.64 -4.55
C PRO D 408 16.34 -1.44 -3.25
N GLY D 409 15.71 -1.44 -2.09
CA GLY D 409 16.40 -1.15 -0.83
C GLY D 409 17.24 0.13 -0.85
N MET D 410 18.42 0.06 -0.21
CA MET D 410 19.36 1.18 -0.19
C MET D 410 20.30 1.23 -1.37
N THR D 411 19.85 0.77 -2.53
CA THR D 411 20.72 0.80 -3.71
C THR D 411 21.17 2.23 -4.06
N ALA D 412 20.21 3.17 -4.02
CA ALA D 412 20.47 4.59 -4.26
C ALA D 412 21.63 5.04 -3.40
N GLN D 413 21.45 4.91 -2.09
CA GLN D 413 22.45 5.28 -1.07
C GLN D 413 23.85 4.68 -1.32
N ALA D 414 23.90 3.41 -1.77
CA ALA D 414 25.15 2.71 -2.06
C ALA D 414 25.80 3.25 -3.33
N LEU D 415 24.97 3.54 -4.33
CA LEU D 415 25.40 4.12 -5.61
C LEU D 415 25.98 5.53 -5.41
N ALA D 416 25.29 6.30 -4.57
CA ALA D 416 25.77 7.63 -4.15
C ALA D 416 27.19 7.51 -3.57
N VAL D 417 27.39 6.54 -2.68
CA VAL D 417 28.69 6.34 -2.02
C VAL D 417 29.79 5.89 -2.97
N LEU D 418 29.51 4.86 -3.76
CA LEU D 418 30.49 4.29 -4.71
C LEU D 418 30.94 5.32 -5.76
N ALA D 419 30.05 6.27 -6.06
CA ALA D 419 30.36 7.41 -6.91
C ALA D 419 31.57 8.19 -6.40
N THR D 420 31.64 8.39 -5.08
CA THR D 420 32.69 9.18 -4.43
C THR D 420 34.10 8.59 -4.56
N PHE D 421 34.19 7.27 -4.82
CA PHE D 421 35.49 6.56 -4.95
C PHE D 421 36.38 7.13 -6.06
N THR D 422 36.02 8.35 -6.47
CA THR D 422 36.72 9.18 -7.46
C THR D 422 37.05 10.54 -6.81
N ALA D 423 38.01 10.51 -5.86
CA ALA D 423 38.37 11.66 -4.99
C ALA D 423 37.34 11.97 -3.89
N SER E 2 44.59 29.46 45.92
CA SER E 2 45.91 29.95 46.43
C SER E 2 46.52 31.08 45.60
N GLU E 3 46.97 32.13 46.28
CA GLU E 3 47.28 33.36 45.56
C GLU E 3 48.69 33.40 44.99
N PHE E 4 49.57 32.54 45.50
CA PHE E 4 50.97 32.51 45.07
C PHE E 4 51.22 31.52 43.92
N GLY E 5 50.28 30.58 43.73
CA GLY E 5 50.40 29.55 42.70
C GLY E 5 51.15 28.37 43.26
N SER E 6 51.81 27.62 42.38
CA SER E 6 52.61 26.48 42.82
C SER E 6 54.09 26.80 42.71
N THR E 7 54.64 27.25 43.84
CA THR E 7 55.95 27.86 43.85
C THR E 7 57.05 26.92 44.27
N MET E 8 56.69 25.75 44.81
CA MET E 8 57.72 24.82 45.31
C MET E 8 58.39 24.02 44.20
N ALA E 9 59.71 23.87 44.28
CA ALA E 9 60.44 23.03 43.32
C ALA E 9 60.13 21.55 43.60
N ARG E 10 60.25 20.70 42.60
CA ARG E 10 59.92 19.27 42.79
C ARG E 10 60.93 18.61 43.70
N ALA E 11 60.45 17.75 44.58
CA ALA E 11 61.33 16.96 45.45
C ALA E 11 60.99 15.47 45.37
N ILE E 12 59.81 15.16 44.87
CA ILE E 12 59.27 13.81 44.79
C ILE E 12 59.13 13.47 43.32
N TYR E 13 59.85 12.45 42.89
CA TYR E 13 59.88 11.99 41.50
C TYR E 13 59.26 10.58 41.44
N ASP E 14 57.94 10.56 41.41
CA ASP E 14 57.19 9.33 41.27
C ASP E 14 56.99 9.04 39.78
N PHE E 15 57.05 7.76 39.43
CA PHE E 15 56.69 7.30 38.08
C PHE E 15 55.59 6.29 38.20
N PHE E 16 54.58 6.41 37.33
CA PHE E 16 53.42 5.49 37.34
C PHE E 16 53.37 4.69 36.00
N SER E 17 53.31 3.36 36.10
CA SER E 17 53.46 2.49 34.89
C SER E 17 52.12 2.32 34.18
N THR E 18 52.19 2.09 32.86
CA THR E 18 51.02 1.79 32.01
C THR E 18 50.16 0.64 32.59
N PRO E 19 48.84 0.83 32.67
CA PRO E 19 48.01 -0.32 33.04
C PRO E 19 47.93 -1.33 31.89
N PHE E 20 47.83 -2.61 32.24
CA PHE E 20 47.54 -3.64 31.25
C PHE E 20 46.59 -4.72 31.78
N GLY E 21 46.17 -5.59 30.87
CA GLY E 21 45.27 -6.68 31.21
C GLY E 21 45.97 -8.02 31.28
N ASN E 22 45.31 -9.04 30.72
CA ASN E 22 45.72 -10.44 30.83
C ASN E 22 47.03 -10.81 30.18
N ARG E 23 47.34 -10.17 29.06
CA ARG E 23 48.40 -10.66 28.20
C ARG E 23 49.64 -9.83 28.32
N GLY E 24 49.74 -9.14 29.45
CA GLY E 24 50.90 -8.33 29.77
C GLY E 24 50.83 -6.97 29.10
N LEU E 25 51.98 -6.34 28.99
CA LEU E 25 52.10 -5.03 28.41
C LEU E 25 51.93 -5.18 26.91
N ALA E 26 51.14 -4.26 26.33
CA ALA E 26 50.70 -4.37 24.96
C ALA E 26 51.73 -3.80 24.01
N THR E 27 52.96 -4.22 24.20
CA THR E 27 54.03 -3.85 23.28
C THR E 27 54.89 -5.10 22.96
N ASN E 28 55.95 -4.91 22.18
CA ASN E 28 56.90 -5.97 21.82
C ASN E 28 58.17 -5.32 21.35
N ARG E 29 59.25 -6.09 21.25
CA ARG E 29 60.59 -5.56 20.85
C ARG E 29 60.63 -4.69 19.58
N THR E 30 59.72 -4.95 18.65
CA THR E 30 59.66 -4.27 17.34
C THR E 30 59.14 -2.83 17.46
N GLN E 31 58.03 -2.68 18.21
CA GLN E 31 57.44 -1.38 18.52
C GLN E 31 58.41 -0.55 19.34
N LEU E 32 59.05 -1.18 20.34
CA LEU E 32 59.98 -0.50 21.24
C LEU E 32 61.31 -0.11 20.58
N SER E 33 61.60 -0.70 19.43
CA SER E 33 62.77 -0.29 18.67
C SER E 33 62.40 0.90 17.82
N SER E 34 61.18 0.88 17.28
CA SER E 34 60.70 1.96 16.42
C SER E 34 60.63 3.30 17.17
N LEU E 35 60.97 3.29 18.46
CA LEU E 35 60.88 4.50 19.30
C LEU E 35 62.23 5.18 19.54
N LEU E 36 63.28 4.37 19.65
CA LEU E 36 64.65 4.84 19.87
C LEU E 36 65.16 5.75 18.73
N SER E 37 65.90 6.80 19.10
CA SER E 37 66.54 7.70 18.12
C SER E 37 67.68 6.99 17.40
N SER E 38 68.35 7.69 16.48
CA SER E 38 69.44 7.12 15.67
C SER E 38 70.55 6.43 16.47
N SER E 39 70.73 6.83 17.73
CA SER E 39 71.82 6.30 18.57
C SER E 39 71.34 5.43 19.76
N ASN E 40 70.10 4.93 19.68
CA ASN E 40 69.54 4.01 20.68
C ASN E 40 69.03 4.70 21.95
N SER E 41 68.89 6.01 21.87
CA SER E 41 68.38 6.84 22.96
C SER E 41 66.84 6.90 22.99
N PRO E 42 66.21 6.46 24.11
CA PRO E 42 64.78 6.72 24.32
C PRO E 42 64.47 8.17 24.77
N TRP E 43 65.49 8.92 25.17
CA TRP E 43 65.29 10.25 25.76
C TRP E 43 65.30 11.37 24.71
N GLN E 44 66.14 11.23 23.69
CA GLN E 44 66.18 12.21 22.60
C GLN E 44 65.08 11.94 21.56
N ILE E 58 51.39 14.42 8.04
CA ILE E 58 51.30 13.65 9.29
C ILE E 58 52.27 12.45 9.20
N VAL E 59 53.43 12.52 9.87
CA VAL E 59 54.46 11.44 9.80
C VAL E 59 54.05 10.11 10.48
N SER E 60 52.75 9.83 10.43
CA SER E 60 52.17 8.59 10.90
C SER E 60 52.70 7.35 10.18
N THR E 61 52.57 6.21 10.85
CA THR E 61 53.00 4.93 10.37
C THR E 61 51.83 3.98 10.67
N PRO E 62 51.76 2.78 10.06
CA PRO E 62 50.67 1.88 10.46
C PRO E 62 50.78 1.37 11.90
N GLU E 63 52.01 1.27 12.41
CA GLU E 63 52.27 0.92 13.81
C GLU E 63 51.91 2.04 14.80
N ALA E 64 52.14 3.29 14.40
CA ALA E 64 51.71 4.50 15.12
C ALA E 64 50.91 5.47 14.23
N PRO E 65 49.63 5.15 13.92
CA PRO E 65 48.87 5.90 12.90
C PRO E 65 48.38 7.33 13.29
N TYR E 66 48.41 7.66 14.58
CA TYR E 66 47.96 8.98 15.08
C TYR E 66 49.04 9.66 15.95
N PRO E 67 49.02 11.01 16.00
CA PRO E 67 49.92 11.74 16.93
C PRO E 67 49.90 11.21 18.38
N GLY E 68 48.71 10.88 18.90
CA GLY E 68 48.58 10.34 20.26
C GLY E 68 49.11 8.93 20.46
N SER E 69 49.36 8.21 19.37
CA SER E 69 49.98 6.87 19.40
C SER E 69 51.34 6.82 20.09
N LEU E 70 52.20 7.77 19.75
CA LEU E 70 53.57 7.81 20.28
C LEU E 70 53.62 8.05 21.80
N MET E 71 52.81 9.00 22.24
CA MET E 71 52.61 9.29 23.64
C MET E 71 52.28 8.03 24.42
N TYR E 72 51.37 7.21 23.87
CA TYR E 72 51.00 5.97 24.53
C TYR E 72 52.09 4.89 24.45
N GLN E 73 52.69 4.72 23.28
CA GLN E 73 53.67 3.65 23.13
C GLN E 73 54.94 3.97 23.93
N GLU E 74 55.28 5.25 24.02
CA GLU E 74 56.40 5.72 24.84
C GLU E 74 56.15 5.50 26.34
N SER E 75 54.88 5.67 26.78
CA SER E 75 54.46 5.29 28.12
C SER E 75 54.77 3.80 28.36
N MET E 76 54.60 2.99 27.33
CA MET E 76 54.86 1.55 27.47
C MET E 76 56.35 1.26 27.54
N LEU E 77 57.12 1.98 26.74
CA LEU E 77 58.56 1.92 26.73
C LEU E 77 59.10 2.24 28.11
N HIS E 78 58.64 3.36 28.68
CA HIS E 78 59.03 3.76 30.04
C HIS E 78 58.69 2.72 31.08
N SER E 79 57.51 2.12 31.00
CA SER E 79 57.08 1.12 32.04
C SER E 79 57.90 -0.19 31.97
N ALA E 80 58.36 -0.52 30.76
CA ALA E 80 59.15 -1.72 30.51
C ALA E 80 60.62 -1.55 30.90
N THR E 81 61.21 -0.37 30.63
CA THR E 81 62.66 -0.19 30.70
C THR E 81 63.20 0.42 32.03
N VAL E 82 62.39 1.28 32.66
CA VAL E 82 62.86 2.06 33.83
C VAL E 82 62.68 1.37 35.21
N PRO E 83 61.44 1.00 35.60
CA PRO E 83 61.21 0.52 36.98
C PRO E 83 62.08 -0.69 37.45
N GLY E 84 62.47 -1.53 36.50
CA GLY E 84 63.21 -2.75 36.81
C GLY E 84 64.71 -2.57 36.82
N VAL E 85 65.19 -1.37 36.53
CA VAL E 85 66.61 -1.05 36.70
C VAL E 85 66.91 -0.25 37.99
N LEU E 86 65.86 0.09 38.75
CA LEU E 86 65.97 0.98 39.91
C LEU E 86 66.40 0.30 41.22
N GLY E 87 66.59 -1.02 41.18
CA GLY E 87 67.04 -1.77 42.36
C GLY E 87 68.53 -1.65 42.71
N SER E 88 69.33 -1.10 41.81
CA SER E 88 70.72 -0.84 42.14
C SER E 88 71.63 -0.43 41.00
N ARG E 89 72.88 -0.15 41.36
CA ARG E 89 73.91 0.38 40.46
C ARG E 89 74.30 -0.58 39.36
N ASP E 90 74.18 -1.87 39.63
CA ASP E 90 74.66 -2.87 38.67
C ASP E 90 73.54 -3.72 38.04
N ALA E 91 72.28 -3.37 38.33
CA ALA E 91 71.11 -4.02 37.70
C ALA E 91 71.09 -3.88 36.18
N TRP E 92 71.58 -2.73 35.68
CA TRP E 92 71.64 -2.44 34.24
C TRP E 92 72.45 -3.45 33.43
N ARG E 93 73.34 -4.14 34.12
CA ARG E 93 74.26 -5.13 33.54
C ARG E 93 73.51 -6.34 32.99
N THR E 94 72.78 -7.03 33.87
CA THR E 94 72.00 -8.19 33.48
C THR E 94 70.58 -7.83 32.95
N PHE E 95 70.01 -6.74 33.46
CA PHE E 95 68.66 -6.28 33.04
C PHE E 95 68.38 -6.39 31.54
N ASN E 96 67.35 -7.18 31.20
CA ASN E 96 66.80 -7.19 29.83
C ASN E 96 65.28 -7.33 29.83
N VAL E 97 64.65 -6.69 28.86
CA VAL E 97 63.20 -6.70 28.73
C VAL E 97 62.89 -6.59 27.24
N PHE E 98 61.95 -7.41 26.76
CA PHE E 98 61.66 -7.56 25.31
C PHE E 98 62.93 -7.64 24.42
N GLY E 99 63.93 -8.39 24.89
CA GLY E 99 65.19 -8.56 24.16
C GLY E 99 66.00 -7.28 24.09
N LEU E 100 65.86 -6.43 25.09
CA LEU E 100 66.52 -5.12 25.12
C LEU E 100 67.26 -4.88 26.43
N SER E 101 68.41 -4.22 26.29
CA SER E 101 69.29 -3.89 27.41
C SER E 101 69.82 -2.45 27.32
N TRP E 102 70.29 -1.94 28.47
CA TRP E 102 70.85 -0.57 28.59
C TRP E 102 72.36 -0.53 28.29
N THR E 103 72.82 0.53 27.61
CA THR E 103 74.26 0.69 27.32
C THR E 103 75.13 0.89 28.57
N ASP E 104 74.57 1.56 29.59
CA ASP E 104 75.33 1.91 30.81
C ASP E 104 74.41 2.14 32.02
N GLU E 105 75.00 2.67 33.09
CA GLU E 105 74.24 2.98 34.30
C GLU E 105 73.40 4.25 34.13
N GLY E 106 73.88 5.19 33.30
CA GLY E 106 73.14 6.43 32.96
C GLY E 106 71.87 6.26 32.14
N LEU E 107 71.53 5.01 31.85
CA LEU E 107 70.38 4.64 31.02
C LEU E 107 70.41 5.41 29.69
N SER E 108 71.61 5.38 29.09
CA SER E 108 72.00 6.17 27.92
C SER E 108 71.30 5.72 26.64
N GLY E 109 71.35 4.41 26.37
CA GLY E 109 70.78 3.85 25.18
C GLY E 109 70.28 2.44 25.41
N LEU E 110 69.34 2.02 24.56
CA LEU E 110 68.84 0.64 24.57
C LEU E 110 69.32 -0.12 23.34
N VAL E 111 70.08 -1.19 23.57
CA VAL E 111 70.67 -2.02 22.52
C VAL E 111 70.17 -3.47 22.66
N ALA E 112 70.64 -4.36 21.78
CA ALA E 112 70.18 -5.76 21.83
C ALA E 112 70.71 -6.50 23.07
N ALA E 113 69.82 -7.23 23.73
CA ALA E 113 70.18 -8.06 24.89
C ALA E 113 70.98 -9.31 24.49
N GLN E 114 71.95 -9.69 25.33
CA GLN E 114 72.77 -10.89 25.09
C GLN E 114 71.96 -12.17 25.29
N ASP E 115 71.76 -12.92 24.19
CA ASP E 115 70.87 -14.09 24.20
C ASP E 115 71.60 -15.45 24.16
N PRO E 116 71.15 -16.42 24.98
CA PRO E 116 70.04 -16.31 25.95
C PRO E 116 70.28 -15.26 27.05
N PRO E 117 69.22 -14.54 27.45
CA PRO E 117 69.21 -13.49 28.49
C PRO E 117 70.13 -13.77 29.70
N PRO E 118 70.98 -12.78 30.08
CA PRO E 118 71.96 -12.91 31.17
C PRO E 118 71.30 -13.46 32.42
N ALA E 119 70.39 -12.68 33.01
CA ALA E 119 69.45 -13.20 33.99
C ALA E 119 68.11 -13.34 33.27
N ALA E 120 67.08 -13.76 33.99
CA ALA E 120 65.72 -13.75 33.47
C ALA E 120 65.37 -12.39 32.81
N PRO E 121 64.50 -12.38 31.77
CA PRO E 121 64.01 -11.07 31.29
C PRO E 121 62.96 -10.49 32.23
N TYR E 122 62.95 -9.16 32.36
CA TYR E 122 62.07 -8.42 33.30
C TYR E 122 60.58 -8.54 32.98
N GLN E 123 59.75 -8.72 34.01
CA GLN E 123 58.27 -8.70 33.84
C GLN E 123 57.60 -7.36 34.26
N PRO E 124 57.30 -6.48 33.28
CA PRO E 124 56.57 -5.25 33.55
C PRO E 124 55.43 -5.45 34.55
N ALA E 125 55.23 -4.48 35.44
CA ALA E 125 54.06 -4.49 36.33
C ALA E 125 53.06 -3.47 35.82
N SER E 126 51.79 -3.72 36.08
CA SER E 126 50.72 -2.89 35.54
C SER E 126 50.30 -1.84 36.57
N ALA E 127 50.40 -0.57 36.18
CA ALA E 127 49.82 0.52 37.00
C ALA E 127 50.48 0.54 38.35
N GLN E 128 51.81 0.65 38.31
CA GLN E 128 52.64 0.59 39.51
C GLN E 128 53.44 1.87 39.67
N TRP E 129 53.45 2.39 40.90
CA TRP E 129 54.30 3.54 41.33
C TRP E 129 55.74 3.10 41.61
N SER E 130 56.69 3.82 41.01
CA SER E 130 58.13 3.73 41.34
C SER E 130 58.62 5.07 41.86
N ASP E 131 59.53 5.03 42.85
CA ASP E 131 60.24 6.21 43.33
C ASP E 131 61.50 6.27 42.56
N LEU E 132 61.64 7.24 41.69
CA LEU E 132 62.76 7.24 40.77
C LEU E 132 64.08 7.53 41.48
N LEU E 133 64.03 8.14 42.67
CA LEU E 133 65.24 8.49 43.44
C LEU E 133 65.91 7.30 44.12
N ASN E 134 65.25 6.12 44.09
CA ASN E 134 65.86 4.86 44.52
C ASN E 134 67.05 4.48 43.69
N TYR E 135 67.10 5.00 42.47
CA TYR E 135 68.23 4.80 41.60
C TYR E 135 69.37 5.73 42.06
N PRO E 136 70.48 5.13 42.56
CA PRO E 136 71.56 5.92 43.18
C PRO E 136 72.28 6.91 42.24
N ARG E 137 72.39 6.60 40.95
CA ARG E 137 72.91 7.59 40.03
C ARG E 137 72.00 8.82 40.02
N TRP E 138 70.70 8.58 40.19
CA TRP E 138 69.70 9.65 40.17
C TRP E 138 69.61 10.42 41.52
N ALA E 139 69.64 9.71 42.65
CA ALA E 139 69.86 10.33 43.96
C ALA E 139 71.14 11.20 44.04
N ASN E 140 72.26 10.74 43.46
CA ASN E 140 73.52 11.50 43.47
C ASN E 140 73.59 12.61 42.37
N ARG E 141 73.29 12.24 41.13
CA ARG E 141 73.28 13.18 40.01
C ARG E 141 71.85 13.58 39.67
N ARG E 142 71.43 14.70 40.24
CA ARG E 142 70.05 15.12 40.18
C ARG E 142 69.66 15.72 38.84
N ARG E 143 70.59 16.38 38.15
CA ARG E 143 70.30 16.98 36.83
C ARG E 143 70.03 15.93 35.74
N GLU E 144 70.65 14.76 35.90
CA GLU E 144 70.39 13.57 35.05
C GLU E 144 68.95 12.99 35.13
N LEU E 145 68.32 13.05 36.29
CA LEU E 145 66.90 12.74 36.43
C LEU E 145 65.99 13.90 35.96
N GLN E 146 66.34 15.13 36.32
CA GLN E 146 65.55 16.32 35.96
C GLN E 146 65.45 16.47 34.45
N SER E 147 66.53 16.12 33.77
CA SER E 147 66.63 15.98 32.33
C SER E 147 65.52 15.06 31.78
N LYS E 148 65.44 13.86 32.35
CA LYS E 148 64.53 12.80 31.89
C LYS E 148 63.09 12.93 32.42
N TYR E 149 62.91 13.63 33.54
CA TYR E 149 61.61 13.63 34.25
C TYR E 149 60.36 14.13 33.51
N PRO E 150 60.47 15.22 32.72
CA PRO E 150 59.29 15.63 31.93
C PRO E 150 58.67 14.49 31.07
N LEU E 151 59.54 13.67 30.45
CA LEU E 151 59.13 12.54 29.60
C LEU E 151 58.45 11.45 30.42
N LEU E 152 59.06 11.12 31.56
CA LEU E 152 58.53 10.14 32.52
C LEU E 152 57.25 10.59 33.18
N LEU E 153 57.17 11.88 33.52
CA LEU E 153 55.94 12.44 34.06
C LEU E 153 54.84 12.48 33.00
N ARG E 154 55.20 12.81 31.77
CA ARG E 154 54.21 12.75 30.70
C ARG E 154 53.49 11.39 30.66
N SER E 155 54.27 10.30 30.81
CA SER E 155 53.79 8.91 30.79
C SER E 155 52.96 8.62 32.00
N THR E 156 53.49 9.04 33.15
CA THR E 156 52.83 8.94 34.43
C THR E 156 51.39 9.50 34.41
N LEU E 157 51.27 10.73 33.90
CA LEU E 157 50.00 11.46 33.79
C LEU E 157 49.02 10.85 32.78
N LEU E 158 49.52 10.34 31.65
CA LEU E 158 48.64 9.62 30.71
C LEU E 158 48.10 8.27 31.24
N SER E 159 48.96 7.49 31.92
CA SER E 159 48.52 6.25 32.58
C SER E 159 47.54 6.53 33.72
N ALA E 160 47.76 7.64 34.43
CA ALA E 160 46.93 8.06 35.57
C ALA E 160 45.55 8.54 35.11
N MET E 161 45.55 9.15 33.92
CA MET E 161 44.31 9.68 33.34
C MET E 161 43.37 8.55 32.91
N ARG E 162 42.08 8.73 33.18
CA ARG E 162 41.09 7.76 32.73
C ARG E 162 40.92 7.81 31.21
N ALA E 163 41.08 8.99 30.63
CA ALA E 163 40.84 9.21 29.23
C ALA E 163 42.08 9.86 28.54
N GLY E 164 41.91 10.97 27.82
CA GLY E 164 43.07 11.61 27.19
C GLY E 164 43.87 12.46 28.16
N PRO E 165 44.98 13.06 27.67
CA PRO E 165 46.03 13.72 28.46
C PRO E 165 45.61 15.03 29.11
N VAL E 166 46.21 15.31 30.28
CA VAL E 166 45.79 16.44 31.13
C VAL E 166 46.60 17.68 30.78
N LEU E 167 45.93 18.83 30.86
CA LEU E 167 46.57 20.14 30.76
C LEU E 167 46.61 20.86 32.13
N TYR E 168 47.72 21.52 32.39
CA TYR E 168 47.87 22.41 33.55
C TYR E 168 47.46 23.84 33.09
N VAL E 169 46.35 24.35 33.62
CA VAL E 169 45.78 25.60 33.10
C VAL E 169 45.74 26.71 34.16
N GLU E 170 46.61 27.71 33.99
CA GLU E 170 46.76 28.79 34.95
C GLU E 170 46.79 30.19 34.33
N THR E 171 46.00 31.10 34.94
CA THR E 171 46.03 32.55 34.64
C THR E 171 46.26 33.37 35.92
N TRP E 172 47.08 34.41 35.78
CA TRP E 172 47.37 35.34 36.89
C TRP E 172 47.26 36.84 36.44
N PRO E 173 46.98 37.76 37.42
CA PRO E 173 46.65 39.19 37.23
C PRO E 173 47.19 40.04 36.06
N ASN E 174 48.48 40.00 35.74
CA ASN E 174 48.87 40.36 34.35
C ASN E 174 49.95 39.54 33.72
N MET E 175 49.51 38.41 33.19
CA MET E 175 50.40 37.37 32.75
C MET E 175 51.25 37.84 31.61
N ILE E 176 50.64 38.30 30.53
CA ILE E 176 51.41 38.69 29.37
C ILE E 176 51.74 40.19 29.45
N SER E 177 52.89 40.49 30.04
CA SER E 177 53.41 41.85 30.17
C SER E 177 54.91 41.80 30.41
N GLY E 178 55.54 42.97 30.43
CA GLY E 178 56.99 43.05 30.48
C GLY E 178 57.61 42.23 29.38
N ARG E 179 58.68 41.51 29.73
CA ARG E 179 59.50 40.76 28.77
C ARG E 179 58.84 39.46 28.20
N LEU E 180 57.86 38.92 28.91
CA LEU E 180 57.02 37.86 28.38
C LEU E 180 56.26 38.33 27.13
N ALA E 181 55.51 39.44 27.27
CA ALA E 181 54.85 40.13 26.14
C ALA E 181 55.74 40.30 24.91
N ASP E 182 57.01 40.65 25.11
CA ASP E 182 57.97 40.87 24.01
C ASP E 182 58.40 39.58 23.36
N TRP E 183 58.31 38.49 24.13
CA TRP E 183 58.58 37.17 23.62
C TRP E 183 57.42 36.74 22.69
N PHE E 184 56.19 36.79 23.22
CA PHE E 184 54.95 36.63 22.44
C PHE E 184 54.90 37.53 21.20
N MET E 185 55.39 38.77 21.31
CA MET E 185 55.48 39.67 20.14
C MET E 185 56.37 39.13 19.01
N SER E 186 57.53 38.57 19.36
CA SER E 186 58.43 37.91 18.40
C SER E 186 57.85 36.60 17.83
N GLN E 187 56.80 36.10 18.48
CA GLN E 187 56.12 34.89 17.99
C GLN E 187 54.90 35.16 17.08
N TYR E 188 54.59 36.45 16.87
CA TYR E 188 53.49 36.85 15.96
C TYR E 188 53.45 36.04 14.64
N GLY E 189 52.30 35.44 14.37
CA GLY E 189 52.09 34.71 13.13
C GLY E 189 52.69 33.31 13.11
N ASN E 190 53.33 32.90 14.21
CA ASN E 190 53.75 31.50 14.40
C ASN E 190 52.55 30.64 14.77
N ASN E 191 52.62 29.36 14.42
CA ASN E 191 51.58 28.38 14.83
C ASN E 191 51.87 27.76 16.22
N PHE E 192 50.80 27.52 16.97
CA PHE E 192 50.87 27.04 18.35
C PHE E 192 51.82 25.87 18.56
N VAL E 193 51.63 24.79 17.80
CA VAL E 193 52.50 23.59 17.81
C VAL E 193 54.01 23.90 17.67
N ASP E 194 54.36 24.84 16.80
CA ASP E 194 55.76 25.20 16.56
C ASP E 194 56.35 26.05 17.68
N MET E 195 55.49 26.77 18.38
CA MET E 195 55.92 27.52 19.54
C MET E 195 56.16 26.55 20.69
N CYS E 196 55.32 25.52 20.76
CA CYS E 196 55.47 24.48 21.78
C CYS E 196 56.80 23.75 21.58
N ALA E 197 57.10 23.41 20.34
CA ALA E 197 58.33 22.70 19.97
C ALA E 197 59.61 23.46 20.30
N ARG E 198 59.61 24.77 20.03
CA ARG E 198 60.78 25.62 20.30
C ARG E 198 61.04 25.67 21.80
N LEU E 199 59.97 25.82 22.59
CA LEU E 199 60.07 25.84 24.05
C LEU E 199 60.55 24.52 24.66
N THR E 200 60.08 23.40 24.10
CA THR E 200 60.54 22.05 24.46
C THR E 200 62.05 21.89 24.19
N GLN E 201 62.48 22.38 23.03
CA GLN E 201 63.87 22.31 22.58
C GLN E 201 64.80 23.19 23.43
N SER E 202 64.42 24.45 23.64
CA SER E 202 65.19 25.40 24.48
C SER E 202 64.97 25.18 25.98
N CYS E 203 64.20 24.14 26.33
CA CYS E 203 64.05 23.70 27.72
C CYS E 203 64.84 22.43 27.97
N SER E 204 65.59 21.97 26.96
CA SER E 204 66.37 20.71 27.05
C SER E 204 67.66 20.81 27.89
N ASN E 205 68.15 22.03 28.11
CA ASN E 205 69.16 22.26 29.15
C ASN E 205 68.62 21.85 30.54
N MET E 206 67.42 22.37 30.87
CA MET E 206 66.63 22.06 32.09
C MET E 206 67.08 22.73 33.42
N PRO E 207 67.78 23.90 33.34
CA PRO E 207 67.50 24.81 34.45
C PRO E 207 66.14 25.46 34.18
N VAL E 208 65.09 24.85 34.72
CA VAL E 208 63.75 25.42 34.69
C VAL E 208 63.27 25.52 36.13
N GLU E 209 63.34 26.72 36.69
CA GLU E 209 62.88 26.97 38.05
C GLU E 209 61.40 27.34 38.03
N PRO E 210 60.64 26.94 39.08
CA PRO E 210 59.21 27.17 39.25
C PRO E 210 58.68 28.62 39.34
N ASP E 211 59.28 29.57 38.62
CA ASP E 211 58.58 30.83 38.22
C ASP E 211 59.51 31.70 37.35
N GLY E 212 60.54 31.06 36.79
CA GLY E 212 61.41 31.72 35.85
C GLY E 212 60.77 31.99 34.50
N ASN E 213 61.58 32.48 33.57
CA ASN E 213 61.09 32.90 32.25
C ASN E 213 60.40 31.80 31.45
N TYR E 214 61.02 30.62 31.40
CA TYR E 214 60.51 29.45 30.65
C TYR E 214 59.17 28.90 31.19
N ASP E 215 59.13 28.70 32.52
CA ASP E 215 57.92 28.24 33.22
C ASP E 215 56.75 29.18 32.98
N GLN E 216 57.03 30.49 32.98
CA GLN E 216 55.99 31.48 32.71
C GLN E 216 55.55 31.49 31.25
N GLN E 217 56.51 31.34 30.34
CA GLN E 217 56.21 31.26 28.93
C GLN E 217 55.29 30.06 28.67
N MET E 218 55.66 28.90 29.21
CA MET E 218 54.90 27.69 28.96
C MET E 218 53.50 27.78 29.49
N ARG E 219 53.37 28.25 30.73
CA ARG E 219 52.06 28.34 31.38
C ARG E 219 51.13 29.31 30.66
N ALA E 220 51.66 30.44 30.22
CA ALA E 220 50.84 31.44 29.52
C ALA E 220 50.56 30.95 28.09
N LEU E 221 51.53 30.29 27.48
CA LEU E 221 51.34 29.71 26.15
C LEU E 221 50.18 28.71 26.18
N ILE E 222 50.13 27.86 27.21
CA ILE E 222 49.03 26.87 27.35
C ILE E 222 47.63 27.48 27.51
N SER E 223 47.49 28.41 28.45
CA SER E 223 46.20 28.98 28.80
C SER E 223 45.71 30.02 27.77
N LEU E 224 46.64 30.73 27.14
CA LEU E 224 46.30 31.51 25.98
C LEU E 224 45.63 30.62 24.91
N TRP E 225 46.35 29.58 24.45
CA TRP E 225 45.81 28.67 23.42
C TRP E 225 44.49 28.06 23.89
N LEU E 226 44.47 27.45 25.07
CA LEU E 226 43.24 26.82 25.53
C LEU E 226 42.04 27.76 25.47
N LEU E 227 42.20 28.98 25.99
CA LEU E 227 41.09 29.95 25.95
C LEU E 227 40.70 30.39 24.52
N SER E 228 41.68 30.49 23.62
CA SER E 228 41.39 30.60 22.18
C SER E 228 40.57 29.39 21.63
N TYR E 229 40.98 28.18 22.04
CA TYR E 229 40.40 26.90 21.63
C TYR E 229 38.93 26.75 22.04
N ILE E 230 38.55 27.32 23.16
CA ILE E 230 37.15 27.23 23.62
C ILE E 230 36.34 28.44 23.14
N GLY E 231 37.04 29.36 22.44
CA GLY E 231 36.44 30.54 21.86
C GLY E 231 36.24 31.75 22.76
N VAL E 232 36.52 31.64 24.07
CA VAL E 232 36.36 32.83 24.98
C VAL E 232 37.43 33.95 24.73
N VAL E 233 38.66 33.53 24.47
CA VAL E 233 39.68 34.41 23.96
C VAL E 233 39.68 34.35 22.42
N ASN E 234 39.36 35.49 21.82
CA ASN E 234 39.34 35.63 20.38
C ASN E 234 39.67 37.08 20.08
N GLN E 235 39.70 37.43 18.80
CA GLN E 235 40.14 38.73 18.32
C GLN E 235 39.41 39.90 18.96
N THR E 236 38.21 39.67 19.52
CA THR E 236 37.43 40.74 20.11
C THR E 236 37.62 40.78 21.63
N ASN E 237 38.39 39.83 22.14
CA ASN E 237 38.62 39.64 23.57
C ASN E 237 39.96 38.93 23.76
N THR E 238 41.04 39.72 23.70
CA THR E 238 42.42 39.26 23.80
C THR E 238 43.00 39.26 25.23
N ILE E 239 44.14 38.61 25.40
CA ILE E 239 44.93 38.76 26.61
C ILE E 239 46.15 39.57 26.26
N SER E 240 46.20 40.83 26.72
CA SER E 240 47.28 41.75 26.36
C SER E 240 47.43 41.91 24.84
N GLY E 241 46.30 41.83 24.13
CA GLY E 241 46.30 41.98 22.68
C GLY E 241 46.47 40.70 21.88
N PHE E 242 46.91 39.64 22.56
CA PHE E 242 47.22 38.35 21.92
C PHE E 242 46.05 37.39 21.90
N TYR E 243 46.04 36.54 20.88
CA TYR E 243 45.03 35.48 20.74
C TYR E 243 45.50 34.50 19.68
N PHE E 244 45.03 33.25 19.77
CA PHE E 244 45.23 32.26 18.69
C PHE E 244 44.01 32.22 17.74
N SER E 245 44.30 31.99 16.46
CA SER E 245 43.28 32.02 15.45
C SER E 245 43.34 30.74 14.60
N SER E 246 42.16 30.21 14.27
CA SER E 246 42.04 29.10 13.31
C SER E 246 41.00 29.42 12.23
N LYS E 247 41.40 29.26 10.97
CA LYS E 247 40.48 29.36 9.83
C LYS E 247 39.35 28.35 9.95
N THR E 248 39.70 27.12 10.33
CA THR E 248 38.69 26.07 10.61
C THR E 248 38.57 25.73 12.11
N ARG E 249 37.45 25.11 12.50
CA ARG E 249 37.29 24.63 13.88
C ARG E 249 36.62 23.26 13.99
N GLY E 250 37.36 22.29 14.55
CA GLY E 250 36.82 20.96 14.86
C GLY E 250 37.00 19.97 13.71
N GLN E 251 38.01 20.20 12.89
CA GLN E 251 38.23 19.36 11.71
C GLN E 251 39.71 19.28 11.33
N ALA E 252 39.99 18.63 10.20
CA ALA E 252 41.33 18.16 9.85
C ALA E 252 42.31 19.31 9.66
N LEU E 253 41.76 20.44 9.21
CA LEU E 253 42.57 21.60 8.82
C LEU E 253 42.71 22.62 9.97
N ASP E 254 42.41 22.22 11.20
CA ASP E 254 42.62 23.10 12.36
C ASP E 254 44.09 23.41 12.55
N SER E 255 44.38 24.70 12.57
CA SER E 255 45.71 25.19 12.80
C SER E 255 45.49 26.50 13.55
N TRP E 256 46.34 26.71 14.57
CA TRP E 256 46.21 27.84 15.48
C TRP E 256 47.42 28.69 15.36
N THR E 257 47.21 29.90 14.85
CA THR E 257 48.27 30.86 14.61
C THR E 257 48.09 32.02 15.57
N LEU E 258 49.21 32.49 16.12
CA LEU E 258 49.21 33.62 17.06
C LEU E 258 49.11 35.00 16.37
N PHE E 259 48.03 35.72 16.65
CA PHE E 259 47.92 37.10 16.20
C PHE E 259 47.82 38.09 17.35
N TYR E 260 47.80 39.37 16.99
CA TYR E 260 47.88 40.48 17.95
C TYR E 260 47.10 41.69 17.42
N THR E 261 46.18 42.19 18.25
CA THR E 261 45.51 43.46 17.97
C THR E 261 45.94 44.60 18.92
N THR E 262 45.71 45.84 18.46
CA THR E 262 45.90 47.07 19.25
C THR E 262 44.53 47.60 19.71
N ASN E 263 43.60 47.57 18.76
CA ASN E 263 42.26 48.16 18.89
C ASN E 263 41.20 47.39 19.70
N THR E 264 41.33 46.06 19.79
CA THR E 264 40.24 45.23 20.35
C THR E 264 40.41 45.00 21.85
N ASN E 265 39.30 44.69 22.52
CA ASN E 265 39.23 44.52 23.97
C ASN E 265 40.30 43.59 24.56
N ARG E 266 40.68 43.91 25.78
CA ARG E 266 41.72 43.19 26.52
C ARG E 266 41.16 42.83 27.89
N VAL E 267 41.31 41.56 28.26
CA VAL E 267 40.80 41.04 29.53
C VAL E 267 41.60 41.58 30.71
N GLN E 268 40.99 41.58 31.87
CA GLN E 268 41.62 42.12 33.04
C GLN E 268 41.54 41.07 34.09
N ILE E 269 42.58 40.24 34.15
CA ILE E 269 42.65 39.20 35.16
C ILE E 269 42.93 39.87 36.52
N THR E 270 42.19 39.45 37.53
CA THR E 270 42.02 40.18 38.78
C THR E 270 42.47 39.29 39.95
N GLN E 271 42.56 37.99 39.65
CA GLN E 271 43.07 37.02 40.60
C GLN E 271 43.71 35.83 39.88
N ARG E 272 44.33 34.94 40.64
CA ARG E 272 44.88 33.71 40.11
C ARG E 272 43.75 32.74 39.80
N HIS E 273 43.91 32.02 38.68
CA HIS E 273 42.97 30.95 38.29
C HIS E 273 43.71 29.67 37.96
N PHE E 274 43.22 28.55 38.47
CA PHE E 274 43.87 27.27 38.14
C PHE E 274 42.90 26.13 37.79
N ALA E 275 43.22 25.43 36.69
CA ALA E 275 42.51 24.17 36.36
C ALA E 275 43.40 23.07 35.78
N TYR E 276 43.11 21.85 36.19
CA TYR E 276 43.54 20.64 35.41
C TYR E 276 42.40 20.31 34.46
N VAL E 277 42.69 20.30 33.15
CA VAL E 277 41.70 20.01 32.12
C VAL E 277 42.18 18.88 31.22
N CYS E 278 41.49 17.74 31.24
CA CYS E 278 41.84 16.64 30.34
C CYS E 278 40.93 16.60 29.13
N ALA E 279 41.41 15.91 28.10
CA ALA E 279 40.62 15.64 26.92
C ALA E 279 39.80 14.42 27.25
N ARG E 280 38.48 14.51 27.15
CA ARG E 280 37.61 13.36 27.37
C ARG E 280 37.58 12.34 26.20
N SER E 281 37.42 12.85 24.97
CA SER E 281 37.05 11.96 23.90
C SER E 281 38.27 11.47 23.13
N PRO E 282 38.17 10.27 22.49
CA PRO E 282 39.32 9.62 21.83
C PRO E 282 39.90 10.38 20.65
N ASP E 283 39.17 11.36 20.12
CA ASP E 283 39.65 12.31 19.11
C ASP E 283 40.87 13.15 19.55
N TRP E 284 41.16 13.10 20.85
CA TRP E 284 42.44 13.66 21.34
C TRP E 284 43.63 13.09 20.54
N ASN E 285 43.52 11.82 20.14
CA ASN E 285 44.60 11.11 19.43
C ASN E 285 45.01 11.80 18.13
N VAL E 286 44.13 12.66 17.65
CA VAL E 286 44.38 13.27 16.36
C VAL E 286 44.61 14.81 16.43
N ASP E 287 44.30 15.38 17.60
CA ASP E 287 44.51 16.80 17.92
C ASP E 287 45.96 17.08 18.31
N LYS E 288 46.75 17.54 17.34
CA LYS E 288 48.16 17.88 17.54
C LYS E 288 48.37 19.03 18.53
N SER E 289 47.36 19.90 18.67
CA SER E 289 47.45 21.06 19.56
C SER E 289 47.25 20.68 21.00
N TRP E 290 46.18 19.96 21.26
CA TRP E 290 45.99 19.36 22.57
C TRP E 290 47.22 18.60 23.04
N ILE E 291 47.84 17.87 22.13
CA ILE E 291 49.00 17.07 22.44
C ILE E 291 50.23 17.93 22.72
N ALA E 292 50.36 19.01 21.95
CA ALA E 292 51.40 20.04 22.15
C ALA E 292 51.30 20.57 23.59
N ALA E 293 50.15 21.15 23.92
CA ALA E 293 49.85 21.62 25.26
C ALA E 293 50.07 20.58 26.39
N ALA E 294 49.75 19.31 26.13
CA ALA E 294 49.92 18.23 27.14
C ALA E 294 51.39 17.87 27.37
N ASN E 295 52.20 18.13 26.36
CA ASN E 295 53.64 17.97 26.48
C ASN E 295 54.31 19.11 27.29
N LEU E 296 53.91 20.37 27.03
CA LEU E 296 54.36 21.52 27.83
C LEU E 296 53.92 21.37 29.28
N THR E 297 52.67 20.97 29.48
CA THR E 297 52.18 20.56 30.79
C THR E 297 53.17 19.69 31.61
N ALA E 298 53.80 18.72 30.96
CA ALA E 298 54.59 17.73 31.69
C ALA E 298 55.92 18.37 32.06
N ILE E 299 56.33 19.33 31.25
CA ILE E 299 57.51 20.14 31.59
C ILE E 299 57.16 21.14 32.69
N VAL E 300 56.01 21.81 32.57
CA VAL E 300 55.48 22.71 33.63
C VAL E 300 55.35 21.98 34.98
N MET E 301 54.75 20.78 34.94
CA MET E 301 54.51 20.02 36.17
C MET E 301 55.77 19.38 36.72
N ALA E 302 56.76 19.17 35.85
CA ALA E 302 58.04 18.52 36.22
C ALA E 302 58.90 19.31 37.19
N CYS E 303 58.81 20.64 37.09
CA CYS E 303 59.76 21.54 37.72
C CYS E 303 59.32 21.92 39.13
N ARG E 304 58.03 21.70 39.42
CA ARG E 304 57.42 22.14 40.67
C ARG E 304 56.78 20.98 41.43
N GLN E 305 56.29 21.27 42.64
CA GLN E 305 55.22 20.45 43.22
C GLN E 305 53.89 21.08 42.83
N PRO E 306 53.16 20.41 41.92
CA PRO E 306 51.93 20.92 41.31
C PRO E 306 50.74 20.63 42.25
N PRO E 307 49.54 21.19 41.95
CA PRO E 307 48.38 20.74 42.75
C PRO E 307 48.16 19.23 42.68
N VAL E 308 47.77 18.69 43.82
CA VAL E 308 47.41 17.30 44.04
C VAL E 308 46.01 16.97 43.47
N PHE E 309 45.94 16.00 42.55
CA PHE E 309 44.67 15.55 41.94
C PHE E 309 43.63 15.05 42.93
N ALA E 310 42.37 15.42 42.69
CA ALA E 310 41.24 14.66 43.17
C ALA E 310 41.38 13.18 42.75
N ASN E 311 41.17 12.27 43.71
CA ASN E 311 41.12 10.84 43.40
C ASN E 311 40.18 10.45 42.25
N GLN E 312 39.07 11.17 42.09
CA GLN E 312 38.06 10.88 41.05
C GLN E 312 38.63 11.19 39.68
N GLY E 313 39.58 12.14 39.64
CA GLY E 313 40.16 12.56 38.38
C GLY E 313 41.23 11.67 37.81
N VAL E 314 41.62 10.65 38.57
CA VAL E 314 42.64 9.64 38.16
C VAL E 314 42.04 8.22 38.27
N ILE E 315 42.65 7.23 37.56
CA ILE E 315 42.21 5.80 37.61
C ILE E 315 42.48 5.21 39.02
N ASN E 316 41.79 4.13 39.38
CA ASN E 316 41.84 3.62 40.78
C ASN E 316 43.24 3.32 41.35
N GLN E 317 44.09 2.74 40.52
CA GLN E 317 45.43 2.31 40.92
C GLN E 317 46.35 3.50 41.16
N ALA E 318 45.90 4.70 40.76
CA ALA E 318 46.68 5.95 40.84
C ALA E 318 46.17 6.83 41.98
N GLN E 319 45.16 6.34 42.67
CA GLN E 319 44.57 7.06 43.78
C GLN E 319 45.44 6.98 45.04
N ASN E 320 45.39 8.04 45.86
CA ASN E 320 46.10 8.11 47.15
C ASN E 320 47.63 7.94 47.09
N ARG E 321 48.23 8.32 45.98
CA ARG E 321 49.66 8.57 45.93
C ARG E 321 50.00 9.95 46.55
N PRO E 322 50.79 9.96 47.66
CA PRO E 322 51.13 11.17 48.44
C PRO E 322 51.90 12.23 47.65
N GLY E 323 51.32 13.42 47.54
CA GLY E 323 51.88 14.51 46.76
C GLY E 323 51.41 14.51 45.32
N PHE E 324 50.61 13.50 44.96
CA PHE E 324 50.11 13.32 43.60
C PHE E 324 48.59 13.31 43.60
N SER E 325 47.97 12.48 44.44
CA SER E 325 46.49 12.31 44.51
C SER E 325 45.98 12.12 45.94
N MET E 326 44.74 12.53 46.18
CA MET E 326 44.18 12.64 47.51
C MET E 326 42.67 12.70 47.37
N ASN E 327 41.95 12.33 48.44
CA ASN E 327 40.53 12.70 48.56
C ASN E 327 40.45 14.19 48.78
N GLY E 328 39.53 14.83 48.06
CA GLY E 328 39.30 16.27 48.14
C GLY E 328 40.37 17.11 47.47
N GLY E 329 40.90 16.62 46.35
CA GLY E 329 42.00 17.29 45.66
C GLY E 329 41.49 18.17 44.56
N THR E 330 42.38 18.57 43.67
CA THR E 330 41.99 19.46 42.58
C THR E 330 41.22 18.64 41.54
N PRO E 331 39.98 19.09 41.19
CA PRO E 331 39.20 18.37 40.19
C PRO E 331 39.95 18.31 38.87
N VAL E 332 39.72 17.25 38.11
CA VAL E 332 40.23 17.19 36.74
C VAL E 332 39.01 17.43 35.91
N HIS E 333 38.96 18.56 35.24
CA HIS E 333 37.86 18.86 34.35
C HIS E 333 38.11 18.19 33.00
N GLU E 334 37.01 17.86 32.31
CA GLU E 334 37.05 17.09 31.05
C GLU E 334 36.42 17.88 29.96
N LEU E 335 37.03 17.82 28.77
CA LEU E 335 36.43 18.38 27.56
C LEU E 335 36.21 17.33 26.48
N ASN E 336 34.98 17.24 25.99
CA ASN E 336 34.71 16.48 24.75
C ASN E 336 35.12 17.39 23.62
N LEU E 337 36.00 16.93 22.74
CA LEU E 337 36.61 17.83 21.78
C LEU E 337 35.63 18.36 20.73
N LEU E 338 34.60 17.56 20.38
CA LEU E 338 33.59 18.00 19.40
C LEU E 338 32.65 19.01 20.04
N THR E 339 32.04 18.65 21.17
CA THR E 339 31.26 19.60 21.95
C THR E 339 31.98 20.97 22.16
N THR E 340 33.27 20.93 22.46
CA THR E 340 34.12 22.13 22.59
C THR E 340 34.23 22.94 21.28
N ALA E 341 34.51 22.28 20.16
CA ALA E 341 34.56 22.96 18.86
C ALA E 341 33.20 23.59 18.48
N GLN E 342 32.11 23.00 18.99
CA GLN E 342 30.78 23.53 18.82
C GLN E 342 30.59 24.85 19.57
N GLU E 343 31.07 24.92 20.82
CA GLU E 343 31.03 26.18 21.60
C GLU E 343 31.98 27.27 21.06
N CYS E 344 33.17 26.88 20.64
CA CYS E 344 34.09 27.83 20.06
C CYS E 344 33.47 28.54 18.83
N ILE E 345 32.97 27.76 17.88
CA ILE E 345 32.24 28.32 16.72
C ILE E 345 31.05 29.18 17.17
N ARG E 346 30.31 28.72 18.17
CA ARG E 346 29.20 29.48 18.72
C ARG E 346 29.65 30.80 19.39
N GLN E 347 30.82 30.80 20.04
CA GLN E 347 31.44 32.01 20.57
C GLN E 347 31.81 32.95 19.41
N TRP E 348 32.45 32.40 18.38
CA TRP E 348 32.78 33.18 17.18
C TRP E 348 31.55 33.89 16.59
N VAL E 349 30.41 33.21 16.55
CA VAL E 349 29.17 33.81 16.05
C VAL E 349 28.59 34.84 17.04
N MET E 350 28.54 34.49 18.32
CA MET E 350 28.13 35.42 19.35
C MET E 350 28.98 36.71 19.41
N ALA E 351 30.24 36.63 18.97
CA ALA E 351 31.14 37.80 18.94
C ALA E 351 31.05 38.58 17.63
N GLY E 352 30.42 37.97 16.63
CA GLY E 352 30.37 38.55 15.29
C GLY E 352 31.58 38.27 14.42
N LEU E 353 32.39 37.26 14.80
CA LEU E 353 33.59 36.90 14.01
C LEU E 353 33.27 36.05 12.78
N VAL E 354 32.13 35.37 12.82
CA VAL E 354 31.61 34.70 11.63
C VAL E 354 30.11 35.00 11.47
N SER E 355 29.57 34.75 10.26
CA SER E 355 28.12 34.79 10.02
C SER E 355 27.37 33.76 10.90
N ALA E 356 26.06 33.90 11.02
CA ALA E 356 25.23 32.79 11.49
C ALA E 356 25.31 31.64 10.47
N ALA E 357 25.42 32.01 9.19
CA ALA E 357 25.57 31.05 8.10
C ALA E 357 26.90 30.31 8.23
N LYS E 358 28.02 31.04 8.13
CA LYS E 358 29.36 30.44 8.27
C LYS E 358 29.54 29.65 9.60
N GLY E 359 28.72 29.97 10.59
CA GLY E 359 28.68 29.26 11.87
C GLY E 359 28.01 27.92 11.72
N GLN E 360 27.06 27.83 10.79
CA GLN E 360 26.37 26.58 10.48
C GLN E 360 27.23 25.65 9.64
N ALA E 361 27.91 26.19 8.64
CA ALA E 361 28.83 25.42 7.80
C ALA E 361 30.03 24.89 8.57
N LEU E 362 30.61 25.72 9.44
CA LEU E 362 31.70 25.32 10.35
C LEU E 362 31.29 24.22 11.33
N THR E 363 30.09 24.33 11.89
CA THR E 363 29.55 23.29 12.78
C THR E 363 29.22 21.99 12.00
N GLN E 364 28.89 22.13 10.72
CA GLN E 364 28.65 20.98 9.84
C GLN E 364 29.95 20.25 9.57
N GLU E 365 30.95 20.97 9.05
CA GLU E 365 32.31 20.45 8.92
C GLU E 365 32.82 19.69 10.16
N ALA E 366 32.39 20.14 11.35
CA ALA E 366 32.90 19.61 12.62
C ALA E 366 32.29 18.26 12.96
N ASN E 367 30.97 18.16 12.85
CA ASN E 367 30.27 16.89 13.04
C ASN E 367 30.73 15.81 12.06
N ASP E 368 30.93 16.21 10.80
CA ASP E 368 31.29 15.25 9.76
C ASP E 368 32.68 14.69 9.98
N PHE E 369 33.58 15.49 10.54
CA PHE E 369 34.93 15.01 10.85
C PHE E 369 34.92 14.17 12.12
N SER E 370 34.12 14.56 13.09
CA SER E 370 33.99 13.78 14.31
C SER E 370 33.40 12.38 14.04
N ASN E 371 32.44 12.29 13.12
CA ASN E 371 31.92 11.01 12.62
C ASN E 371 32.97 10.15 11.90
N LEU E 372 33.79 10.78 11.07
CA LEU E 372 34.86 10.10 10.33
C LEU E 372 35.91 9.59 11.31
N ILE E 373 36.31 10.47 12.22
CA ILE E 373 37.32 10.13 13.22
C ILE E 373 36.82 9.06 14.23
N GLN E 374 35.57 9.20 14.70
CA GLN E 374 34.91 8.21 15.57
C GLN E 374 34.80 6.81 14.96
N ALA E 375 34.56 6.75 13.64
CA ALA E 375 34.54 5.48 12.89
C ALA E 375 35.93 4.83 12.79
N ASP E 376 36.94 5.59 12.36
CA ASP E 376 38.33 5.06 12.22
C ASP E 376 39.04 4.69 13.55
N LEU E 377 38.74 5.41 14.63
CA LEU E 377 39.28 5.08 15.95
C LEU E 377 38.52 3.89 16.52
N GLY E 378 37.24 3.79 16.17
CA GLY E 378 36.46 2.61 16.50
C GLY E 378 37.02 1.33 15.88
N GLN E 379 37.50 1.44 14.64
CA GLN E 379 38.15 0.34 13.94
C GLN E 379 39.36 -0.12 14.72
N ILE E 380 40.27 0.82 14.96
CA ILE E 380 41.55 0.58 15.66
C ILE E 380 41.31 0.00 17.06
N LYS E 381 40.38 0.57 17.82
CA LYS E 381 40.01 -0.02 19.12
C LYS E 381 39.60 -1.50 18.99
N ALA E 382 38.57 -1.78 18.19
CA ALA E 382 37.97 -3.12 18.13
C ALA E 382 39.02 -4.17 17.72
N GLN E 383 39.79 -3.82 16.72
CA GLN E 383 40.93 -4.62 16.28
C GLN E 383 42.00 -4.82 17.36
N ASP E 384 42.44 -3.71 17.99
CA ASP E 384 43.39 -3.74 19.09
C ASP E 384 42.93 -4.62 20.28
N ASP E 385 41.69 -4.45 20.70
CA ASP E 385 41.14 -5.22 21.80
C ASP E 385 41.19 -6.73 21.53
N ALA E 386 40.54 -7.16 20.44
CA ALA E 386 40.55 -8.54 19.93
C ALA E 386 41.97 -9.10 19.88
N LEU E 387 42.84 -8.43 19.13
CA LEU E 387 44.18 -8.94 18.89
C LEU E 387 45.03 -9.01 20.17
N TYR E 388 44.99 -7.97 20.99
CA TYR E 388 45.62 -8.01 22.31
C TYR E 388 45.08 -9.17 23.15
N ASN E 389 43.79 -9.43 23.04
CA ASN E 389 43.21 -10.49 23.85
C ASN E 389 43.53 -11.92 23.39
N GLN E 390 43.83 -12.09 22.10
CA GLN E 390 43.92 -13.42 21.48
C GLN E 390 45.32 -13.71 20.94
N GLN E 391 46.02 -12.66 20.52
CA GLN E 391 47.30 -12.80 19.82
C GLN E 391 48.48 -12.34 20.71
N PRO E 392 49.26 -13.31 21.27
CA PRO E 392 50.37 -12.96 22.17
C PRO E 392 51.45 -12.14 21.45
N GLY E 393 52.02 -11.15 22.14
CA GLY E 393 53.07 -10.33 21.58
C GLY E 393 52.50 -9.17 20.81
N TYR E 394 51.19 -9.03 20.84
CA TYR E 394 50.53 -7.96 20.12
C TYR E 394 50.82 -6.56 20.71
N ALA E 395 51.18 -5.63 19.80
CA ALA E 395 51.46 -4.23 20.10
C ALA E 395 50.24 -3.32 19.80
N ARG E 396 49.71 -2.69 20.84
CA ARG E 396 48.58 -1.73 20.70
C ARG E 396 49.04 -0.46 20.04
N ARG E 397 48.14 0.16 19.30
CA ARG E 397 48.49 1.31 18.47
C ARG E 397 48.15 2.66 19.13
N ILE E 398 47.12 2.66 19.98
CA ILE E 398 46.66 3.82 20.71
C ILE E 398 46.27 3.38 22.11
N LYS E 399 46.16 4.34 23.01
CA LYS E 399 45.66 4.07 24.36
C LYS E 399 44.27 3.41 24.31
N PRO E 400 44.05 2.34 25.11
CA PRO E 400 42.66 1.86 25.25
C PRO E 400 41.65 2.96 25.62
N PHE E 401 40.45 2.88 25.04
CA PHE E 401 39.34 3.72 25.43
C PHE E 401 38.03 2.96 25.52
N VAL E 402 37.01 3.59 26.08
CA VAL E 402 35.67 3.02 26.18
C VAL E 402 34.72 3.91 25.38
N ASN E 403 33.62 3.34 24.87
CA ASN E 403 32.77 4.04 23.91
C ASN E 403 31.99 5.19 24.50
N GLY E 404 31.79 5.16 25.82
CA GLY E 404 31.12 6.23 26.50
C GLY E 404 31.88 7.55 26.50
N ASP E 405 33.18 7.50 26.16
CA ASP E 405 34.05 8.70 26.08
C ASP E 405 33.62 9.65 24.98
N TRP E 406 32.74 9.21 24.11
CA TRP E 406 32.28 10.01 23.01
C TRP E 406 31.11 10.92 23.38
N THR E 407 30.49 10.68 24.54
CA THR E 407 29.42 11.57 25.04
C THR E 407 29.98 12.91 25.54
N PRO E 408 29.11 13.94 25.70
CA PRO E 408 29.61 15.23 26.25
C PRO E 408 30.19 15.09 27.67
N GLY E 409 29.59 14.27 28.52
CA GLY E 409 30.02 14.15 29.91
C GLY E 409 29.94 15.51 30.62
N MET E 410 30.98 15.89 31.33
CA MET E 410 30.96 17.14 32.08
C MET E 410 31.55 18.35 31.38
N THR E 411 31.46 18.39 30.04
CA THR E 411 32.05 19.47 29.24
C THR E 411 31.49 20.88 29.61
N ALA E 412 30.17 20.99 29.78
CA ALA E 412 29.51 22.25 30.14
C ALA E 412 30.08 22.84 31.44
N GLN E 413 30.21 22.00 32.46
CA GLN E 413 30.91 22.35 33.68
C GLN E 413 32.35 22.91 33.43
N ALA E 414 33.12 22.24 32.57
CA ALA E 414 34.52 22.64 32.32
C ALA E 414 34.61 23.95 31.58
N LEU E 415 33.65 24.20 30.71
CA LEU E 415 33.61 25.43 29.92
C LEU E 415 33.18 26.64 30.76
N ALA E 416 32.28 26.43 31.71
CA ALA E 416 31.82 27.51 32.56
C ALA E 416 32.93 27.93 33.52
N VAL E 417 33.61 26.93 34.10
CA VAL E 417 34.81 27.14 34.91
C VAL E 417 35.91 27.87 34.14
N LEU E 418 36.18 27.45 32.91
CA LEU E 418 37.22 28.12 32.12
C LEU E 418 36.85 29.54 31.73
N ALA E 419 35.56 29.81 31.50
CA ALA E 419 35.13 31.16 31.12
C ALA E 419 35.60 32.21 32.20
N THR E 420 35.59 31.79 33.48
CA THR E 420 35.98 32.65 34.61
C THR E 420 37.46 33.02 34.69
N PHE E 421 38.29 32.42 33.85
CA PHE E 421 39.77 32.51 33.95
C PHE E 421 40.29 33.83 33.45
N THR E 422 39.35 34.73 33.15
CA THR E 422 39.61 35.95 32.43
C THR E 422 39.22 37.13 33.35
N ALA E 423 38.83 36.76 34.58
CA ALA E 423 38.12 37.62 35.50
C ALA E 423 39.04 38.17 36.57
N THR F 7 43.71 35.18 90.78
CA THR F 7 44.45 36.06 91.73
C THR F 7 45.91 35.61 91.99
N MET F 8 46.22 34.36 91.66
CA MET F 8 47.54 33.81 91.94
C MET F 8 48.58 34.07 90.84
N ALA F 9 49.70 34.68 91.23
CA ALA F 9 50.86 34.91 90.33
C ALA F 9 51.50 33.62 89.84
N ARG F 10 52.21 33.70 88.71
CA ARG F 10 52.83 32.53 88.12
C ARG F 10 54.11 32.20 88.84
N ALA F 11 54.31 30.91 89.14
CA ALA F 11 55.55 30.47 89.74
C ALA F 11 56.25 29.37 88.94
N ILE F 12 55.53 28.71 88.04
CA ILE F 12 56.09 27.63 87.24
C ILE F 12 56.15 27.98 85.76
N TYR F 13 57.36 27.96 85.23
CA TYR F 13 57.59 28.43 83.88
C TYR F 13 57.97 27.26 82.99
N ASP F 14 56.98 26.50 82.53
CA ASP F 14 57.26 25.40 81.58
C ASP F 14 57.25 25.82 80.13
N PHE F 15 57.89 24.99 79.32
CA PHE F 15 57.77 25.05 77.89
C PHE F 15 57.47 23.61 77.40
N PHE F 16 56.55 23.46 76.46
CA PHE F 16 56.36 22.19 75.77
C PHE F 16 56.81 22.39 74.32
N SER F 17 57.73 21.57 73.84
CA SER F 17 58.22 21.66 72.47
C SER F 17 57.28 21.04 71.41
N THR F 18 57.44 21.46 70.15
CA THR F 18 56.61 21.01 69.05
C THR F 18 56.80 19.49 68.83
N PRO F 19 55.67 18.70 68.81
CA PRO F 19 55.74 17.30 68.39
C PRO F 19 56.19 17.23 66.94
N PHE F 20 57.02 16.25 66.62
CA PHE F 20 57.40 16.00 65.23
C PHE F 20 57.56 14.51 65.04
N GLY F 21 57.60 14.04 63.79
CA GLY F 21 57.71 12.60 63.55
C GLY F 21 59.11 12.06 63.17
N ASN F 22 59.11 11.23 62.14
CA ASN F 22 60.25 10.49 61.63
C ASN F 22 61.47 11.31 61.22
N ARG F 23 61.26 12.51 60.66
CA ARG F 23 62.39 13.24 60.05
C ARG F 23 62.81 14.49 60.83
N GLY F 24 62.49 14.49 62.11
CA GLY F 24 62.86 15.59 63.00
C GLY F 24 61.92 16.77 62.89
N LEU F 25 62.34 17.87 63.49
CA LEU F 25 61.58 19.11 63.49
C LEU F 25 61.44 19.67 62.07
N ALA F 26 60.21 20.06 61.75
CA ALA F 26 59.81 20.27 60.39
C ALA F 26 60.09 21.72 60.00
N THR F 27 61.36 22.11 60.16
CA THR F 27 61.74 23.47 59.89
C THR F 27 63.12 23.41 59.31
N ASN F 28 63.66 24.57 58.94
CA ASN F 28 65.04 24.64 58.43
C ASN F 28 65.59 26.04 58.65
N ARG F 29 66.81 26.28 58.22
CA ARG F 29 67.44 27.55 58.49
C ARG F 29 66.74 28.74 57.75
N THR F 30 66.21 28.46 56.56
CA THR F 30 65.49 29.47 55.75
C THR F 30 64.19 29.87 56.45
N GLN F 31 63.43 28.87 56.90
CA GLN F 31 62.18 29.19 57.55
C GLN F 31 62.39 29.99 58.83
N LEU F 32 63.37 29.59 59.64
CA LEU F 32 63.57 30.24 60.93
C LEU F 32 64.07 31.66 60.81
N SER F 33 64.90 31.90 59.79
CA SER F 33 65.48 33.21 59.52
C SER F 33 64.41 34.24 59.22
N SER F 34 63.42 33.85 58.43
CA SER F 34 62.25 34.66 58.05
C SER F 34 61.38 35.15 59.23
N LEU F 35 61.53 34.51 60.39
CA LEU F 35 60.69 34.81 61.55
C LEU F 35 61.29 35.89 62.42
N LEU F 36 62.51 36.32 62.09
CA LEU F 36 63.24 37.22 62.97
C LEU F 36 62.93 38.67 62.60
N SER F 37 62.96 39.57 63.59
CA SER F 37 62.90 41.01 63.30
C SER F 37 64.21 41.40 62.62
N SER F 38 64.27 42.63 62.10
CA SER F 38 65.47 43.15 61.41
C SER F 38 66.71 43.36 62.34
N SER F 39 66.44 43.61 63.63
CA SER F 39 67.48 43.55 64.67
C SER F 39 67.85 42.10 65.09
N ASN F 40 67.26 41.10 64.42
CA ASN F 40 67.56 39.65 64.63
C ASN F 40 66.85 39.01 65.82
N SER F 41 65.86 39.70 66.38
CA SER F 41 65.16 39.27 67.59
C SER F 41 64.01 38.30 67.29
N PRO F 42 63.96 37.13 67.98
CA PRO F 42 62.77 36.29 67.90
C PRO F 42 61.63 36.77 68.81
N TRP F 43 61.88 37.81 69.61
CA TRP F 43 60.98 38.21 70.70
C TRP F 43 60.02 39.37 70.41
N GLN F 44 60.27 40.15 69.38
CA GLN F 44 59.46 41.36 69.10
C GLN F 44 59.00 41.49 67.65
N ILE F 58 46.47 40.39 55.39
CA ILE F 58 47.26 39.15 55.37
C ILE F 58 48.67 39.38 54.75
N VAL F 59 49.62 39.85 55.58
CA VAL F 59 51.00 40.15 55.13
C VAL F 59 51.78 38.85 54.77
N SER F 60 51.13 38.02 53.95
CA SER F 60 51.48 36.60 53.81
C SER F 60 52.30 36.25 52.56
N THR F 61 52.88 35.07 52.60
CA THR F 61 54.00 34.70 51.76
C THR F 61 53.79 33.23 51.31
N PRO F 62 54.47 32.76 50.22
CA PRO F 62 54.42 31.31 49.93
C PRO F 62 54.91 30.40 51.07
N GLU F 63 55.89 30.83 51.84
CA GLU F 63 56.43 29.99 52.88
C GLU F 63 55.67 30.08 54.25
N ALA F 64 54.77 31.06 54.34
CA ALA F 64 53.80 31.19 55.42
C ALA F 64 52.46 31.72 54.84
N PRO F 65 51.72 30.88 54.10
CA PRO F 65 50.53 31.36 53.38
C PRO F 65 49.36 31.88 54.26
N TYR F 66 49.35 31.53 55.55
CA TYR F 66 48.22 31.88 56.42
C TYR F 66 48.65 32.60 57.68
N PRO F 67 47.71 33.34 58.29
CA PRO F 67 47.89 33.87 59.65
C PRO F 67 48.33 32.79 60.68
N GLY F 68 47.76 31.58 60.65
CA GLY F 68 48.18 30.57 61.60
C GLY F 68 49.53 29.94 61.29
N SER F 69 50.09 30.23 60.10
CA SER F 69 51.42 29.71 59.73
C SER F 69 52.48 30.17 60.71
N LEU F 70 52.47 31.47 61.01
CA LEU F 70 53.44 32.09 61.90
C LEU F 70 53.47 31.54 63.33
N MET F 71 52.29 31.40 63.96
CA MET F 71 52.18 30.69 65.27
C MET F 71 52.91 29.35 65.26
N TYR F 72 52.69 28.55 64.22
CA TYR F 72 53.26 27.23 64.18
C TYR F 72 54.75 27.25 63.92
N GLN F 73 55.19 28.08 62.99
CA GLN F 73 56.60 28.18 62.70
C GLN F 73 57.37 28.78 63.84
N GLU F 74 56.73 29.67 64.59
CA GLU F 74 57.37 30.25 65.78
C GLU F 74 57.49 29.23 66.91
N SER F 75 56.50 28.36 67.06
CA SER F 75 56.59 27.26 68.01
C SER F 75 57.79 26.32 67.66
N MET F 76 58.03 26.07 66.38
CA MET F 76 59.24 25.36 65.97
C MET F 76 60.56 26.13 66.23
N LEU F 77 60.55 27.44 66.05
CA LEU F 77 61.68 28.32 66.41
C LEU F 77 62.05 28.26 67.89
N HIS F 78 61.02 28.27 68.75
CA HIS F 78 61.22 28.21 70.20
C HIS F 78 61.72 26.84 70.62
N SER F 79 61.13 25.80 70.03
CA SER F 79 61.53 24.41 70.29
C SER F 79 62.98 24.12 69.90
N ALA F 80 63.44 24.81 68.85
CA ALA F 80 64.76 24.59 68.31
C ALA F 80 65.79 25.27 69.23
N THR F 81 65.46 26.47 69.69
CA THR F 81 66.47 27.40 70.17
C THR F 81 66.55 27.56 71.69
N VAL F 82 65.42 27.37 72.37
CA VAL F 82 65.41 27.58 73.83
C VAL F 82 65.81 26.37 74.70
N PRO F 83 65.18 25.19 74.54
CA PRO F 83 65.63 24.09 75.43
C PRO F 83 67.14 23.78 75.44
N GLY F 84 67.79 23.89 74.29
CA GLY F 84 69.15 23.39 74.14
C GLY F 84 70.16 24.21 74.91
N VAL F 85 69.73 25.40 75.30
CA VAL F 85 70.58 26.37 75.91
C VAL F 85 70.36 26.49 77.48
N LEU F 86 69.43 25.71 78.04
CA LEU F 86 69.05 25.78 79.48
C LEU F 86 70.03 25.07 80.41
N GLY F 87 70.95 24.31 79.83
CA GLY F 87 71.94 23.59 80.62
C GLY F 87 72.90 24.43 81.46
N SER F 88 73.03 25.73 81.15
CA SER F 88 74.01 26.58 81.83
C SER F 88 74.22 27.96 81.24
N ARG F 89 74.94 28.80 82.01
CA ARG F 89 75.27 30.19 81.68
C ARG F 89 76.07 30.41 80.37
N ASP F 90 76.90 29.45 80.00
CA ASP F 90 77.67 29.61 78.77
C ASP F 90 77.31 28.66 77.63
N ALA F 91 76.18 27.97 77.76
CA ALA F 91 75.69 27.07 76.70
C ALA F 91 75.60 27.83 75.36
N TRP F 92 75.12 29.08 75.44
CA TRP F 92 74.90 29.97 74.31
C TRP F 92 76.16 30.28 73.47
N ARG F 93 77.34 30.14 74.08
CA ARG F 93 78.60 30.45 73.41
C ARG F 93 78.76 29.67 72.12
N THR F 94 78.82 28.35 72.22
CA THR F 94 79.00 27.48 71.07
C THR F 94 77.70 26.84 70.55
N PHE F 95 76.60 27.04 71.29
CA PHE F 95 75.32 26.49 70.89
C PHE F 95 74.91 26.90 69.46
N ASN F 96 74.48 25.91 68.69
CA ASN F 96 74.00 26.19 67.37
C ASN F 96 72.94 25.16 66.97
N VAL F 97 71.96 25.60 66.19
CA VAL F 97 70.91 24.69 65.69
C VAL F 97 70.38 25.19 64.34
N PHE F 98 70.16 24.29 63.37
CA PHE F 98 69.74 24.71 62.03
C PHE F 98 70.55 25.90 61.48
N GLY F 99 71.83 25.96 61.87
CA GLY F 99 72.73 27.01 61.43
C GLY F 99 72.55 28.36 62.08
N LEU F 100 71.99 28.39 63.28
CA LEU F 100 71.77 29.67 64.00
C LEU F 100 72.33 29.63 65.42
N SER F 101 72.82 30.78 65.89
CA SER F 101 73.39 30.93 67.22
C SER F 101 72.84 32.17 67.87
N TRP F 102 72.75 32.16 69.20
CA TRP F 102 72.39 33.34 70.01
C TRP F 102 73.57 34.31 70.13
N THR F 103 73.29 35.60 70.17
CA THR F 103 74.35 36.63 70.24
C THR F 103 74.86 36.98 71.67
N ASP F 104 74.12 36.56 72.70
CA ASP F 104 74.37 37.00 74.10
C ASP F 104 73.66 36.03 75.05
N GLU F 105 74.00 36.12 76.34
CA GLU F 105 73.43 35.25 77.37
C GLU F 105 71.94 35.55 77.56
N GLY F 106 71.59 36.81 77.29
CA GLY F 106 70.24 37.33 77.45
C GLY F 106 69.32 36.82 76.38
N LEU F 107 69.88 35.98 75.49
CA LEU F 107 69.25 35.43 74.28
C LEU F 107 68.55 36.45 73.42
N SER F 108 69.22 37.56 73.13
CA SER F 108 68.51 38.71 72.57
C SER F 108 68.28 38.67 71.04
N GLY F 109 69.14 37.94 70.31
CA GLY F 109 69.00 37.81 68.87
C GLY F 109 69.59 36.52 68.37
N LEU F 110 69.05 36.01 67.25
CA LEU F 110 69.65 34.86 66.55
C LEU F 110 70.41 35.29 65.28
N VAL F 111 71.61 34.77 65.11
CA VAL F 111 72.46 35.12 63.96
C VAL F 111 72.99 33.82 63.41
N ALA F 112 73.66 33.87 62.27
CA ALA F 112 74.22 32.65 61.65
C ALA F 112 75.24 32.00 62.59
N ALA F 113 75.19 30.67 62.66
CA ALA F 113 76.19 29.93 63.38
C ALA F 113 77.48 29.93 62.59
N GLN F 114 78.61 29.99 63.31
CA GLN F 114 79.88 29.65 62.71
C GLN F 114 79.74 28.27 62.06
N ASP F 115 80.06 28.22 60.78
CA ASP F 115 79.90 27.02 59.97
C ASP F 115 81.21 26.83 59.23
N PRO F 116 81.86 25.64 59.35
CA PRO F 116 81.41 24.48 60.16
C PRO F 116 81.37 24.77 61.65
N PRO F 117 80.41 24.18 62.37
CA PRO F 117 80.29 24.49 63.78
C PRO F 117 81.38 23.85 64.61
N PRO F 118 82.08 24.64 65.44
CA PRO F 118 82.98 24.12 66.49
C PRO F 118 82.30 23.09 67.43
N ALA F 119 81.06 23.33 67.85
CA ALA F 119 80.31 22.35 68.65
C ALA F 119 79.23 21.66 67.82
N ALA F 120 78.96 20.39 68.12
CA ALA F 120 77.97 19.64 67.34
C ALA F 120 76.60 20.36 67.36
N PRO F 121 75.87 20.40 66.21
CA PRO F 121 74.51 21.00 66.17
C PRO F 121 73.58 20.37 67.21
N TYR F 122 72.84 21.19 67.95
CA TYR F 122 71.75 20.71 68.81
C TYR F 122 70.69 19.94 68.03
N GLN F 123 70.15 18.90 68.63
CA GLN F 123 69.07 18.11 68.01
C GLN F 123 67.80 18.34 68.81
N PRO F 124 66.85 19.14 68.29
CA PRO F 124 65.57 19.33 69.01
C PRO F 124 64.86 18.01 69.41
N ALA F 125 64.15 18.03 70.54
CA ALA F 125 63.40 16.86 71.03
C ALA F 125 61.89 17.05 70.83
N SER F 126 61.22 16.02 70.33
CA SER F 126 59.78 16.11 70.08
C SER F 126 58.96 16.12 71.38
N ALA F 127 57.99 17.03 71.47
CA ALA F 127 57.02 17.03 72.55
C ALA F 127 57.65 16.74 73.93
N GLN F 128 58.62 17.56 74.30
CA GLN F 128 59.31 17.41 75.57
C GLN F 128 59.08 18.69 76.34
N TRP F 129 58.94 18.59 77.67
CA TRP F 129 58.84 19.73 78.59
C TRP F 129 60.20 20.28 79.07
N SER F 130 60.22 21.56 79.39
CA SER F 130 61.43 22.18 79.90
C SER F 130 61.01 23.18 80.91
N ASP F 131 61.81 23.30 81.99
CA ASP F 131 61.58 24.29 83.05
C ASP F 131 62.56 25.41 82.79
N LEU F 132 61.99 26.54 82.37
CA LEU F 132 62.74 27.68 81.89
C LEU F 132 63.58 28.36 82.96
N LEU F 133 63.19 28.21 84.24
CA LEU F 133 63.99 28.74 85.36
C LEU F 133 65.34 28.00 85.56
N ASN F 134 65.53 26.89 84.88
CA ASN F 134 66.84 26.26 84.81
C ASN F 134 67.90 27.22 84.27
N TYR F 135 67.46 28.20 83.49
CA TYR F 135 68.35 29.12 82.84
C TYR F 135 68.75 30.18 83.84
N PRO F 136 70.03 30.16 84.27
CA PRO F 136 70.52 31.01 85.36
C PRO F 136 70.18 32.49 85.26
N ARG F 137 70.32 33.05 84.08
CA ARG F 137 69.97 34.43 83.93
C ARG F 137 68.51 34.70 84.22
N TRP F 138 67.63 33.79 83.82
CA TRP F 138 66.20 33.93 84.01
C TRP F 138 65.71 33.75 85.46
N ALA F 139 66.33 32.82 86.20
CA ALA F 139 66.07 32.66 87.64
C ALA F 139 66.48 33.92 88.41
N ASN F 140 67.57 34.55 87.95
CA ASN F 140 68.09 35.74 88.61
C ASN F 140 67.49 37.05 88.08
N ARG F 141 67.11 37.07 86.81
CA ARG F 141 66.44 38.26 86.25
C ARG F 141 65.11 37.84 85.65
N ARG F 142 64.14 37.63 86.54
CA ARG F 142 62.87 37.05 86.17
C ARG F 142 62.06 37.88 85.20
N ARG F 143 62.14 39.19 85.37
CA ARG F 143 61.60 40.18 84.43
C ARG F 143 61.97 39.92 82.95
N GLU F 144 63.19 39.47 82.69
CA GLU F 144 63.61 39.08 81.35
C GLU F 144 62.90 37.84 80.82
N LEU F 145 62.49 36.94 81.72
CA LEU F 145 61.71 35.77 81.32
C LEU F 145 60.20 36.10 81.24
N GLN F 146 59.73 36.98 82.13
CA GLN F 146 58.34 37.38 82.14
C GLN F 146 57.96 38.13 80.87
N SER F 147 58.94 38.84 80.34
CA SER F 147 58.84 39.56 79.09
C SER F 147 58.61 38.59 77.93
N LYS F 148 59.38 37.51 77.93
CA LYS F 148 59.37 36.53 76.87
C LYS F 148 58.31 35.43 76.99
N TYR F 149 57.83 35.16 78.20
CA TYR F 149 56.95 34.01 78.48
C TYR F 149 55.60 33.92 77.74
N PRO F 150 54.87 35.05 77.58
CA PRO F 150 53.64 34.98 76.73
C PRO F 150 53.85 34.29 75.35
N LEU F 151 54.97 34.60 74.73
CA LEU F 151 55.33 34.12 73.41
C LEU F 151 55.62 32.62 73.50
N LEU F 152 56.37 32.25 74.53
CA LEU F 152 56.77 30.86 74.78
C LEU F 152 55.64 29.97 75.27
N LEU F 153 54.77 30.53 76.13
CA LEU F 153 53.49 29.91 76.47
C LEU F 153 52.51 29.74 75.30
N ARG F 154 52.42 30.72 74.41
CA ARG F 154 51.68 30.57 73.18
C ARG F 154 52.10 29.36 72.34
N SER F 155 53.39 29.11 72.22
CA SER F 155 53.91 27.89 71.58
C SER F 155 53.57 26.62 72.37
N THR F 156 53.83 26.66 73.68
CA THR F 156 53.50 25.55 74.62
C THR F 156 52.06 25.07 74.42
N LEU F 157 51.14 26.02 74.37
CA LEU F 157 49.73 25.78 74.25
C LEU F 157 49.35 25.32 72.86
N LEU F 158 50.00 25.82 71.84
CA LEU F 158 49.64 25.38 70.52
C LEU F 158 50.14 23.97 70.33
N SER F 159 51.35 23.70 70.80
CA SER F 159 51.87 22.33 70.81
C SER F 159 51.03 21.35 71.65
N ALA F 160 50.56 21.76 72.82
CA ALA F 160 49.76 20.89 73.71
C ALA F 160 48.37 20.64 73.16
N MET F 161 47.83 21.58 72.36
CA MET F 161 46.52 21.37 71.71
C MET F 161 46.53 20.33 70.60
N ARG F 162 45.44 19.57 70.52
CA ARG F 162 45.28 18.56 69.48
C ARG F 162 45.02 19.25 68.15
N ALA F 163 44.31 20.38 68.21
CA ALA F 163 43.92 21.05 66.98
C ALA F 163 44.30 22.51 67.00
N GLY F 164 43.32 23.39 66.87
CA GLY F 164 43.64 24.81 66.85
C GLY F 164 43.88 25.41 68.24
N PRO F 165 44.30 26.69 68.27
CA PRO F 165 44.70 27.29 69.56
C PRO F 165 43.50 27.49 70.51
N VAL F 166 43.80 27.50 71.81
CA VAL F 166 42.79 27.55 72.89
C VAL F 166 42.55 28.99 73.37
N LEU F 167 41.31 29.28 73.78
CA LEU F 167 40.99 30.58 74.41
C LEU F 167 40.65 30.42 75.88
N TYR F 168 41.04 31.40 76.66
CA TYR F 168 40.75 31.53 78.07
C TYR F 168 39.52 32.40 78.09
N VAL F 169 38.39 31.82 78.49
CA VAL F 169 37.09 32.49 78.41
C VAL F 169 36.51 32.72 79.82
N GLU F 170 36.38 33.98 80.22
CA GLU F 170 35.88 34.25 81.55
C GLU F 170 34.92 35.44 81.60
N THR F 171 33.76 35.22 82.23
CA THR F 171 32.82 36.29 82.55
C THR F 171 32.56 36.39 84.06
N TRP F 172 32.22 37.56 84.51
CA TRP F 172 32.02 37.79 85.93
C TRP F 172 31.05 38.95 86.16
N PRO F 173 30.31 38.90 87.29
CA PRO F 173 29.21 39.81 87.60
C PRO F 173 29.24 41.27 87.15
N ASN F 174 30.27 42.03 87.43
CA ASN F 174 30.17 43.42 86.97
C ASN F 174 31.15 43.78 85.86
N MET F 175 31.37 42.84 84.94
CA MET F 175 32.63 42.84 84.22
C MET F 175 33.01 44.14 83.55
N ILE F 176 32.15 44.67 82.68
CA ILE F 176 32.46 45.93 82.03
C ILE F 176 31.74 47.04 82.79
N SER F 177 32.47 47.72 83.66
CA SER F 177 31.92 48.79 84.50
C SER F 177 33.08 49.60 85.05
N GLY F 178 32.78 50.75 85.65
CA GLY F 178 33.83 51.63 86.10
C GLY F 178 34.82 51.92 85.00
N ARG F 179 36.12 51.84 85.32
CA ARG F 179 37.24 52.23 84.43
C ARG F 179 37.38 51.34 83.18
N LEU F 180 37.00 50.07 83.33
CA LEU F 180 37.06 49.10 82.24
C LEU F 180 36.08 49.49 81.15
N ALA F 181 34.87 49.86 81.55
CA ALA F 181 33.85 50.34 80.64
C ALA F 181 34.25 51.66 79.91
N ASP F 182 35.02 52.50 80.59
CA ASP F 182 35.53 53.72 79.99
C ASP F 182 36.64 53.41 78.99
N TRP F 183 37.46 52.41 79.30
CA TRP F 183 38.40 51.90 78.33
C TRP F 183 37.67 51.33 77.08
N PHE F 184 36.65 50.50 77.29
CA PHE F 184 35.87 49.97 76.16
C PHE F 184 35.25 51.08 75.36
N MET F 185 34.82 52.17 76.03
CA MET F 185 34.20 53.28 75.33
C MET F 185 35.16 54.07 74.46
N SER F 186 36.40 54.23 74.93
CA SER F 186 37.45 54.85 74.11
C SER F 186 37.72 54.08 72.82
N GLN F 187 37.34 52.81 72.76
CA GLN F 187 37.58 51.95 71.58
C GLN F 187 36.37 51.86 70.64
N TYR F 188 35.32 52.62 70.96
CA TYR F 188 34.12 52.65 70.17
C TYR F 188 34.46 52.62 68.69
N GLY F 189 33.83 51.72 67.93
CA GLY F 189 33.99 51.70 66.49
C GLY F 189 35.28 51.10 65.99
N ASN F 190 36.14 50.68 66.93
CA ASN F 190 37.40 50.02 66.61
C ASN F 190 37.27 48.55 66.21
N ASN F 191 38.25 48.11 65.43
CA ASN F 191 38.36 46.72 65.05
C ASN F 191 38.99 45.81 66.14
N PHE F 192 38.42 44.64 66.32
CA PHE F 192 38.90 43.70 67.35
C PHE F 192 40.40 43.36 67.27
N VAL F 193 40.91 43.07 66.08
CA VAL F 193 42.34 42.73 65.94
C VAL F 193 43.23 43.91 66.33
N ASP F 194 42.87 45.12 65.89
CA ASP F 194 43.57 46.33 66.33
C ASP F 194 43.48 46.53 67.83
N MET F 195 42.33 46.24 68.41
CA MET F 195 42.22 46.35 69.87
C MET F 195 43.14 45.36 70.57
N CYS F 196 43.10 44.08 70.18
CA CYS F 196 44.05 43.07 70.73
C CYS F 196 45.49 43.50 70.54
N ALA F 197 45.85 43.91 69.33
CA ALA F 197 47.24 44.30 69.01
C ALA F 197 47.73 45.52 69.80
N ARG F 198 46.80 46.38 70.21
CA ARG F 198 47.12 47.57 70.97
C ARG F 198 47.47 47.16 72.40
N LEU F 199 46.79 46.14 72.92
CA LEU F 199 47.07 45.62 74.26
C LEU F 199 48.41 44.89 74.29
N THR F 200 48.68 44.11 73.26
CA THR F 200 49.93 43.39 73.13
C THR F 200 51.11 44.31 73.37
N GLN F 201 51.12 45.42 72.61
CA GLN F 201 52.22 46.39 72.63
C GLN F 201 52.18 47.33 73.86
N SER F 202 50.98 47.53 74.44
CA SER F 202 50.84 48.17 75.75
C SER F 202 51.40 47.30 76.88
N CYS F 203 51.31 45.97 76.70
CA CYS F 203 51.82 44.99 77.69
C CYS F 203 53.31 44.71 77.52
N SER F 204 54.05 45.66 76.93
CA SER F 204 55.48 45.46 76.57
C SER F 204 56.43 45.35 77.78
N ASN F 205 56.48 46.40 78.62
CA ASN F 205 57.08 46.24 79.96
C ASN F 205 56.06 45.59 80.91
N MET F 206 56.47 44.48 81.55
CA MET F 206 55.51 43.53 82.13
C MET F 206 55.21 43.67 83.66
N PRO F 207 54.89 44.90 84.14
CA PRO F 207 53.93 44.90 85.24
C PRO F 207 52.55 44.48 84.72
N VAL F 208 52.36 43.17 84.55
CA VAL F 208 51.02 42.58 84.36
C VAL F 208 50.70 41.73 85.59
N GLU F 209 49.95 42.31 86.52
CA GLU F 209 49.50 41.59 87.70
C GLU F 209 48.21 40.83 87.38
N PRO F 210 48.03 39.63 87.93
CA PRO F 210 46.69 39.08 87.85
C PRO F 210 45.70 40.08 88.45
N ASP F 211 44.60 40.32 87.74
CA ASP F 211 43.55 41.27 88.17
C ASP F 211 43.93 42.75 88.15
N GLY F 212 45.13 43.04 87.67
CA GLY F 212 45.45 44.41 87.30
C GLY F 212 44.46 44.65 86.20
N ASN F 213 44.32 45.88 85.74
CA ASN F 213 43.29 46.08 84.73
C ASN F 213 43.72 45.89 83.29
N TYR F 214 45.03 45.81 83.02
CA TYR F 214 45.52 45.21 81.76
C TYR F 214 45.03 43.79 81.71
N ASP F 215 45.20 43.06 82.81
CA ASP F 215 44.67 41.70 82.92
C ASP F 215 43.21 41.71 82.59
N GLN F 216 42.41 42.50 83.32
CA GLN F 216 40.97 42.51 83.19
C GLN F 216 40.49 42.89 81.79
N GLN F 217 41.15 43.87 81.17
CA GLN F 217 40.79 44.36 79.85
C GLN F 217 40.95 43.23 78.85
N MET F 218 42.04 42.48 78.99
CA MET F 218 42.31 41.36 78.12
C MET F 218 41.24 40.26 78.23
N ARG F 219 40.87 39.88 79.44
CA ARG F 219 39.90 38.82 79.65
C ARG F 219 38.50 39.22 79.26
N ALA F 220 38.12 40.48 79.52
CA ALA F 220 36.82 40.99 79.07
C ALA F 220 36.78 41.14 77.55
N LEU F 221 37.90 41.52 76.95
CA LEU F 221 37.99 41.59 75.48
C LEU F 221 37.74 40.22 74.80
N ILE F 222 38.34 39.16 75.33
CA ILE F 222 38.24 37.80 74.77
C ILE F 222 36.82 37.26 74.82
N SER F 223 36.22 37.36 76.00
CA SER F 223 34.91 36.80 76.26
C SER F 223 33.79 37.62 75.58
N LEU F 224 33.88 38.95 75.63
CA LEU F 224 32.94 39.81 74.88
C LEU F 224 32.98 39.51 73.38
N TRP F 225 34.18 39.47 72.80
CA TRP F 225 34.33 39.11 71.43
C TRP F 225 33.84 37.71 71.13
N LEU F 226 34.15 36.72 71.96
CA LEU F 226 33.76 35.34 71.62
C LEU F 226 32.24 35.14 71.68
N LEU F 227 31.58 35.81 72.64
CA LEU F 227 30.14 35.67 72.75
C LEU F 227 29.42 36.40 71.63
N SER F 228 30.03 37.45 71.08
CA SER F 228 29.57 38.13 69.83
C SER F 228 29.68 37.23 68.60
N TYR F 229 30.73 36.41 68.63
CA TYR F 229 31.20 35.62 67.53
C TYR F 229 30.30 34.38 67.38
N ILE F 230 29.77 33.91 68.50
CA ILE F 230 28.85 32.77 68.49
C ILE F 230 27.38 33.21 68.46
N GLY F 231 27.14 34.52 68.45
CA GLY F 231 25.81 35.05 68.21
C GLY F 231 25.07 35.52 69.46
N VAL F 232 25.50 35.02 70.60
CA VAL F 232 24.78 35.18 71.86
C VAL F 232 24.77 36.64 72.30
N VAL F 233 25.83 37.36 71.99
CA VAL F 233 25.93 38.78 72.28
C VAL F 233 25.85 39.52 70.95
N ASN F 234 24.96 40.50 70.89
CA ASN F 234 24.63 41.13 69.62
C ASN F 234 24.00 42.49 69.94
N GLN F 235 23.46 43.19 68.97
CA GLN F 235 22.92 44.49 69.25
C GLN F 235 21.72 44.50 70.21
N THR F 236 21.00 43.38 70.27
CA THR F 236 19.79 43.27 71.06
C THR F 236 20.09 42.67 72.42
N ASN F 237 21.36 42.39 72.70
CA ASN F 237 21.76 41.64 73.89
C ASN F 237 23.23 41.89 74.20
N THR F 238 23.49 42.96 74.95
CA THR F 238 24.83 43.49 75.12
C THR F 238 25.42 43.24 76.51
N ILE F 239 26.75 43.27 76.63
CA ILE F 239 27.35 43.34 77.97
C ILE F 239 27.68 44.78 78.30
N SER F 240 26.94 45.33 79.28
CA SER F 240 27.04 46.75 79.64
C SER F 240 26.84 47.70 78.49
N GLY F 241 26.11 47.26 77.46
CA GLY F 241 25.90 48.11 76.28
C GLY F 241 26.79 47.77 75.10
N PHE F 242 27.78 46.90 75.31
CA PHE F 242 28.80 46.60 74.31
C PHE F 242 28.57 45.30 73.61
N TYR F 243 28.96 45.25 72.34
CA TYR F 243 28.88 44.05 71.49
C TYR F 243 29.80 44.30 70.28
N PHE F 244 30.30 43.22 69.69
CA PHE F 244 31.02 43.29 68.43
C PHE F 244 30.09 42.94 67.26
N SER F 245 30.27 43.66 66.15
CA SER F 245 29.46 43.41 64.97
C SER F 245 30.36 43.17 63.77
N SER F 246 29.87 42.38 62.82
CA SER F 246 30.53 42.12 61.55
C SER F 246 29.45 42.09 60.47
N LYS F 247 29.67 42.79 59.35
CA LYS F 247 28.68 42.78 58.23
C LYS F 247 28.53 41.37 57.62
N THR F 248 29.64 40.65 57.50
CA THR F 248 29.61 39.25 57.06
C THR F 248 29.98 38.30 58.23
N ARG F 249 29.58 37.05 58.11
CA ARG F 249 29.92 36.01 59.07
C ARG F 249 30.36 34.70 58.37
N GLY F 250 31.56 34.23 58.67
CA GLY F 250 32.04 32.94 58.16
C GLY F 250 32.72 33.01 56.80
N GLN F 251 33.09 34.23 56.41
CA GLN F 251 33.55 34.53 55.07
C GLN F 251 34.89 35.28 55.10
N ALA F 252 35.48 35.51 53.93
CA ALA F 252 36.75 36.26 53.84
C ALA F 252 36.67 37.67 54.48
N LEU F 253 35.55 38.35 54.31
CA LEU F 253 35.40 39.76 54.72
C LEU F 253 34.98 40.01 56.18
N ASP F 254 35.14 39.01 57.07
CA ASP F 254 34.78 39.16 58.50
C ASP F 254 35.65 40.17 59.23
N SER F 255 35.00 41.08 59.92
CA SER F 255 35.68 42.11 60.64
C SER F 255 34.76 42.51 61.76
N TRP F 256 35.26 42.35 62.99
CA TRP F 256 34.47 42.54 64.19
C TRP F 256 34.76 43.93 64.78
N THR F 257 33.74 44.76 64.81
CA THR F 257 33.85 46.17 65.23
C THR F 257 33.10 46.38 66.55
N LEU F 258 33.70 47.10 67.47
CA LEU F 258 33.07 47.36 68.77
C LEU F 258 31.98 48.42 68.69
N PHE F 259 30.77 48.04 69.05
CA PHE F 259 29.68 49.02 69.07
C PHE F 259 29.05 49.14 70.45
N TYR F 260 28.14 50.10 70.60
CA TYR F 260 27.54 50.40 71.89
C TYR F 260 26.11 50.95 71.76
N THR F 261 25.20 50.38 72.53
CA THR F 261 23.84 50.90 72.62
C THR F 261 23.50 51.32 74.05
N THR F 262 22.67 52.36 74.08
CA THR F 262 22.10 52.97 75.24
C THR F 262 20.77 52.23 75.58
N ASN F 263 20.13 51.73 74.54
CA ASN F 263 18.69 51.40 74.57
C ASN F 263 18.34 49.95 74.33
N THR F 264 19.29 49.04 74.38
CA THR F 264 18.94 47.63 74.11
C THR F 264 19.25 46.79 75.35
N ASN F 265 18.72 45.57 75.40
CA ASN F 265 18.94 44.67 76.53
C ASN F 265 20.40 44.52 76.95
N ARG F 266 20.67 44.70 78.27
CA ARG F 266 21.95 44.35 78.91
C ARG F 266 21.91 43.03 79.69
N VAL F 267 22.89 42.17 79.49
CA VAL F 267 22.96 40.92 80.23
C VAL F 267 23.21 41.21 81.71
N GLN F 268 22.76 40.30 82.56
CA GLN F 268 22.99 40.37 84.00
C GLN F 268 23.79 39.16 84.42
N ILE F 269 25.11 39.27 84.34
CA ILE F 269 25.96 38.20 84.81
C ILE F 269 25.91 38.14 86.35
N THR F 270 25.69 36.94 86.85
CA THR F 270 25.34 36.68 88.24
C THR F 270 26.42 35.91 88.98
N GLN F 271 27.17 35.09 88.26
CA GLN F 271 28.29 34.39 88.82
C GLN F 271 29.46 34.35 87.84
N ARG F 272 30.61 33.93 88.34
CA ARG F 272 31.80 33.78 87.55
C ARG F 272 31.62 32.57 86.63
N HIS F 273 31.99 32.75 85.36
CA HIS F 273 32.04 31.67 84.38
C HIS F 273 33.43 31.56 83.79
N PHE F 274 33.89 30.33 83.61
CA PHE F 274 35.18 30.09 82.99
C PHE F 274 35.08 28.88 82.11
N ALA F 275 35.72 28.96 80.95
CA ALA F 275 35.93 27.79 80.09
C ALA F 275 37.20 27.97 79.31
N TYR F 276 37.79 26.86 78.92
CA TYR F 276 38.75 26.79 77.82
C TYR F 276 38.04 26.34 76.55
N VAL F 277 38.32 27.03 75.44
CA VAL F 277 37.70 26.76 74.15
C VAL F 277 38.75 26.84 73.04
N CYS F 278 38.89 25.76 72.28
CA CYS F 278 39.86 25.69 71.21
C CYS F 278 39.13 25.62 69.87
N ALA F 279 39.82 25.96 68.79
CA ALA F 279 39.24 25.85 67.47
C ALA F 279 39.45 24.41 67.07
N ARG F 280 38.38 23.74 66.67
CA ARG F 280 38.52 22.40 66.18
C ARG F 280 39.02 22.35 64.72
N SER F 281 38.44 23.21 63.88
CA SER F 281 38.62 23.09 62.45
C SER F 281 39.90 23.81 61.99
N PRO F 282 40.53 23.28 60.94
CA PRO F 282 41.81 23.82 60.43
C PRO F 282 41.70 25.23 59.85
N ASP F 283 40.51 25.67 59.47
CA ASP F 283 40.28 27.07 59.07
C ASP F 283 40.58 28.09 60.15
N TRP F 284 40.96 27.64 61.34
CA TRP F 284 41.42 28.55 62.35
C TRP F 284 42.63 29.30 61.80
N ASN F 285 43.40 28.59 60.98
CA ASN F 285 44.55 29.13 60.24
C ASN F 285 44.30 30.45 59.48
N VAL F 286 43.08 30.68 59.07
CA VAL F 286 42.71 31.89 58.33
C VAL F 286 41.90 32.89 59.21
N ASP F 287 41.58 32.50 60.45
CA ASP F 287 40.73 33.34 61.28
C ASP F 287 41.58 34.27 62.17
N LYS F 288 41.80 35.51 61.70
CA LYS F 288 42.64 36.54 62.35
C LYS F 288 42.12 36.97 63.71
N SER F 289 40.81 36.88 63.91
CA SER F 289 40.21 37.21 65.18
C SER F 289 40.44 36.10 66.21
N TRP F 290 40.28 34.85 65.78
CA TRP F 290 40.50 33.71 66.66
C TRP F 290 41.94 33.70 67.11
N ILE F 291 42.83 34.12 66.21
CA ILE F 291 44.26 34.05 66.44
C ILE F 291 44.74 35.20 67.31
N ALA F 292 44.15 36.38 67.12
CA ALA F 292 44.40 37.54 67.97
C ALA F 292 43.94 37.29 69.42
N ALA F 293 42.79 36.66 69.62
CA ALA F 293 42.31 36.24 70.94
C ALA F 293 43.11 35.11 71.64
N ALA F 294 43.82 34.29 70.84
CA ALA F 294 44.71 33.22 71.33
C ALA F 294 46.02 33.82 71.73
N ASN F 295 46.38 34.91 71.07
CA ASN F 295 47.51 35.71 71.48
C ASN F 295 47.31 36.39 72.86
N LEU F 296 46.13 36.98 73.12
CA LEU F 296 45.82 37.58 74.44
C LEU F 296 45.65 36.53 75.53
N THR F 297 45.14 35.38 75.16
CA THR F 297 45.00 34.25 76.04
C THR F 297 46.34 33.80 76.64
N ALA F 298 47.38 33.75 75.82
CA ALA F 298 48.71 33.38 76.30
C ALA F 298 49.31 34.49 77.20
N ILE F 299 48.96 35.75 76.98
CA ILE F 299 49.41 36.87 77.85
C ILE F 299 48.69 36.78 79.21
N VAL F 300 47.37 36.58 79.15
CA VAL F 300 46.54 36.35 80.33
C VAL F 300 47.02 35.12 81.10
N MET F 301 47.28 34.01 80.42
CA MET F 301 47.72 32.80 81.09
C MET F 301 49.17 32.87 81.62
N ALA F 302 50.02 33.67 80.97
CA ALA F 302 51.44 33.84 81.41
C ALA F 302 51.57 34.48 82.78
N CYS F 303 50.64 35.35 83.12
CA CYS F 303 50.81 36.18 84.32
C CYS F 303 50.25 35.56 85.60
N ARG F 304 49.59 34.41 85.48
CA ARG F 304 49.03 33.71 86.62
C ARG F 304 49.37 32.22 86.62
N GLN F 305 48.94 31.52 87.65
CA GLN F 305 48.80 30.09 87.49
C GLN F 305 47.34 29.91 87.12
N PRO F 306 47.08 29.56 85.82
CA PRO F 306 45.70 29.47 85.34
C PRO F 306 45.11 28.10 85.73
N PRO F 307 43.77 27.91 85.52
CA PRO F 307 43.17 26.59 85.70
C PRO F 307 43.88 25.46 84.93
N VAL F 308 44.13 24.36 85.61
CA VAL F 308 44.81 23.22 85.01
C VAL F 308 43.85 22.60 83.96
N PHE F 309 44.39 22.21 82.80
CA PHE F 309 43.66 21.49 81.74
C PHE F 309 43.33 20.05 82.18
N ALA F 310 42.20 19.52 81.71
CA ALA F 310 41.97 18.08 81.69
C ALA F 310 43.03 17.42 80.82
N ASN F 311 43.54 16.26 81.25
CA ASN F 311 44.38 15.44 80.37
C ASN F 311 43.77 15.17 79.00
N GLN F 312 42.45 15.02 78.97
CA GLN F 312 41.70 14.82 77.74
C GLN F 312 41.81 16.00 76.76
N GLY F 313 41.97 17.22 77.29
CA GLY F 313 42.06 18.41 76.47
C GLY F 313 43.40 18.63 75.74
N VAL F 314 44.43 17.86 76.11
CA VAL F 314 45.77 17.99 75.54
C VAL F 314 46.25 16.65 74.98
N ILE F 315 47.18 16.71 74.02
CA ILE F 315 47.77 15.51 73.40
C ILE F 315 48.49 14.66 74.45
N ASN F 316 48.67 13.36 74.17
CA ASN F 316 49.14 12.38 75.15
C ASN F 316 50.40 12.87 75.86
N GLN F 317 51.36 13.35 75.07
CA GLN F 317 52.66 13.81 75.58
C GLN F 317 52.60 15.08 76.44
N ALA F 318 51.48 15.82 76.37
CA ALA F 318 51.25 17.00 77.26
C ALA F 318 50.52 16.66 78.56
N GLN F 319 50.19 15.39 78.74
CA GLN F 319 49.34 14.98 79.86
C GLN F 319 50.17 14.88 81.13
N ASN F 320 49.57 15.19 82.27
CA ASN F 320 50.18 14.94 83.59
C ASN F 320 51.39 15.78 83.90
N ARG F 321 51.36 17.02 83.43
CA ARG F 321 52.35 18.02 83.78
C ARG F 321 51.79 18.88 84.91
N PRO F 322 52.30 18.70 86.13
CA PRO F 322 51.83 19.50 87.31
C PRO F 322 51.73 21.00 87.00
N GLY F 323 50.61 21.62 87.36
CA GLY F 323 50.37 23.02 87.10
C GLY F 323 49.82 23.27 85.72
N PHE F 324 49.84 22.27 84.85
CA PHE F 324 49.42 22.43 83.47
C PHE F 324 48.20 21.57 83.12
N SER F 325 48.32 20.26 83.36
CA SER F 325 47.33 19.26 82.97
C SER F 325 47.27 18.12 84.01
N MET F 326 46.06 17.59 84.22
CA MET F 326 45.87 16.58 85.24
C MET F 326 44.48 15.95 85.12
N ASN F 327 44.31 14.82 85.79
CA ASN F 327 43.02 14.16 85.85
C ASN F 327 42.04 15.02 86.60
N GLY F 328 40.86 15.17 86.02
CA GLY F 328 39.84 16.01 86.58
C GLY F 328 40.11 17.49 86.40
N GLY F 329 41.00 17.85 85.46
CA GLY F 329 41.21 19.27 85.14
C GLY F 329 40.00 19.92 84.44
N THR F 330 40.11 21.22 84.17
CA THR F 330 39.14 21.96 83.37
C THR F 330 39.07 21.39 81.93
N PRO F 331 37.86 21.04 81.46
CA PRO F 331 37.75 20.49 80.11
C PRO F 331 38.12 21.54 79.06
N VAL F 332 38.58 21.05 77.90
CA VAL F 332 38.83 21.92 76.75
C VAL F 332 37.68 21.69 75.79
N HIS F 333 36.76 22.65 75.77
CA HIS F 333 35.70 22.68 74.75
C HIS F 333 36.26 23.05 73.36
N GLU F 334 35.52 22.71 72.32
CA GLU F 334 36.02 22.84 70.94
C GLU F 334 34.91 23.41 70.06
N LEU F 335 35.32 24.26 69.11
CA LEU F 335 34.41 24.85 68.12
C LEU F 335 34.90 24.59 66.72
N ASN F 336 34.05 23.92 65.94
CA ASN F 336 34.18 23.90 64.50
C ASN F 336 33.75 25.29 64.01
N LEU F 337 34.61 25.95 63.25
CA LEU F 337 34.45 27.37 62.93
C LEU F 337 33.34 27.66 61.90
N LEU F 338 33.06 26.70 61.00
CA LEU F 338 31.92 26.82 60.08
C LEU F 338 30.60 26.62 60.81
N THR F 339 30.49 25.54 61.55
CA THR F 339 29.36 25.29 62.40
C THR F 339 28.99 26.46 63.33
N THR F 340 29.97 27.28 63.72
CA THR F 340 29.79 28.39 64.68
C THR F 340 29.34 29.66 63.92
N ALA F 341 29.80 29.84 62.68
CA ALA F 341 29.30 30.90 61.81
C ALA F 341 27.80 30.74 61.51
N GLN F 342 27.37 29.49 61.26
CA GLN F 342 26.00 29.12 60.92
C GLN F 342 25.10 29.33 62.10
N GLU F 343 25.58 28.97 63.27
CA GLU F 343 24.92 29.26 64.54
C GLU F 343 24.85 30.73 64.83
N CYS F 344 25.96 31.43 64.67
CA CYS F 344 25.97 32.89 64.80
C CYS F 344 24.86 33.58 63.98
N ILE F 345 24.76 33.19 62.70
CA ILE F 345 23.78 33.72 61.74
C ILE F 345 22.35 33.38 62.17
N ARG F 346 22.14 32.13 62.56
CA ARG F 346 20.87 31.70 63.13
C ARG F 346 20.45 32.55 64.35
N GLN F 347 21.37 32.81 65.27
CA GLN F 347 21.16 33.78 66.35
C GLN F 347 20.72 35.18 65.87
N TRP F 348 21.27 35.63 64.75
CA TRP F 348 20.98 36.96 64.20
C TRP F 348 19.57 37.03 63.55
N VAL F 349 19.23 35.99 62.79
CA VAL F 349 17.86 35.72 62.33
C VAL F 349 16.82 35.70 63.48
N MET F 350 17.09 34.98 64.57
CA MET F 350 16.16 34.92 65.70
C MET F 350 15.97 36.24 66.46
N ALA F 351 17.01 37.08 66.49
CA ALA F 351 16.94 38.36 67.17
C ALA F 351 16.45 39.46 66.23
N GLY F 352 16.04 39.03 65.04
CA GLY F 352 15.55 39.95 64.00
C GLY F 352 16.57 40.97 63.57
N LEU F 353 17.87 40.60 63.55
CA LEU F 353 18.93 41.54 63.18
C LEU F 353 19.20 41.42 61.70
N VAL F 354 18.82 40.28 61.15
CA VAL F 354 18.82 40.09 59.70
C VAL F 354 17.52 39.36 59.30
N SER F 355 17.10 39.55 58.04
CA SER F 355 15.92 38.85 57.57
C SER F 355 16.22 37.36 57.51
N ALA F 356 15.20 36.55 57.26
CA ALA F 356 15.43 35.15 56.95
C ALA F 356 16.20 35.04 55.62
N ALA F 357 15.86 35.89 54.66
CA ALA F 357 16.48 35.89 53.35
C ALA F 357 17.97 36.27 53.38
N LYS F 358 18.32 37.35 54.11
CA LYS F 358 19.72 37.73 54.33
C LYS F 358 20.49 36.67 55.16
N GLY F 359 19.80 36.03 56.11
CA GLY F 359 20.32 34.86 56.80
C GLY F 359 20.80 33.75 55.87
N GLN F 360 19.97 33.40 54.87
CA GLN F 360 20.36 32.40 53.87
C GLN F 360 21.53 32.88 53.04
N ALA F 361 21.46 34.09 52.49
CA ALA F 361 22.60 34.70 51.78
C ALA F 361 23.94 34.59 52.57
N LEU F 362 23.89 34.87 53.89
CA LEU F 362 25.07 34.81 54.79
C LEU F 362 25.62 33.40 54.98
N THR F 363 24.70 32.48 55.20
CA THR F 363 25.00 31.07 55.38
C THR F 363 25.64 30.51 54.10
N GLN F 364 25.08 30.86 52.95
CA GLN F 364 25.64 30.48 51.64
C GLN F 364 27.04 31.07 51.40
N GLU F 365 27.27 32.33 51.76
CA GLU F 365 28.63 32.88 51.71
C GLU F 365 29.64 32.15 52.63
N ALA F 366 29.17 31.69 53.78
CA ALA F 366 29.98 30.92 54.73
C ALA F 366 30.30 29.50 54.23
N ASN F 367 29.27 28.74 53.84
CA ASN F 367 29.47 27.40 53.30
C ASN F 367 30.38 27.43 52.05
N ASP F 368 30.19 28.44 51.20
CA ASP F 368 31.06 28.58 50.02
C ASP F 368 32.50 28.89 50.36
N PHE F 369 32.72 29.85 51.26
CA PHE F 369 34.08 30.17 51.71
C PHE F 369 34.76 28.95 52.35
N SER F 370 34.08 28.29 53.29
CA SER F 370 34.60 27.10 53.93
C SER F 370 35.04 26.03 52.93
N ASN F 371 34.22 25.81 51.90
CA ASN F 371 34.53 24.82 50.88
C ASN F 371 35.84 25.12 50.17
N LEU F 372 36.09 26.41 49.93
CA LEU F 372 37.33 26.91 49.31
C LEU F 372 38.55 26.74 50.19
N ILE F 373 38.45 27.16 51.44
CA ILE F 373 39.51 27.02 52.45
C ILE F 373 39.85 25.55 52.73
N GLN F 374 38.82 24.73 52.93
CA GLN F 374 38.98 23.29 53.09
C GLN F 374 39.82 22.60 51.98
N ALA F 375 39.60 23.00 50.71
CA ALA F 375 40.30 22.41 49.56
C ALA F 375 41.76 22.93 49.43
N ASP F 376 41.92 24.17 49.82
CA ASP F 376 43.19 24.85 49.90
C ASP F 376 44.12 24.35 51.00
N LEU F 377 43.60 24.27 52.23
CA LEU F 377 44.30 23.67 53.34
C LEU F 377 44.61 22.20 53.06
N GLY F 378 43.67 21.51 52.41
CA GLY F 378 43.83 20.10 52.07
C GLY F 378 45.03 19.86 51.18
N GLN F 379 45.23 20.77 50.26
CA GLN F 379 46.36 20.83 49.33
C GLN F 379 47.65 21.05 50.09
N ILE F 380 47.62 21.97 51.07
CA ILE F 380 48.81 22.24 51.91
C ILE F 380 49.20 21.05 52.79
N LYS F 381 48.21 20.42 53.45
CA LYS F 381 48.40 19.16 54.18
C LYS F 381 48.88 18.00 53.29
N ALA F 382 48.34 17.87 52.10
CA ALA F 382 48.72 16.76 51.27
C ALA F 382 50.19 16.88 50.84
N GLN F 383 50.56 18.04 50.33
CA GLN F 383 51.95 18.36 50.02
C GLN F 383 52.91 18.34 51.21
N ASP F 384 52.61 19.11 52.27
CA ASP F 384 53.43 19.10 53.49
C ASP F 384 53.68 17.69 54.04
N ASP F 385 52.61 16.88 54.15
CA ASP F 385 52.70 15.54 54.67
C ASP F 385 53.66 14.69 53.85
N ALA F 386 53.51 14.68 52.54
CA ALA F 386 54.41 13.92 51.64
C ALA F 386 55.85 14.44 51.65
N LEU F 387 55.99 15.76 51.53
CA LEU F 387 57.33 16.37 51.55
C LEU F 387 58.08 16.22 52.87
N TYR F 388 57.36 16.29 53.99
CA TYR F 388 57.99 16.08 55.27
C TYR F 388 58.51 14.65 55.40
N ASN F 389 57.67 13.71 54.98
CA ASN F 389 57.99 12.30 55.04
C ASN F 389 59.12 11.87 54.11
N GLN F 390 59.20 12.52 52.96
CA GLN F 390 60.13 12.10 51.90
C GLN F 390 61.35 12.95 51.70
N GLN F 391 61.24 14.27 51.88
CA GLN F 391 62.35 15.20 51.67
C GLN F 391 63.03 15.70 52.97
N PRO F 392 64.32 15.35 53.14
CA PRO F 392 65.11 15.83 54.27
C PRO F 392 65.21 17.36 54.33
N GLY F 393 65.00 17.93 55.53
CA GLY F 393 65.03 19.37 55.73
C GLY F 393 63.81 20.17 55.27
N TYR F 394 62.68 19.49 55.07
CA TYR F 394 61.49 20.15 54.56
C TYR F 394 60.78 20.94 55.68
N ALA F 395 60.41 22.19 55.36
CA ALA F 395 59.70 23.04 56.32
C ALA F 395 58.19 23.06 56.12
N ARG F 396 57.45 22.63 57.15
CA ARG F 396 56.00 22.68 57.16
C ARG F 396 55.49 24.14 57.24
N ARG F 397 54.44 24.42 56.46
CA ARG F 397 53.87 25.76 56.31
C ARG F 397 52.81 26.07 57.38
N ILE F 398 52.06 25.02 57.78
CA ILE F 398 50.99 25.10 58.78
C ILE F 398 51.18 23.93 59.77
N LYS F 399 50.53 24.01 60.92
CA LYS F 399 50.46 22.90 61.88
C LYS F 399 49.78 21.67 61.24
N PRO F 400 50.32 20.44 61.48
CA PRO F 400 49.63 19.25 60.99
C PRO F 400 48.21 19.15 61.51
N PHE F 401 47.31 18.68 60.66
CA PHE F 401 45.96 18.37 61.08
C PHE F 401 45.47 17.03 60.52
N VAL F 402 44.25 16.66 60.89
CA VAL F 402 43.59 15.46 60.36
C VAL F 402 42.27 15.88 59.79
N ASN F 403 41.77 15.17 58.78
CA ASN F 403 40.53 15.58 58.07
C ASN F 403 39.27 15.45 58.92
N GLY F 404 39.28 14.55 59.90
CA GLY F 404 38.20 14.47 60.88
C GLY F 404 37.95 15.76 61.64
N ASP F 405 38.93 16.65 61.62
CA ASP F 405 38.82 18.01 62.21
C ASP F 405 37.78 18.89 61.52
N TRP F 406 37.25 18.46 60.37
CA TRP F 406 36.25 19.26 59.68
C TRP F 406 34.83 18.99 60.15
N THR F 407 34.63 17.89 60.88
CA THR F 407 33.34 17.55 61.43
C THR F 407 33.00 18.53 62.56
N PRO F 408 31.72 18.70 62.89
CA PRO F 408 31.36 19.56 64.03
C PRO F 408 31.98 19.16 65.38
N GLY F 409 32.18 17.86 65.62
CA GLY F 409 32.59 17.34 66.89
C GLY F 409 31.63 17.80 67.96
N MET F 410 32.18 18.40 69.00
CA MET F 410 31.40 18.82 70.15
C MET F 410 31.12 20.29 70.16
N THR F 411 30.93 20.86 68.99
CA THR F 411 30.59 22.27 68.87
C THR F 411 29.33 22.63 69.70
N ALA F 412 28.29 21.80 69.57
CA ALA F 412 26.98 22.03 70.17
C ALA F 412 27.05 22.14 71.68
N GLN F 413 27.83 21.25 72.29
CA GLN F 413 28.11 21.28 73.72
C GLN F 413 28.83 22.56 74.13
N ALA F 414 29.86 22.96 73.39
CA ALA F 414 30.57 24.21 73.67
C ALA F 414 29.66 25.38 73.54
N LEU F 415 28.82 25.40 72.50
CA LEU F 415 27.88 26.53 72.31
C LEU F 415 26.87 26.59 73.47
N ALA F 416 26.45 25.42 73.97
CA ALA F 416 25.52 25.32 75.10
C ALA F 416 26.14 25.89 76.40
N VAL F 417 27.33 25.43 76.73
CA VAL F 417 28.08 25.99 77.86
C VAL F 417 28.25 27.51 77.77
N LEU F 418 28.78 27.98 76.64
CA LEU F 418 29.02 29.42 76.37
C LEU F 418 27.78 30.32 76.47
N ALA F 419 26.62 29.76 76.13
CA ALA F 419 25.36 30.47 76.23
C ALA F 419 24.99 30.87 77.69
N THR F 420 25.51 30.09 78.65
CA THR F 420 25.25 30.27 80.06
C THR F 420 26.15 31.34 80.69
N PHE F 421 27.04 31.94 79.88
CA PHE F 421 28.11 32.84 80.38
C PHE F 421 27.61 34.23 80.63
N THR F 422 26.38 34.47 80.22
CA THR F 422 25.71 35.74 80.45
C THR F 422 24.67 35.67 81.58
N ALA F 423 24.70 34.58 82.36
CA ALA F 423 23.63 34.23 83.31
C ALA F 423 24.01 34.44 84.77
N MET G 8 -80.47 54.39 -49.28
CA MET G 8 -81.29 53.47 -50.15
C MET G 8 -81.82 52.21 -49.46
N ALA G 9 -83.15 52.04 -49.46
CA ALA G 9 -83.86 50.81 -49.04
C ALA G 9 -83.51 49.59 -49.91
N ARG G 10 -83.89 48.39 -49.46
CA ARG G 10 -83.44 47.18 -50.13
C ARG G 10 -84.30 46.83 -51.31
N ALA G 11 -83.68 46.27 -52.32
CA ALA G 11 -84.34 46.02 -53.58
C ALA G 11 -84.26 44.55 -53.86
N ILE G 12 -83.12 43.95 -53.52
CA ILE G 12 -82.86 42.56 -53.88
C ILE G 12 -82.73 41.65 -52.66
N TYR G 13 -83.63 40.67 -52.60
CA TYR G 13 -83.70 39.77 -51.43
C TYR G 13 -83.07 38.43 -51.75
N ASP G 14 -81.75 38.42 -51.64
CA ASP G 14 -80.94 37.28 -52.04
C ASP G 14 -80.66 36.36 -50.86
N PHE G 15 -80.62 35.06 -51.11
CA PHE G 15 -80.20 34.08 -50.09
C PHE G 15 -79.03 33.23 -50.64
N PHE G 16 -78.00 33.02 -49.86
CA PHE G 16 -76.92 32.14 -50.26
C PHE G 16 -76.88 30.95 -49.30
N SER G 17 -76.94 29.75 -49.84
CA SER G 17 -77.05 28.56 -48.97
C SER G 17 -75.71 28.07 -48.50
N THR G 18 -75.70 27.39 -47.33
CA THR G 18 -74.51 26.79 -46.74
C THR G 18 -73.79 25.88 -47.70
N PRO G 19 -72.46 26.06 -47.85
CA PRO G 19 -71.66 25.11 -48.61
C PRO G 19 -71.49 23.82 -47.86
N PHE G 20 -71.44 22.73 -48.61
CA PHE G 20 -71.15 21.42 -48.03
C PHE G 20 -70.39 20.55 -49.03
N GLY G 21 -69.82 19.44 -48.54
CA GLY G 21 -69.05 18.54 -49.38
C GLY G 21 -69.84 17.38 -49.94
N ASN G 22 -69.17 16.24 -50.03
CA ASN G 22 -69.72 15.04 -50.67
C ASN G 22 -70.75 14.22 -49.87
N ARG G 23 -71.01 14.56 -48.62
CA ARG G 23 -72.06 13.82 -47.92
C ARG G 23 -73.28 14.64 -47.60
N GLY G 24 -73.53 15.67 -48.40
CA GLY G 24 -74.68 16.53 -48.24
C GLY G 24 -74.52 17.59 -47.18
N LEU G 25 -75.62 18.25 -46.89
CA LEU G 25 -75.66 19.24 -45.83
C LEU G 25 -75.48 18.53 -44.51
N ALA G 26 -74.64 19.11 -43.64
CA ALA G 26 -74.16 18.40 -42.50
C ALA G 26 -75.06 18.67 -41.32
N THR G 27 -76.34 18.35 -41.48
CA THR G 27 -77.28 18.49 -40.36
C THR G 27 -78.21 17.25 -40.37
N ASN G 28 -79.22 17.24 -39.52
CA ASN G 28 -80.18 16.14 -39.53
C ASN G 28 -81.40 16.58 -38.79
N ARG G 29 -82.44 15.74 -38.80
CA ARG G 29 -83.71 16.08 -38.19
C ARG G 29 -83.59 16.43 -36.73
N THR G 30 -82.75 15.69 -36.00
CA THR G 30 -82.51 15.97 -34.59
C THR G 30 -81.92 17.38 -34.40
N GLN G 31 -80.86 17.68 -35.12
CA GLN G 31 -80.24 19.00 -34.98
C GLN G 31 -81.22 20.09 -35.34
N LEU G 32 -81.97 19.92 -36.42
CA LEU G 32 -82.82 21.02 -36.91
C LEU G 32 -83.96 21.31 -35.98
N SER G 33 -84.46 20.25 -35.33
CA SER G 33 -85.57 20.37 -34.35
C SER G 33 -85.14 21.11 -33.11
N SER G 34 -83.88 20.98 -32.72
CA SER G 34 -83.33 21.73 -31.58
C SER G 34 -83.29 23.25 -31.80
N LEU G 35 -83.43 23.67 -33.05
CA LEU G 35 -83.41 25.10 -33.36
C LEU G 35 -84.77 25.78 -33.30
N LEU G 36 -85.85 25.01 -33.15
CA LEU G 36 -87.20 25.57 -33.24
C LEU G 36 -87.66 26.08 -31.89
N SER G 37 -88.48 27.12 -31.90
CA SER G 37 -89.04 27.65 -30.66
C SER G 37 -90.07 26.65 -30.17
N SER G 38 -90.62 26.88 -28.98
CA SER G 38 -91.63 26.00 -28.38
C SER G 38 -92.85 25.82 -29.30
N SER G 39 -93.20 26.87 -30.03
CA SER G 39 -94.31 26.79 -30.97
C SER G 39 -93.86 26.43 -32.39
N ASN G 40 -92.65 25.85 -32.52
CA ASN G 40 -92.18 25.31 -33.81
C ASN G 40 -91.67 26.36 -34.77
N SER G 41 -91.51 27.60 -34.31
CA SER G 41 -90.99 28.67 -35.14
C SER G 41 -89.48 28.62 -35.37
N PRO G 42 -89.07 28.65 -36.66
CA PRO G 42 -87.66 28.89 -36.93
C PRO G 42 -87.30 30.38 -36.96
N TRP G 43 -88.31 31.25 -36.83
CA TRP G 43 -88.09 32.71 -36.94
C TRP G 43 -87.98 33.47 -35.62
N GLN G 44 -88.42 32.86 -34.52
CA GLN G 44 -88.41 33.53 -33.21
C GLN G 44 -87.12 33.24 -32.45
N ILE G 58 -73.23 30.91 -20.88
CA ILE G 58 -73.98 30.41 -22.05
C ILE G 58 -74.88 29.17 -21.80
N VAL G 59 -76.03 29.13 -22.49
CA VAL G 59 -76.95 27.97 -22.50
C VAL G 59 -76.45 26.87 -23.47
N SER G 60 -75.18 26.48 -23.25
CA SER G 60 -74.46 25.51 -24.06
C SER G 60 -74.98 24.08 -23.97
N THR G 61 -74.66 23.30 -24.98
CA THR G 61 -75.26 21.99 -25.18
C THR G 61 -74.18 21.16 -25.90
N PRO G 62 -74.10 19.84 -25.65
CA PRO G 62 -73.17 19.04 -26.46
C PRO G 62 -73.30 19.24 -27.99
N GLU G 63 -74.53 19.33 -28.45
CA GLU G 63 -74.84 19.37 -29.86
C GLU G 63 -74.57 20.77 -30.44
N ALA G 64 -74.53 21.75 -29.53
CA ALA G 64 -74.30 23.17 -29.80
C ALA G 64 -73.41 23.76 -28.70
N PRO G 65 -72.11 23.38 -28.70
CA PRO G 65 -71.23 23.72 -27.57
C PRO G 65 -70.83 25.21 -27.42
N TYR G 66 -70.92 25.99 -28.50
CA TYR G 66 -70.47 27.41 -28.49
C TYR G 66 -71.55 28.35 -28.98
N PRO G 67 -71.56 29.60 -28.50
CA PRO G 67 -72.46 30.58 -29.13
C PRO G 67 -72.45 30.54 -30.67
N GLY G 68 -71.28 30.44 -31.30
CA GLY G 68 -71.21 30.36 -32.76
C GLY G 68 -71.83 29.11 -33.42
N SER G 69 -72.14 28.08 -32.64
CA SER G 69 -72.76 26.84 -33.15
C SER G 69 -74.11 27.12 -33.75
N LEU G 70 -74.89 27.93 -33.07
CA LEU G 70 -76.24 28.25 -33.48
C LEU G 70 -76.31 29.06 -34.77
N MET G 71 -75.42 30.02 -34.97
CA MET G 71 -75.37 30.76 -36.25
C MET G 71 -75.16 29.77 -37.39
N TYR G 72 -74.22 28.86 -37.20
CA TYR G 72 -73.91 27.91 -38.24
C TYR G 72 -75.08 26.96 -38.49
N GLN G 73 -75.67 26.44 -37.42
CA GLN G 73 -76.70 25.45 -37.48
C GLN G 73 -77.94 26.07 -38.09
N GLU G 74 -78.31 27.26 -37.64
CA GLU G 74 -79.37 28.06 -38.32
C GLU G 74 -79.13 28.34 -39.80
N SER G 75 -77.92 28.64 -40.19
CA SER G 75 -77.64 28.76 -41.61
C SER G 75 -78.07 27.45 -42.32
N MET G 76 -77.83 26.30 -41.68
CA MET G 76 -78.16 25.01 -42.29
C MET G 76 -79.67 24.76 -42.32
N LEU G 77 -80.38 25.18 -41.30
CA LEU G 77 -81.84 25.19 -41.28
C LEU G 77 -82.46 26.00 -42.43
N HIS G 78 -81.95 27.21 -42.67
CA HIS G 78 -82.47 28.02 -43.76
C HIS G 78 -82.12 27.42 -45.10
N SER G 79 -80.93 26.86 -45.23
CA SER G 79 -80.53 26.30 -46.53
C SER G 79 -81.39 25.07 -46.88
N ALA G 80 -81.76 24.30 -45.85
CA ALA G 80 -82.54 23.06 -46.00
C ALA G 80 -84.02 23.35 -46.30
N THR G 81 -84.58 24.37 -45.66
CA THR G 81 -86.02 24.55 -45.65
C THR G 81 -86.62 25.67 -46.55
N VAL G 82 -85.82 26.69 -46.91
CA VAL G 82 -86.37 27.85 -47.67
C VAL G 82 -86.23 27.76 -49.21
N PRO G 83 -85.01 27.55 -49.76
CA PRO G 83 -84.92 27.45 -51.24
C PRO G 83 -85.89 26.46 -51.91
N GLY G 84 -86.18 25.34 -51.24
CA GLY G 84 -86.97 24.24 -51.82
C GLY G 84 -88.44 24.54 -51.94
N VAL G 85 -88.86 25.62 -51.34
CA VAL G 85 -90.26 25.97 -51.27
C VAL G 85 -90.63 27.21 -52.19
N LEU G 86 -89.65 27.80 -52.87
CA LEU G 86 -89.83 29.08 -53.62
C LEU G 86 -90.53 28.90 -54.98
N GLY G 87 -90.57 27.67 -55.47
CA GLY G 87 -91.22 27.34 -56.74
C GLY G 87 -92.70 27.63 -56.92
N SER G 88 -93.45 27.87 -55.85
CA SER G 88 -94.85 28.23 -55.98
C SER G 88 -95.58 28.29 -54.66
N ARG G 89 -96.86 28.71 -54.73
CA ARG G 89 -97.73 28.88 -53.56
C ARG G 89 -98.10 27.57 -52.82
N ASP G 90 -97.98 26.44 -53.50
CA ASP G 90 -98.46 25.17 -52.95
C ASP G 90 -97.34 24.21 -52.67
N ALA G 91 -96.09 24.68 -52.88
CA ALA G 91 -94.92 23.81 -52.74
C ALA G 91 -94.85 23.27 -51.33
N TRP G 92 -95.36 24.05 -50.38
CA TRP G 92 -95.23 23.83 -48.96
C TRP G 92 -96.12 22.71 -48.50
N ARG G 93 -97.12 22.36 -49.31
CA ARG G 93 -98.13 21.37 -48.94
C ARG G 93 -97.47 19.99 -48.77
N THR G 94 -96.72 19.53 -49.78
CA THR G 94 -96.04 18.25 -49.67
C THR G 94 -94.52 18.37 -49.42
N PHE G 95 -93.98 19.59 -49.41
CA PHE G 95 -92.53 19.77 -49.26
C PHE G 95 -92.03 19.11 -47.96
N ASN G 96 -90.95 18.34 -48.06
CA ASN G 96 -90.28 17.80 -46.86
C ASN G 96 -88.75 17.65 -47.03
N VAL G 97 -88.06 17.76 -45.91
CA VAL G 97 -86.62 17.82 -45.83
C VAL G 97 -86.20 17.45 -44.41
N PHE G 98 -85.31 16.47 -44.30
CA PHE G 98 -84.82 15.95 -43.01
C PHE G 98 -85.99 15.67 -42.08
N GLY G 99 -87.08 15.18 -42.66
CA GLY G 99 -88.27 14.75 -41.92
C GLY G 99 -89.11 15.87 -41.38
N LEU G 100 -88.98 17.05 -41.98
CA LEU G 100 -89.69 18.25 -41.54
C LEU G 100 -90.47 18.86 -42.70
N SER G 101 -91.58 19.50 -42.35
CA SER G 101 -92.47 20.14 -43.29
C SER G 101 -92.96 21.41 -42.62
N TRP G 102 -93.33 22.41 -43.44
CA TRP G 102 -93.95 23.67 -43.01
C TRP G 102 -95.42 23.48 -42.71
N THR G 103 -95.95 24.33 -41.83
CA THR G 103 -97.37 24.23 -41.41
C THR G 103 -98.34 25.03 -42.30
N ASP G 104 -97.81 25.97 -43.09
CA ASP G 104 -98.63 26.89 -43.86
C ASP G 104 -97.80 27.58 -44.94
N GLU G 105 -98.47 28.33 -45.82
CA GLU G 105 -97.84 29.05 -46.91
C GLU G 105 -96.90 30.18 -46.36
N GLY G 106 -97.25 30.71 -45.20
CA GLY G 106 -96.45 31.70 -44.50
C GLY G 106 -95.19 31.17 -43.85
N LEU G 107 -94.97 29.85 -43.97
CA LEU G 107 -93.81 29.21 -43.38
C LEU G 107 -93.67 29.56 -41.91
N SER G 108 -94.74 29.37 -41.13
CA SER G 108 -94.68 29.90 -39.77
C SER G 108 -94.09 28.94 -38.73
N GLY G 109 -94.08 27.65 -39.02
CA GLY G 109 -93.51 26.66 -38.11
C GLY G 109 -93.19 25.41 -38.90
N LEU G 110 -92.32 24.59 -38.35
CA LEU G 110 -91.90 23.33 -38.97
C LEU G 110 -92.25 22.22 -38.00
N VAL G 111 -92.81 21.16 -38.56
CA VAL G 111 -93.37 20.03 -37.82
C VAL G 111 -92.86 18.81 -38.54
N ALA G 112 -92.99 17.64 -37.92
CA ALA G 112 -92.66 16.37 -38.59
C ALA G 112 -93.35 16.28 -39.94
N ALA G 113 -92.59 15.83 -40.92
CA ALA G 113 -93.12 15.52 -42.21
C ALA G 113 -93.84 14.19 -42.05
N GLN G 114 -94.89 13.99 -42.82
CA GLN G 114 -95.49 12.67 -42.92
C GLN G 114 -94.48 11.65 -43.41
N ASP G 115 -94.55 10.47 -42.82
CA ASP G 115 -93.59 9.43 -43.09
C ASP G 115 -94.35 8.11 -43.24
N PRO G 116 -94.11 7.37 -44.35
CA PRO G 116 -93.18 7.74 -45.47
C PRO G 116 -93.73 8.90 -46.29
N PRO G 117 -92.85 9.81 -46.80
CA PRO G 117 -93.34 11.03 -47.49
C PRO G 117 -94.05 10.74 -48.81
N PRO G 118 -95.27 11.25 -48.98
CA PRO G 118 -95.96 11.29 -50.29
C PRO G 118 -95.17 11.99 -51.46
N ALA G 119 -94.27 12.94 -51.13
CA ALA G 119 -93.37 13.49 -52.14
C ALA G 119 -91.93 13.21 -51.77
N ALA G 120 -91.10 12.91 -52.77
CA ALA G 120 -89.65 12.75 -52.52
C ALA G 120 -89.08 13.90 -51.66
N PRO G 121 -88.20 13.57 -50.69
CA PRO G 121 -87.57 14.65 -49.89
C PRO G 121 -86.72 15.62 -50.76
N TYR G 122 -86.80 16.90 -50.44
CA TYR G 122 -85.88 17.89 -51.00
C TYR G 122 -84.41 17.51 -50.73
N GLN G 123 -83.57 17.70 -51.73
CA GLN G 123 -82.14 17.58 -51.59
C GLN G 123 -81.56 19.01 -51.60
N PRO G 124 -81.10 19.51 -50.44
CA PRO G 124 -80.42 20.82 -50.44
C PRO G 124 -79.25 20.93 -51.43
N ALA G 125 -79.04 22.14 -51.95
CA ALA G 125 -77.91 22.48 -52.80
C ALA G 125 -76.83 23.32 -52.05
N SER G 126 -75.58 23.01 -52.29
CA SER G 126 -74.46 23.68 -51.62
C SER G 126 -74.17 25.02 -52.30
N ALA G 127 -74.07 26.11 -51.53
CA ALA G 127 -73.49 27.35 -52.02
C ALA G 127 -74.21 27.86 -53.27
N GLN G 128 -75.54 27.79 -53.28
CA GLN G 128 -76.29 28.31 -54.38
C GLN G 128 -77.14 29.50 -53.90
N TRP G 129 -77.37 30.46 -54.81
CA TRP G 129 -78.19 31.63 -54.58
C TRP G 129 -79.66 31.43 -54.90
N SER G 130 -80.52 32.04 -54.09
CA SER G 130 -81.93 32.10 -54.35
C SER G 130 -82.40 33.54 -54.24
N ASP G 131 -83.40 33.89 -55.02
CA ASP G 131 -84.05 35.20 -54.99
C ASP G 131 -85.36 34.94 -54.27
N LEU G 132 -85.50 35.52 -53.10
CA LEU G 132 -86.59 35.16 -52.19
C LEU G 132 -87.90 35.74 -52.59
N LEU G 133 -87.87 36.72 -53.49
CA LEU G 133 -89.10 37.33 -54.02
C LEU G 133 -89.84 36.44 -55.03
N ASN G 134 -89.18 35.38 -55.51
CA ASN G 134 -89.88 34.26 -56.19
C ASN G 134 -91.07 33.68 -55.42
N TYR G 135 -91.03 33.77 -54.09
CA TYR G 135 -92.11 33.28 -53.24
C TYR G 135 -93.29 34.26 -53.27
N PRO G 136 -94.37 33.87 -53.98
CA PRO G 136 -95.51 34.76 -54.21
C PRO G 136 -95.99 35.47 -52.95
N ARG G 137 -96.10 34.74 -51.83
CA ARG G 137 -96.55 35.37 -50.61
C ARG G 137 -95.69 36.53 -50.17
N TRP G 138 -94.38 36.41 -50.40
CA TRP G 138 -93.41 37.43 -49.99
C TRP G 138 -93.36 38.61 -51.00
N ALA G 139 -93.46 38.29 -52.30
CA ALA G 139 -93.68 39.33 -53.33
C ALA G 139 -94.93 40.16 -53.03
N ASN G 140 -96.01 39.52 -52.58
CA ASN G 140 -97.28 40.23 -52.28
C ASN G 140 -97.36 40.83 -50.90
N ARG G 141 -96.64 40.26 -49.94
CA ARG G 141 -96.56 40.83 -48.59
C ARG G 141 -95.12 40.91 -48.15
N ARG G 142 -94.43 41.93 -48.65
CA ARG G 142 -93.01 42.22 -48.40
C ARG G 142 -92.67 42.23 -46.93
N ARG G 143 -93.60 42.71 -46.12
CA ARG G 143 -93.41 42.82 -44.67
C ARG G 143 -93.18 41.47 -43.95
N GLU G 144 -93.73 40.40 -44.51
CA GLU G 144 -93.51 39.04 -44.00
C GLU G 144 -92.11 38.55 -44.35
N LEU G 145 -91.54 39.09 -45.44
CA LEU G 145 -90.14 38.82 -45.80
C LEU G 145 -89.18 39.70 -45.01
N GLN G 146 -89.55 40.97 -44.86
CA GLN G 146 -88.74 41.90 -44.12
C GLN G 146 -88.58 41.54 -42.64
N SER G 147 -89.60 40.93 -42.05
CA SER G 147 -89.49 40.39 -40.68
C SER G 147 -88.47 39.27 -40.54
N LYS G 148 -88.42 38.39 -41.54
CA LYS G 148 -87.53 37.21 -41.58
C LYS G 148 -86.13 37.47 -42.20
N TYR G 149 -86.02 38.47 -43.08
CA TYR G 149 -84.75 38.79 -43.80
C TYR G 149 -83.47 39.07 -43.00
N PRO G 150 -83.52 39.82 -41.86
CA PRO G 150 -82.28 39.86 -41.05
C PRO G 150 -81.59 38.49 -40.70
N LEU G 151 -82.40 37.45 -40.50
CA LEU G 151 -81.98 36.12 -40.03
C LEU G 151 -81.47 35.29 -41.20
N LEU G 152 -82.16 35.45 -42.33
CA LEU G 152 -81.79 34.86 -43.62
C LEU G 152 -80.55 35.48 -44.20
N LEU G 153 -80.40 36.78 -44.01
CA LEU G 153 -79.18 37.47 -44.45
C LEU G 153 -77.95 37.17 -43.56
N ARG G 154 -78.16 37.11 -42.25
CA ARG G 154 -77.15 36.56 -41.32
C ARG G 154 -76.58 35.21 -41.76
N SER G 155 -77.43 34.24 -42.09
CA SER G 155 -76.99 32.96 -42.67
C SER G 155 -76.18 33.11 -43.97
N THR G 156 -76.68 33.97 -44.86
CA THR G 156 -76.11 34.32 -46.18
C THR G 156 -74.68 34.86 -46.06
N LEU G 157 -74.51 35.87 -45.18
CA LEU G 157 -73.25 36.50 -44.85
C LEU G 157 -72.30 35.49 -44.23
N LEU G 158 -72.85 34.63 -43.37
CA LEU G 158 -72.00 33.65 -42.71
C LEU G 158 -71.49 32.59 -43.67
N SER G 159 -72.30 32.18 -44.64
CA SER G 159 -71.86 31.21 -45.66
C SER G 159 -70.91 31.83 -46.72
N ALA G 160 -71.19 33.09 -47.13
CA ALA G 160 -70.31 33.81 -48.07
C ALA G 160 -68.93 34.07 -47.52
N MET G 161 -68.83 34.35 -46.21
CA MET G 161 -67.53 34.54 -45.51
C MET G 161 -66.71 33.25 -45.51
N ARG G 162 -65.40 33.43 -45.62
CA ARG G 162 -64.44 32.33 -45.64
C ARG G 162 -64.24 31.81 -44.23
N ALA G 163 -64.29 32.74 -43.28
CA ALA G 163 -63.99 32.43 -41.93
C ALA G 163 -65.14 32.85 -41.00
N GLY G 164 -64.90 33.67 -39.97
CA GLY G 164 -65.98 34.04 -39.07
C GLY G 164 -66.84 35.20 -39.59
N PRO G 165 -67.89 35.55 -38.84
CA PRO G 165 -68.90 36.51 -39.34
C PRO G 165 -68.39 37.95 -39.54
N VAL G 166 -69.03 38.68 -40.44
CA VAL G 166 -68.62 40.04 -40.86
C VAL G 166 -69.37 41.11 -40.07
N LEU G 167 -68.66 42.22 -39.78
CA LEU G 167 -69.30 43.39 -39.17
C LEU G 167 -69.37 44.55 -40.15
N TYR G 168 -70.43 45.33 -40.01
CA TYR G 168 -70.68 46.55 -40.77
C TYR G 168 -70.23 47.71 -39.90
N VAL G 169 -69.15 48.36 -40.29
CA VAL G 169 -68.45 49.29 -39.36
C VAL G 169 -68.44 50.71 -39.94
N GLU G 170 -69.34 51.54 -39.41
CA GLU G 170 -69.45 52.93 -39.86
C GLU G 170 -69.27 53.98 -38.76
N THR G 171 -68.39 54.94 -39.01
CA THR G 171 -68.37 56.20 -38.23
C THR G 171 -68.65 57.39 -39.14
N TRP G 172 -69.23 58.44 -38.54
CA TRP G 172 -69.48 59.70 -39.25
C TRP G 172 -69.33 60.96 -38.35
N PRO G 173 -69.21 62.18 -38.97
CA PRO G 173 -69.07 63.37 -38.09
C PRO G 173 -70.25 63.55 -37.10
N ASN G 174 -69.92 63.83 -35.84
CA ASN G 174 -70.94 64.05 -34.77
C ASN G 174 -71.97 62.91 -34.66
N MET G 175 -71.47 61.67 -34.62
CA MET G 175 -72.33 60.50 -34.69
C MET G 175 -73.13 60.28 -33.43
N ILE G 176 -72.51 60.48 -32.28
CA ILE G 176 -73.25 60.38 -31.05
C ILE G 176 -73.55 61.81 -30.60
N SER G 177 -74.75 62.28 -30.98
CA SER G 177 -75.24 63.60 -30.61
C SER G 177 -76.77 63.60 -30.56
N GLY G 178 -77.33 64.59 -29.88
CA GLY G 178 -78.76 64.77 -29.83
C GLY G 178 -79.48 63.59 -29.23
N ARG G 179 -80.51 63.13 -29.95
CA ARG G 179 -81.37 62.00 -29.58
C ARG G 179 -80.59 60.70 -29.43
N LEU G 180 -79.59 60.49 -30.30
CA LEU G 180 -78.74 59.31 -30.23
C LEU G 180 -77.85 59.36 -28.97
N ALA G 181 -77.33 60.55 -28.65
CA ALA G 181 -76.56 60.72 -27.40
C ALA G 181 -77.37 60.46 -26.14
N ASP G 182 -78.64 60.84 -26.17
CA ASP G 182 -79.54 60.57 -25.04
C ASP G 182 -79.83 59.10 -24.93
N TRP G 183 -79.90 58.43 -26.09
CA TRP G 183 -80.07 56.99 -26.11
C TRP G 183 -78.92 56.29 -25.37
N PHE G 184 -77.68 56.56 -25.77
CA PHE G 184 -76.50 55.96 -25.15
C PHE G 184 -76.43 56.25 -23.68
N MET G 185 -76.82 57.49 -23.28
CA MET G 185 -76.79 57.88 -21.88
C MET G 185 -77.78 57.08 -21.03
N SER G 186 -78.94 56.77 -21.59
CA SER G 186 -79.96 55.94 -20.90
C SER G 186 -79.46 54.52 -20.64
N GLN G 187 -78.32 54.20 -21.25
CA GLN G 187 -77.76 52.86 -21.24
C GLN G 187 -76.42 52.85 -20.57
N TYR G 188 -76.12 53.92 -19.85
CA TYR G 188 -74.97 53.98 -18.99
C TYR G 188 -74.93 52.71 -18.11
N GLY G 189 -73.76 52.09 -18.02
CA GLY G 189 -73.58 50.93 -17.16
C GLY G 189 -74.11 49.61 -17.70
N ASN G 190 -74.76 49.65 -18.86
CA ASN G 190 -75.34 48.45 -19.45
C ASN G 190 -74.27 47.66 -20.16
N ASN G 191 -74.56 46.38 -20.35
CA ASN G 191 -73.69 45.44 -21.02
C ASN G 191 -73.93 45.45 -22.54
N PHE G 192 -72.86 45.38 -23.32
CA PHE G 192 -72.98 45.45 -24.79
C PHE G 192 -73.97 44.48 -25.40
N VAL G 193 -73.89 43.22 -24.98
CA VAL G 193 -74.69 42.14 -25.52
C VAL G 193 -76.17 42.37 -25.26
N ASP G 194 -76.48 42.80 -24.04
CA ASP G 194 -77.84 43.11 -23.63
C ASP G 194 -78.40 44.27 -24.40
N MET G 195 -77.55 45.26 -24.70
CA MET G 195 -77.94 46.41 -25.55
C MET G 195 -78.31 45.95 -26.95
N CYS G 196 -77.44 45.14 -27.54
CA CYS G 196 -77.72 44.52 -28.84
C CYS G 196 -79.02 43.74 -28.81
N ALA G 197 -79.25 43.00 -27.73
CA ALA G 197 -80.44 42.16 -27.59
C ALA G 197 -81.76 42.98 -27.37
N ARG G 198 -81.66 44.12 -26.69
CA ARG G 198 -82.76 45.08 -26.67
C ARG G 198 -82.98 45.75 -28.05
N LEU G 199 -81.92 45.95 -28.82
CA LEU G 199 -82.08 46.48 -30.18
C LEU G 199 -82.67 45.47 -31.17
N THR G 200 -82.42 44.18 -30.95
CA THR G 200 -83.09 43.15 -31.74
C THR G 200 -84.58 43.18 -31.38
N GLN G 201 -84.85 43.28 -30.08
CA GLN G 201 -86.18 43.47 -29.49
C GLN G 201 -86.94 44.71 -29.99
N SER G 202 -86.23 45.82 -30.21
CA SER G 202 -86.83 47.07 -30.74
C SER G 202 -87.27 46.88 -32.18
N CYS G 203 -86.47 46.12 -32.94
CA CYS G 203 -86.76 45.83 -34.34
C CYS G 203 -87.59 44.57 -34.46
N SER G 204 -88.56 44.41 -33.55
CA SER G 204 -89.61 43.37 -33.63
C SER G 204 -90.76 43.87 -34.50
N ASN G 205 -91.59 44.79 -33.96
CA ASN G 205 -92.54 45.55 -34.78
C ASN G 205 -91.74 46.25 -35.89
N MET G 206 -91.64 45.56 -37.03
CA MET G 206 -90.49 45.68 -37.92
C MET G 206 -90.04 47.11 -38.33
N PRO G 207 -90.81 47.81 -39.20
CA PRO G 207 -90.28 48.84 -40.11
C PRO G 207 -88.94 49.43 -39.66
N VAL G 208 -87.86 49.01 -40.32
CA VAL G 208 -86.54 49.62 -40.11
C VAL G 208 -86.14 50.43 -41.35
N GLU G 209 -86.24 51.76 -41.22
CA GLU G 209 -85.85 52.71 -42.26
C GLU G 209 -84.35 52.99 -42.17
N PRO G 210 -83.63 52.89 -43.30
CA PRO G 210 -82.25 53.36 -43.29
C PRO G 210 -82.18 54.84 -42.88
N ASP G 211 -81.23 55.14 -41.97
CA ASP G 211 -81.06 56.44 -41.31
C ASP G 211 -82.13 56.82 -40.33
N GLY G 212 -83.07 55.90 -40.08
CA GLY G 212 -84.02 56.05 -38.99
C GLY G 212 -83.26 55.94 -37.69
N ASN G 213 -83.94 56.10 -36.57
CA ASN G 213 -83.22 56.08 -35.31
C ASN G 213 -82.68 54.73 -34.94
N TYR G 214 -83.45 53.66 -35.14
CA TYR G 214 -82.95 52.29 -34.91
C TYR G 214 -81.72 51.97 -35.76
N ASP G 215 -81.77 52.35 -37.04
CA ASP G 215 -80.62 52.15 -37.91
C ASP G 215 -79.39 52.86 -37.38
N GLN G 216 -79.54 54.11 -36.94
CA GLN G 216 -78.39 54.89 -36.50
C GLN G 216 -77.79 54.33 -35.24
N GLN G 217 -78.64 53.97 -34.28
CA GLN G 217 -78.23 53.38 -33.01
C GLN G 217 -77.38 52.10 -33.15
N MET G 218 -77.78 51.24 -34.09
CA MET G 218 -77.17 49.93 -34.30
C MET G 218 -75.82 50.10 -34.92
N ARG G 219 -75.76 50.94 -35.94
CA ARG G 219 -74.51 51.23 -36.62
C ARG G 219 -73.48 51.88 -35.68
N ALA G 220 -73.94 52.81 -34.84
CA ALA G 220 -73.11 53.50 -33.86
C ALA G 220 -72.78 52.60 -32.69
N LEU G 221 -73.73 51.72 -32.32
CA LEU G 221 -73.45 50.65 -31.34
C LEU G 221 -72.33 49.72 -31.76
N ILE G 222 -72.40 49.25 -33.00
CA ILE G 222 -71.37 48.39 -33.58
C ILE G 222 -69.97 49.04 -33.57
N SER G 223 -69.80 50.21 -34.18
CA SER G 223 -68.48 50.78 -34.34
C SER G 223 -67.88 51.36 -33.02
N LEU G 224 -68.73 51.83 -32.13
CA LEU G 224 -68.24 52.23 -30.79
C LEU G 224 -67.66 51.03 -29.98
N TRP G 225 -68.40 49.91 -30.00
CA TRP G 225 -67.92 48.69 -29.38
C TRP G 225 -66.62 48.26 -30.03
N LEU G 226 -66.57 48.24 -31.36
CA LEU G 226 -65.44 47.67 -32.07
C LEU G 226 -64.16 48.43 -31.79
N LEU G 227 -64.27 49.76 -31.84
CA LEU G 227 -63.16 50.66 -31.50
C LEU G 227 -62.72 50.58 -30.03
N SER G 228 -63.64 50.30 -29.12
CA SER G 228 -63.30 49.94 -27.74
C SER G 228 -62.51 48.62 -27.73
N TYR G 229 -63.00 47.68 -28.53
CA TYR G 229 -62.53 46.29 -28.57
C TYR G 229 -61.11 46.21 -29.05
N ILE G 230 -60.75 47.05 -30.03
CA ILE G 230 -59.38 47.01 -30.55
C ILE G 230 -58.48 47.92 -29.75
N GLY G 231 -59.07 48.59 -28.75
CA GLY G 231 -58.31 49.47 -27.87
C GLY G 231 -58.31 50.98 -28.12
N VAL G 232 -58.57 51.43 -29.36
CA VAL G 232 -58.44 52.89 -29.68
C VAL G 232 -59.46 53.80 -29.02
N VAL G 233 -60.65 53.32 -28.78
CA VAL G 233 -61.61 54.04 -27.94
C VAL G 233 -61.60 53.48 -26.52
N ASN G 234 -61.32 54.35 -25.57
CA ASN G 234 -61.15 53.96 -24.18
C ASN G 234 -61.50 55.13 -23.28
N GLN G 235 -61.36 54.97 -21.98
CA GLN G 235 -61.69 56.04 -21.03
C GLN G 235 -60.99 57.37 -21.39
N THR G 236 -59.73 57.29 -21.87
CA THR G 236 -58.92 58.44 -22.23
C THR G 236 -59.13 58.97 -23.67
N ASN G 237 -60.14 58.44 -24.37
CA ASN G 237 -60.35 58.75 -25.80
C ASN G 237 -61.74 58.28 -26.26
N THR G 238 -62.76 59.07 -25.92
CA THR G 238 -64.15 58.63 -26.05
C THR G 238 -64.84 59.13 -27.32
N ILE G 239 -66.03 58.63 -27.59
CA ILE G 239 -66.84 59.17 -28.68
C ILE G 239 -68.02 59.85 -28.03
N SER G 240 -67.96 61.20 -28.03
CA SER G 240 -68.88 62.08 -27.32
C SER G 240 -69.10 61.64 -25.88
N GLY G 241 -68.03 61.26 -25.20
CA GLY G 241 -68.08 60.88 -23.78
C GLY G 241 -67.98 59.38 -23.52
N PHE G 242 -68.63 58.63 -24.41
CA PHE G 242 -68.84 57.18 -24.32
C PHE G 242 -67.69 56.34 -24.84
N TYR G 243 -67.51 55.19 -24.19
CA TYR G 243 -66.59 54.11 -24.56
C TYR G 243 -67.12 52.86 -23.86
N PHE G 244 -66.74 51.69 -24.36
CA PHE G 244 -66.95 50.42 -23.65
C PHE G 244 -65.69 50.00 -22.91
N SER G 245 -65.92 49.41 -21.74
CA SER G 245 -64.84 48.92 -20.90
C SER G 245 -65.09 47.46 -20.43
N SER G 246 -64.01 46.70 -20.32
CA SER G 246 -64.04 45.33 -19.82
C SER G 246 -62.90 45.12 -18.78
N LYS G 247 -63.24 44.57 -17.61
CA LYS G 247 -62.25 44.28 -16.54
C LYS G 247 -61.14 43.40 -17.07
N THR G 248 -61.52 42.32 -17.74
CA THR G 248 -60.60 41.40 -18.38
C THR G 248 -60.66 41.61 -19.88
N ARG G 249 -59.64 41.19 -20.59
CA ARG G 249 -59.68 41.27 -22.04
C ARG G 249 -59.05 40.07 -22.74
N GLY G 250 -59.85 39.33 -23.51
CA GLY G 250 -59.33 38.20 -24.31
C GLY G 250 -59.44 36.84 -23.65
N GLN G 251 -60.45 36.71 -22.79
CA GLN G 251 -60.48 35.73 -21.72
C GLN G 251 -61.94 35.33 -21.49
N ALA G 252 -62.16 34.29 -20.72
CA ALA G 252 -63.51 33.79 -20.53
C ALA G 252 -64.44 34.86 -19.96
N LEU G 253 -63.88 35.79 -19.18
CA LEU G 253 -64.66 36.74 -18.40
C LEU G 253 -64.88 38.13 -19.05
N ASP G 254 -64.40 38.33 -20.29
CA ASP G 254 -64.70 39.55 -21.07
C ASP G 254 -66.15 39.94 -21.05
N SER G 255 -66.39 41.21 -20.73
CA SER G 255 -67.70 41.74 -20.59
C SER G 255 -67.54 43.21 -20.81
N TRP G 256 -68.24 43.74 -21.83
CA TRP G 256 -68.15 45.14 -22.25
C TRP G 256 -69.28 45.98 -21.70
N THR G 257 -68.93 46.91 -20.82
CA THR G 257 -69.91 47.81 -20.22
C THR G 257 -69.78 49.24 -20.78
N LEU G 258 -70.93 49.87 -20.99
CA LEU G 258 -70.99 51.24 -21.48
C LEU G 258 -70.72 52.24 -20.36
N PHE G 259 -69.65 53.00 -20.54
CA PHE G 259 -69.38 54.07 -19.63
C PHE G 259 -69.38 55.44 -20.33
N TYR G 260 -69.49 56.49 -19.51
CA TYR G 260 -69.49 57.87 -19.98
C TYR G 260 -68.52 58.75 -19.16
N THR G 261 -67.63 59.42 -19.89
CA THR G 261 -66.71 60.45 -19.36
C THR G 261 -67.27 61.88 -19.51
N THR G 262 -66.91 62.74 -18.55
CA THR G 262 -67.11 64.21 -18.66
C THR G 262 -65.80 64.94 -19.09
N ASN G 263 -64.66 64.34 -18.72
CA ASN G 263 -63.39 65.06 -18.53
C ASN G 263 -62.19 64.58 -19.36
N THR G 264 -62.43 63.62 -20.25
CA THR G 264 -61.36 63.06 -21.05
C THR G 264 -61.52 63.43 -22.51
N ASN G 265 -60.45 63.20 -23.27
CA ASN G 265 -60.39 63.55 -24.67
C ASN G 265 -61.54 62.92 -25.45
N ARG G 266 -62.10 63.71 -26.36
CA ARG G 266 -63.21 63.31 -27.21
C ARG G 266 -62.76 63.39 -28.64
N VAL G 267 -62.92 62.30 -29.40
CA VAL G 267 -62.58 62.33 -30.82
C VAL G 267 -63.42 63.37 -31.59
N GLN G 268 -62.80 63.91 -32.64
CA GLN G 268 -63.49 64.76 -33.58
C GLN G 268 -63.40 64.06 -34.90
N ILE G 269 -64.46 63.33 -35.23
CA ILE G 269 -64.60 62.68 -36.55
C ILE G 269 -64.94 63.76 -37.60
N THR G 270 -64.17 63.74 -38.68
CA THR G 270 -64.06 64.79 -39.68
C THR G 270 -64.72 64.37 -40.99
N GLN G 271 -64.98 63.08 -41.10
CA GLN G 271 -65.54 62.50 -42.32
C GLN G 271 -66.16 61.14 -42.05
N ARG G 272 -66.88 60.63 -43.04
CA ARG G 272 -67.54 59.34 -42.98
C ARG G 272 -66.51 58.26 -43.24
N HIS G 273 -66.51 57.26 -42.37
CA HIS G 273 -65.61 56.12 -42.56
C HIS G 273 -66.47 54.85 -42.64
N PHE G 274 -66.11 53.96 -43.56
CA PHE G 274 -66.76 52.64 -43.66
C PHE G 274 -65.80 51.47 -43.85
N ALA G 275 -66.00 50.38 -43.10
CA ALA G 275 -65.31 49.08 -43.39
C ALA G 275 -66.19 47.89 -43.07
N TYR G 276 -66.00 46.81 -43.81
CA TYR G 276 -66.35 45.44 -43.41
C TYR G 276 -65.16 44.77 -42.70
N VAL G 277 -65.44 44.19 -41.55
CA VAL G 277 -64.43 43.50 -40.79
C VAL G 277 -65.00 42.17 -40.29
N CYS G 278 -64.31 41.08 -40.64
CA CYS G 278 -64.74 39.76 -40.25
C CYS G 278 -63.74 39.21 -39.23
N ALA G 279 -64.22 38.27 -38.43
CA ALA G 279 -63.36 37.55 -37.48
C ALA G 279 -62.59 36.48 -38.27
N ARG G 280 -61.26 36.57 -38.21
CA ARG G 280 -60.41 35.57 -38.89
C ARG G 280 -60.32 34.20 -38.19
N SER G 281 -60.14 34.26 -36.87
CA SER G 281 -59.78 33.11 -36.07
C SER G 281 -61.02 32.34 -35.56
N PRO G 282 -60.89 31.02 -35.40
CA PRO G 282 -62.08 30.23 -35.03
C PRO G 282 -62.61 30.52 -33.63
N ASP G 283 -61.83 31.23 -32.81
CA ASP G 283 -62.32 31.65 -31.49
C ASP G 283 -63.47 32.65 -31.52
N TRP G 284 -63.87 33.04 -32.72
CA TRP G 284 -65.09 33.83 -32.84
C TRP G 284 -66.26 33.07 -32.26
N ASN G 285 -66.23 31.75 -32.44
CA ASN G 285 -67.25 30.82 -31.91
C ASN G 285 -67.55 31.01 -30.43
N VAL G 286 -66.59 31.45 -29.64
CA VAL G 286 -66.85 31.65 -28.21
C VAL G 286 -67.08 33.15 -27.81
N ASP G 287 -66.88 34.05 -28.78
CA ASP G 287 -66.97 35.50 -28.58
C ASP G 287 -68.39 36.06 -28.77
N LYS G 288 -69.06 36.31 -27.66
CA LYS G 288 -70.48 36.69 -27.62
C LYS G 288 -70.71 38.12 -28.07
N SER G 289 -69.74 38.99 -27.82
CA SER G 289 -69.70 40.39 -28.29
C SER G 289 -69.54 40.49 -29.80
N TRP G 290 -68.54 39.84 -30.39
CA TRP G 290 -68.48 39.71 -31.85
C TRP G 290 -69.79 39.17 -32.46
N ILE G 291 -70.31 38.10 -31.89
CA ILE G 291 -71.49 37.46 -32.44
C ILE G 291 -72.69 38.41 -32.37
N ALA G 292 -72.74 39.23 -31.33
CA ALA G 292 -73.85 40.17 -31.09
C ALA G 292 -73.76 41.35 -32.05
N ALA G 293 -72.56 41.89 -32.24
CA ALA G 293 -72.28 42.85 -33.27
C ALA G 293 -72.54 42.31 -34.71
N ALA G 294 -72.43 41.00 -34.88
CA ALA G 294 -72.70 40.36 -36.19
C ALA G 294 -74.19 40.10 -36.47
N ASN G 295 -74.97 39.96 -35.40
CA ASN G 295 -76.41 39.93 -35.50
C ASN G 295 -77.02 41.33 -35.84
N LEU G 296 -76.54 42.38 -35.17
CA LEU G 296 -76.99 43.76 -35.50
C LEU G 296 -76.58 44.12 -36.91
N THR G 297 -75.39 43.71 -37.31
CA THR G 297 -74.91 43.86 -38.71
C THR G 297 -75.87 43.32 -39.74
N ALA G 298 -76.40 42.11 -39.53
CA ALA G 298 -77.36 41.54 -40.47
C ALA G 298 -78.65 42.38 -40.55
N ILE G 299 -79.05 42.98 -39.41
CA ILE G 299 -80.26 43.84 -39.36
C ILE G 299 -80.04 45.17 -40.10
N VAL G 300 -78.92 45.85 -39.81
CA VAL G 300 -78.48 47.06 -40.50
C VAL G 300 -78.38 46.88 -42.03
N MET G 301 -77.76 45.77 -42.45
CA MET G 301 -77.66 45.39 -43.85
C MET G 301 -78.96 44.89 -44.51
N ALA G 302 -79.91 44.34 -43.72
CA ALA G 302 -81.20 43.88 -44.26
C ALA G 302 -82.09 45.05 -44.76
N CYS G 303 -82.01 46.16 -44.06
CA CYS G 303 -82.88 47.29 -44.37
C CYS G 303 -82.39 48.25 -45.51
N ARG G 304 -81.24 47.95 -46.11
CA ARG G 304 -80.67 48.80 -47.14
C ARG G 304 -80.11 48.01 -48.29
N GLN G 305 -79.61 48.69 -49.32
CA GLN G 305 -78.67 48.05 -50.23
C GLN G 305 -77.29 48.45 -49.75
N PRO G 306 -76.58 47.53 -49.06
CA PRO G 306 -75.33 47.93 -48.43
C PRO G 306 -74.18 48.00 -49.45
N PRO G 307 -73.03 48.53 -49.05
CA PRO G 307 -71.89 48.41 -49.93
C PRO G 307 -71.61 46.97 -50.43
N VAL G 308 -71.34 46.87 -51.71
CA VAL G 308 -70.99 45.61 -52.35
C VAL G 308 -69.60 45.13 -51.89
N PHE G 309 -69.48 43.81 -51.62
CA PHE G 309 -68.25 43.17 -51.19
C PHE G 309 -67.28 43.04 -52.38
N ALA G 310 -65.99 43.19 -52.08
CA ALA G 310 -64.97 42.75 -52.99
C ALA G 310 -65.16 41.28 -53.20
N ASN G 311 -65.16 40.82 -54.45
CA ASN G 311 -65.11 39.38 -54.75
C ASN G 311 -64.16 38.59 -53.87
N GLN G 312 -62.98 39.15 -53.63
CA GLN G 312 -61.94 38.46 -52.88
C GLN G 312 -62.31 38.29 -51.41
N GLY G 313 -63.29 39.05 -50.94
CA GLY G 313 -63.68 38.97 -49.53
C GLY G 313 -64.70 37.89 -49.17
N VAL G 314 -65.16 37.13 -50.16
CA VAL G 314 -66.18 36.11 -49.97
C VAL G 314 -65.69 34.87 -50.65
N ILE G 315 -66.22 33.69 -50.27
CA ILE G 315 -65.83 32.44 -50.94
C ILE G 315 -66.15 32.47 -52.45
N ASN G 316 -65.42 31.67 -53.23
CA ASN G 316 -65.62 31.55 -54.69
C ASN G 316 -67.06 31.48 -55.17
N GLN G 317 -67.84 30.57 -54.57
CA GLN G 317 -69.24 30.42 -54.95
C GLN G 317 -70.10 31.66 -54.67
N ALA G 318 -69.65 32.53 -53.76
CA ALA G 318 -70.43 33.75 -53.41
C ALA G 318 -70.03 34.98 -54.24
N GLN G 319 -69.08 34.78 -55.16
CA GLN G 319 -68.50 35.88 -55.98
C GLN G 319 -69.39 36.21 -57.16
N ASN G 320 -69.41 37.49 -57.54
CA ASN G 320 -70.14 37.98 -58.71
C ASN G 320 -71.65 37.83 -58.66
N ARG G 321 -72.21 38.03 -57.46
CA ARG G 321 -73.63 38.19 -57.29
C ARG G 321 -73.94 39.68 -57.29
N PRO G 322 -74.57 40.23 -58.37
CA PRO G 322 -74.97 41.65 -58.44
C PRO G 322 -75.68 42.10 -57.17
N GLY G 323 -75.22 43.22 -56.59
CA GLY G 323 -75.80 43.79 -55.41
C GLY G 323 -75.12 43.32 -54.15
N PHE G 324 -74.32 42.26 -54.27
CA PHE G 324 -73.72 41.63 -53.10
C PHE G 324 -72.20 41.61 -53.19
N SER G 325 -71.67 41.08 -54.30
CA SER G 325 -70.22 40.96 -54.54
C SER G 325 -69.83 41.30 -56.01
N MET G 326 -68.58 41.72 -56.21
CA MET G 326 -68.19 42.46 -57.41
C MET G 326 -66.67 42.57 -57.49
N ASN G 327 -66.13 42.67 -58.70
CA ASN G 327 -64.75 43.16 -58.87
C ASN G 327 -64.68 44.61 -58.46
N GLY G 328 -63.72 44.94 -57.60
CA GLY G 328 -63.57 46.28 -57.10
C GLY G 328 -64.55 46.67 -56.04
N GLY G 329 -65.24 45.68 -55.46
CA GLY G 329 -66.13 45.94 -54.33
C GLY G 329 -65.39 46.41 -53.09
N THR G 330 -66.12 46.66 -52.00
CA THR G 330 -65.53 47.06 -50.75
C THR G 330 -64.75 45.85 -50.14
N PRO G 331 -63.43 46.04 -49.79
CA PRO G 331 -62.67 44.95 -49.16
C PRO G 331 -63.24 44.45 -47.81
N VAL G 332 -62.96 43.19 -47.50
CA VAL G 332 -63.35 42.65 -46.21
C VAL G 332 -62.08 42.50 -45.38
N HIS G 333 -61.92 43.37 -44.39
CA HIS G 333 -60.77 43.26 -43.48
C HIS G 333 -61.03 42.12 -42.52
N GLU G 334 -59.96 41.64 -41.87
CA GLU G 334 -60.02 40.46 -40.98
C GLU G 334 -59.25 40.70 -39.72
N LEU G 335 -59.82 40.26 -38.59
CA LEU G 335 -59.11 40.34 -37.30
C LEU G 335 -58.93 38.97 -36.66
N ASN G 336 -57.66 38.59 -36.43
CA ASN G 336 -57.35 37.48 -35.56
C ASN G 336 -57.72 37.91 -34.13
N LEU G 337 -58.58 37.17 -33.44
CA LEU G 337 -59.08 37.65 -32.12
C LEU G 337 -58.06 37.72 -30.95
N LEU G 338 -57.07 36.83 -30.97
CA LEU G 338 -56.04 36.90 -29.98
C LEU G 338 -55.08 38.04 -30.28
N THR G 339 -54.60 38.16 -31.52
CA THR G 339 -53.86 39.34 -31.90
C THR G 339 -54.53 40.66 -31.44
N THR G 340 -55.82 40.76 -31.65
CA THR G 340 -56.57 41.95 -31.33
C THR G 340 -56.67 42.24 -29.82
N ALA G 341 -56.78 41.19 -29.01
CA ALA G 341 -56.85 41.35 -27.55
C ALA G 341 -55.47 41.77 -26.99
N GLN G 342 -54.40 41.27 -27.61
CA GLN G 342 -53.05 41.67 -27.26
C GLN G 342 -52.81 43.17 -27.54
N GLU G 343 -53.11 43.62 -28.77
CA GLU G 343 -53.18 45.07 -29.11
C GLU G 343 -54.15 45.91 -28.27
N CYS G 344 -55.36 45.43 -28.00
CA CYS G 344 -56.24 46.24 -27.16
C CYS G 344 -55.55 46.55 -25.83
N ILE G 345 -54.79 45.57 -25.33
CA ILE G 345 -54.19 45.57 -23.99
C ILE G 345 -52.99 46.52 -23.99
N ARG G 346 -52.28 46.48 -25.10
CA ARG G 346 -51.13 47.28 -25.36
C ARG G 346 -51.52 48.75 -25.47
N GLN G 347 -52.73 48.97 -25.99
CA GLN G 347 -53.37 50.28 -26.02
C GLN G 347 -53.72 50.76 -24.62
N TRP G 348 -54.09 49.84 -23.74
CA TRP G 348 -54.49 50.22 -22.40
C TRP G 348 -53.27 50.59 -21.54
N VAL G 349 -52.18 49.82 -21.70
CA VAL G 349 -50.90 50.11 -21.08
C VAL G 349 -50.38 51.48 -21.54
N MET G 350 -50.52 51.78 -22.82
CA MET G 350 -50.06 53.06 -23.36
C MET G 350 -50.91 54.24 -22.90
N ALA G 351 -52.24 54.10 -22.92
CA ALA G 351 -53.10 55.16 -22.43
C ALA G 351 -52.82 55.33 -20.96
N GLY G 352 -52.20 54.32 -20.37
CA GLY G 352 -51.88 54.31 -18.96
C GLY G 352 -53.09 53.94 -18.13
N LEU G 353 -53.93 53.04 -18.65
CA LEU G 353 -55.15 52.65 -17.92
C LEU G 353 -54.91 51.42 -17.07
N VAL G 354 -53.88 50.68 -17.46
CA VAL G 354 -53.31 49.56 -16.68
C VAL G 354 -51.76 49.69 -16.57
N SER G 355 -51.20 49.24 -15.45
CA SER G 355 -49.74 49.23 -15.29
C SER G 355 -49.13 48.24 -16.27
N ALA G 356 -47.83 48.37 -16.52
CA ALA G 356 -47.15 47.49 -17.46
C ALA G 356 -47.18 46.03 -16.96
N ALA G 357 -47.55 45.85 -15.69
CA ALA G 357 -47.60 44.56 -15.00
C ALA G 357 -49.01 43.97 -14.98
N LYS G 358 -50.02 44.83 -14.88
CA LYS G 358 -51.41 44.38 -14.99
C LYS G 358 -51.73 44.10 -16.43
N GLY G 359 -50.99 44.73 -17.33
CA GLY G 359 -51.11 44.52 -18.79
C GLY G 359 -50.37 43.29 -19.25
N GLN G 360 -49.41 42.84 -18.45
CA GLN G 360 -48.74 41.54 -18.66
C GLN G 360 -49.58 40.41 -18.14
N ALA G 361 -50.13 40.58 -16.94
CA ALA G 361 -51.07 39.64 -16.40
C ALA G 361 -52.16 39.37 -17.44
N LEU G 362 -52.78 40.45 -17.94
CA LEU G 362 -53.86 40.39 -18.92
C LEU G 362 -53.47 39.71 -20.23
N THR G 363 -52.31 40.06 -20.79
CA THR G 363 -51.82 39.45 -22.03
C THR G 363 -51.59 37.97 -21.82
N GLN G 364 -51.34 37.58 -20.57
CA GLN G 364 -51.01 36.20 -20.24
C GLN G 364 -52.27 35.39 -20.08
N GLU G 365 -53.26 35.96 -19.39
CA GLU G 365 -54.59 35.39 -19.32
C GLU G 365 -55.19 35.13 -20.72
N ALA G 366 -55.07 36.10 -21.62
CA ALA G 366 -55.52 36.01 -23.03
C ALA G 366 -54.85 34.85 -23.77
N ASN G 367 -53.53 34.81 -23.73
CA ASN G 367 -52.76 33.74 -24.34
C ASN G 367 -53.12 32.31 -23.89
N ASP G 368 -53.37 32.14 -22.61
CA ASP G 368 -53.65 30.84 -22.06
C ASP G 368 -55.09 30.43 -22.26
N PHE G 369 -55.98 31.41 -22.37
CA PHE G 369 -57.36 31.13 -22.72
C PHE G 369 -57.47 30.76 -24.21
N SER G 370 -56.75 31.48 -25.06
CA SER G 370 -56.71 31.17 -26.48
C SER G 370 -56.22 29.75 -26.72
N ASN G 371 -55.15 29.36 -26.02
CA ASN G 371 -54.64 27.99 -26.13
C ASN G 371 -55.68 26.94 -25.71
N LEU G 372 -56.39 27.20 -24.63
CA LEU G 372 -57.47 26.37 -24.17
C LEU G 372 -58.59 26.23 -25.22
N ILE G 373 -58.92 27.33 -25.91
CA ILE G 373 -60.00 27.37 -26.93
C ILE G 373 -59.55 26.77 -28.26
N GLN G 374 -58.32 27.05 -28.64
CA GLN G 374 -57.72 26.48 -29.84
C GLN G 374 -57.67 24.92 -29.81
N ALA G 375 -57.39 24.35 -28.63
CA ALA G 375 -57.26 22.90 -28.41
C ALA G 375 -58.64 22.27 -28.44
N ASP G 376 -59.58 22.97 -27.86
CA ASP G 376 -60.98 22.56 -27.87
C ASP G 376 -61.66 22.53 -29.23
N LEU G 377 -61.62 23.65 -29.94
CA LEU G 377 -62.16 23.73 -31.29
C LEU G 377 -61.40 22.80 -32.23
N GLY G 378 -60.10 22.63 -31.99
CA GLY G 378 -59.34 21.59 -32.64
C GLY G 378 -59.96 20.20 -32.54
N GLN G 379 -60.43 19.83 -31.34
CA GLN G 379 -61.07 18.52 -31.07
C GLN G 379 -62.34 18.36 -31.84
N ILE G 380 -63.17 19.41 -31.73
CA ILE G 380 -64.43 19.54 -32.47
C ILE G 380 -64.26 19.45 -33.99
N LYS G 381 -63.35 20.23 -34.57
CA LYS G 381 -63.00 20.12 -36.02
C LYS G 381 -62.52 18.72 -36.41
N ALA G 382 -61.62 18.19 -35.60
CA ALA G 382 -61.05 16.88 -35.92
C ALA G 382 -62.12 15.80 -35.98
N GLN G 383 -63.00 15.77 -34.98
CA GLN G 383 -64.11 14.83 -34.93
C GLN G 383 -65.19 15.13 -35.94
N ASP G 384 -65.65 16.39 -36.04
CA ASP G 384 -66.62 16.76 -37.08
C ASP G 384 -66.15 16.42 -38.47
N ASP G 385 -64.88 16.75 -38.78
CA ASP G 385 -64.36 16.52 -40.12
C ASP G 385 -64.43 15.04 -40.42
N ALA G 386 -64.03 14.22 -39.46
CA ALA G 386 -63.93 12.77 -39.68
C ALA G 386 -65.31 12.15 -39.74
N LEU G 387 -66.18 12.51 -38.80
CA LEU G 387 -67.56 12.02 -38.81
C LEU G 387 -68.39 12.52 -39.99
N TYR G 388 -68.18 13.75 -40.41
CA TYR G 388 -68.82 14.18 -41.65
C TYR G 388 -68.39 13.33 -42.86
N ASN G 389 -67.10 13.04 -42.98
CA ASN G 389 -66.64 12.22 -44.10
C ASN G 389 -67.15 10.77 -44.06
N GLN G 390 -67.49 10.26 -42.88
CA GLN G 390 -67.56 8.80 -42.66
C GLN G 390 -68.93 8.28 -42.23
N GLN G 391 -69.62 9.04 -41.39
CA GLN G 391 -70.91 8.67 -40.83
C GLN G 391 -72.07 9.40 -41.55
N PRO G 392 -72.92 8.66 -42.29
CA PRO G 392 -74.07 9.31 -42.97
C PRO G 392 -75.05 9.94 -41.95
N GLY G 393 -75.53 11.15 -42.24
CA GLY G 393 -76.42 11.82 -41.30
C GLY G 393 -75.72 12.56 -40.18
N TYR G 394 -74.42 12.80 -40.36
CA TYR G 394 -73.67 13.53 -39.34
C TYR G 394 -73.95 15.05 -39.32
N ALA G 395 -74.28 15.56 -38.13
CA ALA G 395 -74.54 16.95 -37.92
C ALA G 395 -73.33 17.69 -37.32
N ARG G 396 -72.74 18.61 -38.08
CA ARG G 396 -71.64 19.43 -37.59
C ARG G 396 -72.10 20.37 -36.48
N ARG G 397 -71.20 20.62 -35.52
CA ARG G 397 -71.48 21.39 -34.33
C ARG G 397 -71.05 22.87 -34.46
N ILE G 398 -70.13 23.13 -35.39
CA ILE G 398 -69.66 24.45 -35.68
C ILE G 398 -69.29 24.51 -37.18
N LYS G 399 -69.03 25.71 -37.70
CA LYS G 399 -68.65 25.92 -39.08
C LYS G 399 -67.26 25.33 -39.38
N PRO G 400 -67.08 24.67 -40.55
CA PRO G 400 -65.72 24.27 -40.90
C PRO G 400 -64.71 25.40 -40.86
N PHE G 401 -63.52 25.11 -40.36
CA PHE G 401 -62.43 26.05 -40.45
C PHE G 401 -61.16 25.37 -40.93
N VAL G 402 -60.14 26.17 -41.22
CA VAL G 402 -58.81 25.63 -41.50
C VAL G 402 -57.88 26.15 -40.41
N ASN G 403 -56.79 25.42 -40.19
CA ASN G 403 -55.91 25.70 -39.05
C ASN G 403 -55.10 26.97 -39.25
N GLY G 404 -54.84 27.31 -40.51
CA GLY G 404 -54.25 28.59 -40.92
C GLY G 404 -54.95 29.83 -40.40
N ASP G 405 -56.26 29.73 -40.18
CA ASP G 405 -57.05 30.81 -39.55
C ASP G 405 -56.52 31.26 -38.19
N TRP G 406 -55.58 30.50 -37.62
CA TRP G 406 -55.09 30.83 -36.28
C TRP G 406 -53.89 31.78 -36.33
N THR G 407 -53.29 31.91 -37.51
CA THR G 407 -52.27 32.92 -37.71
C THR G 407 -52.90 34.35 -37.73
N PRO G 408 -52.07 35.42 -37.53
CA PRO G 408 -52.61 36.79 -37.55
C PRO G 408 -53.16 37.25 -38.90
N GLY G 409 -52.71 36.63 -39.98
CA GLY G 409 -53.03 37.12 -41.31
C GLY G 409 -52.92 38.63 -41.39
N MET G 410 -54.00 39.26 -41.83
CA MET G 410 -54.01 40.68 -42.05
C MET G 410 -54.61 41.51 -40.94
N THR G 411 -54.52 41.03 -39.71
CA THR G 411 -54.93 41.83 -38.55
C THR G 411 -54.31 43.24 -38.52
N ALA G 412 -53.01 43.37 -38.82
CA ALA G 412 -52.31 44.64 -38.68
C ALA G 412 -52.90 45.75 -39.55
N GLN G 413 -53.15 45.44 -40.81
CA GLN G 413 -53.80 46.33 -41.75
C GLN G 413 -55.18 46.77 -41.26
N ALA G 414 -55.99 45.79 -40.85
CA ALA G 414 -57.32 46.05 -40.34
C ALA G 414 -57.27 47.00 -39.16
N LEU G 415 -56.30 46.82 -38.29
CA LEU G 415 -56.21 47.63 -37.09
C LEU G 415 -55.76 49.06 -37.42
N ALA G 416 -54.99 49.21 -38.51
CA ALA G 416 -54.47 50.50 -38.94
C ALA G 416 -55.56 51.28 -39.67
N VAL G 417 -56.23 50.64 -40.62
CA VAL G 417 -57.50 51.14 -41.18
C VAL G 417 -58.46 51.61 -40.07
N LEU G 418 -58.78 50.74 -39.13
CA LEU G 418 -59.75 51.10 -38.08
C LEU G 418 -59.31 52.24 -37.18
N ALA G 419 -58.02 52.38 -36.95
CA ALA G 419 -57.56 53.47 -36.07
C ALA G 419 -57.83 54.86 -36.71
N THR G 420 -57.95 54.92 -38.05
CA THR G 420 -58.32 56.13 -38.78
C THR G 420 -59.78 56.52 -38.65
N PHE G 421 -60.63 55.70 -38.02
CA PHE G 421 -62.10 55.92 -37.95
C PHE G 421 -62.56 56.96 -36.97
N THR G 422 -61.62 57.47 -36.17
CA THR G 422 -61.88 58.55 -35.20
C THR G 422 -61.39 59.90 -35.74
N ALA G 423 -60.84 59.85 -36.97
CA ALA G 423 -60.35 61.00 -37.70
C ALA G 423 -61.45 61.62 -38.54
N SER H 2 -63.67 20.75 -22.61
CA SER H 2 -65.13 20.75 -22.90
C SER H 2 -65.88 20.37 -21.66
N GLU H 3 -66.94 21.12 -21.35
CA GLU H 3 -67.69 20.93 -20.11
C GLU H 3 -68.58 19.67 -20.13
N PHE H 4 -68.81 19.10 -21.31
CA PHE H 4 -69.71 17.96 -21.46
C PHE H 4 -69.00 16.60 -21.53
N GLY H 5 -67.70 16.64 -21.84
CA GLY H 5 -66.92 15.43 -21.97
C GLY H 5 -67.17 14.86 -23.34
N SER H 6 -66.94 13.57 -23.50
CA SER H 6 -67.14 12.96 -24.81
C SER H 6 -68.43 12.16 -24.80
N THR H 7 -69.46 12.76 -25.40
CA THR H 7 -70.82 12.30 -25.29
C THR H 7 -71.24 11.52 -26.53
N MET H 8 -70.46 11.61 -27.60
CA MET H 8 -70.90 11.00 -28.84
C MET H 8 -70.58 9.54 -28.85
N ALA H 9 -71.61 8.72 -29.12
CA ALA H 9 -71.43 7.32 -29.44
C ALA H 9 -70.41 7.17 -30.57
N ARG H 10 -69.69 6.04 -30.55
CA ARG H 10 -68.67 5.72 -31.52
C ARG H 10 -69.32 5.38 -32.85
N ALA H 11 -68.77 5.94 -33.92
CA ALA H 11 -69.27 5.71 -35.24
C ALA H 11 -68.14 5.24 -36.13
N ILE H 12 -66.91 5.46 -35.69
CA ILE H 12 -65.69 5.09 -36.46
C ILE H 12 -64.97 3.92 -35.79
N TYR H 13 -64.75 2.85 -36.53
CA TYR H 13 -64.23 1.59 -36.00
C TYR H 13 -62.92 1.27 -36.71
N ASP H 14 -61.84 1.89 -36.24
CA ASP H 14 -60.52 1.78 -36.88
C ASP H 14 -59.67 0.78 -36.07
N PHE H 15 -58.89 -0.04 -36.77
CA PHE H 15 -57.95 -0.98 -36.18
C PHE H 15 -56.56 -0.65 -36.66
N PHE H 16 -55.62 -0.55 -35.71
CA PHE H 16 -54.22 -0.32 -36.03
C PHE H 16 -53.43 -1.59 -35.67
N SER H 17 -52.66 -2.11 -36.64
CA SER H 17 -51.88 -3.35 -36.50
C SER H 17 -50.55 -3.13 -35.85
N THR H 18 -50.05 -4.17 -35.17
CA THR H 18 -48.74 -4.19 -34.51
C THR H 18 -47.59 -3.85 -35.49
N PRO H 19 -46.71 -2.90 -35.11
CA PRO H 19 -45.48 -2.63 -35.89
C PRO H 19 -44.47 -3.78 -35.77
N PHE H 20 -43.86 -4.17 -36.87
CA PHE H 20 -42.80 -5.17 -36.82
C PHE H 20 -41.72 -4.81 -37.79
N GLY H 21 -40.53 -5.39 -37.60
CA GLY H 21 -39.36 -5.07 -38.41
C GLY H 21 -39.20 -6.00 -39.59
N ASN H 22 -37.94 -6.31 -39.91
CA ASN H 22 -37.58 -6.95 -41.20
C ASN H 22 -37.67 -8.46 -41.28
N ARG H 23 -38.21 -9.11 -40.23
CA ARG H 23 -38.52 -10.56 -40.32
C ARG H 23 -39.98 -10.86 -40.02
N GLY H 24 -40.87 -9.92 -40.35
CA GLY H 24 -42.31 -10.15 -40.14
C GLY H 24 -42.81 -9.91 -38.73
N LEU H 25 -44.11 -10.19 -38.55
CA LEU H 25 -44.78 -10.19 -37.25
C LEU H 25 -44.15 -11.24 -36.29
N ALA H 26 -43.79 -10.81 -35.10
CA ALA H 26 -43.00 -11.60 -34.16
C ALA H 26 -43.86 -12.61 -33.42
N THR H 27 -44.60 -13.42 -34.15
CA THR H 27 -45.44 -14.42 -33.52
C THR H 27 -45.35 -15.71 -34.33
N ASN H 28 -45.98 -16.77 -33.86
CA ASN H 28 -46.00 -18.03 -34.60
C ASN H 28 -47.25 -18.81 -34.23
N ARG H 29 -47.49 -19.92 -34.93
CA ARG H 29 -48.72 -20.71 -34.73
C ARG H 29 -48.80 -21.24 -33.34
N THR H 30 -47.64 -21.44 -32.72
CA THR H 30 -47.59 -21.91 -31.35
C THR H 30 -48.05 -20.85 -30.37
N GLN H 31 -47.45 -19.67 -30.41
CA GLN H 31 -47.82 -18.61 -29.48
C GLN H 31 -49.24 -18.17 -29.69
N LEU H 32 -49.68 -18.12 -30.94
CA LEU H 32 -51.08 -17.76 -31.25
C LEU H 32 -52.10 -18.73 -30.69
N SER H 33 -51.80 -20.02 -30.68
CA SER H 33 -52.74 -21.04 -30.16
C SER H 33 -52.90 -21.01 -28.65
N SER H 34 -51.96 -20.41 -27.93
CA SER H 34 -51.98 -20.48 -26.46
C SER H 34 -52.86 -19.37 -25.90
N LEU H 35 -53.34 -18.53 -26.81
CA LEU H 35 -54.15 -17.35 -26.50
C LEU H 35 -55.63 -17.68 -26.67
N LEU H 36 -55.90 -18.73 -27.46
CA LEU H 36 -57.28 -19.13 -27.78
C LEU H 36 -57.93 -19.89 -26.62
N SER H 37 -59.22 -19.63 -26.37
CA SER H 37 -59.96 -20.34 -25.32
C SER H 37 -60.16 -21.79 -25.72
N SER H 38 -60.67 -22.59 -24.79
CA SER H 38 -61.05 -24.00 -25.03
C SER H 38 -61.70 -24.24 -26.39
N SER H 39 -62.70 -23.42 -26.72
CA SER H 39 -63.45 -23.53 -27.98
C SER H 39 -62.80 -22.84 -29.21
N ASN H 40 -61.61 -22.29 -29.01
CA ASN H 40 -60.89 -21.63 -30.10
C ASN H 40 -61.29 -20.15 -30.29
N SER H 41 -61.75 -19.52 -29.22
CA SER H 41 -62.22 -18.13 -29.27
C SER H 41 -61.15 -17.06 -28.93
N PRO H 42 -60.94 -16.09 -29.83
CA PRO H 42 -60.05 -15.00 -29.41
C PRO H 42 -60.76 -13.93 -28.55
N TRP H 43 -62.09 -13.96 -28.54
CA TRP H 43 -62.90 -12.91 -27.90
C TRP H 43 -63.25 -13.28 -26.48
N GLN H 44 -63.31 -14.58 -26.22
CA GLN H 44 -63.86 -15.09 -24.97
C GLN H 44 -62.76 -15.37 -23.95
N ILE H 58 -49.52 -13.75 -11.04
CA ILE H 58 -48.22 -14.34 -11.31
C ILE H 58 -48.37 -15.73 -11.96
N VAL H 59 -49.57 -15.99 -12.52
CA VAL H 59 -49.82 -17.19 -13.37
C VAL H 59 -49.08 -17.09 -14.72
N SER H 60 -47.89 -16.50 -14.66
CA SER H 60 -47.06 -16.36 -15.81
C SER H 60 -46.70 -17.74 -16.39
N THR H 61 -46.11 -17.71 -17.58
CA THR H 61 -45.78 -18.89 -18.33
C THR H 61 -44.40 -18.53 -18.90
N PRO H 62 -43.54 -19.50 -19.24
CA PRO H 62 -42.32 -19.05 -19.92
C PRO H 62 -42.57 -18.29 -21.26
N GLU H 63 -43.54 -18.73 -22.03
CA GLU H 63 -43.84 -18.06 -23.28
C GLU H 63 -44.55 -16.68 -23.12
N ALA H 64 -45.16 -16.47 -21.95
CA ALA H 64 -45.74 -15.19 -21.58
C ALA H 64 -45.40 -14.88 -20.11
N PRO H 65 -44.15 -14.43 -19.84
CA PRO H 65 -43.70 -14.38 -18.46
C PRO H 65 -44.26 -13.23 -17.58
N TYR H 66 -45.02 -12.31 -18.17
CA TYR H 66 -45.45 -11.10 -17.46
C TYR H 66 -46.86 -10.76 -17.87
N PRO H 67 -47.62 -10.11 -16.97
CA PRO H 67 -49.00 -9.68 -17.36
C PRO H 67 -48.99 -8.90 -18.69
N GLY H 68 -48.12 -7.90 -18.81
CA GLY H 68 -47.87 -7.26 -20.11
C GLY H 68 -47.72 -8.13 -21.35
N SER H 69 -47.29 -9.39 -21.18
CA SER H 69 -47.10 -10.33 -22.31
C SER H 69 -48.35 -10.60 -23.11
N LEU H 70 -49.45 -10.88 -22.42
CA LEU H 70 -50.69 -11.31 -23.08
C LEU H 70 -51.38 -10.22 -23.88
N MET H 71 -51.17 -8.97 -23.50
CA MET H 71 -51.66 -7.79 -24.19
C MET H 71 -50.94 -7.62 -25.53
N TYR H 72 -49.61 -7.73 -25.50
CA TYR H 72 -48.80 -7.63 -26.70
C TYR H 72 -49.10 -8.75 -27.66
N GLN H 73 -49.10 -9.97 -27.14
CA GLN H 73 -49.31 -11.14 -27.98
C GLN H 73 -50.72 -11.11 -28.61
N GLU H 74 -51.75 -10.76 -27.83
CA GLU H 74 -53.11 -10.61 -28.42
C GLU H 74 -53.23 -9.50 -29.44
N SER H 75 -52.50 -8.42 -29.28
CA SER H 75 -52.36 -7.45 -30.36
C SER H 75 -51.84 -8.11 -31.66
N MET H 76 -50.90 -9.05 -31.53
CA MET H 76 -50.35 -9.76 -32.67
C MET H 76 -51.33 -10.77 -33.24
N LEU H 77 -52.14 -11.38 -32.37
CA LEU H 77 -53.21 -12.27 -32.81
C LEU H 77 -54.25 -11.53 -33.65
N HIS H 78 -54.66 -10.37 -33.17
CA HIS H 78 -55.60 -9.47 -33.85
C HIS H 78 -55.07 -9.00 -35.17
N SER H 79 -53.78 -8.64 -35.21
CA SER H 79 -53.15 -8.08 -36.41
C SER H 79 -52.96 -9.13 -37.49
N ALA H 80 -52.85 -10.39 -37.06
CA ALA H 80 -52.68 -11.50 -37.98
C ALA H 80 -53.99 -11.94 -38.58
N THR H 81 -55.06 -11.91 -37.82
CA THR H 81 -56.28 -12.64 -38.18
C THR H 81 -57.46 -11.78 -38.65
N VAL H 82 -57.51 -10.51 -38.23
CA VAL H 82 -58.66 -9.66 -38.58
C VAL H 82 -58.54 -8.83 -39.88
N PRO H 83 -57.44 -8.06 -40.05
CA PRO H 83 -57.43 -7.20 -41.22
C PRO H 83 -57.49 -7.98 -42.56
N GLY H 84 -56.95 -9.19 -42.59
CA GLY H 84 -56.77 -9.91 -43.84
C GLY H 84 -58.05 -10.53 -44.33
N VAL H 85 -59.05 -10.60 -43.46
CA VAL H 85 -60.36 -11.17 -43.75
C VAL H 85 -61.48 -10.15 -44.08
N LEU H 86 -61.15 -8.84 -44.11
CA LEU H 86 -62.18 -7.79 -44.15
C LEU H 86 -62.75 -7.56 -45.52
N GLY H 87 -62.01 -8.05 -46.53
CA GLY H 87 -62.41 -7.90 -47.92
C GLY H 87 -63.74 -8.47 -48.41
N SER H 88 -64.38 -9.39 -47.67
CA SER H 88 -65.64 -9.97 -48.16
C SER H 88 -66.37 -10.91 -47.24
N ARG H 89 -67.62 -11.24 -47.61
CA ARG H 89 -68.46 -12.18 -46.86
C ARG H 89 -67.90 -13.59 -46.88
N ASP H 90 -67.11 -13.90 -47.90
CA ASP H 90 -66.58 -15.27 -48.11
C ASP H 90 -65.04 -15.34 -48.02
N ALA H 91 -64.43 -14.32 -47.43
CA ALA H 91 -63.00 -14.30 -47.24
C ALA H 91 -62.60 -15.37 -46.24
N TRP H 92 -63.44 -15.57 -45.24
CA TRP H 92 -63.20 -16.50 -44.15
C TRP H 92 -63.08 -17.95 -44.62
N ARG H 93 -63.59 -18.26 -45.80
CA ARG H 93 -63.67 -19.66 -46.27
C ARG H 93 -62.27 -20.26 -46.46
N THR H 94 -61.49 -19.67 -47.37
CA THR H 94 -60.11 -20.06 -47.60
C THR H 94 -59.04 -19.26 -46.78
N PHE H 95 -59.45 -18.36 -45.89
CA PHE H 95 -58.47 -17.52 -45.18
C PHE H 95 -57.64 -18.37 -44.20
N ASN H 96 -56.31 -18.23 -44.27
CA ASN H 96 -55.44 -18.88 -43.28
C ASN H 96 -54.23 -18.06 -42.90
N VAL H 97 -53.83 -18.13 -41.64
CA VAL H 97 -52.66 -17.35 -41.21
C VAL H 97 -52.00 -18.08 -40.06
N PHE H 98 -50.67 -18.21 -40.14
CA PHE H 98 -49.91 -19.01 -39.16
C PHE H 98 -50.55 -20.38 -38.95
N GLY H 99 -51.10 -20.94 -40.03
CA GLY H 99 -51.83 -22.22 -39.97
C GLY H 99 -53.13 -22.23 -39.18
N LEU H 100 -53.79 -21.07 -39.09
CA LEU H 100 -55.06 -20.95 -38.36
C LEU H 100 -56.15 -20.45 -39.32
N SER H 101 -57.41 -20.73 -38.99
CA SER H 101 -58.54 -20.33 -39.83
C SER H 101 -59.77 -20.05 -38.99
N TRP H 102 -60.69 -19.25 -39.54
CA TRP H 102 -61.95 -18.90 -38.84
C TRP H 102 -63.03 -19.95 -39.07
N THR H 103 -63.84 -20.15 -38.06
CA THR H 103 -64.88 -21.14 -38.08
C THR H 103 -66.02 -20.70 -39.00
N ASP H 104 -66.41 -19.43 -38.86
CA ASP H 104 -67.56 -18.88 -39.56
C ASP H 104 -67.27 -17.44 -40.04
N GLU H 105 -68.27 -16.80 -40.63
CA GLU H 105 -68.16 -15.43 -41.13
C GLU H 105 -68.27 -14.38 -39.99
N GLY H 106 -68.91 -14.78 -38.89
CA GLY H 106 -68.99 -13.98 -37.70
C GLY H 106 -67.75 -14.07 -36.85
N LEU H 107 -66.71 -14.70 -37.39
CA LEU H 107 -65.38 -14.81 -36.78
C LEU H 107 -65.42 -15.32 -35.32
N SER H 108 -66.14 -16.41 -35.10
CA SER H 108 -66.44 -16.94 -33.77
C SER H 108 -65.26 -17.63 -33.11
N GLY H 109 -64.53 -18.42 -33.89
CA GLY H 109 -63.38 -19.10 -33.37
C GLY H 109 -62.30 -19.19 -34.40
N LEU H 110 -61.08 -19.44 -33.92
CA LEU H 110 -59.95 -19.78 -34.77
C LEU H 110 -59.57 -21.23 -34.47
N VAL H 111 -59.29 -21.97 -35.55
CA VAL H 111 -59.04 -23.40 -35.49
C VAL H 111 -57.88 -23.69 -36.45
N ALA H 112 -57.37 -24.92 -36.43
CA ALA H 112 -56.29 -25.27 -37.33
C ALA H 112 -56.79 -25.18 -38.78
N ALA H 113 -55.91 -24.72 -39.67
CA ALA H 113 -56.22 -24.65 -41.08
C ALA H 113 -55.91 -25.98 -41.83
N GLN H 114 -56.06 -25.98 -43.16
CA GLN H 114 -55.63 -27.09 -44.01
C GLN H 114 -54.13 -26.95 -44.28
N ASP H 115 -53.54 -27.99 -44.87
CA ASP H 115 -52.13 -27.99 -45.29
C ASP H 115 -51.87 -29.08 -46.32
N PRO H 116 -51.73 -28.70 -47.60
CA PRO H 116 -51.71 -27.30 -48.01
C PRO H 116 -53.00 -26.60 -47.61
N PRO H 117 -52.89 -25.35 -47.12
CA PRO H 117 -54.06 -24.50 -46.88
C PRO H 117 -54.91 -24.35 -48.15
N PRO H 118 -56.18 -23.87 -48.02
CA PRO H 118 -56.99 -23.72 -49.22
C PRO H 118 -56.36 -22.73 -50.18
N ALA H 119 -55.91 -21.58 -49.67
CA ALA H 119 -55.27 -20.56 -50.49
C ALA H 119 -53.95 -20.20 -49.86
N ALA H 120 -53.16 -19.35 -50.53
CA ALA H 120 -51.89 -18.88 -49.98
C ALA H 120 -52.12 -18.23 -48.59
N PRO H 121 -51.23 -18.55 -47.60
CA PRO H 121 -51.42 -17.98 -46.26
C PRO H 121 -51.45 -16.45 -46.31
N TYR H 122 -52.25 -15.82 -45.43
CA TYR H 122 -52.21 -14.35 -45.32
C TYR H 122 -50.86 -13.80 -44.81
N GLN H 123 -50.45 -12.66 -45.33
CA GLN H 123 -49.22 -11.99 -44.87
C GLN H 123 -49.52 -10.68 -44.11
N PRO H 124 -49.40 -10.70 -42.75
CA PRO H 124 -49.73 -9.51 -41.95
C PRO H 124 -48.92 -8.29 -42.39
N ALA H 125 -49.42 -7.10 -42.07
CA ALA H 125 -48.79 -5.85 -42.48
C ALA H 125 -48.41 -5.08 -41.24
N SER H 126 -47.27 -4.38 -41.29
CA SER H 126 -46.77 -3.65 -40.13
C SER H 126 -47.45 -2.28 -39.97
N ALA H 127 -47.96 -2.02 -38.78
CA ALA H 127 -48.46 -0.69 -38.40
C ALA H 127 -49.37 -0.04 -39.43
N GLN H 128 -50.44 -0.75 -39.75
CA GLN H 128 -51.36 -0.36 -40.79
C GLN H 128 -52.80 -0.26 -40.23
N TRP H 129 -53.55 0.72 -40.71
CA TRP H 129 -54.96 0.95 -40.32
C TRP H 129 -55.94 0.15 -41.15
N SER H 130 -56.96 -0.40 -40.49
CA SER H 130 -58.10 -0.98 -41.17
C SER H 130 -59.40 -0.34 -40.67
N ASP H 131 -60.36 -0.17 -41.57
CA ASP H 131 -61.69 0.30 -41.22
C ASP H 131 -62.55 -0.97 -41.10
N LEU H 132 -63.09 -1.22 -39.92
CA LEU H 132 -63.69 -2.54 -39.66
C LEU H 132 -65.11 -2.62 -40.19
N LEU H 133 -65.67 -1.45 -40.49
CA LEU H 133 -66.98 -1.33 -41.14
C LEU H 133 -66.95 -1.72 -42.61
N ASN H 134 -65.77 -1.96 -43.15
CA ASN H 134 -65.62 -2.62 -44.46
C ASN H 134 -66.15 -4.05 -44.52
N TYR H 135 -66.23 -4.69 -43.35
CA TYR H 135 -66.68 -6.07 -43.25
C TYR H 135 -68.20 -6.08 -43.22
N PRO H 136 -68.83 -6.65 -44.29
CA PRO H 136 -70.27 -6.59 -44.49
C PRO H 136 -71.07 -7.10 -43.31
N ARG H 137 -70.60 -8.15 -42.65
CA ARG H 137 -71.32 -8.61 -41.50
C ARG H 137 -71.34 -7.59 -40.37
N TRP H 138 -70.26 -6.83 -40.22
CA TRP H 138 -70.16 -5.89 -39.10
C TRP H 138 -70.89 -4.56 -39.40
N ALA H 139 -70.90 -4.20 -40.69
CA ALA H 139 -71.76 -3.14 -41.22
C ALA H 139 -73.26 -3.41 -40.93
N ASN H 140 -73.74 -4.61 -41.24
CA ASN H 140 -75.18 -4.98 -41.00
C ASN H 140 -75.53 -5.44 -39.60
N ARG H 141 -74.59 -6.09 -38.91
CA ARG H 141 -74.79 -6.54 -37.54
C ARG H 141 -73.81 -5.83 -36.63
N ARG H 142 -74.12 -4.57 -36.35
CA ARG H 142 -73.21 -3.70 -35.61
C ARG H 142 -72.98 -4.16 -34.18
N ARG H 143 -73.99 -4.73 -33.52
CA ARG H 143 -73.85 -5.29 -32.16
C ARG H 143 -72.74 -6.35 -32.04
N GLU H 144 -72.58 -7.15 -33.08
CA GLU H 144 -71.42 -8.06 -33.19
C GLU H 144 -70.05 -7.37 -33.13
N LEU H 145 -69.88 -6.28 -33.90
CA LEU H 145 -68.64 -5.51 -33.86
C LEU H 145 -68.43 -4.83 -32.53
N GLN H 146 -69.50 -4.27 -31.96
CA GLN H 146 -69.41 -3.49 -30.75
C GLN H 146 -68.93 -4.31 -29.55
N SER H 147 -69.30 -5.59 -29.53
CA SER H 147 -68.84 -6.51 -28.47
C SER H 147 -67.34 -6.92 -28.59
N LYS H 148 -66.85 -6.99 -29.81
CA LYS H 148 -65.45 -7.35 -30.09
C LYS H 148 -64.54 -6.15 -30.03
N TYR H 149 -65.10 -4.95 -30.24
CA TYR H 149 -64.28 -3.76 -30.48
C TYR H 149 -63.38 -3.34 -29.33
N PRO H 150 -63.82 -3.50 -28.07
CA PRO H 150 -62.88 -3.11 -26.99
C PRO H 150 -61.53 -3.84 -26.95
N LEU H 151 -61.48 -5.10 -27.35
CA LEU H 151 -60.24 -5.87 -27.44
C LEU H 151 -59.41 -5.38 -28.59
N LEU H 152 -60.08 -5.18 -29.75
CA LEU H 152 -59.48 -4.61 -30.96
C LEU H 152 -58.95 -3.20 -30.73
N LEU H 153 -59.69 -2.42 -29.93
CA LEU H 153 -59.25 -1.08 -29.56
C LEU H 153 -58.08 -1.10 -28.59
N ARG H 154 -58.16 -1.97 -27.58
CA ARG H 154 -57.01 -2.23 -26.69
C ARG H 154 -55.69 -2.57 -27.41
N SER H 155 -55.76 -3.45 -28.38
CA SER H 155 -54.65 -3.69 -29.32
C SER H 155 -54.16 -2.47 -30.11
N THR H 156 -55.11 -1.76 -30.72
CA THR H 156 -54.87 -0.52 -31.49
C THR H 156 -54.11 0.52 -30.70
N LEU H 157 -54.54 0.69 -29.46
CA LEU H 157 -54.01 1.66 -28.56
C LEU H 157 -52.64 1.26 -28.04
N LEU H 158 -52.38 -0.04 -27.85
CA LEU H 158 -51.04 -0.46 -27.44
C LEU H 158 -50.06 -0.31 -28.59
N SER H 159 -50.48 -0.67 -29.80
CA SER H 159 -49.62 -0.51 -30.98
C SER H 159 -49.32 0.98 -31.32
N ALA H 160 -50.31 1.85 -31.13
CA ALA H 160 -50.19 3.28 -31.39
C ALA H 160 -49.33 3.95 -30.35
N MET H 161 -49.29 3.41 -29.13
CA MET H 161 -48.44 3.94 -28.05
C MET H 161 -46.97 3.65 -28.30
N ARG H 162 -46.11 4.55 -27.84
CA ARG H 162 -44.67 4.39 -28.04
C ARG H 162 -44.12 3.48 -26.99
N ALA H 163 -44.68 3.56 -25.80
CA ALA H 163 -44.23 2.74 -24.71
C ALA H 163 -45.39 1.90 -24.15
N GLY H 164 -45.73 2.04 -22.88
CA GLY H 164 -46.80 1.23 -22.33
C GLY H 164 -48.20 1.78 -22.54
N PRO H 165 -49.22 1.02 -22.05
CA PRO H 165 -50.63 1.25 -22.34
C PRO H 165 -51.11 2.62 -21.82
N VAL H 166 -52.07 3.21 -22.53
CA VAL H 166 -52.64 4.49 -22.15
C VAL H 166 -53.86 4.30 -21.24
N LEU H 167 -54.07 5.24 -20.31
CA LEU H 167 -55.32 5.35 -19.53
C LEU H 167 -56.19 6.57 -19.90
N TYR H 168 -57.50 6.37 -19.92
CA TYR H 168 -58.48 7.43 -20.12
C TYR H 168 -58.84 7.97 -18.71
N VAL H 169 -58.33 9.15 -18.37
CA VAL H 169 -58.50 9.63 -17.00
C VAL H 169 -59.42 10.87 -16.95
N GLU H 170 -60.60 10.69 -16.34
CA GLU H 170 -61.60 11.74 -16.23
C GLU H 170 -62.16 11.93 -14.84
N THR H 171 -62.26 13.19 -14.41
CA THR H 171 -63.03 13.56 -13.21
C THR H 171 -64.04 14.63 -13.56
N TRP H 172 -65.14 14.67 -12.83
CA TRP H 172 -66.17 15.66 -13.10
C TRP H 172 -66.84 16.06 -11.79
N PRO H 173 -67.48 17.27 -11.74
CA PRO H 173 -68.03 17.74 -10.48
C PRO H 173 -68.99 16.75 -9.83
N ASN H 174 -68.87 16.67 -8.52
CA ASN H 174 -69.48 15.65 -7.67
C ASN H 174 -69.72 14.30 -8.41
N MET H 175 -68.65 13.53 -8.52
CA MET H 175 -68.60 12.38 -9.43
C MET H 175 -69.01 11.05 -8.86
N ILE H 176 -68.71 10.81 -7.59
CA ILE H 176 -69.23 9.63 -6.92
C ILE H 176 -70.43 10.06 -6.05
N SER H 177 -71.62 9.95 -6.63
CA SER H 177 -72.87 10.26 -5.94
C SER H 177 -73.96 9.39 -6.51
N GLY H 178 -75.08 9.33 -5.81
CA GLY H 178 -76.26 8.61 -6.28
C GLY H 178 -76.05 7.13 -6.27
N ARG H 179 -76.49 6.47 -7.34
CA ARG H 179 -76.28 5.03 -7.58
C ARG H 179 -74.79 4.65 -7.69
N LEU H 180 -73.98 5.54 -8.26
CA LEU H 180 -72.53 5.33 -8.40
C LEU H 180 -71.83 5.21 -7.05
N ALA H 181 -72.16 6.11 -6.11
CA ALA H 181 -71.72 6.03 -4.71
C ALA H 181 -72.17 4.76 -4.02
N ASP H 182 -73.37 4.30 -4.35
CA ASP H 182 -73.88 3.05 -3.78
C ASP H 182 -73.16 1.88 -4.39
N TRP H 183 -72.81 2.00 -5.66
CA TRP H 183 -72.06 0.95 -6.34
C TRP H 183 -70.69 0.80 -5.71
N PHE H 184 -69.96 1.91 -5.59
CA PHE H 184 -68.68 1.90 -4.89
C PHE H 184 -68.77 1.33 -3.47
N MET H 185 -69.75 1.80 -2.67
CA MET H 185 -69.98 1.23 -1.33
C MET H 185 -70.21 -0.26 -1.35
N SER H 186 -70.92 -0.75 -2.36
CA SER H 186 -71.19 -2.18 -2.56
C SER H 186 -69.92 -3.06 -2.62
N GLN H 187 -68.76 -2.40 -2.78
CA GLN H 187 -67.50 -3.10 -2.98
C GLN H 187 -66.40 -2.71 -2.00
N TYR H 188 -66.79 -2.04 -0.91
CA TYR H 188 -65.90 -1.73 0.22
C TYR H 188 -65.01 -2.93 0.55
N GLY H 189 -63.70 -2.66 0.67
CA GLY H 189 -62.73 -3.70 0.99
C GLY H 189 -62.35 -4.64 -0.15
N ASN H 190 -62.81 -4.34 -1.37
CA ASN H 190 -62.46 -5.14 -2.53
C ASN H 190 -61.17 -4.71 -3.21
N ASN H 191 -60.60 -5.64 -3.95
CA ASN H 191 -59.38 -5.42 -4.67
C ASN H 191 -59.65 -4.77 -6.03
N PHE H 192 -58.89 -3.74 -6.35
CA PHE H 192 -58.98 -3.06 -7.65
C PHE H 192 -59.05 -3.97 -8.89
N VAL H 193 -58.15 -4.97 -8.97
CA VAL H 193 -58.02 -5.80 -10.15
C VAL H 193 -59.27 -6.65 -10.34
N ASP H 194 -59.84 -7.11 -9.22
CA ASP H 194 -61.09 -7.88 -9.18
C ASP H 194 -62.28 -6.98 -9.53
N MET H 195 -62.27 -5.77 -9.01
CA MET H 195 -63.27 -4.77 -9.37
C MET H 195 -63.36 -4.55 -10.87
N CYS H 196 -62.18 -4.33 -11.50
CA CYS H 196 -62.10 -4.17 -12.95
C CYS H 196 -62.60 -5.39 -13.73
N ALA H 197 -62.15 -6.58 -13.33
CA ALA H 197 -62.61 -7.84 -13.92
C ALA H 197 -64.13 -8.02 -13.83
N ARG H 198 -64.73 -7.62 -12.71
CA ARG H 198 -66.18 -7.69 -12.48
C ARG H 198 -66.99 -6.79 -13.44
N LEU H 199 -66.41 -5.63 -13.78
CA LEU H 199 -66.95 -4.71 -14.79
C LEU H 199 -66.70 -5.14 -16.24
N THR H 200 -65.54 -5.73 -16.51
CA THR H 200 -65.31 -6.30 -17.84
C THR H 200 -66.32 -7.41 -18.08
N GLN H 201 -66.57 -8.20 -17.04
CA GLN H 201 -67.60 -9.23 -16.99
C GLN H 201 -69.01 -8.70 -17.37
N SER H 202 -69.57 -7.81 -16.55
CA SER H 202 -70.95 -7.34 -16.74
C SER H 202 -71.15 -6.39 -17.93
N CYS H 203 -70.07 -6.21 -18.71
CA CYS H 203 -70.13 -5.51 -20.00
C CYS H 203 -70.26 -6.48 -21.16
N SER H 204 -70.39 -7.78 -20.86
CA SER H 204 -70.72 -8.81 -21.87
C SER H 204 -72.06 -8.48 -22.53
N ASN H 205 -73.12 -8.47 -21.70
CA ASN H 205 -74.37 -7.78 -22.05
C ASN H 205 -74.04 -6.28 -22.05
N MET H 206 -73.71 -5.74 -23.21
CA MET H 206 -73.35 -4.32 -23.24
C MET H 206 -74.33 -3.36 -23.91
N PRO H 207 -75.14 -2.68 -23.09
CA PRO H 207 -75.59 -1.37 -23.49
C PRO H 207 -74.58 -0.42 -22.88
N VAL H 208 -73.38 -0.42 -23.45
CA VAL H 208 -72.43 0.61 -23.07
C VAL H 208 -72.70 1.82 -23.95
N GLU H 209 -73.62 2.65 -23.47
CA GLU H 209 -73.84 4.00 -23.95
C GLU H 209 -72.97 4.98 -23.16
N PRO H 210 -72.40 5.99 -23.84
CA PRO H 210 -71.64 7.02 -23.15
C PRO H 210 -72.50 7.66 -22.06
N ASP H 211 -71.95 7.77 -20.85
CA ASP H 211 -72.61 8.37 -19.65
C ASP H 211 -73.74 7.55 -19.04
N GLY H 212 -73.90 6.33 -19.53
CA GLY H 212 -74.72 5.36 -18.86
C GLY H 212 -73.99 4.91 -17.62
N ASN H 213 -74.64 4.03 -16.87
CA ASN H 213 -74.12 3.48 -15.61
C ASN H 213 -72.78 2.78 -15.68
N TYR H 214 -72.61 1.80 -16.58
CA TYR H 214 -71.33 1.08 -16.72
C TYR H 214 -70.20 2.01 -17.04
N ASP H 215 -70.44 2.94 -17.97
CA ASP H 215 -69.45 3.88 -18.45
C ASP H 215 -68.96 4.77 -17.33
N GLN H 216 -69.89 5.24 -16.50
CA GLN H 216 -69.58 6.11 -15.39
C GLN H 216 -68.80 5.39 -14.29
N GLN H 217 -69.20 4.15 -14.02
CA GLN H 217 -68.50 3.26 -13.07
C GLN H 217 -67.05 3.05 -13.47
N MET H 218 -66.82 2.73 -14.74
CA MET H 218 -65.48 2.52 -15.28
C MET H 218 -64.61 3.75 -15.22
N ARG H 219 -65.10 4.86 -15.75
CA ARG H 219 -64.33 6.07 -15.74
C ARG H 219 -64.00 6.48 -14.31
N ALA H 220 -65.00 6.45 -13.42
CA ALA H 220 -64.79 6.81 -11.99
C ALA H 220 -63.81 5.86 -11.25
N LEU H 221 -63.93 4.56 -11.53
CA LEU H 221 -62.96 3.53 -11.05
C LEU H 221 -61.49 3.80 -11.44
N ILE H 222 -61.26 4.15 -12.72
CA ILE H 222 -59.90 4.41 -13.24
C ILE H 222 -59.24 5.60 -12.58
N SER H 223 -59.99 6.70 -12.46
CA SER H 223 -59.41 7.91 -11.92
C SER H 223 -59.32 7.90 -10.41
N LEU H 224 -60.27 7.23 -9.74
CA LEU H 224 -60.12 7.02 -8.30
C LEU H 224 -58.87 6.21 -7.97
N TRP H 225 -58.58 5.21 -8.79
CA TRP H 225 -57.44 4.37 -8.52
C TRP H 225 -56.15 5.11 -8.91
N LEU H 226 -56.10 5.75 -10.07
CA LEU H 226 -54.86 6.43 -10.49
C LEU H 226 -54.51 7.54 -9.53
N LEU H 227 -55.54 8.19 -8.96
CA LEU H 227 -55.30 9.26 -8.04
C LEU H 227 -54.77 8.73 -6.72
N SER H 228 -55.27 7.57 -6.31
CA SER H 228 -54.66 6.81 -5.20
C SER H 228 -53.17 6.44 -5.48
N TYR H 229 -52.97 5.82 -6.65
CA TYR H 229 -51.72 5.32 -7.14
C TYR H 229 -50.60 6.39 -7.09
N ILE H 230 -50.94 7.64 -7.40
CA ILE H 230 -49.95 8.72 -7.43
C ILE H 230 -49.83 9.46 -6.08
N GLY H 231 -50.69 9.12 -5.13
CA GLY H 231 -50.54 9.61 -3.77
C GLY H 231 -51.56 10.65 -3.37
N VAL H 232 -52.14 11.36 -4.37
CA VAL H 232 -52.96 12.54 -4.10
C VAL H 232 -54.31 12.23 -3.43
N VAL H 233 -54.91 11.10 -3.79
CA VAL H 233 -56.06 10.60 -3.07
C VAL H 233 -55.58 9.48 -2.18
N ASN H 234 -55.95 9.59 -0.89
CA ASN H 234 -55.48 8.70 0.16
C ASN H 234 -56.42 8.86 1.30
N GLN H 235 -56.12 8.21 2.42
CA GLN H 235 -57.07 8.15 3.53
C GLN H 235 -57.51 9.53 4.08
N THR H 236 -56.64 10.53 3.98
CA THR H 236 -56.93 11.85 4.49
C THR H 236 -57.46 12.82 3.44
N ASN H 237 -57.50 12.38 2.18
CA ASN H 237 -57.98 13.17 1.03
C ASN H 237 -58.79 12.24 0.12
N THR H 238 -60.11 12.22 0.25
CA THR H 238 -60.94 11.20 -0.39
C THR H 238 -61.85 11.77 -1.48
N ILE H 239 -62.41 10.88 -2.31
CA ILE H 239 -63.49 11.25 -3.24
C ILE H 239 -64.76 10.63 -2.71
N SER H 240 -65.60 11.45 -2.08
CA SER H 240 -66.84 10.97 -1.47
C SER H 240 -66.60 9.88 -0.42
N GLY H 241 -65.48 9.95 0.29
CA GLY H 241 -65.13 8.97 1.30
C GLY H 241 -64.31 7.76 0.83
N PHE H 242 -64.24 7.58 -0.49
CA PHE H 242 -63.58 6.43 -1.12
C PHE H 242 -62.13 6.70 -1.48
N TYR H 243 -61.32 5.65 -1.36
CA TYR H 243 -59.93 5.66 -1.79
C TYR H 243 -59.45 4.24 -1.85
N PHE H 244 -58.35 4.04 -2.58
CA PHE H 244 -57.60 2.80 -2.59
C PHE H 244 -56.35 2.88 -1.74
N SER H 245 -56.10 1.79 -1.01
CA SER H 245 -54.90 1.69 -0.20
C SER H 245 -54.12 0.45 -0.64
N SER H 246 -52.80 0.51 -0.48
CA SER H 246 -51.89 -0.61 -0.65
C SER H 246 -50.84 -0.59 0.49
N LYS H 247 -50.61 -1.75 1.14
CA LYS H 247 -49.57 -1.89 2.20
C LYS H 247 -48.18 -1.45 1.72
N THR H 248 -47.82 -1.95 0.54
CA THR H 248 -46.55 -1.63 -0.13
C THR H 248 -46.76 -0.64 -1.31
N ARG H 249 -45.67 -0.04 -1.78
CA ARG H 249 -45.68 0.83 -2.96
C ARG H 249 -44.43 0.65 -3.85
N GLY H 250 -44.66 0.17 -5.07
CA GLY H 250 -43.59 0.04 -6.07
C GLY H 250 -42.79 -1.26 -6.05
N GLN H 251 -43.47 -2.33 -5.67
CA GLN H 251 -42.84 -3.54 -5.20
C GLN H 251 -43.72 -4.69 -5.63
N ALA H 252 -43.21 -5.91 -5.48
CA ALA H 252 -43.85 -7.11 -6.00
C ALA H 252 -45.19 -7.37 -5.32
N LEU H 253 -45.32 -6.87 -4.10
CA LEU H 253 -46.48 -7.16 -3.26
C LEU H 253 -47.62 -6.08 -3.32
N ASP H 254 -47.51 -5.10 -4.25
CA ASP H 254 -48.49 -4.00 -4.34
C ASP H 254 -49.86 -4.54 -4.69
N SER H 255 -50.87 -4.03 -3.99
CA SER H 255 -52.24 -4.50 -4.12
C SER H 255 -53.17 -3.42 -3.60
N TRP H 256 -54.10 -2.95 -4.44
CA TRP H 256 -54.96 -1.83 -4.07
C TRP H 256 -56.37 -2.23 -3.63
N THR H 257 -56.73 -1.89 -2.39
CA THR H 257 -58.04 -2.24 -1.84
C THR H 257 -58.89 -1.01 -1.59
N LEU H 258 -60.19 -1.10 -1.94
CA LEU H 258 -61.11 0.03 -1.81
C LEU H 258 -61.55 0.20 -0.37
N PHE H 259 -61.23 1.34 0.23
CA PHE H 259 -61.73 1.63 1.56
C PHE H 259 -62.68 2.84 1.50
N TYR H 260 -63.35 3.11 2.63
CA TYR H 260 -64.27 4.23 2.72
C TYR H 260 -64.10 4.97 4.05
N THR H 261 -64.09 6.30 3.96
CA THR H 261 -64.02 7.15 5.14
C THR H 261 -65.24 8.08 5.37
N THR H 262 -65.82 7.93 6.57
CA THR H 262 -66.85 8.82 7.13
C THR H 262 -66.30 10.18 7.54
N ASN H 263 -65.10 10.20 8.13
CA ASN H 263 -64.57 11.36 8.89
C ASN H 263 -63.41 12.21 8.31
N THR H 264 -62.80 11.78 7.21
CA THR H 264 -61.64 12.52 6.67
C THR H 264 -62.06 13.46 5.53
N ASN H 265 -61.16 14.30 5.06
CA ASN H 265 -61.49 15.30 4.02
C ASN H 265 -62.00 14.65 2.75
N ARG H 266 -63.00 15.29 2.15
CA ARG H 266 -63.55 14.91 0.85
C ARG H 266 -63.29 16.01 -0.13
N VAL H 267 -62.75 15.64 -1.29
CA VAL H 267 -62.39 16.62 -2.29
C VAL H 267 -63.65 17.20 -2.89
N GLN H 268 -63.55 18.41 -3.41
CA GLN H 268 -64.64 19.05 -4.09
C GLN H 268 -64.17 19.33 -5.48
N ILE H 269 -64.74 18.60 -6.45
CA ILE H 269 -64.38 18.78 -7.85
C ILE H 269 -65.29 19.85 -8.46
N THR H 270 -64.68 20.84 -9.08
CA THR H 270 -65.32 22.11 -9.45
C THR H 270 -65.57 22.20 -10.93
N GLN H 271 -64.73 21.52 -11.69
CA GLN H 271 -64.92 21.42 -13.11
C GLN H 271 -64.55 20.02 -13.56
N ARG H 272 -64.67 19.79 -14.87
CA ARG H 272 -64.39 18.53 -15.48
C ARG H 272 -62.91 18.52 -15.86
N HIS H 273 -62.20 17.43 -15.54
CA HIS H 273 -60.79 17.21 -15.92
C HIS H 273 -60.63 15.95 -16.76
N PHE H 274 -59.81 16.01 -17.80
CA PHE H 274 -59.46 14.86 -18.62
C PHE H 274 -57.97 14.81 -18.93
N ALA H 275 -57.36 13.62 -18.77
CA ALA H 275 -56.02 13.38 -19.32
C ALA H 275 -55.88 12.01 -19.96
N TYR H 276 -55.06 11.92 -20.99
CA TYR H 276 -54.53 10.62 -21.43
C TYR H 276 -53.21 10.38 -20.68
N VAL H 277 -53.09 9.24 -20.01
CA VAL H 277 -51.89 8.97 -19.20
C VAL H 277 -51.38 7.59 -19.55
N CYS H 278 -50.10 7.55 -19.97
CA CYS H 278 -49.48 6.27 -20.32
C CYS H 278 -48.31 5.92 -19.42
N ALA H 279 -47.99 4.62 -19.37
CA ALA H 279 -46.82 4.15 -18.63
C ALA H 279 -45.57 4.30 -19.53
N ARG H 280 -44.60 5.10 -19.07
CA ARG H 280 -43.35 5.27 -19.82
C ARG H 280 -42.44 4.03 -19.73
N SER H 281 -42.28 3.54 -18.50
CA SER H 281 -41.26 2.55 -18.20
C SER H 281 -41.69 1.07 -18.49
N PRO H 282 -40.73 0.23 -18.94
CA PRO H 282 -41.05 -1.12 -19.39
C PRO H 282 -41.59 -1.98 -18.26
N ASP H 283 -41.44 -1.49 -17.03
CA ASP H 283 -42.00 -2.17 -15.84
C ASP H 283 -43.56 -2.14 -15.73
N TRP H 284 -44.22 -1.40 -16.62
CA TRP H 284 -45.65 -1.54 -16.85
C TRP H 284 -46.02 -3.00 -17.03
N ASN H 285 -45.10 -3.80 -17.59
CA ASN H 285 -45.35 -5.23 -17.92
C ASN H 285 -45.71 -6.06 -16.68
N VAL H 286 -45.31 -5.54 -15.54
CA VAL H 286 -45.38 -6.23 -14.25
C VAL H 286 -46.53 -5.70 -13.38
N ASP H 287 -47.10 -4.56 -13.78
CA ASP H 287 -48.10 -3.85 -12.98
C ASP H 287 -49.52 -4.21 -13.41
N LYS H 288 -50.09 -5.20 -12.72
CA LYS H 288 -51.43 -5.70 -13.04
C LYS H 288 -52.54 -4.68 -12.89
N SER H 289 -52.33 -3.63 -12.09
CA SER H 289 -53.37 -2.62 -11.85
C SER H 289 -53.34 -1.61 -13.00
N TRP H 290 -52.15 -1.18 -13.38
CA TRP H 290 -52.02 -0.40 -14.61
C TRP H 290 -52.70 -1.06 -15.80
N ILE H 291 -52.52 -2.37 -15.92
CA ILE H 291 -53.04 -3.15 -17.06
C ILE H 291 -54.52 -3.35 -16.95
N ALA H 292 -55.02 -3.58 -15.72
CA ALA H 292 -56.46 -3.67 -15.47
C ALA H 292 -57.11 -2.32 -15.83
N ALA H 293 -56.53 -1.22 -15.35
CA ALA H 293 -57.03 0.13 -15.69
C ALA H 293 -56.97 0.45 -17.19
N ALA H 294 -55.98 -0.11 -17.89
CA ALA H 294 -55.81 0.03 -19.33
C ALA H 294 -56.77 -0.84 -20.10
N ASN H 295 -57.31 -1.86 -19.45
CA ASN H 295 -58.32 -2.68 -20.06
C ASN H 295 -59.70 -2.02 -20.02
N LEU H 296 -60.04 -1.35 -18.92
CA LEU H 296 -61.29 -0.61 -18.86
C LEU H 296 -61.25 0.56 -19.83
N THR H 297 -60.16 1.32 -19.78
CA THR H 297 -59.87 2.35 -20.78
C THR H 297 -60.28 1.95 -22.17
N ALA H 298 -59.95 0.75 -22.60
CA ALA H 298 -60.36 0.27 -23.93
C ALA H 298 -61.89 0.12 -24.10
N ILE H 299 -62.58 -0.33 -23.05
CA ILE H 299 -64.03 -0.47 -23.09
C ILE H 299 -64.66 0.93 -23.08
N VAL H 300 -64.10 1.84 -22.26
CA VAL H 300 -64.55 3.25 -22.15
C VAL H 300 -64.40 4.01 -23.50
N MET H 301 -63.24 3.88 -24.14
CA MET H 301 -62.98 4.56 -25.38
C MET H 301 -63.68 3.90 -26.56
N ALA H 302 -64.06 2.63 -26.42
CA ALA H 302 -64.83 1.92 -27.47
C ALA H 302 -66.27 2.37 -27.66
N CYS H 303 -66.91 2.80 -26.59
CA CYS H 303 -68.34 3.06 -26.69
C CYS H 303 -68.61 4.44 -27.24
N ARG H 304 -67.57 5.26 -27.34
CA ARG H 304 -67.66 6.66 -27.74
C ARG H 304 -66.63 7.04 -28.78
N GLN H 305 -66.78 8.25 -29.31
CA GLN H 305 -65.70 8.99 -29.96
C GLN H 305 -64.99 9.84 -28.89
N PRO H 306 -63.78 9.42 -28.48
CA PRO H 306 -63.07 10.01 -27.37
C PRO H 306 -62.11 11.12 -27.85
N PRO H 307 -61.44 11.84 -26.93
CA PRO H 307 -60.50 12.84 -27.43
C PRO H 307 -59.50 12.32 -28.51
N VAL H 308 -59.14 13.22 -29.43
CA VAL H 308 -58.22 12.95 -30.50
C VAL H 308 -56.80 13.22 -29.99
N PHE H 309 -55.95 12.20 -30.16
CA PHE H 309 -54.60 12.18 -29.62
C PHE H 309 -53.73 13.19 -30.33
N ALA H 310 -52.82 13.81 -29.58
CA ALA H 310 -51.72 14.54 -30.21
C ALA H 310 -50.82 13.56 -30.99
N ASN H 311 -50.45 13.95 -32.19
CA ASN H 311 -49.58 13.15 -33.05
C ASN H 311 -48.29 12.70 -32.35
N GLN H 312 -47.78 13.54 -31.48
CA GLN H 312 -46.52 13.18 -30.87
C GLN H 312 -46.65 12.26 -29.70
N GLY H 313 -47.89 12.00 -29.27
CA GLY H 313 -48.18 11.01 -28.24
C GLY H 313 -48.37 9.61 -28.77
N VAL H 314 -48.26 9.41 -30.08
CA VAL H 314 -48.44 8.08 -30.70
C VAL H 314 -47.30 7.83 -31.67
N ILE H 315 -47.08 6.58 -32.06
CA ILE H 315 -45.96 6.32 -32.98
C ILE H 315 -46.25 6.93 -34.34
N ASN H 316 -45.19 7.20 -35.08
CA ASN H 316 -45.30 7.75 -36.42
C ASN H 316 -46.38 7.20 -37.33
N GLN H 317 -46.43 5.88 -37.45
CA GLN H 317 -47.35 5.22 -38.37
C GLN H 317 -48.82 5.37 -37.94
N ALA H 318 -49.05 5.81 -36.70
CA ALA H 318 -50.38 6.07 -36.13
C ALA H 318 -50.78 7.57 -36.21
N GLN H 319 -49.91 8.41 -36.79
CA GLN H 319 -50.20 9.85 -36.81
C GLN H 319 -51.15 10.27 -37.95
N ASN H 320 -51.89 11.36 -37.73
CA ASN H 320 -52.82 11.89 -38.74
C ASN H 320 -53.87 10.89 -39.22
N ARG H 321 -54.40 10.10 -38.30
CA ARG H 321 -55.55 9.26 -38.56
C ARG H 321 -56.83 9.97 -38.14
N PRO H 322 -57.72 10.28 -39.10
CA PRO H 322 -58.99 11.00 -38.87
C PRO H 322 -59.85 10.45 -37.72
N GLY H 323 -59.97 11.24 -36.65
CA GLY H 323 -60.83 10.93 -35.53
C GLY H 323 -60.05 10.27 -34.40
N PHE H 324 -58.79 9.92 -34.69
CA PHE H 324 -57.94 9.21 -33.74
C PHE H 324 -56.76 10.05 -33.26
N SER H 325 -56.03 10.68 -34.18
CA SER H 325 -54.83 11.44 -33.84
C SER H 325 -54.69 12.67 -34.75
N MET H 326 -54.06 13.73 -34.25
CA MET H 326 -54.03 15.03 -34.96
C MET H 326 -52.86 15.90 -34.50
N ASN H 327 -52.48 16.88 -35.30
CA ASN H 327 -51.63 17.97 -34.81
C ASN H 327 -52.41 18.82 -33.85
N GLY H 328 -51.83 19.09 -32.69
CA GLY H 328 -52.48 19.91 -31.71
C GLY H 328 -53.53 19.15 -30.94
N GLY H 329 -53.34 17.83 -30.80
CA GLY H 329 -54.34 16.99 -30.15
C GLY H 329 -54.19 17.00 -28.67
N THR H 330 -54.89 16.11 -27.98
CA THR H 330 -54.72 15.94 -26.54
C THR H 330 -53.40 15.25 -26.25
N PRO H 331 -52.54 15.90 -25.42
CA PRO H 331 -51.27 15.33 -25.04
C PRO H 331 -51.46 13.99 -24.40
N VAL H 332 -50.52 13.07 -24.69
CA VAL H 332 -50.38 11.83 -23.90
C VAL H 332 -49.36 12.11 -22.83
N HIS H 333 -49.82 12.18 -21.59
CA HIS H 333 -48.93 12.31 -20.45
C HIS H 333 -48.33 10.94 -20.10
N GLU H 334 -47.15 10.95 -19.50
CA GLU H 334 -46.40 9.71 -19.26
C GLU H 334 -45.97 9.58 -17.81
N LEU H 335 -46.05 8.37 -17.28
CA LEU H 335 -45.52 8.08 -15.94
C LEU H 335 -44.40 7.04 -15.98
N ASN H 336 -43.25 7.39 -15.44
CA ASN H 336 -42.25 6.40 -15.08
C ASN H 336 -42.75 5.83 -13.79
N LEU H 337 -42.89 4.50 -13.76
CA LEU H 337 -43.55 3.85 -12.64
C LEU H 337 -42.73 3.85 -11.33
N LEU H 338 -41.39 3.87 -11.43
CA LEU H 338 -40.61 4.02 -10.20
C LEU H 338 -40.67 5.46 -9.63
N THR H 339 -40.51 6.46 -10.48
CA THR H 339 -40.72 7.84 -10.08
C THR H 339 -42.10 8.08 -9.41
N THR H 340 -43.16 7.49 -9.99
CA THR H 340 -44.53 7.53 -9.41
C THR H 340 -44.65 6.87 -8.02
N ALA H 341 -44.10 5.68 -7.88
CA ALA H 341 -44.01 5.03 -6.56
C ALA H 341 -43.27 5.92 -5.54
N GLN H 342 -42.15 6.50 -5.96
CA GLN H 342 -41.37 7.41 -5.09
C GLN H 342 -42.23 8.55 -4.59
N GLU H 343 -43.02 9.13 -5.50
CA GLU H 343 -43.90 10.25 -5.22
C GLU H 343 -45.13 9.89 -4.41
N CYS H 344 -45.74 8.76 -4.69
CA CYS H 344 -46.83 8.28 -3.87
C CYS H 344 -46.42 8.09 -2.41
N ILE H 345 -45.29 7.42 -2.16
CA ILE H 345 -44.82 7.17 -0.78
C ILE H 345 -44.58 8.51 -0.06
N ARG H 346 -43.96 9.45 -0.78
CA ARG H 346 -43.73 10.80 -0.31
C ARG H 346 -45.02 11.53 0.07
N GLN H 347 -46.05 11.46 -0.79
CA GLN H 347 -47.40 11.94 -0.45
C GLN H 347 -47.92 11.32 0.86
N TRP H 348 -47.77 10.00 1.02
CA TRP H 348 -48.11 9.31 2.29
C TRP H 348 -47.36 9.86 3.52
N VAL H 349 -46.10 10.26 3.35
CA VAL H 349 -45.32 10.83 4.45
C VAL H 349 -45.86 12.21 4.83
N MET H 350 -45.94 13.13 3.88
CA MET H 350 -46.51 14.46 4.15
C MET H 350 -47.92 14.40 4.75
N ALA H 351 -48.66 13.34 4.44
CA ALA H 351 -50.02 13.15 4.94
C ALA H 351 -50.06 12.48 6.32
N GLY H 352 -48.91 12.07 6.82
CA GLY H 352 -48.82 11.45 8.14
C GLY H 352 -49.21 9.99 8.12
N LEU H 353 -49.51 9.49 6.92
CA LEU H 353 -49.98 8.12 6.77
C LEU H 353 -48.90 7.10 7.09
N VAL H 354 -47.65 7.46 6.82
CA VAL H 354 -46.49 6.66 7.24
C VAL H 354 -45.40 7.57 7.88
N SER H 355 -44.52 6.97 8.71
CA SER H 355 -43.36 7.71 9.27
C SER H 355 -42.34 8.15 8.21
N ALA H 356 -41.45 9.06 8.59
CA ALA H 356 -40.37 9.51 7.72
C ALA H 356 -39.47 8.34 7.36
N ALA H 357 -39.40 7.36 8.27
CA ALA H 357 -38.49 6.22 8.24
C ALA H 357 -39.11 5.02 7.52
N LYS H 358 -40.36 4.72 7.87
CA LYS H 358 -41.14 3.77 7.10
C LYS H 358 -41.26 4.20 5.65
N GLY H 359 -41.33 5.51 5.40
CA GLY H 359 -41.27 6.06 4.06
C GLY H 359 -40.00 5.69 3.31
N GLN H 360 -38.85 5.89 3.98
CA GLN H 360 -37.53 5.46 3.47
C GLN H 360 -37.43 3.96 3.23
N ALA H 361 -37.96 3.15 4.15
CA ALA H 361 -38.04 1.70 3.94
C ALA H 361 -38.89 1.28 2.72
N LEU H 362 -40.00 1.98 2.51
CA LEU H 362 -40.83 1.79 1.31
C LEU H 362 -40.10 2.24 0.04
N THR H 363 -39.48 3.41 0.07
CA THR H 363 -38.67 3.95 -1.03
C THR H 363 -37.50 3.05 -1.43
N GLN H 364 -36.84 2.40 -0.46
CA GLN H 364 -35.71 1.52 -0.76
C GLN H 364 -36.21 0.22 -1.31
N GLU H 365 -37.30 -0.32 -0.73
CA GLU H 365 -37.98 -1.52 -1.24
C GLU H 365 -38.44 -1.37 -2.70
N ALA H 366 -38.87 -0.16 -3.05
CA ALA H 366 -39.31 0.14 -4.42
C ALA H 366 -38.10 0.23 -5.37
N ASN H 367 -37.04 0.90 -4.92
CA ASN H 367 -35.77 0.98 -5.65
C ASN H 367 -35.13 -0.40 -5.87
N ASP H 368 -35.07 -1.23 -4.82
CA ASP H 368 -34.52 -2.58 -4.91
C ASP H 368 -35.29 -3.39 -5.97
N PHE H 369 -36.60 -3.26 -5.98
CA PHE H 369 -37.43 -4.03 -6.90
C PHE H 369 -37.30 -3.56 -8.35
N SER H 370 -37.21 -2.25 -8.53
CA SER H 370 -37.05 -1.68 -9.85
C SER H 370 -35.72 -2.08 -10.48
N ASN H 371 -34.64 -2.04 -9.69
CA ASN H 371 -33.31 -2.51 -10.12
C ASN H 371 -33.36 -3.96 -10.59
N LEU H 372 -34.22 -4.73 -9.94
CA LEU H 372 -34.40 -6.15 -10.25
C LEU H 372 -35.18 -6.34 -11.54
N ILE H 373 -36.34 -5.71 -11.63
CA ILE H 373 -37.22 -5.86 -12.80
C ILE H 373 -36.58 -5.26 -14.05
N GLN H 374 -35.82 -4.18 -13.87
CA GLN H 374 -35.08 -3.58 -14.96
C GLN H 374 -34.03 -4.56 -15.58
N ALA H 375 -33.26 -5.23 -14.71
CA ALA H 375 -32.32 -6.27 -15.14
C ALA H 375 -33.02 -7.46 -15.79
N ASP H 376 -34.12 -7.92 -15.20
CA ASP H 376 -34.84 -9.08 -15.73
C ASP H 376 -35.45 -8.83 -17.13
N LEU H 377 -36.01 -7.63 -17.31
CA LEU H 377 -36.64 -7.27 -18.59
C LEU H 377 -35.60 -6.92 -19.63
N GLY H 378 -34.47 -6.35 -19.19
CA GLY H 378 -33.29 -6.17 -20.03
C GLY H 378 -32.83 -7.46 -20.70
N GLN H 379 -32.89 -8.57 -19.93
CA GLN H 379 -32.58 -9.91 -20.44
C GLN H 379 -33.54 -10.31 -21.52
N ILE H 380 -34.82 -10.13 -21.23
CA ILE H 380 -35.88 -10.51 -22.17
C ILE H 380 -35.80 -9.69 -23.45
N LYS H 381 -35.63 -8.37 -23.32
CA LYS H 381 -35.37 -7.53 -24.49
C LYS H 381 -34.10 -7.99 -25.29
N ALA H 382 -32.99 -8.22 -24.60
CA ALA H 382 -31.72 -8.58 -25.29
C ALA H 382 -31.87 -9.87 -26.08
N GLN H 383 -32.52 -10.85 -25.47
CA GLN H 383 -32.78 -12.15 -26.11
C GLN H 383 -33.81 -12.09 -27.22
N ASP H 384 -34.94 -11.44 -26.97
CA ASP H 384 -36.00 -11.32 -27.99
C ASP H 384 -35.47 -10.53 -29.19
N ASP H 385 -34.82 -9.40 -28.94
CA ASP H 385 -34.17 -8.65 -30.04
C ASP H 385 -33.26 -9.53 -30.90
N ALA H 386 -32.27 -10.19 -30.28
CA ALA H 386 -31.33 -11.07 -31.02
C ALA H 386 -32.04 -12.14 -31.83
N LEU H 387 -32.96 -12.86 -31.18
CA LEU H 387 -33.65 -14.00 -31.77
C LEU H 387 -34.67 -13.63 -32.84
N TYR H 388 -35.45 -12.56 -32.62
CA TYR H 388 -36.38 -12.12 -33.65
C TYR H 388 -35.60 -11.82 -34.92
N ASN H 389 -34.48 -11.15 -34.73
CA ASN H 389 -33.54 -10.82 -35.76
C ASN H 389 -32.79 -11.99 -36.45
N GLN H 390 -32.51 -13.06 -35.72
CA GLN H 390 -31.63 -14.13 -36.24
C GLN H 390 -32.33 -15.43 -36.52
N GLN H 391 -33.47 -15.64 -35.88
CA GLN H 391 -34.12 -16.94 -35.97
C GLN H 391 -35.55 -16.80 -36.49
N PRO H 392 -35.86 -17.44 -37.63
CA PRO H 392 -37.16 -17.18 -38.23
C PRO H 392 -38.29 -17.91 -37.47
N GLY H 393 -39.43 -17.24 -37.28
CA GLY H 393 -40.56 -17.85 -36.60
C GLY H 393 -40.53 -17.66 -35.10
N TYR H 394 -39.66 -16.76 -34.64
CA TYR H 394 -39.51 -16.47 -33.20
C TYR H 394 -40.64 -15.54 -32.69
N ALA H 395 -41.28 -15.97 -31.60
CA ALA H 395 -42.34 -15.21 -30.92
C ALA H 395 -41.80 -14.37 -29.76
N ARG H 396 -41.97 -13.06 -29.89
CA ARG H 396 -41.63 -12.12 -28.84
C ARG H 396 -42.47 -12.34 -27.57
N ARG H 397 -41.87 -12.08 -26.41
CA ARG H 397 -42.55 -12.35 -25.16
C ARG H 397 -43.25 -11.14 -24.57
N ILE H 398 -42.75 -9.95 -24.93
CA ILE H 398 -43.24 -8.66 -24.46
C ILE H 398 -43.06 -7.66 -25.61
N LYS H 399 -43.68 -6.50 -25.47
CA LYS H 399 -43.58 -5.45 -26.47
C LYS H 399 -42.15 -4.92 -26.54
N PRO H 400 -41.60 -4.74 -27.76
CA PRO H 400 -40.32 -4.08 -27.87
C PRO H 400 -40.24 -2.78 -27.09
N PHE H 401 -39.09 -2.52 -26.46
CA PHE H 401 -38.86 -1.23 -25.83
C PHE H 401 -37.46 -0.68 -26.04
N VAL H 402 -37.24 0.58 -25.68
CA VAL H 402 -35.90 1.16 -25.67
C VAL H 402 -35.45 1.48 -24.22
N ASN H 403 -34.15 1.34 -23.98
CA ASN H 403 -33.62 1.48 -22.63
C ASN H 403 -33.80 2.88 -22.07
N GLY H 404 -33.83 3.88 -22.95
CA GLY H 404 -34.16 5.26 -22.54
C GLY H 404 -35.49 5.39 -21.78
N ASP H 405 -36.31 4.31 -21.84
CA ASP H 405 -37.64 4.28 -21.28
C ASP H 405 -37.60 4.18 -19.77
N TRP H 406 -36.39 4.09 -19.21
CA TRP H 406 -36.24 3.96 -17.75
C TRP H 406 -35.94 5.30 -17.06
N THR H 407 -35.57 6.35 -17.81
CA THR H 407 -35.52 7.69 -17.25
C THR H 407 -36.93 8.19 -16.80
N PRO H 408 -36.98 9.26 -16.00
CA PRO H 408 -38.27 9.82 -15.61
C PRO H 408 -39.05 10.45 -16.77
N GLY H 409 -38.33 10.94 -17.78
CA GLY H 409 -38.94 11.77 -18.80
C GLY H 409 -39.86 12.85 -18.21
N MET H 410 -41.09 12.85 -18.70
CA MET H 410 -42.05 13.89 -18.33
C MET H 410 -42.95 13.58 -17.18
N THR H 411 -42.55 12.67 -16.29
CA THR H 411 -43.29 12.34 -15.07
C THR H 411 -43.75 13.56 -14.20
N ALA H 412 -42.87 14.51 -13.91
CA ALA H 412 -43.20 15.65 -13.04
C ALA H 412 -44.36 16.45 -13.61
N GLN H 413 -44.32 16.67 -14.92
CA GLN H 413 -45.39 17.31 -15.67
C GLN H 413 -46.73 16.55 -15.53
N ALA H 414 -46.69 15.24 -15.71
CA ALA H 414 -47.86 14.40 -15.61
C ALA H 414 -48.43 14.41 -14.22
N LEU H 415 -47.57 14.36 -13.22
CA LEU H 415 -48.00 14.34 -11.82
C LEU H 415 -48.64 15.68 -11.38
N ALA H 416 -48.17 16.79 -11.95
CA ALA H 416 -48.68 18.14 -11.62
C ALA H 416 -50.09 18.34 -12.18
N VAL H 417 -50.26 18.01 -13.45
CA VAL H 417 -51.55 17.86 -14.14
C VAL H 417 -52.59 17.02 -13.37
N LEU H 418 -52.20 15.83 -12.90
CA LEU H 418 -53.13 14.94 -12.24
C LEU H 418 -53.50 15.42 -10.86
N ALA H 419 -52.57 16.18 -10.26
CA ALA H 419 -52.77 16.84 -8.96
C ALA H 419 -53.96 17.79 -8.99
N THR H 420 -54.29 18.29 -10.17
CA THR H 420 -55.35 19.30 -10.34
C THR H 420 -56.72 18.69 -10.53
N PHE H 421 -56.78 17.37 -10.67
CA PHE H 421 -58.00 16.63 -11.01
C PHE H 421 -59.02 16.46 -9.89
N THR H 422 -58.64 16.87 -8.68
CA THR H 422 -59.58 16.93 -7.56
C THR H 422 -60.11 18.34 -7.33
N ALA H 423 -59.82 19.26 -8.25
CA ALA H 423 -60.08 20.69 -8.06
C ALA H 423 -61.25 21.23 -8.88
N ILE I 1 -33.45 -15.51 -11.38
CA ILE I 1 -34.35 -14.35 -11.02
C ILE I 1 -35.68 -14.23 -11.83
N SER I 2 -35.69 -14.65 -13.09
CA SER I 2 -36.95 -14.98 -13.73
C SER I 2 -37.46 -16.20 -13.00
N GLU I 3 -38.76 -16.26 -12.75
CA GLU I 3 -39.33 -17.38 -12.01
C GLU I 3 -39.15 -18.71 -12.72
N PHE I 4 -38.86 -18.67 -14.02
CA PHE I 4 -38.85 -19.89 -14.88
C PHE I 4 -37.47 -20.40 -15.23
N GLY I 5 -36.47 -19.56 -15.04
CA GLY I 5 -35.11 -19.90 -15.41
C GLY I 5 -34.88 -19.61 -16.89
N SER I 6 -34.04 -20.42 -17.53
CA SER I 6 -33.70 -20.21 -18.92
C SER I 6 -34.20 -21.41 -19.68
N THR I 7 -35.44 -21.29 -20.16
CA THR I 7 -36.21 -22.41 -20.67
C THR I 7 -36.05 -22.58 -22.18
N MET I 8 -35.55 -21.52 -22.84
CA MET I 8 -35.48 -21.47 -24.29
C MET I 8 -34.35 -22.30 -24.89
N ALA I 9 -34.71 -23.19 -25.81
CA ALA I 9 -33.72 -23.89 -26.58
C ALA I 9 -32.83 -22.90 -27.33
N ARG I 10 -31.57 -23.30 -27.45
CA ARG I 10 -30.57 -22.56 -28.15
C ARG I 10 -30.97 -22.40 -29.65
N ALA I 11 -30.73 -21.21 -30.20
CA ALA I 11 -30.96 -20.90 -31.60
C ALA I 11 -29.77 -20.08 -32.19
N ILE I 12 -28.96 -19.50 -31.31
CA ILE I 12 -27.81 -18.73 -31.76
C ILE I 12 -26.49 -19.45 -31.43
N TYR I 13 -25.74 -19.85 -32.47
CA TYR I 13 -24.53 -20.65 -32.30
C TYR I 13 -23.35 -19.82 -32.69
N ASP I 14 -23.00 -18.90 -31.82
CA ASP I 14 -21.88 -18.06 -32.07
C ASP I 14 -20.61 -18.76 -31.54
N PHE I 15 -19.47 -18.38 -32.10
CA PHE I 15 -18.23 -18.87 -31.60
C PHE I 15 -17.31 -17.69 -31.51
N PHE I 16 -16.55 -17.58 -30.44
CA PHE I 16 -15.63 -16.48 -30.24
C PHE I 16 -14.23 -17.09 -30.16
N SER I 17 -13.29 -16.55 -30.96
CA SER I 17 -11.97 -17.13 -31.04
C SER I 17 -10.95 -16.53 -30.05
N THR I 18 -9.91 -17.33 -29.77
CA THR I 18 -8.88 -17.00 -28.83
C THR I 18 -8.20 -15.73 -29.20
N PRO I 19 -8.13 -14.79 -28.24
CA PRO I 19 -7.34 -13.57 -28.41
C PRO I 19 -5.86 -13.92 -28.50
N PHE I 20 -5.13 -13.21 -29.37
CA PHE I 20 -3.71 -13.42 -29.49
C PHE I 20 -2.94 -12.15 -29.84
N GLY I 21 -1.62 -12.17 -29.67
CA GLY I 21 -0.79 -10.96 -29.75
C GLY I 21 -0.06 -10.75 -31.08
N ASN I 22 1.16 -10.22 -31.01
CA ASN I 22 1.86 -9.69 -32.19
C ASN I 22 2.44 -10.79 -33.10
N ARG I 23 2.48 -12.03 -32.61
CA ARG I 23 3.12 -13.16 -33.29
C ARG I 23 2.15 -14.25 -33.72
N GLY I 24 0.87 -13.91 -33.88
CA GLY I 24 -0.14 -14.90 -34.27
C GLY I 24 -0.67 -15.76 -33.11
N LEU I 25 -1.51 -16.73 -33.46
CA LEU I 25 -2.06 -17.64 -32.48
C LEU I 25 -0.93 -18.50 -31.89
N ALA I 26 -0.87 -18.54 -30.54
CA ALA I 26 0.21 -19.20 -29.80
C ALA I 26 0.12 -20.75 -29.73
N THR I 27 -0.05 -21.36 -30.89
CA THR I 27 -0.02 -22.79 -31.02
C THR I 27 0.85 -23.23 -32.19
N ASN I 28 0.93 -24.54 -32.37
CA ASN I 28 1.59 -25.12 -33.55
C ASN I 28 1.08 -26.53 -33.80
N ARG I 29 1.48 -27.11 -34.91
CA ARG I 29 1.02 -28.43 -35.36
C ARG I 29 1.32 -29.54 -34.34
N THR I 30 2.44 -29.42 -33.65
CA THR I 30 2.86 -30.40 -32.65
C THR I 30 1.91 -30.40 -31.48
N GLN I 31 1.62 -29.21 -30.97
CA GLN I 31 0.64 -29.04 -29.90
C GLN I 31 -0.74 -29.52 -30.34
N LEU I 32 -1.16 -29.14 -31.54
CA LEU I 32 -2.50 -29.46 -32.02
C LEU I 32 -2.74 -30.95 -32.29
N SER I 33 -1.70 -31.65 -32.77
CA SER I 33 -1.77 -33.10 -33.00
C SER I 33 -2.01 -33.85 -31.70
N SER I 34 -1.31 -33.38 -30.67
CA SER I 34 -1.35 -33.98 -29.33
C SER I 34 -2.70 -33.88 -28.65
N LEU I 35 -3.60 -33.09 -29.23
CA LEU I 35 -4.95 -32.90 -28.68
C LEU I 35 -5.98 -33.79 -29.32
N LEU I 36 -5.57 -34.57 -30.31
CA LEU I 36 -6.52 -35.36 -31.09
C LEU I 36 -6.66 -36.77 -30.55
N SER I 37 -7.84 -37.36 -30.72
CA SER I 37 -8.07 -38.77 -30.39
C SER I 37 -7.22 -39.74 -31.23
N SER I 38 -7.22 -41.00 -30.80
CA SER I 38 -6.54 -42.11 -31.49
C SER I 38 -7.23 -42.47 -32.82
N SER I 39 -8.24 -41.68 -33.21
CA SER I 39 -8.88 -41.76 -34.52
C SER I 39 -8.89 -40.39 -35.23
N ASN I 40 -8.08 -39.45 -34.70
CA ASN I 40 -7.86 -38.11 -35.29
C ASN I 40 -8.97 -37.06 -35.04
N SER I 41 -9.85 -37.32 -34.07
CA SER I 41 -11.02 -36.50 -33.82
C SER I 41 -10.75 -35.45 -32.78
N PRO I 42 -11.08 -34.18 -33.10
CA PRO I 42 -10.98 -33.13 -32.07
C PRO I 42 -12.22 -33.09 -31.15
N TRP I 43 -13.25 -33.86 -31.49
CA TRP I 43 -14.52 -33.88 -30.77
C TRP I 43 -14.53 -35.00 -29.76
N GLN I 44 -13.94 -36.12 -30.13
CA GLN I 44 -13.71 -37.24 -29.21
C GLN I 44 -12.61 -36.86 -28.21
N ILE I 58 -3.50 -36.24 -10.94
CA ILE I 58 -2.96 -35.06 -11.63
C ILE I 58 -1.99 -35.47 -12.79
N VAL I 59 -2.53 -35.47 -14.01
CA VAL I 59 -1.88 -36.11 -15.19
C VAL I 59 -1.02 -35.17 -16.09
N SER I 60 -0.14 -34.39 -15.45
CA SER I 60 0.82 -33.47 -16.08
C SER I 60 1.59 -34.02 -17.31
N THR I 61 2.04 -33.09 -18.16
CA THR I 61 2.85 -33.38 -19.36
C THR I 61 3.68 -32.12 -19.64
N PRO I 62 4.94 -32.25 -20.09
CA PRO I 62 5.65 -30.98 -20.36
C PRO I 62 4.89 -30.06 -21.35
N GLU I 63 4.18 -30.65 -22.30
CA GLU I 63 3.41 -29.92 -23.31
C GLU I 63 2.07 -29.35 -22.77
N ALA I 64 1.40 -30.11 -21.91
CA ALA I 64 0.22 -29.66 -21.17
C ALA I 64 0.37 -29.84 -19.64
N PRO I 65 1.14 -28.93 -18.98
CA PRO I 65 1.52 -29.02 -17.55
C PRO I 65 0.37 -29.03 -16.51
N TYR I 66 -0.78 -28.42 -16.83
CA TYR I 66 -1.95 -28.46 -15.95
C TYR I 66 -3.21 -28.94 -16.64
N PRO I 67 -4.23 -29.37 -15.86
CA PRO I 67 -5.57 -29.52 -16.43
C PRO I 67 -6.06 -28.26 -17.21
N GLY I 68 -5.93 -27.08 -16.63
CA GLY I 68 -6.31 -25.85 -17.33
C GLY I 68 -5.58 -25.60 -18.65
N SER I 69 -4.52 -26.36 -18.91
CA SER I 69 -3.78 -26.28 -20.19
C SER I 69 -4.57 -26.82 -21.38
N LEU I 70 -5.29 -27.91 -21.20
CA LEU I 70 -6.04 -28.49 -22.31
C LEU I 70 -7.21 -27.60 -22.74
N MET I 71 -7.86 -26.95 -21.78
CA MET I 71 -8.96 -26.01 -22.08
C MET I 71 -8.50 -24.94 -23.02
N TYR I 72 -7.36 -24.33 -22.66
CA TYR I 72 -6.81 -23.24 -23.41
C TYR I 72 -6.31 -23.69 -24.78
N GLN I 73 -5.63 -24.84 -24.82
CA GLN I 73 -5.07 -25.36 -26.05
C GLN I 73 -6.15 -25.81 -27.06
N GLU I 74 -7.22 -26.41 -26.55
CA GLU I 74 -8.38 -26.77 -27.40
C GLU I 74 -9.16 -25.57 -27.89
N SER I 75 -9.11 -24.45 -27.18
CA SER I 75 -9.71 -23.23 -27.66
C SER I 75 -8.91 -22.66 -28.86
N MET I 76 -7.58 -22.86 -28.82
CA MET I 76 -6.72 -22.47 -29.93
C MET I 76 -6.93 -23.36 -31.14
N LEU I 77 -7.27 -24.63 -30.91
CA LEU I 77 -7.51 -25.59 -31.96
C LEU I 77 -8.86 -25.36 -32.69
N HIS I 78 -9.88 -24.99 -31.92
CA HIS I 78 -11.15 -24.53 -32.49
C HIS I 78 -10.99 -23.25 -33.28
N SER I 79 -10.19 -22.32 -32.77
CA SER I 79 -9.95 -21.03 -33.40
C SER I 79 -9.15 -21.14 -34.71
N ALA I 80 -8.42 -22.24 -34.83
CA ALA I 80 -7.54 -22.45 -35.95
C ALA I 80 -8.28 -23.18 -37.06
N THR I 81 -9.19 -24.08 -36.69
CA THR I 81 -9.70 -25.10 -37.62
C THR I 81 -11.17 -24.92 -38.07
N VAL I 82 -11.97 -24.18 -37.29
CA VAL I 82 -13.41 -24.03 -37.54
C VAL I 82 -13.78 -22.71 -38.25
N PRO I 83 -13.43 -21.55 -37.69
CA PRO I 83 -13.95 -20.36 -38.39
C PRO I 83 -13.64 -20.32 -39.92
N GLY I 84 -12.47 -20.80 -40.34
CA GLY I 84 -12.10 -20.71 -41.74
C GLY I 84 -12.65 -21.73 -42.73
N VAL I 85 -13.41 -22.72 -42.28
CA VAL I 85 -14.11 -23.63 -43.19
C VAL I 85 -15.56 -23.22 -43.46
N LEU I 86 -16.07 -22.20 -42.77
CA LEU I 86 -17.52 -21.98 -42.66
C LEU I 86 -18.15 -21.42 -43.92
N GLY I 87 -17.30 -20.99 -44.85
CA GLY I 87 -17.72 -20.32 -46.10
C GLY I 87 -18.45 -21.16 -47.12
N SER I 88 -18.32 -22.49 -47.04
CA SER I 88 -18.98 -23.34 -48.01
C SER I 88 -18.79 -24.83 -47.85
N ARG I 89 -19.61 -25.58 -48.60
CA ARG I 89 -19.63 -27.05 -48.59
C ARG I 89 -18.30 -27.68 -49.03
N ASP I 90 -17.41 -26.88 -49.61
CA ASP I 90 -16.19 -27.39 -50.22
C ASP I 90 -14.89 -26.88 -49.67
N ALA I 91 -14.96 -25.90 -48.79
CA ALA I 91 -13.80 -25.37 -48.06
C ALA I 91 -12.94 -26.45 -47.39
N TRP I 92 -13.56 -27.53 -46.90
CA TRP I 92 -12.82 -28.59 -46.24
C TRP I 92 -11.81 -29.31 -47.16
N ARG I 93 -12.07 -29.27 -48.47
CA ARG I 93 -11.30 -30.02 -49.47
C ARG I 93 -9.85 -29.56 -49.46
N THR I 94 -9.62 -28.27 -49.60
CA THR I 94 -8.25 -27.77 -49.63
C THR I 94 -7.83 -26.96 -48.41
N PHE I 95 -8.80 -26.56 -47.59
CA PHE I 95 -8.54 -25.89 -46.29
C PHE I 95 -7.41 -26.56 -45.51
N ASN I 96 -6.46 -25.75 -45.06
CA ASN I 96 -5.40 -26.22 -44.20
C ASN I 96 -4.91 -25.10 -43.28
N VAL I 97 -4.53 -25.50 -42.06
CA VAL I 97 -4.02 -24.57 -41.03
C VAL I 97 -3.02 -25.30 -40.14
N PHE I 98 -1.84 -24.70 -39.93
CA PHE I 98 -0.74 -25.37 -39.23
C PHE I 98 -0.48 -26.81 -39.77
N GLY I 99 -0.62 -27.01 -41.09
CA GLY I 99 -0.40 -28.34 -41.71
C GLY I 99 -1.39 -29.43 -41.33
N LEU I 100 -2.59 -29.01 -40.91
CA LEU I 100 -3.71 -29.94 -40.66
C LEU I 100 -4.88 -29.66 -41.61
N SER I 101 -5.57 -30.73 -41.97
CA SER I 101 -6.74 -30.65 -42.81
C SER I 101 -7.82 -31.55 -42.22
N TRP I 102 -9.06 -31.27 -42.63
CA TRP I 102 -10.21 -32.08 -42.23
C TRP I 102 -10.36 -33.23 -43.21
N THR I 103 -10.91 -34.34 -42.72
CA THR I 103 -11.03 -35.55 -43.50
C THR I 103 -12.27 -35.55 -44.43
N ASP I 104 -13.22 -34.65 -44.14
CA ASP I 104 -14.52 -34.58 -44.81
C ASP I 104 -15.33 -33.35 -44.38
N GLU I 105 -16.43 -33.10 -45.10
CA GLU I 105 -17.34 -31.96 -44.84
C GLU I 105 -17.94 -31.93 -43.42
N GLY I 106 -18.07 -33.12 -42.83
CA GLY I 106 -18.57 -33.29 -41.46
C GLY I 106 -17.57 -32.91 -40.40
N LEU I 107 -16.39 -32.45 -40.83
CA LEU I 107 -15.26 -32.06 -39.95
C LEU I 107 -14.92 -33.13 -38.91
N SER I 108 -14.83 -34.36 -39.38
CA SER I 108 -14.87 -35.52 -38.55
C SER I 108 -13.54 -35.82 -37.86
N GLY I 109 -12.45 -35.44 -38.51
CA GLY I 109 -11.10 -35.76 -38.04
C GLY I 109 -10.13 -34.77 -38.62
N LEU I 110 -8.99 -34.62 -37.96
CA LEU I 110 -7.89 -33.79 -38.49
C LEU I 110 -6.68 -34.65 -38.75
N VAL I 111 -6.08 -34.43 -39.91
CA VAL I 111 -4.92 -35.18 -40.39
C VAL I 111 -3.90 -34.23 -41.00
N ALA I 112 -2.76 -34.78 -41.39
CA ALA I 112 -1.73 -34.01 -42.04
C ALA I 112 -2.22 -33.45 -43.38
N ALA I 113 -2.04 -32.14 -43.56
CA ALA I 113 -2.30 -31.50 -44.83
C ALA I 113 -1.25 -31.92 -45.85
N GLN I 114 -1.64 -32.00 -47.12
CA GLN I 114 -0.68 -31.95 -48.24
C GLN I 114 0.33 -30.84 -47.99
N ASP I 115 1.60 -31.15 -48.23
CA ASP I 115 2.68 -30.17 -48.08
C ASP I 115 3.62 -30.36 -49.24
N PRO I 116 3.84 -29.29 -50.06
CA PRO I 116 3.25 -27.95 -49.92
C PRO I 116 1.78 -27.95 -50.32
N PRO I 117 0.94 -27.19 -49.59
CA PRO I 117 -0.50 -27.27 -49.74
C PRO I 117 -0.99 -26.61 -51.03
N PRO I 118 -1.75 -27.35 -51.87
CA PRO I 118 -2.45 -26.70 -53.00
C PRO I 118 -3.06 -25.30 -52.69
N ALA I 119 -3.89 -25.17 -51.65
CA ALA I 119 -4.41 -23.83 -51.23
C ALA I 119 -3.51 -23.20 -50.17
N ALA I 120 -3.53 -21.88 -50.08
CA ALA I 120 -2.80 -21.15 -49.05
C ALA I 120 -3.30 -21.52 -47.65
N PRO I 121 -2.37 -21.61 -46.68
CA PRO I 121 -2.73 -21.83 -45.28
C PRO I 121 -3.67 -20.75 -44.73
N TYR I 122 -4.70 -21.19 -44.03
CA TYR I 122 -5.56 -20.30 -43.27
C TYR I 122 -4.79 -19.60 -42.19
N GLN I 123 -5.21 -18.38 -41.92
CA GLN I 123 -4.61 -17.50 -40.93
C GLN I 123 -5.64 -17.17 -39.85
N PRO I 124 -5.53 -17.81 -38.67
CA PRO I 124 -6.48 -17.56 -37.57
C PRO I 124 -6.66 -16.05 -37.25
N ALA I 125 -7.85 -15.69 -36.77
CA ALA I 125 -8.10 -14.31 -36.43
C ALA I 125 -8.24 -14.19 -34.92
N SER I 126 -7.70 -13.11 -34.35
CA SER I 126 -7.66 -12.87 -32.90
C SER I 126 -8.97 -12.32 -32.42
N ALA I 127 -9.59 -13.01 -31.44
CA ALA I 127 -10.78 -12.51 -30.73
C ALA I 127 -11.93 -12.06 -31.65
N GLN I 128 -12.41 -12.98 -32.48
CA GLN I 128 -13.38 -12.68 -33.51
C GLN I 128 -14.56 -13.62 -33.40
N TRP I 129 -15.75 -13.10 -33.73
CA TRP I 129 -17.00 -13.85 -33.66
C TRP I 129 -17.31 -14.50 -35.00
N SER I 130 -17.93 -15.68 -34.97
CA SER I 130 -18.37 -16.41 -36.16
C SER I 130 -19.74 -16.92 -35.87
N ASP I 131 -20.59 -16.87 -36.89
CA ASP I 131 -21.89 -17.52 -36.80
C ASP I 131 -21.72 -18.89 -37.48
N LEU I 132 -22.08 -19.94 -36.76
CA LEU I 132 -21.68 -21.30 -37.12
C LEU I 132 -22.72 -21.92 -37.99
N LEU I 133 -23.88 -21.26 -38.04
CA LEU I 133 -24.98 -21.70 -38.88
C LEU I 133 -24.71 -21.35 -40.33
N ASN I 134 -23.76 -20.46 -40.56
CA ASN I 134 -23.18 -20.25 -41.87
C ASN I 134 -22.76 -21.54 -42.59
N TYR I 135 -22.20 -22.49 -41.83
CA TYR I 135 -21.78 -23.77 -42.37
C TYR I 135 -22.96 -24.58 -42.87
N PRO I 136 -23.05 -24.78 -44.21
CA PRO I 136 -24.27 -25.39 -44.79
C PRO I 136 -24.65 -26.73 -44.18
N ARG I 137 -23.64 -27.57 -43.89
CA ARG I 137 -23.89 -28.90 -43.33
C ARG I 137 -24.50 -28.81 -41.94
N TRP I 138 -24.07 -27.82 -41.17
CA TRP I 138 -24.57 -27.58 -39.80
C TRP I 138 -25.93 -26.91 -39.77
N ALA I 139 -26.18 -26.06 -40.77
CA ALA I 139 -27.49 -25.47 -40.99
C ALA I 139 -28.57 -26.50 -41.32
N ASN I 140 -28.23 -27.59 -42.00
CA ASN I 140 -29.22 -28.63 -42.36
C ASN I 140 -29.20 -29.88 -41.50
N ARG I 141 -28.08 -30.18 -40.86
CA ARG I 141 -28.02 -31.31 -39.94
C ARG I 141 -27.66 -30.74 -38.61
N ARG I 142 -28.70 -30.36 -37.87
CA ARG I 142 -28.55 -29.64 -36.61
C ARG I 142 -27.85 -30.47 -35.61
N ARG I 143 -28.23 -31.74 -35.55
CA ARG I 143 -27.73 -32.62 -34.53
C ARG I 143 -26.19 -32.72 -34.58
N GLU I 144 -25.59 -32.36 -35.72
CA GLU I 144 -24.13 -32.43 -35.89
C GLU I 144 -23.37 -31.23 -35.35
N LEU I 145 -24.03 -30.07 -35.36
CA LEU I 145 -23.51 -28.92 -34.68
C LEU I 145 -23.74 -29.03 -33.17
N GLN I 146 -24.91 -29.55 -32.76
CA GLN I 146 -25.30 -29.66 -31.35
C GLN I 146 -24.45 -30.60 -30.56
N SER I 147 -24.03 -31.70 -31.18
CA SER I 147 -23.05 -32.60 -30.58
C SER I 147 -21.75 -31.86 -30.26
N LYS I 148 -21.37 -30.95 -31.16
CA LYS I 148 -20.06 -30.33 -31.10
C LYS I 148 -20.04 -29.11 -30.23
N TYR I 149 -21.23 -28.56 -29.95
CA TYR I 149 -21.35 -27.18 -29.43
C TYR I 149 -20.86 -26.93 -28.01
N PRO I 150 -21.12 -27.88 -27.09
CA PRO I 150 -20.46 -27.71 -25.77
C PRO I 150 -18.95 -27.39 -25.80
N LEU I 151 -18.20 -28.09 -26.64
CA LEU I 151 -16.74 -27.87 -26.78
C LEU I 151 -16.43 -26.50 -27.33
N LEU I 152 -17.12 -26.16 -28.41
CA LEU I 152 -17.02 -24.88 -29.06
C LEU I 152 -17.43 -23.77 -28.12
N LEU I 153 -18.56 -23.94 -27.42
CA LEU I 153 -19.03 -22.95 -26.45
C LEU I 153 -18.02 -22.78 -25.30
N ARG I 154 -17.63 -23.90 -24.72
CA ARG I 154 -16.61 -23.88 -23.71
C ARG I 154 -15.42 -22.99 -24.04
N SER I 155 -14.93 -23.10 -25.28
CA SER I 155 -13.80 -22.29 -25.81
C SER I 155 -14.11 -20.80 -25.96
N THR I 156 -15.23 -20.50 -26.62
CA THR I 156 -15.93 -19.20 -26.64
C THR I 156 -15.97 -18.52 -25.27
N LEU I 157 -16.51 -19.23 -24.27
CA LEU I 157 -16.60 -18.74 -22.88
C LEU I 157 -15.27 -18.45 -22.22
N LEU I 158 -14.32 -19.38 -22.33
CA LEU I 158 -12.97 -19.12 -21.87
C LEU I 158 -12.26 -17.98 -22.61
N SER I 159 -12.36 -17.91 -23.96
CA SER I 159 -11.75 -16.76 -24.70
C SER I 159 -12.38 -15.41 -24.35
N ALA I 160 -13.69 -15.42 -24.03
CA ALA I 160 -14.44 -14.22 -23.67
C ALA I 160 -14.16 -13.78 -22.23
N MET I 161 -13.71 -14.72 -21.38
CA MET I 161 -13.33 -14.39 -19.98
C MET I 161 -12.02 -13.61 -19.92
N ARG I 162 -11.92 -12.67 -18.98
CA ARG I 162 -10.67 -11.92 -18.71
C ARG I 162 -9.61 -12.82 -18.06
N ALA I 163 -10.08 -13.76 -17.23
CA ALA I 163 -9.21 -14.63 -16.47
C ALA I 163 -9.64 -16.10 -16.63
N GLY I 164 -10.09 -16.71 -15.54
CA GLY I 164 -10.39 -18.13 -15.54
C GLY I 164 -11.81 -18.40 -15.96
N PRO I 165 -12.18 -19.67 -16.05
CA PRO I 165 -13.46 -20.03 -16.67
C PRO I 165 -14.64 -19.75 -15.76
N VAL I 166 -15.79 -19.55 -16.38
CA VAL I 166 -17.01 -19.11 -15.74
C VAL I 166 -17.94 -20.33 -15.44
N LEU I 167 -18.67 -20.22 -14.35
CA LEU I 167 -19.62 -21.24 -13.92
C LEU I 167 -21.00 -20.64 -14.03
N TYR I 168 -21.93 -21.45 -14.52
CA TYR I 168 -23.35 -21.14 -14.59
C TYR I 168 -23.90 -21.62 -13.26
N VAL I 169 -24.34 -20.71 -12.39
CA VAL I 169 -24.68 -21.09 -11.00
C VAL I 169 -26.15 -20.78 -10.69
N GLU I 170 -26.96 -21.83 -10.49
CA GLU I 170 -28.41 -21.65 -10.34
C GLU I 170 -28.94 -22.51 -9.23
N THR I 171 -29.74 -21.89 -8.36
CA THR I 171 -30.57 -22.63 -7.36
C THR I 171 -32.07 -22.31 -7.56
N TRP I 172 -32.92 -23.26 -7.16
CA TRP I 172 -34.37 -23.08 -7.28
C TRP I 172 -35.14 -23.78 -6.15
N PRO I 173 -36.35 -23.26 -5.78
CA PRO I 173 -37.20 -23.94 -4.79
C PRO I 173 -37.33 -25.45 -5.05
N ASN I 174 -37.16 -26.24 -3.98
CA ASN I 174 -36.90 -27.71 -4.04
C ASN I 174 -36.12 -28.29 -5.22
N MET I 175 -34.88 -27.83 -5.38
CA MET I 175 -34.02 -28.33 -6.47
C MET I 175 -33.78 -29.83 -6.41
N ILE I 176 -33.28 -30.29 -5.29
CA ILE I 176 -33.07 -31.72 -5.14
C ILE I 176 -34.30 -32.34 -4.46
N SER I 177 -35.14 -32.97 -5.25
CA SER I 177 -36.31 -33.70 -4.77
C SER I 177 -36.74 -34.65 -5.86
N GLY I 178 -37.59 -35.63 -5.52
CA GLY I 178 -38.14 -36.54 -6.50
C GLY I 178 -37.07 -37.39 -7.13
N ARG I 179 -37.14 -37.55 -8.45
CA ARG I 179 -36.23 -38.45 -9.17
C ARG I 179 -34.76 -37.98 -9.16
N LEU I 180 -34.58 -36.68 -9.01
CA LEU I 180 -33.25 -36.09 -8.95
C LEU I 180 -32.58 -36.37 -7.59
N ALA I 181 -33.36 -36.28 -6.52
CA ALA I 181 -32.91 -36.68 -5.17
C ALA I 181 -32.45 -38.14 -5.14
N ASP I 182 -33.21 -38.98 -5.84
CA ASP I 182 -32.84 -40.38 -6.05
C ASP I 182 -31.52 -40.50 -6.81
N TRP I 183 -31.37 -39.66 -7.83
CA TRP I 183 -30.15 -39.68 -8.62
C TRP I 183 -28.93 -39.28 -7.78
N PHE I 184 -29.08 -38.21 -6.99
CA PHE I 184 -28.05 -37.87 -6.01
C PHE I 184 -27.77 -38.96 -4.97
N MET I 185 -28.83 -39.59 -4.46
CA MET I 185 -28.66 -40.70 -3.52
C MET I 185 -27.86 -41.83 -4.16
N SER I 186 -28.17 -42.17 -5.41
CA SER I 186 -27.45 -43.22 -6.13
C SER I 186 -25.97 -42.92 -6.30
N GLN I 187 -25.55 -41.72 -5.90
CA GLN I 187 -24.16 -41.33 -6.03
C GLN I 187 -23.46 -40.96 -4.72
N TYR I 188 -24.06 -41.40 -3.61
CA TYR I 188 -23.49 -41.21 -2.28
C TYR I 188 -22.08 -41.80 -2.19
N GLY I 189 -21.13 -41.00 -1.73
CA GLY I 189 -19.74 -41.43 -1.58
C GLY I 189 -18.84 -41.18 -2.78
N ASN I 190 -19.45 -40.92 -3.94
CA ASN I 190 -18.73 -40.64 -5.17
C ASN I 190 -17.97 -39.32 -5.17
N ASN I 191 -17.01 -39.25 -6.07
CA ASN I 191 -16.25 -38.04 -6.25
C ASN I 191 -16.96 -37.08 -7.22
N PHE I 192 -16.98 -35.80 -6.86
CA PHE I 192 -17.49 -34.75 -7.74
C PHE I 192 -16.97 -34.82 -9.20
N VAL I 193 -15.65 -34.86 -9.38
CA VAL I 193 -15.08 -34.90 -10.73
C VAL I 193 -15.51 -36.16 -11.48
N ASP I 194 -15.70 -37.27 -10.79
CA ASP I 194 -16.22 -38.50 -11.39
C ASP I 194 -17.67 -38.37 -11.77
N MET I 195 -18.44 -37.72 -10.91
CA MET I 195 -19.84 -37.46 -11.16
C MET I 195 -20.04 -36.61 -12.40
N CYS I 196 -19.23 -35.55 -12.55
CA CYS I 196 -19.20 -34.72 -13.77
C CYS I 196 -18.80 -35.55 -14.98
N ALA I 197 -17.76 -36.36 -14.83
CA ALA I 197 -17.28 -37.25 -15.87
C ALA I 197 -18.41 -38.15 -16.37
N ARG I 198 -19.14 -38.76 -15.42
CA ARG I 198 -20.24 -39.68 -15.74
C ARG I 198 -21.36 -38.95 -16.48
N LEU I 199 -21.67 -37.74 -16.03
CA LEU I 199 -22.66 -36.88 -16.70
C LEU I 199 -22.19 -36.37 -18.06
N THR I 200 -20.90 -36.10 -18.19
CA THR I 200 -20.31 -35.66 -19.45
C THR I 200 -20.51 -36.68 -20.58
N GLN I 201 -20.27 -37.96 -20.28
CA GLN I 201 -20.41 -39.01 -21.26
C GLN I 201 -21.87 -39.52 -21.40
N SER I 202 -22.71 -39.23 -20.39
CA SER I 202 -24.16 -39.49 -20.48
C SER I 202 -24.87 -38.65 -21.55
N CYS I 203 -24.41 -37.41 -21.73
CA CYS I 203 -24.99 -36.48 -22.70
C CYS I 203 -24.45 -36.69 -24.11
N SER I 204 -23.33 -37.43 -24.22
CA SER I 204 -22.72 -37.83 -25.50
C SER I 204 -23.67 -38.63 -26.39
N ASN I 205 -23.84 -38.15 -27.62
CA ASN I 205 -24.90 -38.56 -28.57
C ASN I 205 -25.90 -37.39 -28.67
N MET I 206 -26.30 -36.90 -27.49
CA MET I 206 -26.89 -35.57 -27.21
C MET I 206 -28.22 -35.52 -26.45
N PRO I 207 -29.37 -35.70 -27.14
CA PRO I 207 -30.58 -34.89 -26.93
C PRO I 207 -30.68 -34.26 -25.52
N VAL I 208 -30.33 -32.97 -25.43
CA VAL I 208 -30.35 -32.24 -24.15
C VAL I 208 -31.31 -31.05 -24.19
N GLU I 209 -32.53 -31.26 -23.66
CA GLU I 209 -33.55 -30.23 -23.59
C GLU I 209 -33.32 -29.42 -22.32
N PRO I 210 -33.54 -28.10 -22.39
CA PRO I 210 -33.50 -27.31 -21.16
C PRO I 210 -34.63 -27.77 -20.22
N ASP I 211 -34.35 -27.87 -18.91
CA ASP I 211 -35.25 -28.46 -17.90
C ASP I 211 -35.46 -29.99 -17.97
N GLY I 212 -34.72 -30.67 -18.83
CA GLY I 212 -34.75 -32.15 -18.87
C GLY I 212 -33.95 -32.68 -17.70
N ASN I 213 -33.99 -34.00 -17.49
CA ASN I 213 -33.23 -34.62 -16.39
C ASN I 213 -31.75 -34.28 -16.35
N TYR I 214 -31.05 -34.46 -17.48
CA TYR I 214 -29.60 -34.18 -17.56
C TYR I 214 -29.28 -32.72 -17.21
N ASP I 215 -30.08 -31.82 -17.77
CA ASP I 215 -29.94 -30.41 -17.53
C ASP I 215 -30.09 -30.13 -16.05
N GLN I 216 -31.10 -30.75 -15.41
CA GLN I 216 -31.38 -30.52 -13.99
C GLN I 216 -30.27 -31.07 -13.12
N GLN I 217 -29.81 -32.27 -13.46
CA GLN I 217 -28.68 -32.91 -12.78
C GLN I 217 -27.42 -32.03 -12.82
N MET I 218 -27.08 -31.51 -14.01
CA MET I 218 -25.84 -30.76 -14.18
C MET I 218 -25.91 -29.44 -13.42
N ARG I 219 -27.03 -28.74 -13.56
CA ARG I 219 -27.25 -27.50 -12.81
C ARG I 219 -27.28 -27.66 -11.28
N ALA I 220 -27.93 -28.71 -10.77
CA ALA I 220 -27.96 -28.97 -9.31
C ALA I 220 -26.56 -29.34 -8.80
N LEU I 221 -25.83 -30.07 -9.61
CA LEU I 221 -24.52 -30.57 -9.29
C LEU I 221 -23.49 -29.46 -9.18
N ILE I 222 -23.50 -28.50 -10.11
CA ILE I 222 -22.60 -27.34 -10.09
C ILE I 222 -22.81 -26.49 -8.83
N SER I 223 -24.09 -26.24 -8.51
CA SER I 223 -24.49 -25.36 -7.41
C SER I 223 -24.24 -25.97 -6.03
N LEU I 224 -24.71 -27.20 -5.83
CA LEU I 224 -24.32 -27.97 -4.65
C LEU I 224 -22.80 -27.97 -4.41
N TRP I 225 -22.02 -28.36 -5.42
CA TRP I 225 -20.59 -28.35 -5.28
C TRP I 225 -20.04 -26.96 -4.99
N LEU I 226 -20.43 -25.94 -5.78
CA LEU I 226 -19.87 -24.61 -5.55
C LEU I 226 -20.16 -24.11 -4.15
N LEU I 227 -21.39 -24.31 -3.69
CA LEU I 227 -21.78 -23.86 -2.36
C LEU I 227 -21.11 -24.65 -1.24
N SER I 228 -20.70 -25.90 -1.50
CA SER I 228 -19.83 -26.63 -0.54
C SER I 228 -18.42 -26.05 -0.57
N TYR I 229 -17.90 -25.91 -1.78
CA TYR I 229 -16.62 -25.28 -2.04
C TYR I 229 -16.36 -23.97 -1.26
N ILE I 230 -17.36 -23.10 -1.19
CA ILE I 230 -17.24 -21.83 -0.46
C ILE I 230 -17.58 -21.92 1.05
N GLY I 231 -18.08 -23.08 1.48
CA GLY I 231 -18.26 -23.35 2.89
C GLY I 231 -19.63 -23.06 3.49
N VAL I 232 -20.54 -22.49 2.69
CA VAL I 232 -21.93 -22.22 3.16
C VAL I 232 -22.84 -23.45 3.20
N VAL I 233 -22.56 -24.39 2.29
CA VAL I 233 -23.14 -25.71 2.35
C VAL I 233 -22.06 -26.63 2.89
N ASN I 234 -22.45 -27.36 3.91
CA ASN I 234 -21.56 -28.29 4.56
C ASN I 234 -22.42 -29.28 5.31
N GLN I 235 -21.80 -30.07 6.13
CA GLN I 235 -22.48 -31.08 6.87
C GLN I 235 -23.60 -30.61 7.83
N THR I 236 -23.50 -29.38 8.32
CA THR I 236 -24.53 -28.82 9.22
C THR I 236 -25.58 -27.93 8.51
N ASN I 237 -25.46 -27.77 7.19
CA ASN I 237 -26.34 -26.92 6.42
C ASN I 237 -26.38 -27.47 5.01
N THR I 238 -27.29 -28.40 4.77
CA THR I 238 -27.32 -29.18 3.54
C THR I 238 -28.42 -28.71 2.56
N ILE I 239 -28.38 -29.23 1.33
CA ILE I 239 -29.50 -29.06 0.41
C ILE I 239 -30.20 -30.41 0.22
N SER I 240 -31.40 -30.55 0.78
CA SER I 240 -32.08 -31.87 0.83
C SER I 240 -31.23 -32.99 1.41
N GLY I 241 -30.37 -32.64 2.37
CA GLY I 241 -29.50 -33.62 3.00
C GLY I 241 -28.11 -33.80 2.41
N PHE I 242 -27.90 -33.31 1.19
CA PHE I 242 -26.66 -33.51 0.46
C PHE I 242 -25.67 -32.35 0.60
N TYR I 243 -24.39 -32.71 0.59
CA TYR I 243 -23.30 -31.74 0.63
C TYR I 243 -22.04 -32.44 0.14
N PHE I 244 -21.14 -31.66 -0.46
CA PHE I 244 -19.80 -32.16 -0.80
C PHE I 244 -18.84 -31.88 0.33
N SER I 245 -17.89 -32.80 0.52
CA SER I 245 -16.91 -32.72 1.59
C SER I 245 -15.51 -33.03 1.08
N SER I 246 -14.53 -32.31 1.62
CA SER I 246 -13.12 -32.57 1.37
C SER I 246 -12.36 -32.61 2.69
N LYS I 247 -11.54 -33.65 2.86
CA LYS I 247 -10.67 -33.81 4.02
C LYS I 247 -9.72 -32.63 4.23
N THR I 248 -9.05 -32.19 3.15
CA THR I 248 -8.25 -30.96 3.15
C THR I 248 -8.97 -29.83 2.39
N ARG I 249 -8.47 -28.61 2.51
CA ARG I 249 -8.98 -27.53 1.68
C ARG I 249 -7.94 -26.45 1.27
N GLY I 250 -7.79 -26.28 -0.05
CA GLY I 250 -6.93 -25.23 -0.59
C GLY I 250 -5.58 -25.76 -0.98
N GLN I 251 -5.39 -27.06 -0.80
CA GLN I 251 -4.08 -27.68 -1.04
C GLN I 251 -4.15 -28.82 -2.07
N ALA I 252 -3.06 -29.56 -2.22
CA ALA I 252 -2.92 -30.50 -3.33
C ALA I 252 -3.89 -31.68 -3.23
N LEU I 253 -4.19 -32.11 -2.02
CA LEU I 253 -4.99 -33.30 -1.83
C LEU I 253 -6.49 -33.05 -1.89
N ASP I 254 -6.90 -31.77 -1.97
CA ASP I 254 -8.33 -31.43 -2.11
C ASP I 254 -9.03 -32.47 -2.99
N SER I 255 -10.17 -32.99 -2.52
CA SER I 255 -10.96 -33.96 -3.27
C SER I 255 -12.36 -33.98 -2.66
N TRP I 256 -13.38 -33.76 -3.48
CA TRP I 256 -14.74 -33.51 -2.98
C TRP I 256 -15.65 -34.71 -3.18
N THR I 257 -16.18 -35.21 -2.08
CA THR I 257 -17.00 -36.41 -2.02
C THR I 257 -18.45 -36.04 -1.62
N LEU I 258 -19.43 -36.73 -2.20
CA LEU I 258 -20.84 -36.44 -1.92
C LEU I 258 -21.34 -37.26 -0.70
N PHE I 259 -21.82 -36.53 0.30
CA PHE I 259 -22.40 -37.14 1.50
C PHE I 259 -23.81 -36.69 1.74
N TYR I 260 -24.52 -37.53 2.49
CA TYR I 260 -25.90 -37.30 2.86
C TYR I 260 -26.06 -37.36 4.38
N THR I 261 -27.00 -36.56 4.86
CA THR I 261 -27.29 -36.40 6.27
C THR I 261 -28.82 -36.34 6.45
N THR I 262 -29.30 -37.11 7.42
CA THR I 262 -30.71 -37.15 7.84
C THR I 262 -31.07 -36.00 8.81
N ASN I 263 -30.11 -35.64 9.64
CA ASN I 263 -30.39 -35.02 10.93
C ASN I 263 -29.93 -33.58 11.07
N THR I 264 -29.21 -33.05 10.08
CA THR I 264 -28.74 -31.66 10.16
C THR I 264 -29.63 -30.73 9.33
N ASN I 265 -29.50 -29.44 9.59
CA ASN I 265 -30.29 -28.40 8.92
C ASN I 265 -30.33 -28.50 7.39
N ARG I 266 -31.53 -28.43 6.82
CA ARG I 266 -31.75 -28.42 5.39
C ARG I 266 -32.16 -27.00 4.98
N VAL I 267 -31.46 -26.39 4.04
CA VAL I 267 -31.85 -25.06 3.58
C VAL I 267 -33.26 -25.10 2.97
N GLN I 268 -33.90 -23.94 2.92
CA GLN I 268 -35.17 -23.84 2.25
C GLN I 268 -35.09 -22.74 1.23
N ILE I 269 -34.93 -23.16 -0.01
CA ILE I 269 -34.81 -22.22 -1.11
C ILE I 269 -36.19 -21.69 -1.44
N THR I 270 -36.29 -20.37 -1.43
CA THR I 270 -37.56 -19.66 -1.45
C THR I 270 -37.84 -19.04 -2.83
N GLN I 271 -36.77 -18.87 -3.61
CA GLN I 271 -36.89 -18.34 -4.95
C GLN I 271 -35.73 -18.81 -5.84
N ARG I 272 -35.82 -18.50 -7.12
CA ARG I 272 -34.75 -18.78 -8.05
C ARG I 272 -33.60 -17.79 -7.77
N HIS I 273 -32.37 -18.30 -7.87
CA HIS I 273 -31.15 -17.51 -7.72
C HIS I 273 -30.24 -17.88 -8.91
N PHE I 274 -29.55 -16.89 -9.48
CA PHE I 274 -28.61 -17.16 -10.55
C PHE I 274 -27.41 -16.21 -10.50
N ALA I 275 -26.21 -16.76 -10.75
CA ALA I 275 -25.01 -15.95 -10.95
C ALA I 275 -24.06 -16.61 -11.97
N TYR I 276 -23.30 -15.78 -12.67
CA TYR I 276 -22.09 -16.23 -13.37
C TYR I 276 -20.96 -16.00 -12.40
N VAL I 277 -20.17 -17.04 -12.16
CA VAL I 277 -18.98 -16.92 -11.32
C VAL I 277 -17.73 -17.39 -12.09
N CYS I 278 -16.67 -16.59 -12.06
CA CYS I 278 -15.46 -17.01 -12.70
C CYS I 278 -14.35 -17.08 -11.68
N ALA I 279 -13.36 -17.94 -11.96
CA ALA I 279 -12.14 -18.07 -11.15
C ALA I 279 -11.26 -16.96 -11.64
N ARG I 280 -10.81 -16.12 -10.69
CA ARG I 280 -10.05 -14.92 -10.98
C ARG I 280 -8.56 -15.22 -11.06
N SER I 281 -8.12 -16.14 -10.20
CA SER I 281 -6.70 -16.37 -9.95
C SER I 281 -6.17 -17.54 -10.79
N PRO I 282 -4.91 -17.46 -11.25
CA PRO I 282 -4.45 -18.44 -12.25
C PRO I 282 -4.34 -19.90 -11.75
N ASP I 283 -4.48 -20.10 -10.45
CA ASP I 283 -4.50 -21.45 -9.88
C ASP I 283 -5.76 -22.25 -10.24
N TRP I 284 -6.70 -21.64 -10.98
CA TRP I 284 -7.79 -22.41 -11.57
C TRP I 284 -7.19 -23.51 -12.45
N ASN I 285 -6.08 -23.17 -13.12
CA ASN I 285 -5.33 -24.12 -13.94
C ASN I 285 -5.14 -25.50 -13.27
N VAL I 286 -4.99 -25.50 -11.95
CA VAL I 286 -4.62 -26.70 -11.19
C VAL I 286 -5.84 -27.34 -10.50
N ASP I 287 -6.97 -26.68 -10.63
CA ASP I 287 -8.17 -27.01 -9.85
C ASP I 287 -9.12 -27.85 -10.69
N LYS I 288 -9.10 -29.17 -10.43
CA LYS I 288 -9.79 -30.14 -11.26
C LYS I 288 -11.30 -30.01 -11.17
N SER I 289 -11.72 -29.48 -10.02
CA SER I 289 -13.13 -29.37 -9.67
C SER I 289 -13.77 -28.16 -10.35
N TRP I 290 -13.10 -27.02 -10.29
CA TRP I 290 -13.52 -25.82 -10.99
C TRP I 290 -13.65 -26.07 -12.51
N ILE I 291 -12.69 -26.80 -13.08
CA ILE I 291 -12.70 -27.19 -14.50
C ILE I 291 -13.77 -28.21 -14.82
N ALA I 292 -13.93 -29.20 -13.94
CA ALA I 292 -15.02 -30.18 -14.09
C ALA I 292 -16.34 -29.42 -14.24
N ALA I 293 -16.57 -28.47 -13.33
CA ALA I 293 -17.81 -27.71 -13.26
C ALA I 293 -17.93 -26.80 -14.48
N ALA I 294 -16.79 -26.24 -14.90
CA ALA I 294 -16.69 -25.37 -16.07
C ALA I 294 -17.06 -26.08 -17.34
N ASN I 295 -16.73 -27.38 -17.39
CA ASN I 295 -17.11 -28.27 -18.47
C ASN I 295 -18.60 -28.55 -18.50
N LEU I 296 -19.18 -28.84 -17.32
CA LEU I 296 -20.65 -29.01 -17.18
C LEU I 296 -21.40 -27.76 -17.55
N THR I 297 -20.92 -26.61 -17.08
CA THR I 297 -21.41 -25.29 -17.45
C THR I 297 -21.53 -25.09 -18.96
N ALA I 298 -20.49 -25.46 -19.71
CA ALA I 298 -20.53 -25.42 -21.16
C ALA I 298 -21.66 -26.28 -21.76
N ILE I 299 -21.91 -27.46 -21.18
CA ILE I 299 -23.01 -28.28 -21.67
C ILE I 299 -24.37 -27.60 -21.37
N VAL I 300 -24.52 -27.17 -20.11
CA VAL I 300 -25.77 -26.60 -19.61
C VAL I 300 -26.11 -25.41 -20.50
N MET I 301 -25.16 -24.51 -20.67
CA MET I 301 -25.35 -23.32 -21.52
C MET I 301 -25.62 -23.55 -23.02
N ALA I 302 -25.16 -24.67 -23.58
CA ALA I 302 -25.24 -24.97 -25.02
C ALA I 302 -26.60 -25.43 -25.47
N CYS I 303 -27.40 -25.96 -24.55
CA CYS I 303 -28.71 -26.49 -24.90
C CYS I 303 -29.81 -25.40 -24.82
N ARG I 304 -29.44 -24.22 -24.34
CA ARG I 304 -30.39 -23.15 -24.10
C ARG I 304 -29.83 -21.83 -24.58
N GLN I 305 -30.65 -20.80 -24.50
CA GLN I 305 -30.17 -19.43 -24.58
C GLN I 305 -29.99 -18.95 -23.12
N PRO I 306 -28.74 -18.89 -22.63
CA PRO I 306 -28.53 -18.58 -21.20
C PRO I 306 -28.68 -17.08 -20.89
N PRO I 307 -28.62 -16.66 -19.61
CA PRO I 307 -28.56 -15.22 -19.35
C PRO I 307 -27.46 -14.50 -20.11
N VAL I 308 -27.71 -13.24 -20.45
CA VAL I 308 -26.78 -12.41 -21.22
C VAL I 308 -25.78 -11.68 -20.32
N PHE I 309 -24.50 -11.73 -20.69
CA PHE I 309 -23.44 -11.22 -19.83
C PHE I 309 -23.39 -9.70 -19.78
N ALA I 310 -22.95 -9.19 -18.64
CA ALA I 310 -22.52 -7.82 -18.55
C ALA I 310 -21.24 -7.63 -19.39
N ASN I 311 -21.25 -6.59 -20.20
CA ASN I 311 -20.08 -6.18 -20.97
C ASN I 311 -18.76 -6.10 -20.18
N GLN I 312 -18.80 -5.60 -18.95
CA GLN I 312 -17.59 -5.54 -18.14
C GLN I 312 -17.17 -6.91 -17.55
N GLY I 313 -18.00 -7.94 -17.72
CA GLY I 313 -17.62 -9.30 -17.36
C GLY I 313 -16.91 -10.10 -18.45
N VAL I 314 -16.71 -9.49 -19.60
CA VAL I 314 -16.04 -10.14 -20.71
C VAL I 314 -14.99 -9.15 -21.29
N ILE I 315 -13.97 -9.66 -21.97
CA ILE I 315 -12.97 -8.77 -22.58
C ILE I 315 -13.63 -7.84 -23.62
N ASN I 316 -12.92 -6.79 -23.99
CA ASN I 316 -13.48 -5.76 -24.87
C ASN I 316 -13.97 -6.27 -26.22
N GLN I 317 -13.23 -7.18 -26.84
CA GLN I 317 -13.63 -7.67 -28.15
C GLN I 317 -14.87 -8.57 -28.10
N ALA I 318 -15.21 -9.10 -26.92
CA ALA I 318 -16.41 -9.94 -26.68
C ALA I 318 -17.65 -9.14 -26.27
N GLN I 319 -17.50 -7.83 -26.14
CA GLN I 319 -18.59 -6.95 -25.69
C GLN I 319 -19.60 -6.67 -26.80
N ASN I 320 -20.87 -6.54 -26.40
CA ASN I 320 -21.98 -6.19 -27.33
C ASN I 320 -22.28 -7.17 -28.44
N ARG I 321 -22.27 -8.47 -28.12
CA ARG I 321 -22.66 -9.49 -29.08
C ARG I 321 -24.07 -9.95 -28.76
N PRO I 322 -25.01 -9.71 -29.70
CA PRO I 322 -26.44 -9.99 -29.51
C PRO I 322 -26.79 -11.40 -29.01
N GLY I 323 -27.47 -11.47 -27.86
CA GLY I 323 -27.80 -12.73 -27.21
C GLY I 323 -26.70 -13.24 -26.28
N PHE I 324 -25.53 -12.59 -26.31
CA PHE I 324 -24.36 -13.02 -25.53
C PHE I 324 -23.89 -12.05 -24.42
N SER I 325 -23.63 -10.81 -24.80
CA SER I 325 -23.15 -9.76 -23.89
C SER I 325 -23.90 -8.42 -24.15
N MET I 326 -24.21 -7.70 -23.10
CA MET I 326 -24.99 -6.48 -23.21
C MET I 326 -24.59 -5.54 -22.10
N ASN I 327 -24.76 -4.25 -22.33
CA ASN I 327 -24.69 -3.26 -21.26
C ASN I 327 -25.83 -3.50 -20.31
N GLY I 328 -25.52 -3.60 -19.03
CA GLY I 328 -26.51 -4.01 -18.01
C GLY I 328 -26.88 -5.49 -17.99
N GLY I 329 -25.98 -6.37 -18.44
CA GLY I 329 -26.27 -7.80 -18.41
C GLY I 329 -26.06 -8.41 -17.05
N THR I 330 -26.18 -9.74 -16.94
CA THR I 330 -25.81 -10.49 -15.71
C THR I 330 -24.32 -10.27 -15.42
N PRO I 331 -24.01 -9.70 -14.22
CA PRO I 331 -22.61 -9.46 -13.87
C PRO I 331 -21.84 -10.75 -13.70
N VAL I 332 -20.56 -10.72 -13.99
CA VAL I 332 -19.73 -11.88 -13.76
C VAL I 332 -18.98 -11.66 -12.48
N HIS I 333 -19.36 -12.42 -11.46
CA HIS I 333 -18.66 -12.43 -10.19
C HIS I 333 -17.37 -13.26 -10.33
N GLU I 334 -16.36 -12.90 -9.55
CA GLU I 334 -15.06 -13.52 -9.61
C GLU I 334 -14.72 -14.07 -8.24
N LEU I 335 -14.04 -15.22 -8.22
CA LEU I 335 -13.46 -15.78 -6.98
C LEU I 335 -11.93 -15.97 -7.09
N ASN I 336 -11.18 -15.31 -6.21
CA ASN I 336 -9.79 -15.69 -5.90
C ASN I 336 -9.81 -17.00 -5.10
N LEU I 337 -9.11 -18.03 -5.60
CA LEU I 337 -9.29 -19.41 -5.08
C LEU I 337 -8.63 -19.70 -3.71
N LEU I 338 -7.53 -18.99 -3.42
CA LEU I 338 -6.98 -18.93 -2.05
C LEU I 338 -7.92 -18.23 -1.08
N THR I 339 -8.36 -17.02 -1.39
CA THR I 339 -9.29 -16.30 -0.52
C THR I 339 -10.51 -17.14 -0.21
N THR I 340 -10.93 -17.93 -1.20
CA THR I 340 -12.14 -18.76 -1.10
C THR I 340 -11.84 -19.94 -0.23
N ALA I 341 -10.65 -20.52 -0.43
CA ALA I 341 -10.16 -21.65 0.37
C ALA I 341 -10.11 -21.29 1.86
N GLN I 342 -9.52 -20.12 2.14
CA GLN I 342 -9.44 -19.56 3.47
C GLN I 342 -10.82 -19.30 4.06
N GLU I 343 -11.69 -18.61 3.31
CA GLU I 343 -13.10 -18.40 3.67
C GLU I 343 -13.89 -19.69 3.92
N CYS I 344 -13.63 -20.71 3.11
CA CYS I 344 -14.29 -21.97 3.29
C CYS I 344 -13.86 -22.59 4.62
N ILE I 345 -12.57 -22.45 4.92
CA ILE I 345 -12.02 -22.89 6.21
C ILE I 345 -12.65 -22.16 7.40
N ARG I 346 -12.74 -20.84 7.31
CA ARG I 346 -13.40 -20.02 8.33
C ARG I 346 -14.85 -20.44 8.55
N GLN I 347 -15.56 -20.77 7.47
CA GLN I 347 -16.92 -21.30 7.53
C GLN I 347 -16.99 -22.60 8.32
N TRP I 348 -16.02 -23.48 8.09
CA TRP I 348 -15.95 -24.79 8.76
C TRP I 348 -15.68 -24.67 10.26
N VAL I 349 -14.93 -23.63 10.63
CA VAL I 349 -14.61 -23.34 12.05
C VAL I 349 -15.88 -22.79 12.74
N MET I 350 -16.51 -21.78 12.14
CA MET I 350 -17.77 -21.21 12.65
C MET I 350 -18.88 -22.26 12.81
N ALA I 351 -18.85 -23.30 12.00
CA ALA I 351 -19.86 -24.36 12.02
C ALA I 351 -19.47 -25.43 13.01
N GLY I 352 -18.29 -25.28 13.60
CA GLY I 352 -17.78 -26.23 14.60
C GLY I 352 -17.41 -27.56 14.00
N LEU I 353 -17.10 -27.55 12.70
CA LEU I 353 -16.72 -28.75 11.96
C LEU I 353 -15.28 -29.09 12.14
N VAL I 354 -14.49 -28.08 12.50
CA VAL I 354 -13.07 -28.25 12.83
C VAL I 354 -12.74 -27.32 13.98
N SER I 355 -11.78 -27.69 14.83
CA SER I 355 -11.37 -26.83 15.96
C SER I 355 -10.63 -25.60 15.44
N ALA I 356 -10.66 -24.52 16.23
CA ALA I 356 -9.90 -23.31 15.91
C ALA I 356 -8.44 -23.63 15.53
N ALA I 357 -7.95 -24.81 15.96
CA ALA I 357 -6.57 -25.23 15.72
C ALA I 357 -6.41 -26.03 14.43
N LYS I 358 -7.36 -26.91 14.15
CA LYS I 358 -7.35 -27.64 12.87
C LYS I 358 -7.47 -26.64 11.73
N GLY I 359 -8.42 -25.70 11.88
CA GLY I 359 -8.56 -24.57 10.99
C GLY I 359 -7.26 -23.82 10.76
N GLN I 360 -6.47 -23.65 11.82
CA GLN I 360 -5.16 -22.99 11.71
C GLN I 360 -4.24 -23.79 10.80
N ALA I 361 -4.15 -25.10 11.05
CA ALA I 361 -3.35 -26.02 10.25
C ALA I 361 -3.76 -26.00 8.78
N LEU I 362 -5.09 -26.14 8.56
CA LEU I 362 -5.67 -26.09 7.21
C LEU I 362 -5.40 -24.78 6.46
N THR I 363 -5.54 -23.64 7.13
CA THR I 363 -5.26 -22.34 6.50
C THR I 363 -3.82 -22.18 6.04
N GLN I 364 -2.88 -22.72 6.82
CA GLN I 364 -1.44 -22.65 6.52
C GLN I 364 -1.07 -23.54 5.36
N GLU I 365 -1.57 -24.77 5.37
CA GLU I 365 -1.48 -25.68 4.22
C GLU I 365 -1.94 -25.01 2.90
N ALA I 366 -3.09 -24.34 2.96
CA ALA I 366 -3.63 -23.62 1.82
C ALA I 366 -2.70 -22.50 1.36
N ASN I 367 -2.06 -21.84 2.33
CA ASN I 367 -1.05 -20.79 2.06
C ASN I 367 0.24 -21.35 1.48
N ASP I 368 0.68 -22.48 2.02
CA ASP I 368 1.87 -23.18 1.52
C ASP I 368 1.64 -23.66 0.10
N PHE I 369 0.47 -24.28 -0.14
CA PHE I 369 0.20 -24.82 -1.46
C PHE I 369 0.14 -23.75 -2.53
N SER I 370 -0.48 -22.63 -2.19
CA SER I 370 -0.64 -21.52 -3.14
C SER I 370 0.69 -20.86 -3.46
N ASN I 371 1.61 -20.89 -2.50
CA ASN I 371 2.92 -20.31 -2.69
C ASN I 371 3.71 -21.10 -3.74
N LEU I 372 3.47 -22.42 -3.78
CA LEU I 372 4.03 -23.31 -4.80
C LEU I 372 3.44 -23.04 -6.17
N ILE I 373 2.10 -22.99 -6.23
CA ILE I 373 1.41 -22.82 -7.51
C ILE I 373 1.69 -21.47 -8.12
N GLN I 374 1.80 -20.44 -7.28
CA GLN I 374 2.11 -19.10 -7.76
C GLN I 374 3.51 -18.96 -8.36
N ALA I 375 4.48 -19.69 -7.79
CA ALA I 375 5.86 -19.75 -8.31
C ALA I 375 5.91 -20.64 -9.56
N ASP I 376 5.27 -21.81 -9.49
CA ASP I 376 5.19 -22.71 -10.61
C ASP I 376 4.55 -22.00 -11.82
N LEU I 377 3.40 -21.36 -11.58
CA LEU I 377 2.65 -20.73 -12.65
C LEU I 377 3.31 -19.43 -13.13
N GLY I 378 4.08 -18.80 -12.26
CA GLY I 378 4.75 -17.58 -12.60
C GLY I 378 5.94 -17.83 -13.49
N GLN I 379 6.51 -19.04 -13.37
CA GLN I 379 7.62 -19.44 -14.23
C GLN I 379 7.16 -19.88 -15.61
N ILE I 380 6.06 -20.62 -15.66
CA ILE I 380 5.38 -20.91 -16.94
C ILE I 380 5.05 -19.58 -17.66
N LYS I 381 4.44 -18.64 -16.94
CA LYS I 381 4.09 -17.36 -17.53
C LYS I 381 5.29 -16.53 -18.02
N ALA I 382 6.38 -16.48 -17.22
CA ALA I 382 7.60 -15.76 -17.62
C ALA I 382 8.26 -16.43 -18.84
N GLN I 383 8.29 -17.76 -18.82
CA GLN I 383 8.80 -18.55 -19.94
C GLN I 383 7.95 -18.35 -21.20
N ASP I 384 6.66 -18.69 -21.10
CA ASP I 384 5.71 -18.54 -22.22
C ASP I 384 5.71 -17.18 -22.89
N ASP I 385 5.76 -16.13 -22.06
CA ASP I 385 5.75 -14.77 -22.54
C ASP I 385 6.98 -14.46 -23.37
N ALA I 386 8.16 -14.85 -22.88
CA ALA I 386 9.42 -14.55 -23.57
C ALA I 386 9.51 -15.37 -24.83
N LEU I 387 9.33 -16.68 -24.69
CA LEU I 387 9.42 -17.58 -25.84
C LEU I 387 8.44 -17.21 -26.97
N TYR I 388 7.22 -16.81 -26.59
CA TYR I 388 6.23 -16.35 -27.57
C TYR I 388 6.73 -15.14 -28.38
N ASN I 389 7.33 -14.18 -27.69
CA ASN I 389 7.82 -12.95 -28.32
C ASN I 389 9.10 -13.10 -29.17
N GLN I 390 10.05 -13.90 -28.67
CA GLN I 390 11.34 -14.10 -29.34
C GLN I 390 11.38 -15.34 -30.28
N GLN I 391 10.72 -16.43 -29.87
CA GLN I 391 10.67 -17.66 -30.68
C GLN I 391 9.38 -17.77 -31.55
N PRO I 392 9.54 -17.87 -32.89
CA PRO I 392 8.35 -18.03 -33.73
C PRO I 392 7.83 -19.47 -33.66
N GLY I 393 6.54 -19.65 -33.97
CA GLY I 393 5.92 -20.97 -33.88
C GLY I 393 5.85 -21.56 -32.49
N TYR I 394 6.13 -20.73 -31.47
CA TYR I 394 6.07 -21.16 -30.08
C TYR I 394 4.62 -21.33 -29.60
N ALA I 395 4.36 -22.45 -28.93
CA ALA I 395 3.05 -22.77 -28.35
C ALA I 395 3.01 -22.41 -26.88
N ARG I 396 2.07 -21.55 -26.47
CA ARG I 396 1.76 -21.31 -25.03
C ARG I 396 1.17 -22.56 -24.41
N ARG I 397 1.43 -22.75 -23.12
CA ARG I 397 1.01 -23.95 -22.42
C ARG I 397 -0.25 -23.72 -21.59
N ILE I 398 -0.43 -22.50 -21.12
CA ILE I 398 -1.63 -22.12 -20.38
C ILE I 398 -2.15 -20.78 -20.93
N LYS I 399 -3.40 -20.47 -20.63
CA LYS I 399 -3.93 -19.14 -20.93
C LYS I 399 -3.03 -18.07 -20.32
N PRO I 400 -2.72 -16.99 -21.09
CA PRO I 400 -2.02 -15.85 -20.50
C PRO I 400 -2.77 -15.22 -19.31
N PHE I 401 -2.04 -14.73 -18.31
CA PHE I 401 -2.62 -14.03 -17.17
C PHE I 401 -1.73 -12.87 -16.75
N VAL I 402 -2.26 -12.00 -15.89
CA VAL I 402 -1.48 -10.91 -15.30
C VAL I 402 -1.32 -11.16 -13.81
N ASN I 403 -0.19 -10.76 -13.25
CA ASN I 403 0.14 -11.02 -11.84
C ASN I 403 -0.86 -10.46 -10.81
N GLY I 404 -1.58 -9.40 -11.20
CA GLY I 404 -2.62 -8.78 -10.38
C GLY I 404 -3.81 -9.69 -10.15
N ASP I 405 -3.84 -10.79 -10.89
CA ASP I 405 -4.89 -11.79 -10.78
C ASP I 405 -4.79 -12.55 -9.46
N TRP I 406 -3.64 -12.40 -8.81
CA TRP I 406 -3.38 -13.01 -7.50
C TRP I 406 -3.97 -12.22 -6.31
N THR I 407 -4.31 -10.95 -6.52
CA THR I 407 -4.99 -10.17 -5.48
C THR I 407 -6.42 -10.68 -5.34
N PRO I 408 -7.04 -10.43 -4.16
CA PRO I 408 -8.41 -10.96 -3.88
C PRO I 408 -9.55 -10.42 -4.76
N GLY I 409 -9.37 -9.23 -5.34
CA GLY I 409 -10.41 -8.56 -6.11
C GLY I 409 -11.76 -8.39 -5.40
N MET I 410 -12.81 -8.90 -6.04
CA MET I 410 -14.18 -8.80 -5.51
C MET I 410 -14.71 -10.17 -5.06
N THR I 411 -13.79 -11.02 -4.61
CA THR I 411 -14.12 -12.32 -4.04
C THR I 411 -15.17 -12.17 -2.96
N ALA I 412 -14.95 -11.22 -2.02
CA ALA I 412 -15.85 -10.98 -0.90
C ALA I 412 -17.29 -10.75 -1.38
N GLN I 413 -17.44 -9.88 -2.38
CA GLN I 413 -18.72 -9.59 -3.05
C GLN I 413 -19.39 -10.84 -3.59
N ALA I 414 -18.63 -11.65 -4.32
CA ALA I 414 -19.08 -12.97 -4.84
C ALA I 414 -19.49 -13.92 -3.73
N LEU I 415 -18.75 -13.94 -2.64
CA LEU I 415 -19.05 -14.84 -1.52
C LEU I 415 -20.31 -14.42 -0.76
N ALA I 416 -20.59 -13.12 -0.73
CA ALA I 416 -21.83 -12.60 -0.12
C ALA I 416 -23.09 -12.86 -0.99
N VAL I 417 -22.97 -12.65 -2.29
CA VAL I 417 -24.04 -13.02 -3.24
C VAL I 417 -24.36 -14.50 -3.15
N LEU I 418 -23.31 -15.32 -3.18
CA LEU I 418 -23.48 -16.75 -3.20
C LEU I 418 -24.09 -17.28 -1.90
N ALA I 419 -23.88 -16.57 -0.79
CA ALA I 419 -24.43 -16.96 0.50
C ALA I 419 -25.97 -16.86 0.52
N THR I 420 -26.54 -16.00 -0.33
CA THR I 420 -27.98 -15.80 -0.41
C THR I 420 -28.67 -16.87 -1.24
N PHE I 421 -27.89 -17.73 -1.93
CA PHE I 421 -28.47 -18.74 -2.86
C PHE I 421 -29.23 -19.87 -2.15
N THR I 422 -29.17 -19.86 -0.84
CA THR I 422 -29.87 -20.85 -0.04
C THR I 422 -31.15 -20.28 0.57
N ALA I 423 -31.46 -19.01 0.25
CA ALA I 423 -32.61 -18.32 0.85
C ALA I 423 -33.82 -18.22 -0.09
N THR J 7 -18.63 30.66 11.79
CA THR J 7 -17.64 31.24 12.75
C THR J 7 -16.57 30.21 13.14
N MET J 8 -16.15 29.39 12.17
CA MET J 8 -15.00 28.51 12.35
C MET J 8 -13.97 28.67 11.23
N ALA J 9 -12.99 29.54 11.42
CA ALA J 9 -11.85 29.69 10.48
C ALA J 9 -11.21 28.32 10.23
N ARG J 10 -10.46 28.19 9.14
CA ARG J 10 -9.99 26.85 8.71
C ARG J 10 -8.66 26.45 9.31
N ALA J 11 -8.56 25.16 9.62
CA ALA J 11 -7.40 24.58 10.29
C ALA J 11 -6.58 23.72 9.33
N ILE J 12 -7.25 22.81 8.61
CA ILE J 12 -6.59 21.89 7.70
C ILE J 12 -6.56 22.45 6.29
N TYR J 13 -5.36 22.50 5.69
CA TYR J 13 -5.18 22.98 4.32
C TYR J 13 -4.83 21.81 3.40
N ASP J 14 -5.85 21.06 2.99
CA ASP J 14 -5.66 19.85 2.21
C ASP J 14 -5.73 20.10 0.70
N PHE J 15 -4.88 19.40 -0.04
CA PHE J 15 -4.96 19.38 -1.52
C PHE J 15 -5.16 17.95 -2.06
N PHE J 16 -6.04 17.79 -3.04
CA PHE J 16 -6.31 16.48 -3.67
C PHE J 16 -5.94 16.63 -5.15
N SER J 17 -5.06 15.76 -5.64
CA SER J 17 -4.53 15.91 -7.02
C SER J 17 -5.46 15.35 -8.08
N THR J 18 -5.33 15.87 -9.31
CA THR J 18 -6.15 15.43 -10.43
C THR J 18 -6.01 13.92 -10.66
N PRO J 19 -7.13 13.19 -10.78
CA PRO J 19 -7.00 11.78 -11.13
C PRO J 19 -6.59 11.65 -12.59
N PHE J 20 -5.73 10.68 -12.86
CA PHE J 20 -5.37 10.38 -14.24
C PHE J 20 -5.24 8.89 -14.46
N GLY J 21 -4.95 8.49 -15.70
CA GLY J 21 -4.87 7.07 -16.04
C GLY J 21 -3.48 6.55 -16.33
N ASN J 22 -3.45 5.56 -17.24
CA ASN J 22 -2.24 4.89 -17.77
C ASN J 22 -1.09 5.70 -18.31
N ARG J 23 -1.38 6.89 -18.80
CA ARG J 23 -0.38 7.67 -19.49
C ARG J 23 0.03 8.90 -18.69
N GLY J 24 -0.16 8.84 -17.37
CA GLY J 24 0.17 9.96 -16.50
C GLY J 24 -0.84 11.11 -16.54
N LEU J 25 -0.43 12.25 -16.00
CA LEU J 25 -1.27 13.42 -15.97
C LEU J 25 -1.38 14.04 -17.38
N ALA J 26 -2.62 14.21 -17.81
CA ALA J 26 -2.92 14.52 -19.20
C ALA J 26 -2.65 15.96 -19.48
N THR J 27 -1.42 16.38 -19.26
CA THR J 27 -1.01 17.76 -19.59
C THR J 27 0.41 17.78 -20.15
N ASN J 28 0.88 18.95 -20.51
CA ASN J 28 2.24 19.05 -21.00
C ASN J 28 2.73 20.50 -20.92
N ARG J 29 4.01 20.72 -21.25
CA ARG J 29 4.64 22.00 -21.07
C ARG J 29 3.89 23.12 -21.76
N THR J 30 3.46 22.87 -22.98
CA THR J 30 2.74 23.86 -23.78
C THR J 30 1.49 24.34 -23.07
N GLN J 31 0.67 23.41 -22.58
CA GLN J 31 -0.60 23.75 -21.96
C GLN J 31 -0.39 24.48 -20.64
N LEU J 32 0.60 24.05 -19.85
CA LEU J 32 0.79 24.62 -18.52
C LEU J 32 1.29 26.03 -18.65
N SER J 33 2.17 26.28 -19.61
CA SER J 33 2.73 27.60 -19.85
C SER J 33 1.66 28.61 -20.26
N SER J 34 0.57 28.12 -20.88
CA SER J 34 -0.50 28.99 -21.37
C SER J 34 -1.41 29.42 -20.20
N LEU J 35 -1.22 28.79 -19.04
CA LEU J 35 -1.99 29.16 -17.85
C LEU J 35 -1.32 30.23 -17.01
N LEU J 36 -0.12 30.65 -17.39
CA LEU J 36 0.65 31.61 -16.61
C LEU J 36 0.36 33.05 -17.02
N SER J 37 0.38 33.95 -16.02
CA SER J 37 0.22 35.39 -16.28
C SER J 37 1.46 35.85 -17.00
N SER J 38 1.45 37.11 -17.47
CA SER J 38 2.56 37.72 -18.20
C SER J 38 3.84 37.78 -17.34
N SER J 39 3.66 37.89 -16.03
CA SER J 39 4.75 37.87 -15.06
C SER J 39 4.98 36.46 -14.46
N ASN J 40 4.41 35.43 -15.10
CA ASN J 40 4.74 34.00 -14.83
C ASN J 40 3.97 33.33 -13.67
N SER J 41 3.11 34.09 -13.00
CA SER J 41 2.37 33.57 -11.85
C SER J 41 1.26 32.59 -12.24
N PRO J 42 1.18 31.44 -11.56
CA PRO J 42 -0.03 30.58 -11.71
C PRO J 42 -1.16 30.96 -10.73
N TRP J 43 -0.94 32.00 -9.93
CA TRP J 43 -1.80 32.38 -8.79
C TRP J 43 -2.68 33.57 -9.12
N GLN J 44 -2.08 34.53 -9.82
CA GLN J 44 -2.70 35.76 -10.27
C GLN J 44 -4.01 35.44 -11.01
N ILE J 58 -15.82 35.69 -25.29
CA ILE J 58 -15.15 34.45 -24.86
C ILE J 58 -13.65 34.42 -25.27
N VAL J 59 -12.76 34.67 -24.30
CA VAL J 59 -11.30 34.56 -24.55
C VAL J 59 -10.90 33.06 -24.69
N SER J 60 -11.80 32.31 -25.34
CA SER J 60 -11.63 30.91 -25.65
C SER J 60 -10.56 30.67 -26.72
N THR J 61 -10.16 29.40 -26.85
CA THR J 61 -8.93 29.04 -27.49
C THR J 61 -9.04 27.57 -27.99
N PRO J 62 -8.40 27.21 -29.11
CA PRO J 62 -8.44 25.77 -29.46
C PRO J 62 -7.99 24.82 -28.33
N GLU J 63 -6.98 25.23 -27.57
CA GLU J 63 -6.42 24.41 -26.48
C GLU J 63 -7.22 24.50 -25.16
N ALA J 64 -8.04 25.55 -25.02
CA ALA J 64 -9.02 25.71 -23.93
C ALA J 64 -10.33 26.22 -24.56
N PRO J 65 -11.05 25.33 -25.26
CA PRO J 65 -12.15 25.85 -26.06
C PRO J 65 -13.41 26.30 -25.28
N TYR J 66 -13.52 25.93 -24.00
CA TYR J 66 -14.70 26.20 -23.17
C TYR J 66 -14.32 26.81 -21.85
N PRO J 67 -15.22 27.64 -21.26
CA PRO J 67 -15.00 28.27 -19.96
C PRO J 67 -14.45 27.30 -18.93
N GLY J 68 -14.99 26.08 -18.88
CA GLY J 68 -14.61 25.07 -17.90
C GLY J 68 -13.30 24.36 -18.16
N SER J 69 -12.76 24.54 -19.35
CA SER J 69 -11.43 23.99 -19.70
C SER J 69 -10.35 24.49 -18.75
N LEU J 70 -10.35 25.80 -18.49
CA LEU J 70 -9.32 26.43 -17.64
C LEU J 70 -9.33 25.95 -16.17
N MET J 71 -10.50 25.90 -15.55
CA MET J 71 -10.71 25.16 -14.28
C MET J 71 -10.02 23.76 -14.20
N TYR J 72 -10.26 22.89 -15.18
CA TYR J 72 -9.59 21.58 -15.23
C TYR J 72 -8.07 21.64 -15.53
N GLN J 73 -7.69 22.49 -16.46
CA GLN J 73 -6.29 22.61 -16.84
C GLN J 73 -5.45 23.16 -15.71
N GLU J 74 -6.04 24.07 -14.91
CA GLU J 74 -5.38 24.64 -13.73
C GLU J 74 -5.31 23.66 -12.58
N SER J 75 -6.27 22.74 -12.52
CA SER J 75 -6.22 21.64 -11.58
C SER J 75 -5.01 20.75 -11.88
N MET J 76 -4.69 20.58 -13.16
CA MET J 76 -3.49 19.85 -13.54
C MET J 76 -2.19 20.66 -13.25
N LEU J 77 -2.22 21.97 -13.52
CA LEU J 77 -1.11 22.84 -13.11
C LEU J 77 -0.80 22.68 -11.62
N HIS J 78 -1.81 22.79 -10.77
CA HIS J 78 -1.62 22.62 -9.32
C HIS J 78 -1.13 21.23 -8.96
N SER J 79 -1.71 20.20 -9.59
CA SER J 79 -1.36 18.81 -9.28
C SER J 79 0.08 18.48 -9.65
N ALA J 80 0.62 19.21 -10.63
CA ALA J 80 1.95 18.99 -11.15
C ALA J 80 3.03 19.74 -10.37
N THR J 81 2.72 20.93 -9.92
CA THR J 81 3.73 21.89 -9.48
C THR J 81 3.83 22.06 -7.95
N VAL J 82 2.77 21.68 -7.23
CA VAL J 82 2.72 21.96 -5.80
C VAL J 82 3.09 20.76 -4.94
N PRO J 83 2.42 19.62 -5.12
CA PRO J 83 2.72 18.54 -4.17
C PRO J 83 4.18 18.08 -4.13
N GLY J 84 4.90 18.26 -5.25
CA GLY J 84 6.27 17.76 -5.36
C GLY J 84 7.29 18.59 -4.62
N VAL J 85 6.84 19.72 -4.12
CA VAL J 85 7.72 20.73 -3.60
C VAL J 85 7.55 20.89 -2.06
N LEU J 86 6.65 20.11 -1.48
CA LEU J 86 6.27 20.26 -0.07
C LEU J 86 7.28 19.64 0.90
N GLY J 87 8.04 18.68 0.45
CA GLY J 87 9.07 18.06 1.28
C GLY J 87 10.09 18.97 1.99
N SER J 88 10.15 20.25 1.65
CA SER J 88 11.10 21.12 2.35
C SER J 88 11.45 22.46 1.76
N ARG J 89 12.25 23.20 2.51
CA ARG J 89 12.56 24.60 2.26
C ARG J 89 13.36 24.88 0.98
N ASP J 90 14.08 23.87 0.47
CA ASP J 90 14.94 24.07 -0.72
C ASP J 90 14.55 23.21 -1.95
N ALA J 91 13.45 22.48 -1.85
CA ALA J 91 12.93 21.64 -2.96
C ALA J 91 12.77 22.45 -4.25
N TRP J 92 12.35 23.70 -4.12
CA TRP J 92 12.08 24.59 -5.25
C TRP J 92 13.30 24.88 -6.12
N ARG J 93 14.50 24.73 -5.56
CA ARG J 93 15.75 25.08 -6.24
C ARG J 93 15.96 24.30 -7.56
N THR J 94 15.86 22.97 -7.46
CA THR J 94 16.09 22.06 -8.59
C THR J 94 14.84 21.28 -9.05
N PHE J 95 13.71 21.47 -8.36
CA PHE J 95 12.45 20.82 -8.75
C PHE J 95 12.07 21.21 -10.18
N ASN J 96 11.68 20.21 -10.96
CA ASN J 96 11.21 20.51 -12.30
C ASN J 96 10.16 19.51 -12.67
N VAL J 97 9.16 19.99 -13.41
CA VAL J 97 8.07 19.15 -13.85
C VAL J 97 7.58 19.75 -15.15
N PHE J 98 7.37 18.90 -16.16
CA PHE J 98 6.90 19.34 -17.50
C PHE J 98 7.73 20.49 -18.12
N GLY J 99 9.03 20.49 -17.82
CA GLY J 99 9.94 21.47 -18.38
C GLY J 99 9.90 22.78 -17.65
N LEU J 100 9.32 22.76 -16.44
CA LEU J 100 9.06 23.97 -15.66
C LEU J 100 9.62 23.86 -14.24
N SER J 101 10.04 25.01 -13.73
CA SER J 101 10.57 25.16 -12.37
C SER J 101 9.99 26.42 -11.72
N TRP J 102 9.99 26.47 -10.38
CA TRP J 102 9.64 27.68 -9.62
C TRP J 102 10.80 28.72 -9.53
N THR J 103 10.47 30.01 -9.52
CA THR J 103 11.50 31.06 -9.45
C THR J 103 12.05 31.28 -8.03
N ASP J 104 11.34 30.79 -7.01
CA ASP J 104 11.67 31.05 -5.60
C ASP J 104 10.86 30.20 -4.62
N GLU J 105 11.26 30.28 -3.35
CA GLU J 105 10.66 29.53 -2.26
C GLU J 105 9.21 29.91 -2.04
N GLY J 106 8.90 31.16 -2.35
CA GLY J 106 7.54 31.69 -2.22
C GLY J 106 6.58 31.19 -3.30
N LEU J 107 7.14 30.45 -4.27
CA LEU J 107 6.44 29.89 -5.44
C LEU J 107 5.76 30.97 -6.27
N SER J 108 6.50 32.03 -6.61
CA SER J 108 5.89 33.26 -7.16
C SER J 108 5.49 33.12 -8.63
N GLY J 109 6.31 32.37 -9.37
CA GLY J 109 6.21 32.27 -10.82
C GLY J 109 6.80 30.96 -11.27
N LEU J 110 6.30 30.45 -12.39
CA LEU J 110 6.87 29.26 -13.04
C LEU J 110 7.63 29.67 -14.32
N VAL J 111 8.82 29.10 -14.52
CA VAL J 111 9.72 29.42 -15.66
C VAL J 111 10.31 28.14 -16.24
N ALA J 112 10.96 28.23 -17.40
CA ALA J 112 11.53 27.05 -18.03
C ALA J 112 12.50 26.45 -17.05
N ALA J 113 12.41 25.14 -16.86
CA ALA J 113 13.44 24.42 -16.12
C ALA J 113 14.72 24.40 -16.94
N GLN J 114 15.86 24.45 -16.25
CA GLN J 114 17.11 24.11 -16.89
C GLN J 114 16.97 22.73 -17.56
N ASP J 115 17.40 22.66 -18.81
CA ASP J 115 17.26 21.48 -19.65
C ASP J 115 18.60 21.29 -20.37
N PRO J 116 19.27 20.14 -20.14
CA PRO J 116 18.75 18.98 -19.40
C PRO J 116 18.67 19.23 -17.88
N PRO J 117 17.65 18.68 -17.21
CA PRO J 117 17.45 18.93 -15.79
C PRO J 117 18.58 18.36 -14.95
N PRO J 118 19.28 19.22 -14.18
CA PRO J 118 20.24 18.69 -13.20
C PRO J 118 19.60 17.66 -12.24
N ALA J 119 18.37 17.92 -11.76
CA ALA J 119 17.60 16.94 -10.97
C ALA J 119 16.52 16.18 -11.79
N ALA J 120 16.27 14.91 -11.44
CA ALA J 120 15.26 14.10 -12.15
C ALA J 120 13.86 14.73 -12.08
N PRO J 121 13.16 14.82 -13.23
CA PRO J 121 11.83 15.51 -13.28
C PRO J 121 10.82 14.93 -12.28
N TYR J 122 10.03 15.79 -11.64
CA TYR J 122 8.92 15.31 -10.80
C TYR J 122 7.86 14.51 -11.60
N GLN J 123 7.29 13.52 -10.92
CA GLN J 123 6.35 12.57 -11.49
C GLN J 123 5.03 12.73 -10.70
N PRO J 124 4.07 13.51 -11.22
CA PRO J 124 2.84 13.75 -10.45
C PRO J 124 2.16 12.45 -10.04
N ALA J 125 1.42 12.48 -8.93
CA ALA J 125 0.64 11.32 -8.47
C ALA J 125 -0.87 11.50 -8.69
N SER J 126 -1.56 10.44 -9.08
CA SER J 126 -2.98 10.54 -9.42
C SER J 126 -3.84 10.46 -8.16
N ALA J 127 -4.70 11.48 -7.95
CA ALA J 127 -5.76 11.43 -6.93
C ALA J 127 -5.22 11.14 -5.53
N GLN J 128 -4.23 11.91 -5.10
CA GLN J 128 -3.65 11.76 -3.75
C GLN J 128 -3.78 13.07 -3.00
N TRP J 129 -3.89 12.94 -1.69
CA TRP J 129 -3.99 14.07 -0.78
C TRP J 129 -2.66 14.62 -0.34
N SER J 130 -2.61 15.93 -0.18
CA SER J 130 -1.44 16.61 0.36
C SER J 130 -1.87 17.56 1.45
N ASP J 131 -0.99 17.73 2.44
CA ASP J 131 -1.19 18.63 3.57
C ASP J 131 -0.25 19.76 3.29
N LEU J 132 -0.81 20.89 2.92
CA LEU J 132 -0.04 22.01 2.37
C LEU J 132 0.79 22.74 3.41
N LEU J 133 0.54 22.48 4.70
CA LEU J 133 1.32 23.11 5.74
C LEU J 133 2.70 22.46 5.94
N ASN J 134 2.90 21.26 5.36
CA ASN J 134 4.23 20.65 5.20
C ASN J 134 5.25 21.58 4.58
N TYR J 135 4.79 22.51 3.75
CA TYR J 135 5.68 23.55 3.20
C TYR J 135 6.00 24.60 4.27
N PRO J 136 7.23 24.55 4.85
CA PRO J 136 7.70 25.46 5.91
C PRO J 136 7.30 26.94 5.75
N ARG J 137 7.57 27.53 4.59
CA ARG J 137 7.12 28.89 4.28
C ARG J 137 5.62 29.13 4.57
N TRP J 138 4.77 28.15 4.28
CA TRP J 138 3.31 28.30 4.45
C TRP J 138 2.87 28.08 5.90
N ALA J 139 3.57 27.20 6.60
CA ALA J 139 3.41 27.08 8.05
C ALA J 139 3.91 28.35 8.77
N ASN J 140 5.03 28.92 8.31
CA ASN J 140 5.61 30.15 8.91
C ASN J 140 4.73 31.34 8.63
N ARG J 141 4.59 31.71 7.35
CA ARG J 141 3.67 32.78 6.97
C ARG J 141 2.38 32.26 6.31
N ARG J 142 1.36 32.17 7.15
CA ARG J 142 0.11 31.50 6.89
C ARG J 142 -0.73 32.27 5.85
N ARG J 143 -0.59 33.60 5.91
CA ARG J 143 -1.18 34.57 4.96
C ARG J 143 -0.84 34.29 3.49
N GLU J 144 0.38 33.82 3.25
CA GLU J 144 0.83 33.45 1.91
C GLU J 144 0.11 32.24 1.37
N LEU J 145 -0.22 31.28 2.23
CA LEU J 145 -1.04 30.13 1.82
C LEU J 145 -2.53 30.47 1.67
N GLN J 146 -3.07 31.28 2.60
CA GLN J 146 -4.49 31.71 2.55
C GLN J 146 -4.90 32.47 1.27
N SER J 147 -3.98 33.28 0.72
CA SER J 147 -4.30 33.98 -0.53
C SER J 147 -4.28 33.06 -1.77
N LYS J 148 -3.54 31.95 -1.69
CA LYS J 148 -3.46 30.95 -2.75
C LYS J 148 -4.52 29.87 -2.61
N TYR J 149 -4.99 29.64 -1.39
CA TYR J 149 -5.80 28.46 -1.09
C TYR J 149 -7.15 28.32 -1.82
N PRO J 150 -7.92 29.44 -1.99
CA PRO J 150 -9.14 29.32 -2.81
C PRO J 150 -8.88 28.67 -4.19
N LEU J 151 -7.78 29.07 -4.85
CA LEU J 151 -7.36 28.48 -6.13
C LEU J 151 -7.11 26.97 -6.03
N LEU J 152 -6.37 26.58 -5.01
CA LEU J 152 -5.99 25.19 -4.78
C LEU J 152 -7.12 24.34 -4.23
N LEU J 153 -8.01 24.95 -3.44
CA LEU J 153 -9.23 24.29 -3.03
C LEU J 153 -10.20 24.15 -4.22
N ARG J 154 -10.17 25.09 -5.15
CA ARG J 154 -11.03 24.92 -6.35
C ARG J 154 -10.65 23.68 -7.18
N SER J 155 -9.36 23.50 -7.44
CA SER J 155 -8.81 22.25 -8.01
C SER J 155 -9.13 20.99 -7.19
N THR J 156 -8.93 21.06 -5.88
CA THR J 156 -9.23 19.95 -4.99
C THR J 156 -10.70 19.49 -5.18
N LEU J 157 -11.60 20.47 -5.30
CA LEU J 157 -13.01 20.22 -5.30
C LEU J 157 -13.44 19.66 -6.64
N LEU J 158 -12.92 20.25 -7.71
CA LEU J 158 -13.15 19.69 -9.05
C LEU J 158 -12.66 18.25 -9.17
N SER J 159 -11.47 17.95 -8.64
CA SER J 159 -10.94 16.58 -8.66
C SER J 159 -11.69 15.58 -7.76
N ALA J 160 -12.27 16.06 -6.66
CA ALA J 160 -13.03 15.22 -5.74
C ALA J 160 -14.41 14.93 -6.30
N MET J 161 -14.96 15.87 -7.07
CA MET J 161 -16.26 15.69 -7.72
C MET J 161 -16.20 14.65 -8.87
N ARG J 162 -17.23 13.81 -8.94
CA ARG J 162 -17.35 12.81 -10.01
C ARG J 162 -17.62 13.47 -11.36
N ALA J 163 -18.28 14.62 -11.32
CA ALA J 163 -18.68 15.34 -12.54
C ALA J 163 -18.37 16.85 -12.49
N GLY J 164 -19.38 17.70 -12.66
CA GLY J 164 -19.20 19.13 -12.61
C GLY J 164 -18.91 19.70 -11.22
N PRO J 165 -18.43 20.95 -11.17
CA PRO J 165 -18.06 21.55 -9.88
C PRO J 165 -19.22 21.78 -8.91
N VAL J 166 -18.88 21.83 -7.63
CA VAL J 166 -19.85 21.88 -6.55
C VAL J 166 -20.11 23.32 -6.12
N LEU J 167 -21.36 23.59 -5.73
CA LEU J 167 -21.72 24.89 -5.12
C LEU J 167 -22.05 24.77 -3.62
N TYR J 168 -21.62 25.79 -2.87
CA TYR J 168 -21.97 25.98 -1.46
C TYR J 168 -23.27 26.80 -1.42
N VAL J 169 -24.37 26.17 -1.02
CA VAL J 169 -25.68 26.83 -1.08
C VAL J 169 -26.31 27.01 0.31
N GLU J 170 -26.33 28.26 0.76
CA GLU J 170 -26.83 28.57 2.09
C GLU J 170 -27.79 29.76 2.05
N THR J 171 -28.95 29.57 2.70
CA THR J 171 -29.90 30.67 3.00
C THR J 171 -30.24 30.73 4.50
N TRP J 172 -30.53 31.93 4.98
CA TRP J 172 -30.79 32.15 6.38
C TRP J 172 -31.80 33.29 6.57
N PRO J 173 -32.52 33.31 7.73
CA PRO J 173 -33.59 34.30 7.95
C PRO J 173 -33.02 35.67 7.86
N ASN J 174 -33.65 36.53 7.07
CA ASN J 174 -33.21 37.91 6.87
C ASN J 174 -31.87 38.04 6.15
N MET J 175 -31.58 37.10 5.26
CA MET J 175 -30.27 37.10 4.65
C MET J 175 -29.92 38.43 3.97
N ILE J 176 -30.77 38.94 3.07
CA ILE J 176 -30.45 40.21 2.44
C ILE J 176 -31.11 41.31 3.26
N SER J 177 -30.28 42.04 4.02
CA SER J 177 -30.72 43.20 4.83
C SER J 177 -29.54 44.04 5.34
N GLY J 178 -29.83 45.29 5.73
CA GLY J 178 -28.82 46.17 6.29
C GLY J 178 -27.80 46.49 5.25
N ARG J 179 -26.52 46.42 5.62
CA ARG J 179 -25.41 46.71 4.72
C ARG J 179 -25.43 45.84 3.46
N LEU J 180 -25.78 44.57 3.64
CA LEU J 180 -25.79 43.58 2.59
C LEU J 180 -26.86 43.88 1.51
N ALA J 181 -28.07 44.23 1.95
CA ALA J 181 -29.12 44.72 1.05
C ALA J 181 -28.67 45.96 0.27
N ASP J 182 -27.88 46.81 0.92
CA ASP J 182 -27.46 48.05 0.33
C ASP J 182 -26.43 47.75 -0.70
N TRP J 183 -25.62 46.73 -0.40
CA TRP J 183 -24.60 46.26 -1.32
C TRP J 183 -25.28 45.74 -2.58
N PHE J 184 -26.26 44.85 -2.38
CA PHE J 184 -27.08 44.34 -3.47
C PHE J 184 -27.68 45.44 -4.33
N MET J 185 -28.32 46.45 -3.70
CA MET J 185 -28.81 47.67 -4.38
C MET J 185 -27.79 48.34 -5.29
N SER J 186 -26.57 48.56 -4.79
CA SER J 186 -25.47 49.13 -5.62
C SER J 186 -25.18 48.33 -6.89
N GLN J 187 -25.61 47.06 -6.90
CA GLN J 187 -25.36 46.15 -8.04
C GLN J 187 -26.56 45.99 -8.99
N TYR J 188 -27.60 46.79 -8.78
CA TYR J 188 -28.83 46.72 -9.59
C TYR J 188 -28.52 46.84 -11.08
N GLY J 189 -29.06 45.92 -11.87
CA GLY J 189 -28.85 45.92 -13.32
C GLY J 189 -27.58 45.24 -13.81
N ASN J 190 -26.61 45.01 -12.90
CA ASN J 190 -25.38 44.29 -13.21
C ASN J 190 -25.59 42.82 -13.54
N ASN J 191 -24.61 42.24 -14.23
CA ASN J 191 -24.67 40.83 -14.60
C ASN J 191 -24.01 39.98 -13.51
N PHE J 192 -24.51 38.77 -13.30
CA PHE J 192 -24.04 37.86 -12.23
C PHE J 192 -22.52 37.59 -12.28
N VAL J 193 -22.02 37.17 -13.44
CA VAL J 193 -20.59 36.91 -13.67
C VAL J 193 -19.69 38.12 -13.35
N ASP J 194 -20.12 39.30 -13.79
CA ASP J 194 -19.47 40.55 -13.44
C ASP J 194 -19.50 40.84 -11.94
N MET J 195 -20.57 40.45 -11.24
CA MET J 195 -20.64 40.68 -9.81
C MET J 195 -19.63 39.81 -9.09
N CYS J 196 -19.60 38.52 -9.47
CA CYS J 196 -18.66 37.53 -8.92
C CYS J 196 -17.19 37.92 -9.12
N ALA J 197 -16.89 38.54 -10.25
CA ALA J 197 -15.53 39.00 -10.57
C ALA J 197 -15.06 40.11 -9.63
N ARG J 198 -15.92 41.07 -9.32
CA ARG J 198 -15.60 42.10 -8.31
C ARG J 198 -15.31 41.48 -6.94
N LEU J 199 -16.20 40.61 -6.46
CA LEU J 199 -16.02 39.94 -5.18
C LEU J 199 -14.73 39.12 -5.02
N THR J 200 -14.14 38.64 -6.12
CA THR J 200 -12.83 37.98 -6.07
C THR J 200 -11.71 39.01 -5.96
N GLN J 201 -11.84 40.08 -6.76
CA GLN J 201 -10.92 41.22 -6.75
C GLN J 201 -11.12 42.16 -5.53
N SER J 202 -12.24 42.02 -4.83
CA SER J 202 -12.41 42.69 -3.53
C SER J 202 -11.60 41.91 -2.51
N CYS J 203 -11.91 40.62 -2.40
CA CYS J 203 -11.17 39.69 -1.55
C CYS J 203 -9.75 39.43 -2.11
N SER J 204 -9.20 40.43 -2.81
CA SER J 204 -7.93 40.28 -3.58
C SER J 204 -6.68 40.13 -2.70
N ASN J 205 -6.58 40.94 -1.64
CA ASN J 205 -5.58 40.69 -0.60
C ASN J 205 -5.81 39.32 0.08
N MET J 206 -6.59 39.34 1.17
CA MET J 206 -7.20 38.14 1.79
C MET J 206 -7.17 38.18 3.34
N PRO J 207 -7.77 39.23 3.94
CA PRO J 207 -8.42 39.00 5.21
C PRO J 207 -9.89 38.68 4.91
N VAL J 208 -10.22 37.38 4.88
CA VAL J 208 -11.60 36.93 4.65
C VAL J 208 -12.06 36.14 5.87
N GLU J 209 -12.92 36.76 6.67
CA GLU J 209 -13.40 36.17 7.92
C GLU J 209 -14.74 35.48 7.69
N PRO J 210 -14.90 34.26 8.27
CA PRO J 210 -16.22 33.61 8.23
C PRO J 210 -17.30 34.54 8.79
N ASP J 211 -18.49 34.50 8.17
CA ASP J 211 -19.48 35.61 8.15
C ASP J 211 -19.03 37.04 8.46
N GLY J 212 -17.90 37.43 7.88
CA GLY J 212 -17.53 38.85 7.79
C GLY J 212 -18.33 39.45 6.65
N ASN J 213 -17.83 40.54 6.09
CA ASN J 213 -18.59 41.20 5.02
C ASN J 213 -18.59 40.47 3.69
N TYR J 214 -17.43 40.40 3.05
CA TYR J 214 -17.29 39.74 1.73
C TYR J 214 -17.89 38.34 1.73
N ASP J 215 -17.77 37.65 2.86
CA ASP J 215 -18.17 36.27 2.97
C ASP J 215 -19.68 36.08 2.91
N GLN J 216 -20.41 36.98 3.53
CA GLN J 216 -21.87 36.96 3.50
C GLN J 216 -22.37 37.39 2.13
N GLN J 217 -21.67 38.33 1.52
CA GLN J 217 -21.96 38.80 0.17
C GLN J 217 -21.92 37.65 -0.85
N MET J 218 -20.89 36.82 -0.74
CA MET J 218 -20.69 35.72 -1.63
C MET J 218 -21.69 34.62 -1.37
N ARG J 219 -21.93 34.30 -0.11
CA ARG J 219 -22.91 33.25 0.18
C ARG J 219 -24.33 33.63 -0.26
N ALA J 220 -24.70 34.90 -0.10
CA ALA J 220 -26.05 35.33 -0.47
C ALA J 220 -26.20 35.31 -1.99
N LEU J 221 -25.21 35.93 -2.65
CA LEU J 221 -25.08 35.98 -4.14
C LEU J 221 -25.21 34.63 -4.84
N ILE J 222 -24.48 33.62 -4.38
CA ILE J 222 -24.59 32.25 -4.92
C ILE J 222 -26.04 31.74 -4.81
N SER J 223 -26.59 31.86 -3.61
CA SER J 223 -27.90 31.32 -3.26
C SER J 223 -29.01 32.04 -4.04
N LEU J 224 -28.92 33.36 -4.06
CA LEU J 224 -29.90 34.19 -4.76
C LEU J 224 -29.88 33.89 -6.26
N TRP J 225 -28.69 33.76 -6.84
CA TRP J 225 -28.58 33.28 -8.22
C TRP J 225 -29.09 31.83 -8.44
N LEU J 226 -28.69 30.86 -7.62
CA LEU J 226 -29.09 29.47 -7.88
C LEU J 226 -30.61 29.33 -7.80
N LEU J 227 -31.21 30.03 -6.84
CA LEU J 227 -32.66 29.99 -6.67
C LEU J 227 -33.40 30.61 -7.87
N SER J 228 -32.86 31.70 -8.40
CA SER J 228 -33.28 32.27 -9.68
C SER J 228 -33.10 31.36 -10.91
N TYR J 229 -31.90 30.80 -11.01
CA TYR J 229 -31.51 29.75 -11.98
C TYR J 229 -32.49 28.60 -12.00
N ILE J 230 -32.95 28.14 -10.84
CA ILE J 230 -33.94 27.04 -10.82
C ILE J 230 -35.40 27.50 -11.01
N GLY J 231 -35.63 28.81 -10.92
CA GLY J 231 -36.95 29.40 -11.22
C GLY J 231 -37.83 29.65 -10.01
N VAL J 232 -37.47 29.11 -8.84
CA VAL J 232 -38.27 29.30 -7.62
C VAL J 232 -38.20 30.75 -7.06
N VAL J 233 -37.14 31.48 -7.40
CA VAL J 233 -37.02 32.91 -7.12
C VAL J 233 -37.07 33.67 -8.45
N ASN J 234 -37.97 34.65 -8.52
CA ASN J 234 -38.29 35.30 -9.80
C ASN J 234 -38.94 36.68 -9.56
N GLN J 235 -39.49 37.29 -10.62
CA GLN J 235 -40.07 38.64 -10.50
C GLN J 235 -41.14 38.69 -9.42
N THR J 236 -41.82 37.57 -9.25
CA THR J 236 -42.98 37.44 -8.40
C THR J 236 -42.66 36.77 -7.06
N ASN J 237 -41.40 36.40 -6.82
CA ASN J 237 -41.07 35.64 -5.61
C ASN J 237 -39.64 35.95 -5.22
N THR J 238 -39.43 37.16 -4.72
CA THR J 238 -38.10 37.71 -4.52
C THR J 238 -37.52 37.39 -3.13
N ILE J 239 -36.24 37.73 -2.96
CA ILE J 239 -35.59 37.76 -1.65
C ILE J 239 -35.24 39.21 -1.36
N SER J 240 -36.01 39.78 -0.42
CA SER J 240 -35.89 41.20 -0.04
C SER J 240 -35.96 42.13 -1.24
N GLY J 241 -36.68 41.71 -2.27
CA GLY J 241 -36.85 42.51 -3.50
C GLY J 241 -35.95 42.15 -4.68
N PHE J 242 -34.89 41.39 -4.39
CA PHE J 242 -33.91 41.05 -5.42
C PHE J 242 -34.20 39.71 -6.01
N TYR J 243 -33.89 39.61 -7.30
CA TYR J 243 -33.87 38.37 -8.05
C TYR J 243 -32.98 38.60 -9.27
N PHE J 244 -32.53 37.49 -9.88
CA PHE J 244 -31.79 37.52 -11.14
C PHE J 244 -32.73 37.19 -12.31
N SER J 245 -32.60 37.94 -13.41
CA SER J 245 -33.39 37.62 -14.61
C SER J 245 -32.52 37.32 -15.84
N SER J 246 -33.01 36.41 -16.69
CA SER J 246 -32.41 36.12 -17.97
C SER J 246 -33.50 36.11 -19.06
N LYS J 247 -33.32 36.91 -20.10
CA LYS J 247 -34.16 36.87 -21.31
C LYS J 247 -34.37 35.46 -21.86
N THR J 248 -33.28 34.68 -21.96
CA THR J 248 -33.34 33.27 -22.41
C THR J 248 -33.02 32.25 -21.28
N ARG J 249 -33.42 31.00 -21.49
CA ARG J 249 -33.09 29.95 -20.53
C ARG J 249 -32.72 28.66 -21.26
N GLY J 250 -31.56 28.11 -20.91
CA GLY J 250 -31.11 26.84 -21.44
C GLY J 250 -30.29 26.95 -22.70
N GLN J 251 -29.97 28.18 -23.12
CA GLN J 251 -29.35 28.39 -24.39
C GLN J 251 -28.11 29.26 -24.37
N ALA J 252 -27.48 29.38 -25.54
CA ALA J 252 -26.29 30.19 -25.76
C ALA J 252 -26.39 31.57 -25.13
N LEU J 253 -27.53 32.20 -25.32
CA LEU J 253 -27.70 33.61 -24.94
C LEU J 253 -27.86 33.90 -23.43
N ASP J 254 -28.14 32.87 -22.61
CA ASP J 254 -28.38 33.08 -21.15
C ASP J 254 -27.43 34.12 -20.54
N SER J 255 -27.99 35.00 -19.72
CA SER J 255 -27.23 36.05 -19.07
C SER J 255 -28.10 36.64 -17.96
N TRP J 256 -27.67 36.46 -16.72
CA TRP J 256 -28.49 36.72 -15.53
C TRP J 256 -28.17 38.09 -14.93
N THR J 257 -29.16 38.96 -14.93
CA THR J 257 -29.03 40.33 -14.42
C THR J 257 -29.75 40.50 -13.06
N LEU J 258 -29.15 41.27 -12.16
CA LEU J 258 -29.80 41.59 -10.88
C LEU J 258 -30.86 42.67 -11.06
N PHE J 259 -32.11 42.32 -10.79
CA PHE J 259 -33.18 43.32 -10.72
C PHE J 259 -33.72 43.45 -9.32
N TYR J 260 -34.54 44.48 -9.12
CA TYR J 260 -35.10 44.78 -7.80
C TYR J 260 -36.59 45.11 -7.86
N THR J 261 -37.37 44.47 -7.01
CA THR J 261 -38.79 44.79 -6.86
C THR J 261 -39.22 45.40 -5.49
N THR J 262 -40.03 46.46 -5.58
CA THR J 262 -40.75 47.10 -4.48
C THR J 262 -42.06 46.37 -4.09
N ASN J 263 -42.73 45.74 -5.06
CA ASN J 263 -44.17 45.42 -4.94
C ASN J 263 -44.63 43.96 -5.15
N THR J 264 -43.72 42.99 -5.09
CA THR J 264 -44.06 41.59 -5.39
C THR J 264 -43.78 40.73 -4.16
N ASN J 265 -44.20 39.45 -4.16
CA ASN J 265 -44.07 38.60 -2.98
C ASN J 265 -42.62 38.44 -2.54
N ARG J 266 -42.36 38.66 -1.25
CA ARG J 266 -41.05 38.44 -0.65
C ARG J 266 -41.09 37.21 0.24
N VAL J 267 -40.18 36.26 -0.02
CA VAL J 267 -40.14 35.04 0.81
C VAL J 267 -39.76 35.42 2.24
N GLN J 268 -40.24 34.64 3.19
CA GLN J 268 -39.82 34.75 4.57
C GLN J 268 -39.02 33.49 4.82
N ILE J 269 -37.73 33.66 5.03
CA ILE J 269 -36.92 32.52 5.42
C ILE J 269 -36.94 32.43 6.96
N THR J 270 -37.33 31.27 7.48
CA THR J 270 -37.60 31.14 8.91
C THR J 270 -36.56 30.28 9.64
N GLN J 271 -35.81 29.46 8.90
CA GLN J 271 -34.64 28.77 9.43
C GLN J 271 -33.44 28.82 8.48
N ARG J 272 -32.30 28.31 8.95
CA ARG J 272 -31.10 28.16 8.12
C ARG J 272 -31.27 26.96 7.21
N HIS J 273 -30.86 27.13 5.94
CA HIS J 273 -30.87 26.03 4.96
C HIS J 273 -29.48 25.84 4.38
N PHE J 274 -29.07 24.60 4.20
CA PHE J 274 -27.77 24.35 3.57
C PHE J 274 -27.75 23.15 2.62
N ALA J 275 -27.12 23.32 1.46
CA ALA J 275 -26.84 22.21 0.55
C ALA J 275 -25.55 22.41 -0.25
N TYR J 276 -24.95 21.28 -0.61
CA TYR J 276 -23.94 21.20 -1.66
C TYR J 276 -24.63 20.75 -2.95
N VAL J 277 -24.38 21.48 -4.02
CA VAL J 277 -25.00 21.17 -5.32
C VAL J 277 -23.92 21.19 -6.40
N CYS J 278 -23.84 20.13 -7.17
CA CYS J 278 -22.93 20.09 -8.30
C CYS J 278 -23.67 19.96 -9.63
N ALA J 279 -23.03 20.40 -10.71
CA ALA J 279 -23.52 20.16 -12.06
C ALA J 279 -23.25 18.71 -12.40
N ARG J 280 -24.31 17.93 -12.67
CA ARG J 280 -24.20 16.54 -13.14
C ARG J 280 -23.71 16.40 -14.58
N SER J 281 -24.18 17.28 -15.45
CA SER J 281 -24.02 17.07 -16.87
C SER J 281 -22.85 17.90 -17.40
N PRO J 282 -22.20 17.44 -18.50
CA PRO J 282 -21.01 18.10 -19.06
C PRO J 282 -21.19 19.48 -19.66
N ASP J 283 -22.40 19.86 -20.02
CA ASP J 283 -22.72 21.26 -20.38
C ASP J 283 -22.29 22.28 -19.34
N TRP J 284 -21.86 21.82 -18.16
CA TRP J 284 -21.30 22.76 -17.14
C TRP J 284 -20.13 23.53 -17.73
N ASN J 285 -19.40 22.87 -18.62
CA ASN J 285 -18.24 23.43 -19.33
C ASN J 285 -18.55 24.73 -20.04
N VAL J 286 -19.80 24.90 -20.45
CA VAL J 286 -20.24 26.12 -21.16
C VAL J 286 -21.01 27.12 -20.23
N ASP J 287 -21.41 26.64 -19.06
CA ASP J 287 -22.21 27.45 -18.12
C ASP J 287 -21.32 28.36 -17.28
N LYS J 288 -21.16 29.59 -17.73
CA LYS J 288 -20.22 30.48 -17.07
C LYS J 288 -20.79 31.15 -15.79
N SER J 289 -22.08 30.98 -15.58
CA SER J 289 -22.71 31.38 -14.36
C SER J 289 -22.56 30.28 -13.30
N TRP J 290 -22.60 29.03 -13.71
CA TRP J 290 -22.32 27.94 -12.77
C TRP J 290 -20.86 28.00 -12.35
N ILE J 291 -19.99 28.31 -13.31
CA ILE J 291 -18.56 28.30 -13.07
C ILE J 291 -18.16 29.44 -12.14
N ALA J 292 -18.63 30.65 -12.42
CA ALA J 292 -18.40 31.82 -11.53
C ALA J 292 -18.86 31.57 -10.09
N ALA J 293 -20.01 30.92 -9.91
CA ALA J 293 -20.53 30.56 -8.61
C ALA J 293 -19.66 29.51 -7.88
N ALA J 294 -19.12 28.56 -8.66
CA ALA J 294 -18.24 27.50 -8.15
C ALA J 294 -16.88 28.05 -7.75
N ASN J 295 -16.50 29.15 -8.39
CA ASN J 295 -15.36 30.00 -8.03
C ASN J 295 -15.55 30.78 -6.70
N LEU J 296 -16.70 31.42 -6.51
CA LEU J 296 -17.05 32.03 -5.21
C LEU J 296 -17.13 30.99 -4.11
N THR J 297 -17.74 29.85 -4.42
CA THR J 297 -17.78 28.68 -3.53
C THR J 297 -16.40 28.34 -2.96
N ALA J 298 -15.37 28.38 -3.79
CA ALA J 298 -14.06 27.92 -3.35
C ALA J 298 -13.41 28.93 -2.38
N ILE J 299 -13.67 30.20 -2.62
CA ILE J 299 -13.30 31.29 -1.70
C ILE J 299 -14.07 31.19 -0.35
N VAL J 300 -15.39 31.04 -0.43
CA VAL J 300 -16.25 30.83 0.75
C VAL J 300 -15.80 29.61 1.60
N MET J 301 -15.58 28.47 0.95
CA MET J 301 -15.13 27.25 1.61
C MET J 301 -13.69 27.32 2.15
N ALA J 302 -12.85 28.15 1.52
CA ALA J 302 -11.43 28.30 1.90
C ALA J 302 -11.27 28.95 3.26
N CYS J 303 -12.06 29.99 3.51
CA CYS J 303 -11.89 30.80 4.70
C CYS J 303 -12.54 30.17 5.96
N ARG J 304 -13.20 29.04 5.79
CA ARG J 304 -13.84 28.36 6.89
C ARG J 304 -13.52 26.87 6.91
N GLN J 305 -14.04 26.17 7.91
CA GLN J 305 -13.92 24.73 7.97
C GLN J 305 -15.31 24.18 7.59
N PRO J 306 -15.57 24.01 6.27
CA PRO J 306 -16.93 23.84 5.78
C PRO J 306 -17.55 22.50 6.17
N PRO J 307 -18.89 22.36 6.01
CA PRO J 307 -19.46 21.05 6.29
C PRO J 307 -18.74 19.96 5.52
N VAL J 308 -18.54 18.82 6.17
CA VAL J 308 -17.82 17.71 5.57
C VAL J 308 -18.74 17.12 4.48
N PHE J 309 -18.19 16.82 3.30
CA PHE J 309 -18.91 16.05 2.24
C PHE J 309 -19.28 14.63 2.72
N ALA J 310 -20.36 14.09 2.12
CA ALA J 310 -20.70 12.67 2.23
C ALA J 310 -19.75 11.88 1.33
N ASN J 311 -19.37 10.67 1.78
CA ASN J 311 -18.51 9.79 0.99
C ASN J 311 -19.08 9.52 -0.40
N GLN J 312 -20.38 9.22 -0.47
CA GLN J 312 -21.08 8.97 -1.74
C GLN J 312 -21.05 10.19 -2.66
N GLY J 313 -20.77 11.36 -2.10
CA GLY J 313 -20.71 12.60 -2.88
C GLY J 313 -19.38 12.91 -3.56
N VAL J 314 -18.34 12.14 -3.25
CA VAL J 314 -17.04 12.37 -3.88
C VAL J 314 -16.52 11.08 -4.51
N ILE J 315 -15.59 11.17 -5.45
CA ILE J 315 -14.96 9.95 -6.02
C ILE J 315 -14.25 9.09 -4.96
N ASN J 316 -14.03 7.81 -5.29
CA ASN J 316 -13.52 6.83 -4.33
C ASN J 316 -12.25 7.28 -3.61
N GLN J 317 -11.27 7.77 -4.36
CA GLN J 317 -10.00 8.14 -3.76
C GLN J 317 -10.05 9.43 -2.93
N ALA J 318 -11.12 10.20 -3.10
CA ALA J 318 -11.36 11.42 -2.30
C ALA J 318 -12.13 11.13 -1.00
N GLN J 319 -12.51 9.87 -0.78
CA GLN J 319 -13.30 9.47 0.41
C GLN J 319 -12.49 9.33 1.72
N ASN J 320 -13.21 9.31 2.84
CA ASN J 320 -12.64 9.21 4.20
C ASN J 320 -11.42 10.10 4.48
N ARG J 321 -11.51 11.37 4.06
CA ARG J 321 -10.51 12.38 4.36
C ARG J 321 -11.07 13.30 5.47
N PRO J 322 -10.52 13.21 6.70
CA PRO J 322 -11.09 13.98 7.80
C PRO J 322 -11.07 15.48 7.54
N GLY J 323 -12.18 16.15 7.84
CA GLY J 323 -12.34 17.58 7.58
C GLY J 323 -12.88 17.84 6.17
N PHE J 324 -13.08 16.77 5.41
CA PHE J 324 -13.42 16.88 4.00
C PHE J 324 -14.53 15.90 3.62
N SER J 325 -14.28 14.61 3.79
CA SER J 325 -15.25 13.56 3.51
C SER J 325 -15.32 12.50 4.62
N MET J 326 -16.50 11.93 4.81
CA MET J 326 -16.70 10.92 5.85
C MET J 326 -18.07 10.30 5.67
N ASN J 327 -18.34 9.25 6.44
CA ASN J 327 -19.64 8.63 6.42
C ASN J 327 -20.69 9.42 7.16
N GLY J 328 -21.81 9.67 6.49
CA GLY J 328 -22.84 10.50 7.04
C GLY J 328 -22.48 11.97 6.96
N GLY J 329 -21.65 12.33 5.98
CA GLY J 329 -21.45 13.73 5.62
C GLY J 329 -22.69 14.31 4.97
N THR J 330 -22.64 15.62 4.71
CA THR J 330 -23.69 16.33 3.99
C THR J 330 -23.70 15.81 2.55
N PRO J 331 -24.86 15.25 2.10
CA PRO J 331 -24.95 14.82 0.71
C PRO J 331 -24.57 15.91 -0.31
N VAL J 332 -24.16 15.46 -1.50
CA VAL J 332 -23.94 16.35 -2.63
C VAL J 332 -25.10 16.13 -3.61
N HIS J 333 -25.89 17.19 -3.81
CA HIS J 333 -27.00 17.12 -4.74
C HIS J 333 -26.49 17.47 -6.14
N GLU J 334 -27.20 16.97 -7.14
CA GLU J 334 -26.78 17.11 -8.53
C GLU J 334 -27.85 17.71 -9.42
N LEU J 335 -27.42 18.55 -10.35
CA LEU J 335 -28.32 19.12 -11.32
C LEU J 335 -27.86 18.82 -12.74
N ASN J 336 -28.71 18.11 -13.47
CA ASN J 336 -28.56 18.08 -14.91
C ASN J 336 -28.99 19.46 -15.40
N LEU J 337 -28.15 20.10 -16.20
CA LEU J 337 -28.37 21.51 -16.54
C LEU J 337 -29.51 21.75 -17.53
N LEU J 338 -29.81 20.76 -18.38
CA LEU J 338 -30.94 20.88 -19.31
C LEU J 338 -32.22 20.58 -18.58
N THR J 339 -32.23 19.50 -17.78
CA THR J 339 -33.38 19.23 -16.94
C THR J 339 -33.74 20.46 -16.10
N THR J 340 -32.73 21.21 -15.64
CA THR J 340 -32.90 22.34 -14.75
C THR J 340 -33.44 23.53 -15.51
N ALA J 341 -32.92 23.75 -16.73
CA ALA J 341 -33.43 24.83 -17.57
C ALA J 341 -34.91 24.63 -17.94
N GLN J 342 -35.26 23.40 -18.35
CA GLN J 342 -36.65 23.00 -18.58
C GLN J 342 -37.61 23.20 -17.38
N GLU J 343 -37.12 22.97 -16.16
CA GLU J 343 -37.93 23.08 -14.92
C GLU J 343 -38.03 24.51 -14.50
N CYS J 344 -37.01 25.30 -14.87
CA CYS J 344 -37.02 26.74 -14.67
C CYS J 344 -38.08 27.41 -15.55
N ILE J 345 -38.13 27.01 -16.83
CA ILE J 345 -39.09 27.52 -17.78
C ILE J 345 -40.55 27.21 -17.32
N ARG J 346 -40.80 25.94 -16.99
CA ARG J 346 -41.95 25.50 -16.20
C ARG J 346 -42.31 26.42 -15.03
N GLN J 347 -41.32 26.76 -14.19
CA GLN J 347 -41.55 27.64 -13.05
C GLN J 347 -42.08 28.98 -13.50
N TRP J 348 -41.54 29.49 -14.61
CA TRP J 348 -41.90 30.81 -15.16
C TRP J 348 -43.28 30.77 -15.81
N VAL J 349 -43.61 29.66 -16.44
CA VAL J 349 -44.97 29.42 -16.96
C VAL J 349 -46.02 29.39 -15.81
N MET J 350 -45.79 28.53 -14.81
CA MET J 350 -46.63 28.45 -13.60
C MET J 350 -46.90 29.79 -12.90
N ALA J 351 -45.98 30.75 -13.06
CA ALA J 351 -46.00 32.02 -12.32
C ALA J 351 -46.50 33.18 -13.16
N GLY J 352 -46.85 32.91 -14.41
CA GLY J 352 -47.42 33.94 -15.29
C GLY J 352 -46.40 34.82 -15.99
N LEU J 353 -45.12 34.49 -15.81
CA LEU J 353 -44.01 35.28 -16.37
C LEU J 353 -43.85 35.13 -17.87
N VAL J 354 -44.24 33.98 -18.40
CA VAL J 354 -44.24 33.76 -19.85
C VAL J 354 -45.52 33.02 -20.28
N SER J 355 -45.85 33.11 -21.57
CA SER J 355 -46.97 32.35 -22.16
C SER J 355 -46.70 30.87 -21.99
N ALA J 356 -47.74 30.06 -22.02
CA ALA J 356 -47.56 28.65 -22.19
C ALA J 356 -46.88 28.37 -23.53
N ALA J 357 -47.15 29.23 -24.53
CA ALA J 357 -46.55 29.08 -25.87
C ALA J 357 -45.10 29.62 -25.93
N LYS J 358 -44.82 30.70 -25.19
CA LYS J 358 -43.46 31.20 -25.05
C LYS J 358 -42.57 30.26 -24.19
N GLY J 359 -43.18 29.55 -23.27
CA GLY J 359 -42.51 28.50 -22.52
C GLY J 359 -42.08 27.32 -23.38
N GLN J 360 -42.96 26.89 -24.28
CA GLN J 360 -42.64 25.82 -25.23
C GLN J 360 -41.60 26.27 -26.27
N ALA J 361 -41.62 27.55 -26.66
CA ALA J 361 -40.56 28.15 -27.48
C ALA J 361 -39.23 28.14 -26.75
N LEU J 362 -39.25 28.49 -25.47
CA LEU J 362 -38.04 28.52 -24.66
C LEU J 362 -37.48 27.12 -24.40
N THR J 363 -38.35 26.18 -24.04
CA THR J 363 -37.99 24.79 -23.85
C THR J 363 -37.42 24.15 -25.12
N GLN J 364 -37.81 24.67 -26.29
CA GLN J 364 -37.29 24.15 -27.56
C GLN J 364 -35.91 24.66 -27.88
N GLU J 365 -35.68 25.94 -27.60
CA GLU J 365 -34.38 26.57 -27.80
C GLU J 365 -33.32 25.91 -26.91
N ALA J 366 -33.74 25.60 -25.68
CA ALA J 366 -32.90 24.94 -24.68
C ALA J 366 -32.50 23.55 -25.18
N ASN J 367 -33.50 22.81 -25.66
CA ASN J 367 -33.34 21.50 -26.24
C ASN J 367 -32.47 21.47 -27.48
N ASP J 368 -32.63 22.45 -28.37
CA ASP J 368 -31.79 22.55 -29.58
C ASP J 368 -30.34 22.89 -29.21
N PHE J 369 -30.16 23.77 -28.22
CA PHE J 369 -28.83 24.12 -27.76
C PHE J 369 -28.10 22.94 -27.13
N SER J 370 -28.83 22.14 -26.35
CA SER J 370 -28.26 21.04 -25.61
C SER J 370 -27.82 19.88 -26.52
N ASN J 371 -28.61 19.57 -27.54
CA ASN J 371 -28.19 18.60 -28.57
C ASN J 371 -26.90 18.99 -29.32
N LEU J 372 -26.74 20.29 -29.53
CA LEU J 372 -25.58 20.89 -30.18
C LEU J 372 -24.31 20.80 -29.30
N ILE J 373 -24.44 21.22 -28.04
CA ILE J 373 -23.33 21.19 -27.08
C ILE J 373 -22.96 19.75 -26.70
N GLN J 374 -23.97 18.89 -26.59
CA GLN J 374 -23.77 17.47 -26.37
C GLN J 374 -22.94 16.84 -27.51
N ALA J 375 -23.28 17.19 -28.76
CA ALA J 375 -22.52 16.78 -29.95
C ALA J 375 -21.09 17.33 -29.95
N ASP J 376 -20.94 18.62 -29.66
CA ASP J 376 -19.63 19.25 -29.63
C ASP J 376 -18.69 18.71 -28.53
N LEU J 377 -19.18 18.67 -27.30
CA LEU J 377 -18.43 18.06 -26.22
C LEU J 377 -18.19 16.56 -26.38
N GLY J 378 -19.09 15.87 -27.08
CA GLY J 378 -18.90 14.45 -27.42
C GLY J 378 -17.72 14.25 -28.37
N GLN J 379 -17.54 15.18 -29.30
CA GLN J 379 -16.36 15.22 -30.14
C GLN J 379 -15.07 15.38 -29.34
N ILE J 380 -15.08 16.32 -28.39
CA ILE J 380 -13.87 16.62 -27.61
C ILE J 380 -13.51 15.41 -26.76
N LYS J 381 -14.50 14.82 -26.11
CA LYS J 381 -14.31 13.60 -25.32
C LYS J 381 -13.81 12.41 -26.16
N ALA J 382 -14.45 12.16 -27.29
CA ALA J 382 -14.02 11.06 -28.15
C ALA J 382 -12.61 11.25 -28.69
N GLN J 383 -12.28 12.49 -29.09
CA GLN J 383 -10.92 12.81 -29.53
C GLN J 383 -9.91 12.77 -28.38
N ASP J 384 -10.21 13.47 -27.27
CA ASP J 384 -9.30 13.53 -26.11
C ASP J 384 -9.07 12.15 -25.48
N ASP J 385 -10.10 11.30 -25.41
CA ASP J 385 -9.92 9.92 -24.90
C ASP J 385 -8.96 9.07 -25.78
N ALA J 386 -9.15 9.15 -27.09
CA ALA J 386 -8.33 8.36 -28.03
C ALA J 386 -6.89 8.86 -28.00
N LEU J 387 -6.71 10.18 -28.10
CA LEU J 387 -5.37 10.76 -28.12
C LEU J 387 -4.67 10.65 -26.77
N TYR J 388 -5.42 10.71 -25.69
CA TYR J 388 -4.82 10.47 -24.39
C TYR J 388 -4.30 9.06 -24.23
N ASN J 389 -5.10 8.08 -24.67
CA ASN J 389 -4.71 6.68 -24.73
C ASN J 389 -3.48 6.39 -25.62
N GLN J 390 -3.28 7.17 -26.69
CA GLN J 390 -2.33 6.79 -27.74
C GLN J 390 -1.18 7.76 -28.01
N GLN J 391 -1.44 9.06 -28.05
CA GLN J 391 -0.36 10.06 -28.17
C GLN J 391 0.28 10.38 -26.80
N PRO J 392 1.60 10.08 -26.62
CA PRO J 392 2.26 10.41 -25.36
C PRO J 392 2.50 11.91 -25.28
N GLY J 393 2.30 12.49 -24.07
CA GLY J 393 2.41 13.94 -23.90
C GLY J 393 1.15 14.73 -24.23
N TYR J 394 0.06 14.03 -24.53
CA TYR J 394 -1.19 14.69 -24.94
C TYR J 394 -1.92 15.45 -23.79
N ALA J 395 -2.30 16.69 -24.09
CA ALA J 395 -3.03 17.57 -23.15
C ALA J 395 -4.55 17.53 -23.33
N ARG J 396 -5.24 16.83 -22.42
CA ARG J 396 -6.71 16.92 -22.36
C ARG J 396 -7.23 18.38 -22.28
N ARG J 397 -8.37 18.64 -22.93
CA ARG J 397 -8.94 20.00 -23.08
C ARG J 397 -10.05 20.30 -22.03
N ILE J 398 -10.65 19.26 -21.47
CA ILE J 398 -11.74 19.36 -20.51
C ILE J 398 -11.67 18.14 -19.59
N LYS J 399 -12.31 18.22 -18.43
CA LYS J 399 -12.31 17.11 -17.51
C LYS J 399 -12.92 15.86 -18.18
N PRO J 400 -12.32 14.68 -17.98
CA PRO J 400 -13.03 13.50 -18.45
C PRO J 400 -14.48 13.36 -17.93
N PHE J 401 -15.37 12.87 -18.80
CA PHE J 401 -16.72 12.54 -18.38
C PHE J 401 -17.18 11.24 -18.98
N VAL J 402 -18.30 10.73 -18.45
CA VAL J 402 -18.99 9.54 -19.00
C VAL J 402 -20.35 9.96 -19.59
N ASN J 403 -20.86 9.21 -20.57
CA ASN J 403 -22.08 9.61 -21.30
C ASN J 403 -23.37 9.57 -20.51
N GLY J 404 -23.39 8.76 -19.46
CA GLY J 404 -24.50 8.72 -18.51
C GLY J 404 -24.72 10.05 -17.78
N ASP J 405 -23.74 10.95 -17.86
CA ASP J 405 -23.86 12.28 -17.24
C ASP J 405 -24.91 13.17 -17.88
N TRP J 406 -25.32 12.82 -19.09
CA TRP J 406 -26.33 13.61 -19.77
C TRP J 406 -27.77 13.24 -19.35
N THR J 407 -27.96 12.17 -18.55
CA THR J 407 -29.31 11.81 -18.11
C THR J 407 -29.70 12.64 -16.87
N PRO J 408 -31.04 12.73 -16.53
CA PRO J 408 -31.46 13.65 -15.45
C PRO J 408 -30.84 13.28 -14.12
N GLY J 409 -30.61 11.98 -13.90
CA GLY J 409 -30.07 11.50 -12.63
C GLY J 409 -31.01 11.89 -11.50
N MET J 410 -30.43 12.41 -10.43
CA MET J 410 -31.19 12.81 -9.22
C MET J 410 -31.56 14.31 -9.16
N THR J 411 -31.75 14.95 -10.32
CA THR J 411 -32.15 16.38 -10.41
C THR J 411 -33.46 16.70 -9.66
N ALA J 412 -34.49 15.88 -9.86
CA ALA J 412 -35.82 16.12 -9.24
C ALA J 412 -35.74 16.21 -7.71
N GLN J 413 -34.96 15.31 -7.11
CA GLN J 413 -34.63 15.33 -5.68
C GLN J 413 -33.91 16.62 -5.24
N ALA J 414 -32.98 17.13 -6.06
CA ALA J 414 -32.26 18.38 -5.78
C ALA J 414 -33.12 19.63 -5.93
N LEU J 415 -33.93 19.69 -6.98
CA LEU J 415 -34.86 20.80 -7.14
C LEU J 415 -35.98 20.81 -6.06
N ALA J 416 -36.43 19.63 -5.61
CA ALA J 416 -37.30 19.51 -4.43
C ALA J 416 -36.63 20.05 -3.13
N VAL J 417 -35.42 19.59 -2.83
CA VAL J 417 -34.64 20.12 -1.72
C VAL J 417 -34.43 21.65 -1.78
N LEU J 418 -34.07 22.17 -2.94
CA LEU J 418 -33.81 23.61 -3.09
C LEU J 418 -35.09 24.46 -3.01
N ALA J 419 -36.22 23.82 -3.31
CA ALA J 419 -37.54 24.45 -3.24
C ALA J 419 -37.91 24.83 -1.80
N THR J 420 -37.19 24.23 -0.86
CA THR J 420 -37.44 24.46 0.56
C THR J 420 -36.58 25.57 1.12
N PHE J 421 -35.59 26.04 0.35
CA PHE J 421 -34.56 26.98 0.85
C PHE J 421 -35.14 28.36 1.09
N THR J 422 -36.41 28.45 0.72
CA THR J 422 -37.11 29.71 0.70
C THR J 422 -38.16 29.76 1.85
N ALA J 423 -38.29 28.63 2.56
CA ALA J 423 -39.23 28.46 3.69
C ALA J 423 -38.64 28.85 5.05
N ILE K 1 -19.60 24.00 -35.80
CA ILE K 1 -20.20 24.51 -34.52
C ILE K 1 -19.14 24.65 -33.43
N SER K 2 -18.12 23.79 -33.47
CA SER K 2 -16.84 24.07 -32.83
C SER K 2 -16.22 25.27 -33.52
N GLU K 3 -16.17 26.39 -32.79
CA GLU K 3 -15.83 27.67 -33.37
C GLU K 3 -14.46 27.73 -34.12
N PHE K 4 -13.54 26.83 -33.77
CA PHE K 4 -12.15 26.84 -34.27
C PHE K 4 -11.94 25.87 -35.41
N GLY K 5 -12.82 24.89 -35.47
CA GLY K 5 -12.71 23.82 -36.44
C GLY K 5 -11.80 22.76 -35.90
N SER K 6 -11.15 22.04 -36.81
CA SER K 6 -10.28 20.94 -36.45
C SER K 6 -8.85 21.39 -36.68
N THR K 7 -8.21 21.84 -35.61
CA THR K 7 -6.92 22.51 -35.70
C THR K 7 -5.77 21.61 -35.28
N MET K 8 -6.09 20.49 -34.60
CA MET K 8 -5.08 19.54 -34.12
C MET K 8 -4.46 18.62 -35.20
N ALA K 9 -3.14 18.62 -35.27
CA ALA K 9 -2.40 17.76 -36.18
C ALA K 9 -2.72 16.31 -35.88
N ARG K 10 -2.62 15.48 -36.90
CA ARG K 10 -2.87 14.05 -36.76
C ARG K 10 -1.81 13.38 -35.91
N ALA K 11 -2.25 12.43 -35.09
CA ALA K 11 -1.35 11.68 -34.25
C ALA K 11 -1.72 10.18 -34.34
N ILE K 12 -2.91 9.91 -34.84
CA ILE K 12 -3.39 8.54 -34.89
C ILE K 12 -3.46 8.18 -36.36
N TYR K 13 -2.72 7.13 -36.73
CA TYR K 13 -2.68 6.76 -38.14
C TYR K 13 -3.26 5.38 -38.30
N ASP K 14 -4.57 5.35 -38.50
CA ASP K 14 -5.30 4.13 -38.55
C ASP K 14 -5.60 3.84 -40.04
N PHE K 15 -5.59 2.57 -40.37
CA PHE K 15 -5.94 2.08 -41.69
C PHE K 15 -7.06 1.07 -41.53
N PHE K 16 -8.04 1.13 -42.42
CA PHE K 16 -9.17 0.20 -42.44
C PHE K 16 -9.18 -0.54 -43.79
N SER K 17 -9.13 -1.86 -43.76
CA SER K 17 -9.02 -2.63 -44.99
C SER K 17 -10.41 -2.86 -45.63
N THR K 18 -10.39 -3.20 -46.92
CA THR K 18 -11.56 -3.47 -47.74
C THR K 18 -12.41 -4.66 -47.27
N PRO K 19 -13.72 -4.44 -47.14
CA PRO K 19 -14.57 -5.62 -46.84
C PRO K 19 -14.58 -6.63 -48.00
N PHE K 20 -14.74 -7.90 -47.69
CA PHE K 20 -14.91 -8.89 -48.72
C PHE K 20 -15.71 -10.06 -48.22
N GLY K 21 -16.10 -10.92 -49.16
CA GLY K 21 -16.96 -12.06 -48.90
C GLY K 21 -16.13 -13.31 -48.84
N ASN K 22 -16.68 -14.44 -49.30
CA ASN K 22 -16.00 -15.71 -49.04
C ASN K 22 -14.98 -16.20 -50.08
N ARG K 23 -14.82 -15.47 -51.16
CA ARG K 23 -13.72 -15.82 -52.05
C ARG K 23 -12.56 -14.86 -51.89
N GLY K 24 -12.45 -14.28 -50.69
CA GLY K 24 -11.34 -13.38 -50.38
C GLY K 24 -11.54 -12.02 -51.04
N LEU K 25 -10.47 -11.25 -51.05
CA LEU K 25 -10.42 -9.91 -51.65
C LEU K 25 -10.55 -10.04 -53.16
N ALA K 26 -11.41 -9.22 -53.72
CA ALA K 26 -11.84 -9.32 -55.12
C ALA K 26 -10.84 -8.68 -56.06
N THR K 27 -9.59 -9.16 -55.98
CA THR K 27 -8.55 -8.68 -56.83
C THR K 27 -7.66 -9.85 -57.16
N ASN K 28 -6.66 -9.59 -58.00
CA ASN K 28 -5.67 -10.57 -58.40
C ASN K 28 -4.41 -9.84 -58.86
N ARG K 29 -3.33 -10.59 -59.14
CA ARG K 29 -2.06 -10.01 -59.58
C ARG K 29 -2.11 -9.11 -60.79
N THR K 30 -2.89 -9.52 -61.79
CA THR K 30 -3.12 -8.76 -63.02
C THR K 30 -3.74 -7.36 -62.76
N GLN K 31 -4.86 -7.32 -62.03
CA GLN K 31 -5.46 -6.03 -61.64
C GLN K 31 -4.50 -5.17 -60.79
N LEU K 32 -3.88 -5.76 -59.76
CA LEU K 32 -2.88 -5.03 -58.95
C LEU K 32 -1.74 -4.47 -59.79
N SER K 33 -1.17 -5.29 -60.69
CA SER K 33 -0.07 -4.86 -61.57
C SER K 33 -0.48 -3.70 -62.46
N SER K 34 -1.75 -3.68 -62.87
CA SER K 34 -2.27 -2.62 -63.74
C SER K 34 -2.32 -1.26 -63.05
N LEU K 35 -2.27 -1.27 -61.72
CA LEU K 35 -2.34 -0.05 -60.93
C LEU K 35 -0.96 0.59 -60.71
N LEU K 36 0.06 -0.26 -60.63
CA LEU K 36 1.42 0.21 -60.36
C LEU K 36 1.95 1.12 -61.46
N SER K 37 2.58 2.23 -61.06
CA SER K 37 3.26 3.16 -61.99
C SER K 37 4.48 2.48 -62.58
N SER K 38 4.88 2.95 -63.77
CA SER K 38 6.00 2.40 -64.55
C SER K 38 7.26 2.04 -63.74
N SER K 39 7.57 2.85 -62.72
CA SER K 39 8.58 2.57 -61.69
C SER K 39 8.17 1.51 -60.65
N ASN K 40 6.87 1.20 -60.58
CA ASN K 40 6.33 0.15 -59.69
C ASN K 40 5.84 0.71 -58.36
N SER K 41 5.66 2.02 -58.32
CA SER K 41 5.30 2.72 -57.10
C SER K 41 3.79 2.81 -56.96
N PRO K 42 3.22 2.25 -55.87
CA PRO K 42 1.81 2.48 -55.56
C PRO K 42 1.47 3.93 -55.18
N TRP K 43 2.48 4.74 -54.90
CA TRP K 43 2.30 6.07 -54.32
C TRP K 43 2.34 7.25 -55.31
N GLN K 44 3.03 7.08 -56.45
CA GLN K 44 3.24 8.17 -57.44
C GLN K 44 1.97 8.60 -58.16
N ILE K 58 -11.73 7.76 -72.42
CA ILE K 58 -11.20 8.46 -71.25
C ILE K 58 -9.70 8.13 -71.01
N VAL K 59 -9.50 7.09 -70.19
CA VAL K 59 -8.23 6.44 -69.85
C VAL K 59 -8.85 5.19 -69.24
N SER K 60 -10.17 5.13 -69.43
CA SER K 60 -11.02 4.00 -69.11
C SER K 60 -10.53 2.77 -69.83
N THR K 61 -10.61 1.67 -69.11
CA THR K 61 -10.07 0.41 -69.52
C THR K 61 -11.20 -0.61 -69.26
N PRO K 62 -11.23 -1.77 -69.97
CA PRO K 62 -12.24 -2.76 -69.59
C PRO K 62 -12.13 -3.29 -68.13
N GLU K 63 -10.90 -3.49 -67.68
CA GLU K 63 -10.63 -3.90 -66.31
C GLU K 63 -10.86 -2.80 -65.24
N ALA K 64 -11.02 -1.54 -65.70
CA ALA K 64 -11.32 -0.37 -64.87
C ALA K 64 -12.20 0.60 -65.65
N PRO K 65 -13.49 0.26 -65.84
CA PRO K 65 -14.34 0.98 -66.82
C PRO K 65 -14.71 2.42 -66.46
N TYR K 66 -14.67 2.75 -65.17
CA TYR K 66 -15.12 4.04 -64.66
C TYR K 66 -14.05 4.75 -63.82
N PRO K 67 -14.13 6.09 -63.71
CA PRO K 67 -13.23 6.79 -62.76
C PRO K 67 -13.25 6.17 -61.34
N GLY K 68 -14.44 5.80 -60.84
CA GLY K 68 -14.54 5.22 -59.49
C GLY K 68 -13.91 3.85 -59.34
N SER K 69 -13.58 3.22 -60.47
CA SER K 69 -12.93 1.90 -60.47
C SER K 69 -11.59 1.92 -59.84
N LEU K 70 -10.83 2.96 -60.11
CA LEU K 70 -9.46 3.05 -59.63
C LEU K 70 -9.40 3.26 -58.11
N MET K 71 -10.28 4.11 -57.59
CA MET K 71 -10.41 4.34 -56.15
C MET K 71 -10.61 3.05 -55.44
N TYR K 72 -11.61 2.29 -55.88
CA TYR K 72 -11.87 0.98 -55.33
C TYR K 72 -10.72 0.00 -55.45
N GLN K 73 -10.18 -0.15 -56.64
CA GLN K 73 -9.13 -1.14 -56.85
C GLN K 73 -7.84 -0.79 -56.09
N GLU K 74 -7.54 0.51 -55.95
CA GLU K 74 -6.42 0.95 -55.09
C GLU K 74 -6.65 0.64 -53.61
N SER K 75 -7.91 0.66 -53.15
CA SER K 75 -8.21 0.31 -51.80
C SER K 75 -7.77 -1.12 -51.52
N MET K 76 -8.03 -2.00 -52.49
CA MET K 76 -7.69 -3.41 -52.39
C MET K 76 -6.18 -3.61 -52.50
N LEU K 77 -5.52 -2.81 -53.33
CA LEU K 77 -4.07 -2.83 -53.36
C LEU K 77 -3.47 -2.51 -51.98
N HIS K 78 -3.89 -1.37 -51.41
CA HIS K 78 -3.53 -1.02 -50.04
C HIS K 78 -3.86 -2.10 -49.01
N SER K 79 -5.07 -2.69 -49.09
CA SER K 79 -5.47 -3.70 -48.10
C SER K 79 -4.66 -5.02 -48.16
N ALA K 80 -4.11 -5.29 -49.34
CA ALA K 80 -3.30 -6.48 -49.61
C ALA K 80 -1.83 -6.31 -49.23
N THR K 81 -1.25 -5.14 -49.51
CA THR K 81 0.20 -4.96 -49.46
C THR K 81 0.76 -4.30 -48.18
N VAL K 82 -0.07 -3.48 -47.50
CA VAL K 82 0.40 -2.68 -46.34
C VAL K 82 0.21 -3.37 -44.98
N PRO K 83 -1.03 -3.75 -44.59
CA PRO K 83 -1.25 -4.35 -43.28
C PRO K 83 -0.34 -5.54 -42.88
N GLY K 84 0.00 -6.40 -43.83
CA GLY K 84 0.78 -7.61 -43.56
C GLY K 84 2.28 -7.40 -43.44
N VAL K 85 2.74 -6.19 -43.68
CA VAL K 85 4.16 -5.89 -43.58
C VAL K 85 4.49 -5.08 -42.29
N LEU K 86 3.51 -4.87 -41.40
CA LEU K 86 3.64 -3.90 -40.29
C LEU K 86 4.29 -4.52 -39.05
N GLY K 87 4.39 -5.84 -39.05
CA GLY K 87 4.90 -6.57 -37.91
C GLY K 87 6.37 -6.43 -37.59
N SER K 88 7.16 -5.88 -38.50
CA SER K 88 8.58 -5.74 -38.22
C SER K 88 9.41 -5.11 -39.30
N ARG K 89 10.67 -4.90 -38.97
CA ARG K 89 11.63 -4.14 -39.79
C ARG K 89 12.06 -4.87 -41.07
N ASP K 90 12.04 -6.20 -41.02
CA ASP K 90 12.50 -7.02 -42.13
C ASP K 90 11.40 -7.87 -42.79
N ALA K 91 10.14 -7.62 -42.44
CA ALA K 91 9.02 -8.39 -42.96
C ALA K 91 8.88 -8.25 -44.49
N TRP K 92 9.31 -7.10 -45.02
CA TRP K 92 9.27 -6.81 -46.46
C TRP K 92 10.16 -7.74 -47.29
N ARG K 93 11.18 -8.30 -46.65
CA ARG K 93 12.23 -9.06 -47.33
C ARG K 93 11.59 -10.18 -48.11
N THR K 94 10.85 -11.01 -47.38
CA THR K 94 10.15 -12.18 -47.92
C THR K 94 8.65 -11.99 -48.18
N PHE K 95 8.02 -10.99 -47.56
CA PHE K 95 6.58 -10.74 -47.72
C PHE K 95 6.18 -10.75 -49.18
N ASN K 96 5.14 -11.51 -49.52
CA ASN K 96 4.51 -11.40 -50.85
C ASN K 96 3.01 -11.64 -50.80
N VAL K 97 2.29 -11.08 -51.75
CA VAL K 97 0.82 -11.21 -51.83
C VAL K 97 0.45 -11.04 -53.29
N PHE K 98 -0.47 -11.87 -53.79
CA PHE K 98 -0.80 -11.89 -55.24
C PHE K 98 0.45 -11.75 -56.14
N GLY K 99 1.55 -12.41 -55.76
CA GLY K 99 2.79 -12.38 -56.54
C GLY K 99 3.51 -11.04 -56.59
N LEU K 100 3.15 -10.13 -55.67
CA LEU K 100 3.90 -8.89 -55.51
C LEU K 100 4.69 -8.87 -54.21
N SER K 101 5.81 -8.13 -54.25
CA SER K 101 6.72 -7.99 -53.13
C SER K 101 7.23 -6.57 -53.10
N TRP K 102 7.63 -6.10 -51.91
CA TRP K 102 8.20 -4.78 -51.73
C TRP K 102 9.70 -4.70 -52.08
N THR K 103 10.14 -3.55 -52.60
CA THR K 103 11.54 -3.38 -52.95
C THR K 103 12.42 -3.09 -51.73
N ASP K 104 11.90 -2.33 -50.76
CA ASP K 104 12.64 -1.98 -49.57
C ASP K 104 11.75 -1.99 -48.32
N GLU K 105 12.37 -1.70 -47.15
CA GLU K 105 11.65 -1.47 -45.88
C GLU K 105 10.76 -0.22 -45.93
N GLY K 106 11.20 0.79 -46.70
CA GLY K 106 10.45 2.00 -46.91
C GLY K 106 9.20 1.88 -47.77
N LEU K 107 8.92 0.65 -48.23
CA LEU K 107 7.74 0.33 -49.06
C LEU K 107 7.63 1.26 -50.28
N SER K 108 8.73 1.36 -51.01
CA SER K 108 8.88 2.39 -52.03
C SER K 108 8.26 1.94 -53.35
N GLY K 109 8.37 0.65 -53.64
CA GLY K 109 7.80 0.12 -54.86
C GLY K 109 7.41 -1.33 -54.73
N LEU K 110 6.42 -1.73 -55.54
CA LEU K 110 6.02 -3.14 -55.66
C LEU K 110 6.45 -3.73 -57.01
N VAL K 111 6.97 -4.95 -56.95
CA VAL K 111 7.54 -5.64 -58.09
C VAL K 111 7.15 -7.08 -57.92
N ALA K 112 7.46 -7.92 -58.90
CA ALA K 112 7.06 -9.33 -58.84
C ALA K 112 7.70 -10.03 -57.66
N ALA K 113 6.95 -10.89 -56.99
CA ALA K 113 7.52 -11.79 -56.01
C ALA K 113 8.28 -12.86 -56.74
N GLN K 114 9.03 -13.67 -56.01
CA GLN K 114 9.71 -14.79 -56.62
C GLN K 114 8.77 -16.00 -56.62
N ASP K 115 8.70 -16.72 -57.76
CA ASP K 115 8.08 -18.08 -57.82
C ASP K 115 9.14 -19.16 -57.99
N PRO K 116 9.10 -20.19 -57.14
CA PRO K 116 8.14 -20.26 -56.03
C PRO K 116 8.46 -19.13 -55.05
N PRO K 117 7.46 -18.65 -54.29
CA PRO K 117 7.84 -17.68 -53.29
C PRO K 117 8.62 -18.40 -52.20
N PRO K 118 9.79 -17.86 -51.79
CA PRO K 118 10.41 -18.35 -50.54
C PRO K 118 9.53 -18.31 -49.25
N ALA K 119 8.81 -17.22 -48.96
CA ALA K 119 7.83 -17.24 -47.85
C ALA K 119 6.37 -17.45 -48.32
N ALA K 120 5.51 -17.96 -47.44
CA ALA K 120 4.10 -18.19 -47.77
C ALA K 120 3.41 -16.85 -48.08
N PRO K 121 2.64 -16.78 -49.19
CA PRO K 121 1.94 -15.53 -49.50
C PRO K 121 1.04 -15.01 -48.36
N TYR K 122 0.95 -13.69 -48.25
CA TYR K 122 0.10 -13.07 -47.26
C TYR K 122 -1.36 -13.18 -47.65
N GLN K 123 -2.18 -13.35 -46.63
CA GLN K 123 -3.61 -13.47 -46.74
C GLN K 123 -4.30 -12.22 -46.18
N PRO K 124 -4.82 -11.34 -47.05
CA PRO K 124 -5.56 -10.16 -46.56
C PRO K 124 -6.74 -10.50 -45.62
N ALA K 125 -6.95 -9.68 -44.59
CA ALA K 125 -8.15 -9.73 -43.74
C ALA K 125 -9.19 -8.74 -44.23
N SER K 126 -10.46 -9.06 -44.03
CA SER K 126 -11.54 -8.20 -44.46
C SER K 126 -12.02 -7.25 -43.37
N ALA K 127 -12.11 -5.96 -43.70
CA ALA K 127 -12.69 -4.95 -42.82
C ALA K 127 -11.97 -4.88 -41.47
N GLN K 128 -10.65 -4.73 -41.52
CA GLN K 128 -9.84 -4.84 -40.33
C GLN K 128 -9.06 -3.58 -40.12
N TRP K 129 -8.99 -3.11 -38.88
CA TRP K 129 -8.22 -1.90 -38.56
C TRP K 129 -6.74 -2.18 -38.37
N SER K 130 -5.88 -1.30 -38.89
CA SER K 130 -4.47 -1.41 -38.59
C SER K 130 -3.96 -0.09 -38.07
N ASP K 131 -2.98 -0.16 -37.16
CA ASP K 131 -2.33 1.02 -36.61
C ASP K 131 -1.02 1.15 -37.35
N LEU K 132 -0.86 2.20 -38.13
CA LEU K 132 0.27 2.27 -39.06
C LEU K 132 1.59 2.62 -38.37
N LEU K 133 1.53 3.16 -37.16
CA LEU K 133 2.73 3.44 -36.37
C LEU K 133 3.32 2.20 -35.71
N ASN K 134 2.66 1.06 -35.86
CA ASN K 134 3.27 -0.20 -35.49
C ASN K 134 4.47 -0.53 -36.35
N TYR K 135 4.56 0.09 -37.52
CA TYR K 135 5.69 -0.10 -38.42
C TYR K 135 6.86 0.74 -37.94
N PRO K 136 7.93 0.06 -37.44
CA PRO K 136 9.08 0.73 -36.86
C PRO K 136 9.62 1.90 -37.69
N ARG K 137 9.69 1.76 -39.01
CA ARG K 137 10.23 2.83 -39.85
C ARG K 137 9.38 4.06 -39.89
N TRP K 138 8.06 3.86 -39.78
CA TRP K 138 7.11 4.96 -39.86
C TRP K 138 6.98 5.66 -38.50
N ALA K 139 7.18 4.89 -37.44
CA ALA K 139 7.32 5.41 -36.10
C ALA K 139 8.48 6.42 -35.99
N ASN K 140 9.63 6.14 -36.64
CA ASN K 140 10.82 7.01 -36.54
C ASN K 140 10.99 8.00 -37.69
N ARG K 141 10.43 7.67 -38.85
CA ARG K 141 10.52 8.54 -40.02
C ARG K 141 9.11 8.93 -40.38
N ARG K 142 8.60 9.89 -39.64
CA ARG K 142 7.18 10.21 -39.62
C ARG K 142 6.76 10.87 -40.91
N ARG K 143 7.68 11.62 -41.52
CA ARG K 143 7.40 12.29 -42.79
C ARG K 143 7.17 11.28 -43.92
N GLU K 144 7.75 10.10 -43.81
CA GLU K 144 7.47 8.98 -44.73
C GLU K 144 6.03 8.46 -44.67
N LEU K 145 5.54 8.15 -43.47
CA LEU K 145 4.13 7.84 -43.30
C LEU K 145 3.26 8.96 -43.85
N GLN K 146 3.60 10.20 -43.48
CA GLN K 146 2.77 11.38 -43.77
C GLN K 146 2.56 11.67 -45.24
N SER K 147 3.52 11.28 -46.07
CA SER K 147 3.36 11.49 -47.51
C SER K 147 2.50 10.40 -48.13
N LYS K 148 2.55 9.19 -47.58
CA LYS K 148 1.69 8.06 -47.99
C LYS K 148 0.27 8.07 -47.38
N TYR K 149 0.07 8.79 -46.27
CA TYR K 149 -1.21 8.69 -45.51
C TYR K 149 -2.50 9.15 -46.20
N PRO K 150 -2.46 10.26 -46.98
CA PRO K 150 -3.66 10.65 -47.73
C PRO K 150 -4.28 9.51 -48.59
N LEU K 151 -3.44 8.81 -49.33
CA LEU K 151 -3.83 7.69 -50.18
C LEU K 151 -4.39 6.53 -49.36
N LEU K 152 -3.72 6.22 -48.25
CA LEU K 152 -4.15 5.18 -47.34
C LEU K 152 -5.43 5.55 -46.57
N LEU K 153 -5.56 6.83 -46.19
CA LEU K 153 -6.82 7.35 -45.65
C LEU K 153 -7.95 7.36 -46.66
N ARG K 154 -7.69 7.72 -47.90
CA ARG K 154 -8.71 7.66 -48.96
C ARG K 154 -9.41 6.28 -49.06
N SER K 155 -8.61 5.22 -49.15
CA SER K 155 -9.05 3.83 -49.05
C SER K 155 -9.81 3.51 -47.79
N THR K 156 -9.28 3.96 -46.66
CA THR K 156 -9.86 3.76 -45.34
C THR K 156 -11.27 4.31 -45.32
N LEU K 157 -11.41 5.51 -45.88
CA LEU K 157 -12.66 6.24 -45.94
C LEU K 157 -13.68 5.62 -46.93
N LEU K 158 -13.20 5.03 -48.02
CA LEU K 158 -14.07 4.33 -48.99
C LEU K 158 -14.60 3.03 -48.45
N SER K 159 -13.73 2.27 -47.77
CA SER K 159 -14.09 1.01 -47.17
C SER K 159 -15.06 1.21 -46.00
N ALA K 160 -14.85 2.30 -45.24
CA ALA K 160 -15.68 2.69 -44.09
C ALA K 160 -17.08 3.18 -44.48
N MET K 161 -17.17 3.83 -45.64
CA MET K 161 -18.45 4.27 -46.22
C MET K 161 -19.30 3.10 -46.69
N ARG K 162 -20.59 3.22 -46.49
CA ARG K 162 -21.55 2.25 -46.97
C ARG K 162 -21.72 2.32 -48.49
N ALA K 163 -21.68 3.55 -49.00
CA ALA K 163 -21.94 3.80 -50.40
C ALA K 163 -20.76 4.56 -51.04
N GLY K 164 -21.01 5.68 -51.70
CA GLY K 164 -19.91 6.39 -52.35
C GLY K 164 -19.01 7.21 -51.43
N PRO K 165 -17.91 7.74 -51.99
CA PRO K 165 -16.93 8.47 -51.18
C PRO K 165 -17.49 9.72 -50.49
N VAL K 166 -16.95 10.00 -49.31
CA VAL K 166 -17.34 11.14 -48.46
C VAL K 166 -16.46 12.36 -48.71
N LEU K 167 -17.07 13.53 -48.58
CA LEU K 167 -16.40 14.83 -48.67
C LEU K 167 -16.33 15.54 -47.31
N TYR K 168 -15.21 16.25 -47.08
CA TYR K 168 -15.05 17.11 -45.91
C TYR K 168 -15.53 18.51 -46.30
N VAL K 169 -16.67 18.94 -45.75
CA VAL K 169 -17.28 20.19 -46.22
C VAL K 169 -17.25 21.31 -45.16
N GLU K 170 -16.40 22.29 -45.39
CA GLU K 170 -16.21 23.34 -44.41
C GLU K 170 -16.27 24.76 -44.99
N THR K 171 -17.09 25.60 -44.35
CA THR K 171 -17.07 27.06 -44.59
C THR K 171 -16.88 27.83 -43.29
N TRP K 172 -16.29 29.02 -43.40
CA TRP K 172 -15.99 29.87 -42.23
C TRP K 172 -16.01 31.34 -42.66
N PRO K 173 -16.25 32.27 -41.69
CA PRO K 173 -16.33 33.71 -41.99
C PRO K 173 -15.14 34.23 -42.79
N ASN K 174 -15.42 35.19 -43.68
CA ASN K 174 -14.63 35.49 -44.91
C ASN K 174 -13.50 34.54 -45.34
N MET K 175 -13.94 33.35 -45.77
CA MET K 175 -13.10 32.24 -46.12
C MET K 175 -12.23 32.43 -47.35
N ILE K 176 -12.72 33.16 -48.35
CA ILE K 176 -11.87 33.42 -49.53
C ILE K 176 -11.38 34.89 -49.54
N SER K 177 -10.32 35.13 -48.77
CA SER K 177 -9.80 36.49 -48.59
C SER K 177 -8.29 36.45 -48.66
N GLY K 178 -7.70 37.61 -48.92
CA GLY K 178 -6.24 37.77 -48.92
C GLY K 178 -5.54 36.90 -49.94
N ARG K 179 -4.55 36.16 -49.46
CA ARG K 179 -3.64 35.36 -50.29
C ARG K 179 -4.33 34.18 -50.98
N LEU K 180 -5.36 33.65 -50.30
CA LEU K 180 -6.21 32.57 -50.83
C LEU K 180 -7.07 33.10 -51.98
N ALA K 181 -7.76 34.22 -51.74
CA ALA K 181 -8.47 34.93 -52.80
C ALA K 181 -7.54 35.23 -53.95
N ASP K 182 -6.27 35.52 -53.68
CA ASP K 182 -5.32 35.69 -54.77
C ASP K 182 -5.11 34.40 -55.52
N TRP K 183 -4.97 33.30 -54.80
CA TRP K 183 -4.70 31.99 -55.39
C TRP K 183 -5.85 31.56 -56.30
N PHE K 184 -7.09 31.72 -55.84
CA PHE K 184 -8.28 31.46 -56.67
C PHE K 184 -8.23 32.27 -57.97
N MET K 185 -7.89 33.57 -57.88
CA MET K 185 -7.87 34.43 -59.05
C MET K 185 -6.88 33.94 -60.08
N SER K 186 -5.77 33.37 -59.59
CA SER K 186 -4.73 32.79 -60.45
C SER K 186 -5.21 31.64 -61.31
N GLN K 187 -6.43 31.17 -61.01
CA GLN K 187 -7.01 29.95 -61.57
C GLN K 187 -8.28 30.21 -62.35
N TYR K 188 -8.73 31.47 -62.36
CA TYR K 188 -9.89 31.91 -63.14
C TYR K 188 -10.01 31.20 -64.49
N GLY K 189 -11.23 30.75 -64.78
CA GLY K 189 -11.50 29.94 -65.97
C GLY K 189 -10.87 28.55 -66.02
N ASN K 190 -10.13 28.15 -64.96
CA ASN K 190 -9.59 26.80 -64.87
C ASN K 190 -10.67 25.78 -64.56
N ASN K 191 -10.38 24.52 -64.87
CA ASN K 191 -11.29 23.42 -64.63
C ASN K 191 -11.11 22.88 -63.20
N PHE K 192 -12.21 22.56 -62.52
CA PHE K 192 -12.16 22.02 -61.15
C PHE K 192 -11.24 20.79 -60.99
N VAL K 193 -11.39 19.81 -61.86
CA VAL K 193 -10.60 18.59 -61.76
C VAL K 193 -9.12 18.90 -61.91
N ASP K 194 -8.78 19.79 -62.85
CA ASP K 194 -7.41 20.27 -63.05
C ASP K 194 -6.90 21.06 -61.87
N MET K 195 -7.77 21.90 -61.29
CA MET K 195 -7.42 22.60 -60.03
C MET K 195 -7.10 21.61 -58.88
N CYS K 196 -7.85 20.51 -58.78
CA CYS K 196 -7.64 19.53 -57.70
C CYS K 196 -6.37 18.79 -57.94
N ALA K 197 -6.15 18.46 -59.22
CA ALA K 197 -4.96 17.75 -59.68
C ALA K 197 -3.67 18.50 -59.33
N ARG K 198 -3.65 19.82 -59.53
CA ARG K 198 -2.46 20.60 -59.18
C ARG K 198 -2.18 20.68 -57.68
N LEU K 199 -3.23 20.81 -56.87
CA LEU K 199 -3.10 20.80 -55.41
C LEU K 199 -2.59 19.46 -54.87
N THR K 200 -3.02 18.37 -55.47
CA THR K 200 -2.48 17.05 -55.16
C THR K 200 -0.96 17.05 -55.38
N GLN K 201 -0.55 17.42 -56.60
CA GLN K 201 0.87 17.56 -57.00
C GLN K 201 1.60 18.58 -56.09
N SER K 202 0.99 19.76 -55.89
CA SER K 202 1.56 20.81 -55.04
C SER K 202 1.85 20.35 -53.59
N CYS K 203 1.08 19.37 -53.09
CA CYS K 203 1.21 18.89 -51.71
C CYS K 203 2.22 17.72 -51.54
N SER K 204 2.82 17.26 -52.64
CA SER K 204 3.63 16.01 -52.69
C SER K 204 4.59 15.77 -51.51
N ASN K 205 5.70 16.50 -51.49
CA ASN K 205 6.61 16.51 -50.35
C ASN K 205 5.85 17.27 -49.30
N MET K 206 5.17 16.51 -48.43
CA MET K 206 3.99 17.01 -47.70
C MET K 206 4.03 18.48 -47.23
N PRO K 207 4.89 18.80 -46.23
CA PRO K 207 4.55 19.73 -45.18
C PRO K 207 3.15 20.36 -45.34
N VAL K 208 2.13 19.65 -44.82
CA VAL K 208 0.78 20.19 -44.77
C VAL K 208 0.33 20.28 -43.32
N GLU K 209 0.28 21.52 -42.83
CA GLU K 209 -0.14 21.79 -41.46
C GLU K 209 -1.61 22.25 -41.44
N PRO K 210 -2.39 21.79 -40.44
CA PRO K 210 -3.77 22.27 -40.34
C PRO K 210 -3.80 23.79 -40.29
N ASP K 211 -4.68 24.38 -41.10
CA ASP K 211 -4.81 25.84 -41.26
C ASP K 211 -3.71 26.59 -42.05
N GLY K 212 -2.67 25.89 -42.47
CA GLY K 212 -1.75 26.44 -43.44
C GLY K 212 -2.42 26.78 -44.75
N ASN K 213 -1.59 27.06 -45.77
CA ASN K 213 -2.08 27.54 -47.05
C ASN K 213 -2.68 26.48 -47.95
N TYR K 214 -1.99 25.34 -48.09
CA TYR K 214 -2.52 24.22 -48.85
C TYR K 214 -3.85 23.73 -48.23
N ASP K 215 -3.89 23.62 -46.90
CA ASP K 215 -5.06 23.13 -46.18
C ASP K 215 -6.27 24.01 -46.45
N GLN K 216 -6.07 25.33 -46.36
CA GLN K 216 -7.12 26.30 -46.64
C GLN K 216 -7.54 26.33 -48.10
N GLN K 217 -6.57 26.08 -49.00
CA GLN K 217 -6.83 26.00 -50.43
C GLN K 217 -7.78 24.83 -50.74
N MET K 218 -7.42 23.65 -50.27
CA MET K 218 -8.19 22.44 -50.55
C MET K 218 -9.59 22.51 -49.90
N ARG K 219 -9.66 22.85 -48.63
CA ARG K 219 -10.95 22.96 -47.98
C ARG K 219 -11.89 23.95 -48.66
N ALA K 220 -11.38 25.13 -49.02
CA ALA K 220 -12.21 26.17 -49.61
C ALA K 220 -12.65 25.80 -51.05
N LEU K 221 -11.75 25.13 -51.77
CA LEU K 221 -12.01 24.58 -53.09
C LEU K 221 -13.15 23.55 -53.10
N ILE K 222 -13.16 22.68 -52.09
CA ILE K 222 -14.16 21.62 -51.99
C ILE K 222 -15.54 22.24 -51.80
N SER K 223 -15.66 23.22 -50.90
CA SER K 223 -16.98 23.77 -50.62
C SER K 223 -17.47 24.78 -51.64
N LEU K 224 -16.54 25.52 -52.26
CA LEU K 224 -16.92 26.40 -53.37
C LEU K 224 -17.54 25.57 -54.48
N TRP K 225 -16.90 24.44 -54.82
CA TRP K 225 -17.42 23.52 -55.81
C TRP K 225 -18.73 22.85 -55.35
N LEU K 226 -18.76 22.30 -54.14
CA LEU K 226 -19.97 21.59 -53.70
C LEU K 226 -21.23 22.47 -53.68
N LEU K 227 -21.03 23.73 -53.31
CA LEU K 227 -22.14 24.69 -53.19
C LEU K 227 -22.62 25.14 -54.55
N SER K 228 -21.71 25.23 -55.50
CA SER K 228 -22.04 25.36 -56.93
C SER K 228 -22.78 24.15 -57.53
N TYR K 229 -22.20 22.96 -57.35
CA TYR K 229 -22.78 21.69 -57.76
C TYR K 229 -24.23 21.50 -57.25
N ILE K 230 -24.56 21.95 -56.05
CA ILE K 230 -25.97 21.85 -55.59
C ILE K 230 -26.80 23.09 -56.01
N GLY K 231 -26.16 24.02 -56.73
CA GLY K 231 -26.82 25.22 -57.31
C GLY K 231 -27.01 26.43 -56.39
N VAL K 232 -26.62 26.27 -55.13
CA VAL K 232 -26.80 27.29 -54.09
C VAL K 232 -25.84 28.51 -54.29
N VAL K 233 -24.60 28.20 -54.64
CA VAL K 233 -23.64 29.18 -55.12
C VAL K 233 -23.62 29.10 -56.65
N ASN K 234 -23.66 30.27 -57.27
CA ASN K 234 -23.70 30.43 -58.74
C ASN K 234 -23.35 31.88 -59.09
N GLN K 235 -23.61 32.26 -60.33
CA GLN K 235 -23.20 33.56 -60.84
C GLN K 235 -23.88 34.73 -60.14
N THR K 236 -25.08 34.50 -59.60
CA THR K 236 -25.86 35.52 -58.90
C THR K 236 -25.70 35.46 -57.38
N ASN K 237 -24.78 34.60 -56.92
CA ASN K 237 -24.60 34.30 -55.50
C ASN K 237 -23.18 33.67 -55.33
N THR K 238 -22.20 34.52 -55.08
CA THR K 238 -20.82 34.07 -55.16
C THR K 238 -20.23 34.03 -53.75
N ILE K 239 -19.06 33.41 -53.62
CA ILE K 239 -18.28 33.49 -52.38
C ILE K 239 -17.09 34.31 -52.73
N SER K 240 -17.05 35.54 -52.20
CA SER K 240 -15.99 36.52 -52.55
C SER K 240 -15.82 36.70 -54.07
N GLY K 241 -16.92 36.60 -54.79
CA GLY K 241 -16.92 36.75 -56.25
C GLY K 241 -16.78 35.49 -57.08
N PHE K 242 -16.30 34.41 -56.46
CA PHE K 242 -16.04 33.16 -57.17
C PHE K 242 -17.24 32.19 -57.20
N TYR K 243 -17.33 31.45 -58.29
CA TYR K 243 -18.29 30.36 -58.44
C TYR K 243 -17.83 29.37 -59.50
N PHE K 244 -18.37 28.16 -59.42
CA PHE K 244 -18.17 27.17 -60.47
C PHE K 244 -19.39 27.08 -61.39
N SER K 245 -19.10 26.88 -62.67
CA SER K 245 -20.14 26.88 -63.70
C SER K 245 -19.97 25.66 -64.62
N SER K 246 -21.10 25.04 -64.98
CA SER K 246 -21.15 23.95 -65.98
C SER K 246 -22.31 24.25 -66.95
N LYS K 247 -22.07 24.04 -68.25
CA LYS K 247 -23.10 24.27 -69.29
C LYS K 247 -24.22 23.23 -69.20
N THR K 248 -23.83 21.99 -68.94
CA THR K 248 -24.77 20.92 -68.67
C THR K 248 -24.79 20.61 -67.16
N ARG K 249 -25.79 19.86 -66.73
CA ARG K 249 -25.93 19.41 -65.33
C ARG K 249 -26.62 18.04 -65.27
N GLY K 250 -25.86 17.05 -64.82
CA GLY K 250 -26.37 15.72 -64.53
C GLY K 250 -26.15 14.77 -65.68
N GLN K 251 -25.18 15.07 -66.54
CA GLN K 251 -24.94 14.26 -67.72
C GLN K 251 -23.47 14.10 -68.00
N ALA K 252 -23.20 13.51 -69.16
CA ALA K 252 -21.89 13.03 -69.57
C ALA K 252 -20.89 14.17 -69.72
N LEU K 253 -21.40 15.33 -70.13
CA LEU K 253 -20.54 16.45 -70.48
C LEU K 253 -20.29 17.45 -69.34
N ASP K 254 -20.92 17.25 -68.18
CA ASP K 254 -20.77 18.15 -67.00
C ASP K 254 -19.29 18.44 -66.80
N SER K 255 -18.97 19.70 -66.55
CA SER K 255 -17.57 20.13 -66.44
C SER K 255 -17.52 21.50 -65.83
N TRP K 256 -16.89 21.61 -64.67
CA TRP K 256 -17.02 22.80 -63.82
C TRP K 256 -15.85 23.75 -64.02
N THR K 257 -16.16 25.00 -64.33
CA THR K 257 -15.13 25.99 -64.58
C THR K 257 -15.22 27.11 -63.57
N LEU K 258 -14.10 27.43 -62.92
CA LEU K 258 -14.05 28.56 -61.99
C LEU K 258 -14.29 29.89 -62.71
N PHE K 259 -15.33 30.61 -62.32
CA PHE K 259 -15.50 31.98 -62.83
C PHE K 259 -15.54 33.04 -61.70
N TYR K 260 -15.51 34.31 -62.11
CA TYR K 260 -15.37 35.40 -61.18
C TYR K 260 -16.27 36.57 -61.55
N THR K 261 -16.83 37.19 -60.54
CA THR K 261 -17.79 38.25 -60.71
C THR K 261 -17.50 39.45 -59.78
N THR K 262 -17.61 40.64 -60.38
CA THR K 262 -17.46 41.96 -59.72
C THR K 262 -18.77 42.47 -59.09
N ASN K 263 -19.89 42.23 -59.80
CA ASN K 263 -21.16 42.93 -59.64
C ASN K 263 -22.29 42.18 -58.92
N THR K 264 -22.12 40.88 -58.65
CA THR K 264 -23.22 40.06 -58.13
C THR K 264 -23.14 39.81 -56.62
N ASN K 265 -24.25 39.38 -56.02
CA ASN K 265 -24.31 39.14 -54.58
C ASN K 265 -23.20 38.20 -54.10
N ARG K 266 -22.56 38.62 -53.00
CA ARG K 266 -21.47 37.86 -52.38
C ARG K 266 -21.97 37.38 -51.03
N VAL K 267 -21.86 36.08 -50.75
CA VAL K 267 -22.39 35.58 -49.49
C VAL K 267 -21.62 36.16 -48.32
N GLN K 268 -22.26 36.23 -47.17
CA GLN K 268 -21.62 36.69 -45.96
C GLN K 268 -21.67 35.58 -44.95
N ILE K 269 -20.64 34.74 -44.97
CA ILE K 269 -20.57 33.65 -44.01
C ILE K 269 -20.26 34.25 -42.63
N THR K 270 -21.07 33.85 -41.66
CA THR K 270 -21.15 34.54 -40.38
C THR K 270 -20.74 33.63 -39.22
N GLN K 271 -20.95 32.31 -39.38
CA GLN K 271 -20.26 31.35 -38.52
C GLN K 271 -19.54 30.26 -39.32
N ARG K 272 -18.89 29.37 -38.59
CA ARG K 272 -18.24 28.20 -39.15
C ARG K 272 -19.30 27.14 -39.39
N HIS K 273 -19.19 26.49 -40.54
CA HIS K 273 -20.09 25.40 -40.93
C HIS K 273 -19.26 24.20 -41.36
N PHE K 274 -19.68 23.01 -40.94
CA PHE K 274 -19.03 21.78 -41.32
C PHE K 274 -20.04 20.66 -41.53
N ALA K 275 -19.86 19.90 -42.60
CA ALA K 275 -20.54 18.62 -42.82
C ALA K 275 -19.62 17.56 -43.43
N TYR K 276 -19.92 16.31 -43.15
CA TYR K 276 -19.43 15.19 -43.98
C TYR K 276 -20.54 14.85 -44.98
N VAL K 277 -20.24 14.85 -46.27
CA VAL K 277 -21.26 14.51 -47.26
C VAL K 277 -20.79 13.40 -48.22
N CYS K 278 -21.57 12.34 -48.33
CA CYS K 278 -21.19 11.29 -49.26
C CYS K 278 -22.17 11.16 -50.41
N ALA K 279 -21.71 10.53 -51.48
CA ALA K 279 -22.54 10.24 -52.61
C ALA K 279 -23.22 8.93 -52.30
N ARG K 280 -24.55 8.94 -52.33
CA ARG K 280 -25.38 7.77 -52.01
C ARG K 280 -25.38 6.81 -53.21
N SER K 281 -25.67 7.37 -54.39
CA SER K 281 -25.97 6.61 -55.60
C SER K 281 -24.72 6.15 -56.33
N PRO K 282 -24.80 4.98 -56.99
CA PRO K 282 -23.63 4.31 -57.57
C PRO K 282 -23.04 5.05 -58.77
N ASP K 283 -23.75 6.05 -59.28
CA ASP K 283 -23.23 6.88 -60.38
C ASP K 283 -22.12 7.86 -59.95
N TRP K 284 -21.74 7.82 -58.67
CA TRP K 284 -20.51 8.46 -58.23
C TRP K 284 -19.33 7.94 -59.05
N ASN K 285 -19.45 6.71 -59.54
CA ASN K 285 -18.36 6.03 -60.25
C ASN K 285 -17.99 6.73 -61.53
N VAL K 286 -18.95 7.44 -62.06
CA VAL K 286 -18.81 8.17 -63.27
C VAL K 286 -18.52 9.70 -63.05
N ASP K 287 -18.72 10.18 -61.82
CA ASP K 287 -18.58 11.61 -61.51
C ASP K 287 -17.13 12.02 -61.20
N LYS K 288 -16.47 12.66 -62.16
CA LYS K 288 -15.03 13.00 -62.05
C LYS K 288 -14.74 14.07 -61.03
N SER K 289 -15.68 14.99 -60.88
CA SER K 289 -15.57 16.06 -59.90
C SER K 289 -15.81 15.57 -58.49
N TRP K 290 -16.78 14.69 -58.29
CA TRP K 290 -17.03 14.17 -56.96
C TRP K 290 -15.82 13.40 -56.47
N ILE K 291 -15.12 12.79 -57.42
CA ILE K 291 -13.98 11.99 -57.10
C ILE K 291 -12.72 12.82 -56.83
N ALA K 292 -12.58 13.93 -57.55
CA ALA K 292 -11.52 14.91 -57.31
C ALA K 292 -11.69 15.49 -55.90
N ALA K 293 -12.91 15.88 -55.56
CA ALA K 293 -13.20 16.43 -54.27
C ALA K 293 -12.94 15.44 -53.13
N ALA K 294 -13.20 14.16 -53.38
CA ALA K 294 -13.02 13.08 -52.37
C ALA K 294 -11.57 12.81 -52.15
N ASN K 295 -10.79 13.00 -53.22
CA ASN K 295 -9.34 12.92 -53.20
C ASN K 295 -8.69 14.07 -52.41
N LEU K 296 -9.12 15.32 -52.61
CA LEU K 296 -8.70 16.42 -51.73
C LEU K 296 -9.09 16.18 -50.24
N THR K 297 -10.29 15.63 -50.02
CA THR K 297 -10.81 15.29 -48.69
C THR K 297 -9.85 14.40 -47.90
N ALA K 298 -9.30 13.38 -48.58
CA ALA K 298 -8.35 12.48 -47.93
C ALA K 298 -7.07 13.22 -47.54
N ILE K 299 -6.66 14.19 -48.36
CA ILE K 299 -5.50 15.01 -48.03
C ILE K 299 -5.82 15.92 -46.83
N VAL K 300 -6.97 16.57 -46.88
CA VAL K 300 -7.46 17.44 -45.82
C VAL K 300 -7.57 16.70 -44.47
N MET K 301 -8.10 15.49 -44.49
CA MET K 301 -8.32 14.76 -43.25
C MET K 301 -7.07 14.10 -42.73
N ALA K 302 -6.10 13.88 -43.63
CA ALA K 302 -4.83 13.21 -43.28
C ALA K 302 -3.89 14.07 -42.42
N CYS K 303 -3.99 15.39 -42.55
CA CYS K 303 -3.11 16.27 -41.81
C CYS K 303 -3.63 16.60 -40.37
N ARG K 304 -4.91 16.33 -40.12
CA ARG K 304 -5.54 16.72 -38.86
C ARG K 304 -6.17 15.51 -38.14
N GLN K 305 -6.64 15.74 -36.90
CA GLN K 305 -7.65 14.85 -36.30
C GLN K 305 -8.97 15.46 -36.65
N PRO K 306 -9.71 14.87 -37.60
CA PRO K 306 -10.93 15.48 -38.10
C PRO K 306 -12.14 15.09 -37.20
N PRO K 307 -13.33 15.67 -37.47
CA PRO K 307 -14.51 15.20 -36.73
C PRO K 307 -14.72 13.68 -36.71
N VAL K 308 -15.12 13.17 -35.56
CA VAL K 308 -15.38 11.75 -35.40
C VAL K 308 -16.75 11.41 -35.95
N PHE K 309 -16.80 10.45 -36.87
CA PHE K 309 -18.00 10.00 -37.56
C PHE K 309 -19.09 9.43 -36.65
N ALA K 310 -20.33 9.74 -36.98
CA ALA K 310 -21.47 9.00 -36.41
C ALA K 310 -21.34 7.54 -36.83
N ASN K 311 -21.43 6.62 -35.86
CA ASN K 311 -21.44 5.18 -36.17
C ASN K 311 -22.39 4.79 -37.32
N GLN K 312 -23.54 5.45 -37.37
CA GLN K 312 -24.60 5.21 -38.32
C GLN K 312 -24.13 5.51 -39.76
N GLY K 313 -23.18 6.43 -39.90
CA GLY K 313 -22.63 6.82 -41.21
C GLY K 313 -21.50 5.95 -41.76
N VAL K 314 -21.05 4.95 -41.00
CA VAL K 314 -20.02 4.02 -41.47
C VAL K 314 -20.56 2.60 -41.42
N ILE K 315 -19.86 1.65 -42.04
CA ILE K 315 -20.31 0.26 -42.07
C ILE K 315 -20.07 -0.33 -40.67
N ASN K 316 -20.76 -1.43 -40.34
CA ASN K 316 -20.65 -2.01 -38.99
C ASN K 316 -19.24 -2.27 -38.48
N GLN K 317 -18.39 -2.84 -39.32
CA GLN K 317 -17.01 -3.16 -38.91
C GLN K 317 -16.13 -1.93 -38.69
N ALA K 318 -16.57 -0.74 -39.11
CA ALA K 318 -15.80 0.51 -38.95
C ALA K 318 -16.30 1.31 -37.75
N GLN K 319 -17.35 0.80 -37.10
CA GLN K 319 -17.95 1.47 -35.93
C GLN K 319 -17.10 1.40 -34.65
N ASN K 320 -17.24 2.42 -33.79
CA ASN K 320 -16.59 2.51 -32.47
C ASN K 320 -15.08 2.43 -32.53
N ARG K 321 -14.50 2.95 -33.62
CA ARG K 321 -13.08 3.03 -33.68
C ARG K 321 -12.64 4.32 -32.98
N PRO K 322 -11.87 4.19 -31.88
CA PRO K 322 -11.43 5.37 -31.11
C PRO K 322 -10.78 6.44 -31.99
N GLY K 323 -11.40 7.62 -32.02
CA GLY K 323 -10.84 8.79 -32.71
C GLY K 323 -11.35 8.93 -34.14
N PHE K 324 -12.08 7.93 -34.61
CA PHE K 324 -12.55 7.91 -35.96
C PHE K 324 -14.10 7.88 -36.04
N SER K 325 -14.71 6.97 -35.29
CA SER K 325 -16.16 6.78 -35.33
C SER K 325 -16.72 6.64 -33.89
N MET K 326 -17.92 7.15 -33.64
CA MET K 326 -18.46 7.08 -32.27
C MET K 326 -19.98 7.05 -32.30
N ASN K 327 -20.59 6.55 -31.23
CA ASN K 327 -22.01 6.78 -30.97
C ASN K 327 -22.26 8.25 -30.71
N GLY K 328 -23.21 8.85 -31.42
CA GLY K 328 -23.46 10.28 -31.32
C GLY K 328 -22.42 11.18 -32.03
N GLY K 329 -21.77 10.67 -33.06
CA GLY K 329 -20.72 11.41 -33.76
C GLY K 329 -21.25 12.34 -34.80
N THR K 330 -20.37 12.94 -35.61
CA THR K 330 -20.81 13.80 -36.72
C THR K 330 -21.50 12.92 -37.77
N PRO K 331 -22.72 13.31 -38.19
CA PRO K 331 -23.45 12.49 -39.14
C PRO K 331 -22.89 12.61 -40.54
N VAL K 332 -23.03 11.55 -41.33
CA VAL K 332 -22.66 11.59 -42.73
C VAL K 332 -23.94 11.82 -43.50
N HIS K 333 -24.06 13.02 -44.04
CA HIS K 333 -25.11 13.31 -44.97
C HIS K 333 -24.80 12.66 -46.34
N GLU K 334 -25.84 12.46 -47.13
CA GLU K 334 -25.73 11.73 -48.40
C GLU K 334 -26.46 12.51 -49.46
N LEU K 335 -25.93 12.47 -50.67
CA LEU K 335 -26.62 13.06 -51.82
C LEU K 335 -26.83 11.97 -52.86
N ASN K 336 -28.06 11.79 -53.32
CA ASN K 336 -28.32 11.02 -54.52
C ASN K 336 -28.00 11.98 -55.65
N LEU K 337 -27.20 11.55 -56.60
CA LEU K 337 -26.61 12.49 -57.55
C LEU K 337 -27.59 13.02 -58.59
N LEU K 338 -28.51 12.15 -59.04
CA LEU K 338 -29.54 12.60 -59.98
C LEU K 338 -30.45 13.61 -59.30
N THR K 339 -30.88 13.33 -58.07
CA THR K 339 -31.72 14.24 -57.32
C THR K 339 -31.06 15.61 -57.11
N THR K 340 -29.75 15.61 -56.91
CA THR K 340 -28.96 16.83 -56.69
C THR K 340 -28.81 17.63 -57.98
N ALA K 341 -28.74 16.92 -59.10
CA ALA K 341 -28.59 17.52 -60.42
C ALA K 341 -29.89 18.22 -60.85
N GLN K 342 -31.01 17.61 -60.44
CA GLN K 342 -32.34 18.15 -60.69
C GLN K 342 -32.59 19.39 -59.86
N GLU K 343 -32.01 19.40 -58.67
CA GLU K 343 -32.18 20.50 -57.74
C GLU K 343 -31.24 21.65 -58.12
N CYS K 344 -30.04 21.32 -58.57
CA CYS K 344 -29.16 22.35 -59.10
C CYS K 344 -29.79 23.11 -60.26
N ILE K 345 -30.22 22.38 -61.28
CA ILE K 345 -31.03 22.92 -62.39
C ILE K 345 -32.16 23.85 -61.93
N ARG K 346 -32.89 23.43 -60.90
CA ARG K 346 -34.02 24.16 -60.36
C ARG K 346 -33.58 25.47 -59.69
N GLN K 347 -32.49 25.40 -58.93
CA GLN K 347 -31.80 26.59 -58.44
C GLN K 347 -31.42 27.55 -59.56
N TRP K 348 -30.92 27.03 -60.67
CA TRP K 348 -30.56 27.90 -61.77
C TRP K 348 -31.79 28.61 -62.32
N VAL K 349 -32.90 27.88 -62.49
CA VAL K 349 -34.16 28.43 -63.02
C VAL K 349 -34.66 29.52 -62.10
N MET K 350 -34.82 29.20 -60.82
CA MET K 350 -35.22 30.21 -59.84
C MET K 350 -34.34 31.47 -59.82
N ALA K 351 -33.12 31.36 -60.36
CA ALA K 351 -32.19 32.47 -60.31
C ALA K 351 -32.25 33.31 -61.59
N GLY K 352 -33.05 32.83 -62.54
CA GLY K 352 -33.15 33.44 -63.87
C GLY K 352 -31.96 33.09 -64.75
N LEU K 353 -31.13 32.16 -64.30
CA LEU K 353 -29.89 31.81 -64.99
C LEU K 353 -30.13 30.96 -66.23
N VAL K 354 -31.20 30.15 -66.16
CA VAL K 354 -31.76 29.47 -67.33
C VAL K 354 -33.28 29.70 -67.33
N SER K 355 -33.89 29.67 -68.52
CA SER K 355 -35.35 29.78 -68.71
C SER K 355 -36.01 28.52 -68.25
N ALA K 356 -37.31 28.58 -67.94
CA ALA K 356 -38.04 27.38 -67.48
C ALA K 356 -37.95 26.26 -68.51
N ALA K 357 -37.89 26.65 -69.78
CA ALA K 357 -37.73 25.73 -70.89
C ALA K 357 -36.32 25.12 -70.95
N LYS K 358 -35.27 25.94 -70.85
CA LYS K 358 -33.89 25.43 -70.72
C LYS K 358 -33.81 24.44 -69.54
N GLY K 359 -34.44 24.80 -68.43
CA GLY K 359 -34.64 23.90 -67.29
C GLY K 359 -35.39 22.58 -67.54
N GLN K 360 -36.31 22.53 -68.52
CA GLN K 360 -36.94 21.23 -68.93
C GLN K 360 -35.90 20.39 -69.61
N ALA K 361 -35.20 21.02 -70.55
CA ALA K 361 -34.23 20.34 -71.37
C ALA K 361 -33.18 19.70 -70.49
N LEU K 362 -32.54 20.50 -69.63
CA LEU K 362 -31.45 20.03 -68.78
C LEU K 362 -31.88 18.88 -67.88
N THR K 363 -33.03 19.02 -67.23
CA THR K 363 -33.60 17.97 -66.41
C THR K 363 -33.82 16.65 -67.19
N GLN K 364 -34.38 16.78 -68.39
CA GLN K 364 -34.60 15.65 -69.31
C GLN K 364 -33.29 14.94 -69.67
N GLU K 365 -32.24 15.71 -69.98
CA GLU K 365 -30.91 15.17 -70.28
C GLU K 365 -30.27 14.45 -69.06
N ALA K 366 -30.55 14.95 -67.85
CA ALA K 366 -30.05 14.35 -66.63
C ALA K 366 -30.76 13.02 -66.38
N ASN K 367 -32.10 13.05 -66.46
CA ASN K 367 -32.92 11.87 -66.35
C ASN K 367 -32.53 10.80 -67.36
N ASP K 368 -32.28 11.21 -68.60
CA ASP K 368 -31.88 10.28 -69.64
C ASP K 368 -30.50 9.70 -69.41
N PHE K 369 -29.58 10.52 -68.91
CA PHE K 369 -28.23 10.04 -68.70
C PHE K 369 -28.19 9.07 -67.52
N SER K 370 -28.97 9.38 -66.49
CA SER K 370 -29.18 8.56 -65.31
C SER K 370 -29.75 7.13 -65.55
N ASN K 371 -30.81 7.02 -66.34
CA ASN K 371 -31.33 5.72 -66.72
C ASN K 371 -30.30 4.85 -67.47
N LEU K 372 -29.45 5.51 -68.25
CA LEU K 372 -28.41 4.87 -69.03
C LEU K 372 -27.27 4.32 -68.16
N ILE K 373 -26.76 5.15 -67.24
CA ILE K 373 -25.72 4.77 -66.30
C ILE K 373 -26.26 3.78 -65.24
N GLN K 374 -27.47 4.00 -64.78
CA GLN K 374 -28.07 3.05 -63.90
C GLN K 374 -28.11 1.66 -64.56
N ALA K 375 -28.56 1.56 -65.82
CA ALA K 375 -28.57 0.28 -66.53
C ALA K 375 -27.16 -0.33 -66.77
N ASP K 376 -26.16 0.49 -67.13
CA ASP K 376 -24.76 0.01 -67.30
C ASP K 376 -24.06 -0.52 -66.04
N LEU K 377 -24.18 0.22 -64.93
CA LEU K 377 -23.64 -0.19 -63.64
C LEU K 377 -24.42 -1.38 -63.13
N GLY K 378 -25.72 -1.41 -63.44
CA GLY K 378 -26.55 -2.59 -63.19
C GLY K 378 -25.99 -3.88 -63.77
N GLN K 379 -25.52 -3.81 -65.00
CA GLN K 379 -24.88 -4.94 -65.69
C GLN K 379 -23.59 -5.38 -65.00
N ILE K 380 -22.75 -4.38 -64.70
CA ILE K 380 -21.45 -4.60 -64.06
C ILE K 380 -21.60 -5.22 -62.69
N LYS K 381 -22.61 -4.76 -61.94
CA LYS K 381 -22.90 -5.33 -60.65
C LYS K 381 -23.45 -6.76 -60.75
N ALA K 382 -24.34 -7.02 -61.70
CA ALA K 382 -24.94 -8.35 -61.80
C ALA K 382 -23.87 -9.36 -62.13
N GLN K 383 -22.95 -8.97 -63.03
CA GLN K 383 -21.80 -9.78 -63.46
C GLN K 383 -20.70 -9.90 -62.41
N ASP K 384 -20.27 -8.78 -61.84
CA ASP K 384 -19.28 -8.79 -60.75
C ASP K 384 -19.72 -9.65 -59.57
N ASP K 385 -20.97 -9.52 -59.18
CA ASP K 385 -21.53 -10.32 -58.10
C ASP K 385 -21.50 -11.83 -58.39
N ALA K 386 -21.95 -12.21 -59.58
CA ALA K 386 -21.97 -13.62 -59.99
C ALA K 386 -20.55 -14.20 -60.01
N LEU K 387 -19.62 -13.55 -60.70
CA LEU K 387 -18.29 -14.10 -60.90
C LEU K 387 -17.43 -14.03 -59.67
N TYR K 388 -17.69 -13.06 -58.80
CA TYR K 388 -16.99 -13.06 -57.55
C TYR K 388 -17.43 -14.26 -56.74
N ASN K 389 -18.72 -14.50 -56.72
CA ASN K 389 -19.26 -15.64 -56.00
C ASN K 389 -18.85 -17.01 -56.53
N GLN K 390 -18.60 -17.11 -57.83
CA GLN K 390 -18.52 -18.38 -58.51
C GLN K 390 -17.16 -18.66 -59.08
N GLN K 391 -16.47 -17.64 -59.61
CA GLN K 391 -15.13 -17.81 -60.20
C GLN K 391 -13.95 -17.38 -59.26
N PRO K 392 -13.16 -18.36 -58.77
CA PRO K 392 -12.05 -17.99 -57.89
C PRO K 392 -11.04 -17.09 -58.61
N GLY K 393 -10.50 -16.09 -57.91
CA GLY K 393 -9.51 -15.21 -58.55
C GLY K 393 -10.10 -14.07 -59.34
N TYR K 394 -11.43 -13.92 -59.28
CA TYR K 394 -12.12 -12.83 -59.96
C TYR K 394 -11.84 -11.45 -59.33
N ALA K 395 -11.45 -10.52 -60.19
CA ALA K 395 -11.22 -9.11 -59.86
C ALA K 395 -12.47 -8.24 -60.10
N ARG K 396 -13.02 -7.67 -59.03
CA ARG K 396 -14.12 -6.69 -59.12
C ARG K 396 -13.73 -5.38 -59.79
N ARG K 397 -14.63 -4.86 -60.60
CA ARG K 397 -14.38 -3.66 -61.39
C ARG K 397 -14.73 -2.37 -60.67
N ILE K 398 -15.70 -2.45 -59.74
CA ILE K 398 -16.20 -1.30 -58.99
C ILE K 398 -16.58 -1.78 -57.60
N LYS K 399 -16.73 -0.83 -56.68
CA LYS K 399 -17.17 -1.12 -55.32
C LYS K 399 -18.53 -1.77 -55.40
N PRO K 400 -18.74 -2.87 -54.64
CA PRO K 400 -20.07 -3.43 -54.43
C PRO K 400 -21.06 -2.39 -54.01
N PHE K 401 -22.29 -2.50 -54.50
CA PHE K 401 -23.36 -1.60 -54.09
C PHE K 401 -24.66 -2.35 -54.04
N VAL K 402 -25.71 -1.73 -53.49
CA VAL K 402 -27.04 -2.36 -53.47
C VAL K 402 -27.96 -1.48 -54.31
N ASN K 403 -29.01 -2.08 -54.90
CA ASN K 403 -29.92 -1.34 -55.78
C ASN K 403 -30.71 -0.27 -55.08
N GLY K 404 -30.88 -0.42 -53.76
CA GLY K 404 -31.50 0.62 -52.94
C GLY K 404 -30.85 2.00 -53.02
N ASP K 405 -29.57 2.06 -53.43
CA ASP K 405 -28.75 3.29 -53.42
C ASP K 405 -29.20 4.27 -54.49
N TRP K 406 -30.09 3.83 -55.37
CA TRP K 406 -30.58 4.64 -56.45
C TRP K 406 -31.77 5.48 -56.03
N THR K 407 -32.36 5.22 -54.86
CA THR K 407 -33.46 6.04 -54.35
C THR K 407 -32.88 7.39 -53.91
N PRO K 408 -33.74 8.43 -53.77
CA PRO K 408 -33.28 9.72 -53.19
C PRO K 408 -32.65 9.63 -51.77
N GLY K 409 -33.18 8.77 -50.91
CA GLY K 409 -32.69 8.68 -49.52
C GLY K 409 -32.86 9.99 -48.79
N MET K 410 -31.91 10.33 -47.94
CA MET K 410 -31.94 11.61 -47.22
C MET K 410 -31.35 12.82 -47.94
N THR K 411 -31.39 12.81 -49.27
CA THR K 411 -30.86 13.91 -50.09
C THR K 411 -31.43 15.28 -49.70
N ALA K 412 -32.74 15.34 -49.47
CA ALA K 412 -33.43 16.61 -49.15
C ALA K 412 -32.90 17.24 -47.85
N GLN K 413 -32.58 16.38 -46.89
CA GLN K 413 -32.00 16.77 -45.61
C GLN K 413 -30.59 17.31 -45.81
N ALA K 414 -29.78 16.64 -46.63
CA ALA K 414 -28.43 17.11 -46.94
C ALA K 414 -28.43 18.44 -47.69
N LEU K 415 -29.40 18.63 -48.58
CA LEU K 415 -29.44 19.85 -49.38
C LEU K 415 -29.78 21.06 -48.52
N ALA K 416 -30.66 20.87 -47.53
CA ALA K 416 -31.14 21.94 -46.65
C ALA K 416 -30.01 22.41 -45.71
N VAL K 417 -29.46 21.47 -44.95
CA VAL K 417 -28.19 21.63 -44.25
C VAL K 417 -27.13 22.40 -45.07
N LEU K 418 -26.78 21.91 -46.26
CA LEU K 418 -25.79 22.60 -47.09
C LEU K 418 -26.21 24.02 -47.52
N ALA K 419 -27.52 24.24 -47.67
CA ALA K 419 -28.03 25.58 -47.96
C ALA K 419 -27.64 26.62 -46.89
N THR K 420 -27.45 26.19 -45.64
CA THR K 420 -27.14 27.10 -44.52
C THR K 420 -25.68 27.49 -44.41
N PHE K 421 -24.84 26.99 -45.32
CA PHE K 421 -23.37 27.17 -45.29
C PHE K 421 -22.91 28.53 -45.81
N THR K 422 -23.85 29.32 -46.29
CA THR K 422 -23.53 30.66 -46.73
C THR K 422 -24.04 31.66 -45.70
N ALA K 423 -24.64 31.16 -44.63
CA ALA K 423 -25.38 31.99 -43.66
C ALA K 423 -24.44 32.67 -42.69
N ILE L 1 -24.60 0.33 -73.92
CA ILE L 1 -23.78 1.60 -74.05
C ILE L 1 -22.59 1.62 -73.06
N SER L 2 -22.00 0.45 -72.83
CA SER L 2 -20.64 0.36 -72.32
C SER L 2 -19.73 0.43 -73.52
N GLU L 3 -18.72 1.29 -73.46
CA GLU L 3 -17.92 1.61 -74.63
C GLU L 3 -17.04 0.45 -75.07
N PHE L 4 -16.77 -0.46 -74.16
CA PHE L 4 -15.91 -1.59 -74.49
C PHE L 4 -16.68 -2.80 -75.00
N GLY L 5 -17.97 -2.86 -74.68
CA GLY L 5 -18.78 -4.00 -75.00
C GLY L 5 -18.54 -5.09 -73.99
N SER L 6 -18.78 -6.34 -74.38
CA SER L 6 -18.72 -7.45 -73.43
C SER L 6 -17.46 -8.21 -73.71
N THR L 7 -16.41 -7.87 -72.99
CA THR L 7 -15.05 -8.29 -73.31
C THR L 7 -14.53 -9.44 -72.42
N MET L 8 -15.30 -9.82 -71.40
CA MET L 8 -14.90 -10.87 -70.47
C MET L 8 -15.20 -12.28 -70.96
N ALA L 9 -14.20 -13.15 -70.85
CA ALA L 9 -14.36 -14.55 -71.20
C ALA L 9 -15.40 -15.21 -70.28
N ARG L 10 -16.10 -16.18 -70.82
CA ARG L 10 -17.11 -16.88 -70.09
C ARG L 10 -16.45 -17.69 -68.97
N ALA L 11 -17.01 -17.55 -67.78
CA ALA L 11 -16.56 -18.30 -66.65
C ALA L 11 -17.75 -19.01 -66.03
N ILE L 12 -18.96 -18.65 -66.41
CA ILE L 12 -20.17 -19.32 -65.86
C ILE L 12 -20.87 -20.19 -66.93
N TYR L 13 -20.90 -21.49 -66.74
CA TYR L 13 -21.48 -22.39 -67.72
C TYR L 13 -22.78 -23.01 -67.18
N ASP L 14 -23.85 -22.23 -67.30
CA ASP L 14 -25.20 -22.57 -66.84
C ASP L 14 -26.02 -23.18 -67.99
N PHE L 15 -26.91 -24.10 -67.64
CA PHE L 15 -27.83 -24.73 -68.57
C PHE L 15 -29.24 -24.60 -68.03
N PHE L 16 -30.19 -24.21 -68.88
CA PHE L 16 -31.61 -24.13 -68.50
C PHE L 16 -32.32 -25.13 -69.38
N SER L 17 -33.09 -26.03 -68.76
CA SER L 17 -33.81 -27.16 -69.42
C SER L 17 -35.15 -26.73 -69.98
N THR L 18 -35.63 -27.52 -70.95
CA THR L 18 -36.86 -27.24 -71.68
C THR L 18 -38.09 -27.26 -70.77
N PRO L 19 -38.94 -26.21 -70.81
CA PRO L 19 -40.16 -26.27 -70.01
C PRO L 19 -41.14 -27.29 -70.58
N PHE L 20 -41.87 -27.99 -69.70
CA PHE L 20 -42.93 -28.85 -70.18
C PHE L 20 -44.15 -28.94 -69.23
N GLY L 21 -45.21 -29.61 -69.71
CA GLY L 21 -46.52 -29.69 -69.05
C GLY L 21 -46.75 -31.04 -68.36
N ASN L 22 -48.02 -31.43 -68.23
CA ASN L 22 -48.43 -32.58 -67.38
C ASN L 22 -47.96 -33.95 -67.82
N ARG L 23 -47.68 -34.10 -69.10
CA ARG L 23 -47.30 -35.41 -69.61
C ARG L 23 -45.80 -35.54 -69.79
N GLY L 24 -45.03 -34.70 -69.10
CA GLY L 24 -43.58 -34.82 -69.13
C GLY L 24 -42.93 -34.11 -70.31
N LEU L 25 -41.62 -34.29 -70.45
CA LEU L 25 -40.87 -33.79 -71.62
C LEU L 25 -41.42 -34.33 -72.94
N ALA L 26 -41.73 -33.44 -73.87
CA ALA L 26 -42.50 -33.84 -75.04
C ALA L 26 -41.63 -34.45 -76.14
N THR L 27 -40.87 -35.46 -75.76
CA THR L 27 -39.99 -36.22 -76.69
C THR L 27 -40.08 -37.74 -76.46
N ASN L 28 -39.37 -38.52 -77.26
CA ASN L 28 -39.25 -39.97 -77.07
C ASN L 28 -37.97 -40.46 -77.72
N ARG L 29 -37.63 -41.74 -77.52
CA ARG L 29 -36.37 -42.36 -78.01
C ARG L 29 -36.24 -42.25 -79.53
N THR L 30 -37.39 -42.31 -80.20
CA THR L 30 -37.44 -42.32 -81.64
C THR L 30 -36.98 -40.96 -82.17
N GLN L 31 -37.64 -39.91 -81.68
CA GLN L 31 -37.23 -38.54 -81.96
C GLN L 31 -35.77 -38.30 -81.61
N LEU L 32 -35.42 -38.54 -80.35
CA LEU L 32 -34.04 -38.32 -79.91
C LEU L 32 -32.99 -39.00 -80.77
N SER L 33 -33.27 -40.23 -81.22
CA SER L 33 -32.30 -41.01 -82.04
C SER L 33 -32.17 -40.44 -83.41
N SER L 34 -33.25 -39.84 -83.90
CA SER L 34 -33.24 -39.11 -85.19
C SER L 34 -32.25 -37.98 -85.16
N LEU L 35 -32.14 -37.33 -84.01
CA LEU L 35 -31.29 -36.21 -83.85
C LEU L 35 -29.82 -36.55 -83.90
N LEU L 36 -29.47 -37.84 -83.92
CA LEU L 36 -28.05 -38.24 -83.75
C LEU L 36 -27.26 -38.38 -85.07
N SER L 37 -25.93 -38.34 -84.96
CA SER L 37 -25.06 -38.50 -86.13
C SER L 37 -24.80 -39.98 -86.31
N SER L 38 -24.31 -40.35 -87.49
CA SER L 38 -24.00 -41.75 -87.81
C SER L 38 -23.18 -42.45 -86.70
N SER L 39 -22.26 -41.70 -86.10
CA SER L 39 -21.43 -42.19 -84.98
C SER L 39 -22.07 -41.93 -83.61
N ASN L 40 -23.39 -41.62 -83.59
CA ASN L 40 -24.17 -41.50 -82.34
C ASN L 40 -23.86 -40.24 -81.54
N SER L 41 -23.18 -39.27 -82.14
CA SER L 41 -22.85 -38.01 -81.50
C SER L 41 -23.98 -37.02 -81.55
N PRO L 42 -24.41 -36.52 -80.37
CA PRO L 42 -25.34 -35.37 -80.38
C PRO L 42 -24.64 -34.01 -80.55
N TRP L 43 -23.31 -34.03 -80.62
CA TRP L 43 -22.46 -32.85 -80.48
C TRP L 43 -21.97 -32.35 -81.81
N GLN L 44 -21.88 -33.25 -82.78
CA GLN L 44 -21.34 -32.93 -84.10
C GLN L 44 -22.43 -33.02 -85.18
N ILE L 58 -36.49 -25.45 -98.04
CA ILE L 58 -36.87 -26.15 -96.81
C ILE L 58 -36.89 -27.68 -97.02
N VAL L 59 -36.01 -28.39 -96.31
CA VAL L 59 -35.98 -29.86 -96.39
C VAL L 59 -36.67 -30.60 -95.21
N SER L 60 -38.01 -30.53 -95.18
CA SER L 60 -38.88 -31.26 -94.23
C SER L 60 -38.59 -32.76 -94.06
N THR L 61 -38.82 -33.26 -92.85
CA THR L 61 -39.22 -34.64 -92.65
C THR L 61 -40.54 -34.52 -91.90
N PRO L 62 -41.39 -35.58 -91.90
CA PRO L 62 -42.59 -35.48 -91.05
C PRO L 62 -42.24 -35.31 -89.55
N GLU L 63 -41.08 -35.80 -89.15
CA GLU L 63 -40.70 -35.76 -87.75
C GLU L 63 -40.11 -34.37 -87.36
N ALA L 64 -39.49 -33.71 -88.35
CA ALA L 64 -38.98 -32.33 -88.24
C ALA L 64 -39.39 -31.41 -89.41
N PRO L 65 -40.67 -30.98 -89.46
CA PRO L 65 -41.24 -30.33 -90.66
C PRO L 65 -40.60 -28.99 -91.10
N TYR L 66 -40.03 -28.27 -90.14
CA TYR L 66 -39.39 -26.96 -90.35
C TYR L 66 -37.98 -26.94 -89.77
N PRO L 67 -37.08 -26.08 -90.33
CA PRO L 67 -35.73 -25.81 -89.72
C PRO L 67 -35.77 -25.54 -88.20
N GLY L 68 -36.72 -24.71 -87.76
CA GLY L 68 -36.87 -24.43 -86.36
C GLY L 68 -37.29 -25.64 -85.54
N SER L 69 -37.68 -26.74 -86.17
CA SER L 69 -38.01 -28.00 -85.44
C SER L 69 -36.78 -28.56 -84.72
N LEU L 70 -35.65 -28.62 -85.43
CA LEU L 70 -34.40 -29.20 -84.86
C LEU L 70 -33.85 -28.46 -83.64
N MET L 71 -33.97 -27.14 -83.60
CA MET L 71 -33.58 -26.36 -82.46
C MET L 71 -34.29 -26.81 -81.20
N TYR L 72 -35.61 -26.87 -81.26
CA TYR L 72 -36.47 -27.19 -80.15
C TYR L 72 -36.24 -28.66 -79.69
N GLN L 73 -36.09 -29.53 -80.69
CA GLN L 73 -35.97 -30.91 -80.48
C GLN L 73 -34.64 -31.22 -79.84
N GLU L 74 -33.58 -30.57 -80.32
CA GLU L 74 -32.28 -30.68 -79.66
C GLU L 74 -32.30 -30.09 -78.25
N SER L 75 -33.15 -29.08 -78.01
CA SER L 75 -33.29 -28.58 -76.64
C SER L 75 -33.82 -29.66 -75.69
N MET L 76 -34.70 -30.53 -76.19
CA MET L 76 -35.26 -31.65 -75.39
C MET L 76 -34.25 -32.77 -75.11
N LEU L 77 -33.45 -33.10 -76.12
CA LEU L 77 -32.28 -33.95 -75.99
C LEU L 77 -31.23 -33.48 -74.92
N HIS L 78 -30.76 -32.24 -75.01
CA HIS L 78 -29.93 -31.68 -73.94
C HIS L 78 -30.66 -31.73 -72.58
N SER L 79 -31.95 -31.41 -72.53
CA SER L 79 -32.69 -31.46 -71.27
C SER L 79 -32.80 -32.86 -70.64
N ALA L 80 -33.04 -33.87 -71.48
CA ALA L 80 -33.16 -35.26 -71.08
C ALA L 80 -31.83 -35.85 -70.65
N THR L 81 -30.75 -35.56 -71.39
CA THR L 81 -29.53 -36.32 -71.29
C THR L 81 -28.38 -35.69 -70.50
N VAL L 82 -28.38 -34.39 -70.32
CA VAL L 82 -27.19 -33.73 -69.70
C VAL L 82 -27.36 -33.41 -68.18
N PRO L 83 -28.46 -32.81 -67.76
CA PRO L 83 -28.52 -32.56 -66.31
C PRO L 83 -28.34 -33.82 -65.39
N GLY L 84 -28.90 -34.96 -65.79
CA GLY L 84 -28.87 -36.17 -64.92
C GLY L 84 -27.54 -36.87 -64.81
N VAL L 85 -26.60 -36.42 -65.59
CA VAL L 85 -25.30 -37.05 -65.63
C VAL L 85 -24.21 -36.26 -64.83
N LEU L 86 -24.58 -35.09 -64.33
CA LEU L 86 -23.60 -34.13 -63.78
C LEU L 86 -23.11 -34.46 -62.37
N GLY L 87 -23.78 -35.41 -61.71
CA GLY L 87 -23.44 -35.79 -60.33
C GLY L 87 -22.11 -36.51 -60.07
N SER L 88 -21.49 -37.07 -61.09
CA SER L 88 -20.19 -37.72 -60.88
C SER L 88 -19.42 -38.22 -62.08
N ARG L 89 -18.20 -38.67 -61.81
CA ARG L 89 -17.30 -39.21 -62.82
C ARG L 89 -17.80 -40.55 -63.42
N ASP L 90 -18.67 -41.25 -62.68
CA ASP L 90 -19.17 -42.57 -63.06
C ASP L 90 -20.66 -42.62 -63.38
N ALA L 91 -21.32 -41.47 -63.33
CA ALA L 91 -22.73 -41.38 -63.62
C ALA L 91 -23.12 -41.96 -65.01
N TRP L 92 -22.23 -41.78 -66.00
CA TRP L 92 -22.43 -42.29 -67.38
C TRP L 92 -22.63 -43.80 -67.51
N ARG L 93 -22.15 -44.55 -66.50
CA ARG L 93 -22.21 -46.03 -66.45
C ARG L 93 -23.63 -46.57 -66.35
N THR L 94 -24.41 -46.09 -65.38
CA THR L 94 -25.80 -46.56 -65.32
C THR L 94 -26.91 -45.56 -65.68
N PHE L 95 -26.55 -44.28 -65.92
CA PHE L 95 -27.51 -43.27 -66.42
C PHE L 95 -28.26 -43.76 -67.63
N ASN L 96 -29.60 -43.74 -67.54
CA ASN L 96 -30.48 -43.98 -68.69
C ASN L 96 -31.70 -43.06 -68.68
N VAL L 97 -32.08 -42.58 -69.87
CA VAL L 97 -33.31 -41.80 -70.06
C VAL L 97 -33.90 -42.11 -71.44
N PHE L 98 -35.22 -42.30 -71.50
CA PHE L 98 -35.90 -42.71 -72.76
C PHE L 98 -35.19 -43.86 -73.43
N GLY L 99 -34.66 -44.78 -72.61
CA GLY L 99 -33.93 -45.94 -73.13
C GLY L 99 -32.64 -45.62 -73.88
N LEU L 100 -31.97 -44.52 -73.50
CA LEU L 100 -30.67 -44.16 -74.07
C LEU L 100 -29.66 -44.04 -72.94
N SER L 101 -28.38 -44.26 -73.27
CA SER L 101 -27.28 -44.12 -72.35
C SER L 101 -26.09 -43.57 -73.14
N TRP L 102 -25.21 -42.88 -72.42
CA TRP L 102 -23.91 -42.37 -72.92
C TRP L 102 -22.88 -43.49 -73.08
N THR L 103 -21.99 -43.34 -74.05
CA THR L 103 -21.03 -44.38 -74.32
C THR L 103 -19.82 -44.30 -73.41
N ASP L 104 -19.67 -43.17 -72.72
CA ASP L 104 -18.44 -42.84 -71.98
C ASP L 104 -18.59 -41.56 -71.12
N GLU L 105 -17.56 -41.30 -70.31
CA GLU L 105 -17.56 -40.17 -69.38
C GLU L 105 -17.49 -38.86 -70.15
N GLY L 106 -16.77 -38.89 -71.28
CA GLY L 106 -16.66 -37.79 -72.23
C GLY L 106 -17.95 -37.41 -72.93
N LEU L 107 -19.06 -38.09 -72.57
CA LEU L 107 -20.42 -37.88 -73.12
C LEU L 107 -20.46 -37.98 -74.65
N SER L 108 -19.66 -38.91 -75.19
CA SER L 108 -19.29 -38.95 -76.60
C SER L 108 -20.44 -39.35 -77.51
N GLY L 109 -21.33 -40.21 -77.03
CA GLY L 109 -22.32 -40.81 -77.89
C GLY L 109 -23.51 -41.29 -77.12
N LEU L 110 -24.66 -41.39 -77.80
CA LEU L 110 -25.84 -41.96 -77.20
C LEU L 110 -26.27 -43.21 -77.95
N VAL L 111 -26.40 -44.31 -77.22
CA VAL L 111 -26.71 -45.64 -77.76
C VAL L 111 -27.83 -46.16 -76.85
N ALA L 112 -28.36 -47.33 -77.18
CA ALA L 112 -29.44 -47.91 -76.39
C ALA L 112 -28.95 -48.22 -74.98
N ALA L 113 -29.88 -48.13 -74.05
CA ALA L 113 -29.68 -48.57 -72.70
C ALA L 113 -30.02 -50.05 -72.63
N GLN L 114 -29.42 -50.74 -71.68
CA GLN L 114 -29.98 -52.02 -71.28
C GLN L 114 -31.40 -51.82 -70.77
N ASP L 115 -32.33 -52.50 -71.44
CA ASP L 115 -33.68 -52.60 -70.93
C ASP L 115 -33.94 -54.07 -70.55
N PRO L 116 -34.44 -54.31 -69.31
CA PRO L 116 -34.67 -53.30 -68.26
C PRO L 116 -33.37 -52.76 -67.67
N PRO L 117 -33.39 -51.50 -67.17
CA PRO L 117 -32.14 -50.88 -66.84
C PRO L 117 -31.61 -51.31 -65.47
N PRO L 118 -30.28 -51.55 -65.37
CA PRO L 118 -29.63 -51.68 -64.07
C PRO L 118 -29.69 -50.43 -63.16
N ALA L 119 -30.20 -49.30 -63.67
CA ALA L 119 -30.57 -48.16 -62.80
C ALA L 119 -31.91 -47.54 -63.20
N ALA L 120 -32.66 -47.07 -62.21
CA ALA L 120 -33.93 -46.40 -62.47
C ALA L 120 -33.72 -45.29 -63.48
N PRO L 121 -34.65 -45.17 -64.46
CA PRO L 121 -34.54 -44.18 -65.52
C PRO L 121 -34.55 -42.76 -64.97
N TYR L 122 -33.67 -41.92 -65.54
CA TYR L 122 -33.63 -40.49 -65.22
C TYR L 122 -34.96 -39.88 -65.61
N GLN L 123 -35.49 -39.04 -64.73
CA GLN L 123 -36.66 -38.21 -65.04
C GLN L 123 -36.24 -36.75 -65.17
N PRO L 124 -36.35 -36.20 -66.41
CA PRO L 124 -36.09 -34.77 -66.69
C PRO L 124 -36.95 -33.78 -65.90
N ALA L 125 -36.33 -32.69 -65.46
CA ALA L 125 -37.08 -31.66 -64.77
C ALA L 125 -37.41 -30.51 -65.75
N SER L 126 -38.55 -29.88 -65.52
CA SER L 126 -39.08 -28.80 -66.36
C SER L 126 -38.43 -27.48 -65.99
N ALA L 127 -37.86 -26.78 -66.99
CA ALA L 127 -37.44 -25.39 -66.83
C ALA L 127 -36.57 -25.20 -65.58
N GLN L 128 -35.47 -25.94 -65.55
CA GLN L 128 -34.59 -25.92 -64.41
C GLN L 128 -33.13 -25.64 -64.80
N TRP L 129 -32.36 -25.10 -63.86
CA TRP L 129 -30.99 -24.69 -64.08
C TRP L 129 -30.02 -25.72 -63.59
N SER L 130 -28.92 -25.94 -64.35
CA SER L 130 -27.79 -26.76 -63.93
C SER L 130 -26.51 -25.96 -64.11
N ASP L 131 -25.55 -26.17 -63.22
CA ASP L 131 -24.18 -25.67 -63.36
C ASP L 131 -23.39 -26.83 -63.93
N LEU L 132 -23.01 -26.71 -65.20
CA LEU L 132 -22.35 -27.74 -65.92
C LEU L 132 -20.91 -27.97 -65.45
N LEU L 133 -20.36 -27.04 -64.65
CA LEU L 133 -19.02 -27.20 -64.06
C LEU L 133 -19.01 -28.16 -62.88
N ASN L 134 -20.18 -28.62 -62.45
CA ASN L 134 -20.28 -29.73 -61.49
C ASN L 134 -19.83 -31.04 -62.09
N TYR L 135 -19.74 -31.10 -63.42
CA TYR L 135 -19.31 -32.30 -64.07
C TYR L 135 -17.79 -32.37 -64.02
N PRO L 136 -17.25 -33.34 -63.24
CA PRO L 136 -15.80 -33.32 -62.95
C PRO L 136 -14.92 -33.25 -64.18
N ARG L 137 -15.30 -33.94 -65.24
CA ARG L 137 -14.51 -33.96 -66.48
C ARG L 137 -14.52 -32.62 -67.18
N TRP L 138 -15.63 -31.89 -67.09
CA TRP L 138 -15.69 -30.52 -67.65
C TRP L 138 -14.95 -29.48 -66.82
N ALA L 139 -14.95 -29.65 -65.50
CA ALA L 139 -14.17 -28.77 -64.62
C ALA L 139 -12.68 -28.90 -64.89
N ASN L 140 -12.21 -30.13 -65.14
CA ASN L 140 -10.79 -30.41 -65.40
C ASN L 140 -10.35 -30.30 -66.85
N ARG L 141 -11.24 -30.69 -67.75
CA ARG L 141 -10.93 -30.59 -69.19
C ARG L 141 -11.94 -29.62 -69.79
N ARG L 142 -11.76 -28.35 -69.47
CA ARG L 142 -12.68 -27.29 -69.78
C ARG L 142 -12.92 -27.12 -71.29
N ARG L 143 -11.91 -27.41 -72.10
CA ARG L 143 -12.00 -27.32 -73.56
C ARG L 143 -13.06 -28.24 -74.14
N GLU L 144 -13.40 -29.28 -73.41
CA GLU L 144 -14.44 -30.22 -73.79
C GLU L 144 -15.86 -29.66 -73.53
N LEU L 145 -15.97 -28.73 -72.59
CA LEU L 145 -17.22 -28.06 -72.37
C LEU L 145 -17.34 -26.92 -73.37
N GLN L 146 -16.26 -26.18 -73.57
CA GLN L 146 -16.34 -24.96 -74.38
C GLN L 146 -16.74 -25.31 -75.78
N SER L 147 -16.26 -26.45 -76.23
CA SER L 147 -16.58 -27.06 -77.53
C SER L 147 -18.06 -27.38 -77.66
N LYS L 148 -18.69 -27.75 -76.55
CA LYS L 148 -20.06 -28.20 -76.57
C LYS L 148 -20.99 -27.07 -76.23
N TYR L 149 -20.46 -26.06 -75.56
CA TYR L 149 -21.28 -24.99 -74.99
C TYR L 149 -22.12 -24.11 -75.97
N PRO L 150 -21.59 -23.76 -77.17
CA PRO L 150 -22.51 -23.02 -78.05
C PRO L 150 -23.85 -23.75 -78.31
N LEU L 151 -23.80 -25.06 -78.46
CA LEU L 151 -24.99 -25.91 -78.69
C LEU L 151 -25.96 -25.93 -77.47
N LEU L 152 -25.38 -26.07 -76.28
CA LEU L 152 -26.10 -26.07 -75.01
C LEU L 152 -26.59 -24.66 -74.59
N LEU L 153 -25.81 -23.63 -74.89
CA LEU L 153 -26.30 -22.28 -74.70
C LEU L 153 -27.48 -21.96 -75.64
N ARG L 154 -27.45 -22.42 -76.89
CA ARG L 154 -28.64 -22.20 -77.72
C ARG L 154 -29.96 -22.87 -77.31
N SER L 155 -29.85 -24.00 -76.64
CA SER L 155 -30.99 -24.63 -75.98
C SER L 155 -31.41 -23.83 -74.74
N THR L 156 -30.43 -23.47 -73.91
CA THR L 156 -30.67 -22.58 -72.78
C THR L 156 -31.46 -21.37 -73.18
N LEU L 157 -31.03 -20.68 -74.27
CA LEU L 157 -31.62 -19.43 -74.74
C LEU L 157 -33.00 -19.64 -75.37
N LEU L 158 -33.19 -20.73 -76.14
CA LEU L 158 -34.52 -21.08 -76.67
C LEU L 158 -35.56 -21.38 -75.55
N SER L 159 -35.10 -22.03 -74.49
CA SER L 159 -35.99 -22.44 -73.41
C SER L 159 -36.35 -21.23 -72.56
N ALA L 160 -35.37 -20.33 -72.41
CA ALA L 160 -35.51 -19.07 -71.65
C ALA L 160 -36.46 -18.10 -72.32
N MET L 161 -36.49 -18.15 -73.65
CA MET L 161 -37.31 -17.26 -74.46
C MET L 161 -38.75 -17.71 -74.40
N ARG L 162 -39.65 -16.74 -74.31
CA ARG L 162 -41.09 -16.96 -74.36
C ARG L 162 -41.63 -17.37 -75.77
N ALA L 163 -41.02 -16.81 -76.83
CA ALA L 163 -41.36 -17.16 -78.20
C ALA L 163 -40.15 -17.72 -78.94
N GLY L 164 -39.82 -17.11 -80.10
CA GLY L 164 -38.73 -17.62 -80.94
C GLY L 164 -37.37 -17.16 -80.48
N PRO L 165 -36.30 -17.59 -81.17
CA PRO L 165 -34.91 -17.38 -80.71
C PRO L 165 -34.44 -15.94 -80.67
N VAL L 166 -33.56 -15.65 -79.73
CA VAL L 166 -32.99 -14.35 -79.51
C VAL L 166 -31.71 -14.15 -80.40
N LEU L 167 -31.51 -12.92 -80.86
CA LEU L 167 -30.27 -12.51 -81.55
C LEU L 167 -29.51 -11.53 -80.67
N TYR L 168 -28.18 -11.59 -80.73
CA TYR L 168 -27.25 -10.69 -80.10
C TYR L 168 -26.91 -9.59 -81.12
N VAL L 169 -27.33 -8.37 -80.87
CA VAL L 169 -27.24 -7.36 -81.93
C VAL L 169 -26.35 -6.19 -81.53
N GLU L 170 -25.15 -6.16 -82.09
CA GLU L 170 -24.17 -5.18 -81.68
C GLU L 170 -23.53 -4.44 -82.85
N THR L 171 -23.63 -3.11 -82.82
CA THR L 171 -22.81 -2.24 -83.70
C THR L 171 -21.87 -1.32 -82.90
N TRP L 172 -20.76 -0.96 -83.53
CA TRP L 172 -19.75 -0.13 -82.88
C TRP L 172 -19.05 0.75 -83.94
N PRO L 173 -18.43 1.90 -83.51
CA PRO L 173 -17.78 2.83 -84.47
C PRO L 173 -16.76 2.18 -85.39
N ASN L 174 -16.76 2.60 -86.64
CA ASN L 174 -16.18 1.85 -87.78
C ASN L 174 -15.90 0.35 -87.65
N MET L 175 -17.03 -0.39 -87.44
CA MET L 175 -17.05 -1.83 -87.25
C MET L 175 -16.55 -2.65 -88.40
N ILE L 176 -16.89 -2.23 -89.61
CA ILE L 176 -16.39 -2.96 -90.76
C ILE L 176 -15.21 -2.17 -91.34
N SER L 177 -14.00 -2.53 -90.96
CA SER L 177 -12.78 -1.85 -91.41
C SER L 177 -11.65 -2.82 -91.27
N GLY L 178 -10.52 -2.55 -91.93
CA GLY L 178 -9.30 -3.35 -91.77
C GLY L 178 -9.42 -4.75 -92.35
N ARG L 179 -8.85 -5.73 -91.66
CA ARG L 179 -9.02 -7.15 -92.02
C ARG L 179 -10.49 -7.52 -92.14
N LEU L 180 -11.33 -6.98 -91.25
CA LEU L 180 -12.77 -7.30 -91.23
C LEU L 180 -13.47 -6.89 -92.53
N ALA L 181 -13.13 -5.69 -93.01
CA ALA L 181 -13.60 -5.17 -94.29
C ALA L 181 -13.12 -6.00 -95.45
N ASP L 182 -11.88 -6.49 -95.40
CA ASP L 182 -11.40 -7.43 -96.45
C ASP L 182 -12.07 -8.78 -96.39
N TRP L 183 -12.47 -9.20 -95.17
CA TRP L 183 -13.19 -10.45 -94.96
C TRP L 183 -14.57 -10.42 -95.62
N PHE L 184 -15.36 -9.39 -95.30
CA PHE L 184 -16.62 -9.11 -96.01
C PHE L 184 -16.49 -8.92 -97.54
N MET L 185 -15.41 -8.26 -98.00
CA MET L 185 -15.20 -8.16 -99.47
C MET L 185 -14.95 -9.49 -100.10
N SER L 186 -14.35 -10.40 -99.34
CA SER L 186 -14.08 -11.75 -99.83
C SER L 186 -15.36 -12.58 -100.00
N GLN L 187 -16.45 -12.14 -99.33
CA GLN L 187 -17.74 -12.83 -99.35
C GLN L 187 -18.71 -12.19 -100.32
N TYR L 188 -18.21 -11.24 -101.12
CA TYR L 188 -19.03 -10.51 -102.09
C TYR L 188 -19.90 -11.45 -102.90
N GLY L 189 -21.19 -11.15 -102.99
CA GLY L 189 -22.12 -11.97 -103.75
C GLY L 189 -22.52 -13.29 -103.08
N ASN L 190 -21.95 -13.57 -101.89
CA ASN L 190 -22.29 -14.76 -101.13
C ASN L 190 -23.62 -14.66 -100.41
N ASN L 191 -24.18 -15.83 -100.13
CA ASN L 191 -25.45 -15.94 -99.43
C ASN L 191 -25.26 -15.92 -97.89
N PHE L 192 -26.13 -15.21 -97.19
CA PHE L 192 -26.02 -15.07 -95.72
C PHE L 192 -25.95 -16.36 -94.91
N VAL L 193 -26.82 -17.34 -95.22
CA VAL L 193 -26.87 -18.64 -94.49
C VAL L 193 -25.61 -19.45 -94.73
N ASP L 194 -25.11 -19.41 -95.96
CA ASP L 194 -23.82 -20.00 -96.32
C ASP L 194 -22.67 -19.40 -95.56
N MET L 195 -22.67 -18.07 -95.44
CA MET L 195 -21.64 -17.33 -94.68
C MET L 195 -21.67 -17.71 -93.20
N CYS L 196 -22.87 -17.78 -92.60
CA CYS L 196 -22.99 -18.29 -91.22
C CYS L 196 -22.48 -19.73 -91.09
N ALA L 197 -22.77 -20.58 -92.08
CA ALA L 197 -22.43 -22.01 -92.04
C ALA L 197 -20.93 -22.21 -92.07
N ARG L 198 -20.27 -21.45 -92.94
CA ARG L 198 -18.81 -21.42 -93.06
C ARG L 198 -18.16 -20.93 -91.76
N LEU L 199 -18.72 -19.89 -91.14
CA LEU L 199 -18.24 -19.44 -89.81
C LEU L 199 -18.45 -20.47 -88.70
N THR L 200 -19.58 -21.17 -88.71
CA THR L 200 -19.85 -22.27 -87.78
C THR L 200 -18.78 -23.37 -87.86
N GLN L 201 -18.39 -23.73 -89.08
CA GLN L 201 -17.34 -24.70 -89.32
C GLN L 201 -15.95 -24.19 -88.88
N SER L 202 -15.65 -22.91 -89.12
CA SER L 202 -14.31 -22.36 -88.77
C SER L 202 -14.09 -22.21 -87.26
N CYS L 203 -15.21 -22.13 -86.52
CA CYS L 203 -15.18 -22.05 -85.07
C CYS L 203 -14.98 -23.41 -84.42
N SER L 204 -15.14 -24.47 -85.22
CA SER L 204 -14.94 -25.88 -84.78
C SER L 204 -13.63 -26.16 -84.04
N ASN L 205 -12.50 -25.66 -84.56
CA ASN L 205 -11.16 -25.81 -83.91
C ASN L 205 -11.13 -25.31 -82.45
N MET L 206 -12.22 -24.65 -82.08
CA MET L 206 -12.41 -23.83 -80.86
C MET L 206 -11.80 -22.41 -80.86
N PRO L 207 -10.63 -22.21 -80.22
CA PRO L 207 -10.36 -21.11 -79.27
C PRO L 207 -11.50 -20.12 -79.00
N VAL L 208 -11.82 -19.28 -79.99
CA VAL L 208 -12.84 -18.19 -79.89
C VAL L 208 -12.75 -17.23 -78.67
N GLU L 209 -12.00 -16.15 -78.83
CA GLU L 209 -11.85 -15.12 -77.81
C GLU L 209 -12.78 -13.96 -78.10
N PRO L 210 -13.32 -13.33 -77.03
CA PRO L 210 -14.07 -12.11 -77.30
C PRO L 210 -13.15 -11.11 -78.04
N ASP L 211 -13.64 -10.56 -79.14
CA ASP L 211 -12.94 -9.51 -79.90
C ASP L 211 -11.89 -10.07 -80.84
N GLY L 212 -11.78 -11.38 -80.92
CA GLY L 212 -10.93 -11.99 -81.93
C GLY L 212 -11.57 -11.79 -83.28
N ASN L 213 -10.90 -12.26 -84.32
CA ASN L 213 -11.47 -12.26 -85.66
C ASN L 213 -12.79 -12.99 -85.77
N TYR L 214 -12.84 -14.23 -85.32
CA TYR L 214 -14.07 -15.01 -85.42
C TYR L 214 -15.24 -14.31 -84.77
N ASP L 215 -15.01 -13.69 -83.61
CA ASP L 215 -16.10 -13.10 -82.84
C ASP L 215 -16.54 -11.81 -83.50
N GLN L 216 -15.62 -11.05 -84.05
CA GLN L 216 -15.95 -9.77 -84.69
C GLN L 216 -16.68 -9.97 -85.98
N GLN L 217 -16.25 -10.95 -86.78
CA GLN L 217 -16.97 -11.40 -87.98
C GLN L 217 -18.42 -11.78 -87.68
N MET L 218 -18.60 -12.63 -86.69
CA MET L 218 -19.94 -13.15 -86.34
C MET L 218 -20.87 -12.07 -85.89
N ARG L 219 -20.39 -11.21 -85.00
CA ARG L 219 -21.19 -10.09 -84.51
C ARG L 219 -21.55 -9.05 -85.58
N ALA L 220 -20.59 -8.73 -86.45
CA ALA L 220 -20.78 -7.78 -87.56
C ALA L 220 -21.71 -8.37 -88.62
N LEU L 221 -21.54 -9.67 -88.90
CA LEU L 221 -22.48 -10.45 -89.74
C LEU L 221 -23.92 -10.39 -89.28
N ILE L 222 -24.18 -10.64 -88.00
CA ILE L 222 -25.54 -10.62 -87.47
C ILE L 222 -26.17 -9.25 -87.66
N SER L 223 -25.50 -8.19 -87.19
CA SER L 223 -26.10 -6.85 -87.33
C SER L 223 -26.12 -6.27 -88.71
N LEU L 224 -25.18 -6.64 -89.58
CA LEU L 224 -25.31 -6.18 -90.95
C LEU L 224 -26.58 -6.80 -91.56
N TRP L 225 -26.71 -8.12 -91.46
CA TRP L 225 -27.91 -8.80 -91.96
C TRP L 225 -29.20 -8.26 -91.34
N LEU L 226 -29.32 -8.30 -90.01
CA LEU L 226 -30.55 -7.81 -89.34
C LEU L 226 -30.98 -6.42 -89.77
N LEU L 227 -30.02 -5.50 -89.90
CA LEU L 227 -30.33 -4.12 -90.32
C LEU L 227 -30.74 -4.08 -91.78
N SER L 228 -30.25 -5.03 -92.57
CA SER L 228 -30.76 -5.25 -93.92
C SER L 228 -32.17 -5.86 -93.95
N TYR L 229 -32.41 -6.80 -93.04
CA TYR L 229 -33.67 -7.52 -92.90
C TYR L 229 -34.83 -6.59 -92.56
N ILE L 230 -34.54 -5.57 -91.77
CA ILE L 230 -35.56 -4.57 -91.42
C ILE L 230 -35.62 -3.36 -92.38
N GLY L 231 -34.76 -3.37 -93.41
CA GLY L 231 -34.80 -2.33 -94.45
C GLY L 231 -34.00 -1.05 -94.22
N VAL L 232 -33.49 -0.82 -93.01
CA VAL L 232 -32.79 0.45 -92.71
C VAL L 232 -31.38 0.54 -93.34
N VAL L 233 -30.72 -0.62 -93.50
CA VAL L 233 -29.49 -0.76 -94.26
C VAL L 233 -29.86 -1.39 -95.59
N ASN L 234 -29.58 -0.65 -96.65
CA ASN L 234 -29.89 -1.10 -97.99
C ASN L 234 -28.86 -0.51 -98.91
N GLN L 235 -29.16 -0.54 -100.18
CA GLN L 235 -28.21 -0.13 -101.17
C GLN L 235 -27.97 1.38 -101.14
N THR L 236 -28.96 2.15 -100.66
CA THR L 236 -28.82 3.58 -100.57
C THR L 236 -28.21 4.00 -99.26
N ASN L 237 -27.86 3.03 -98.42
CA ASN L 237 -27.50 3.29 -97.02
C ASN L 237 -26.77 2.10 -96.47
N THR L 238 -25.45 2.11 -96.61
CA THR L 238 -24.68 0.92 -96.41
C THR L 238 -23.85 1.02 -95.13
N ILE L 239 -23.20 -0.07 -94.73
CA ILE L 239 -22.28 0.00 -93.62
C ILE L 239 -20.96 -0.30 -94.26
N SER L 240 -20.08 0.71 -94.28
CA SER L 240 -18.78 0.64 -95.00
C SER L 240 -18.92 0.04 -96.39
N GLY L 241 -20.02 0.37 -97.06
CA GLY L 241 -20.25 -0.05 -98.43
C GLY L 241 -21.13 -1.30 -98.60
N PHE L 242 -21.22 -2.12 -97.54
CA PHE L 242 -21.88 -3.42 -97.59
C PHE L 242 -23.34 -3.34 -97.17
N TYR L 243 -24.16 -4.23 -97.74
CA TYR L 243 -25.56 -4.38 -97.40
C TYR L 243 -25.96 -5.79 -97.88
N PHE L 244 -27.00 -6.40 -97.28
CA PHE L 244 -27.59 -7.63 -97.89
C PHE L 244 -28.82 -7.29 -98.70
N SER L 245 -29.04 -8.01 -99.78
CA SER L 245 -30.22 -7.75 -100.60
C SER L 245 -30.97 -9.05 -100.86
N SER L 246 -32.29 -8.97 -100.99
CA SER L 246 -33.10 -10.10 -101.41
C SER L 246 -34.07 -9.56 -102.45
N LYS L 247 -34.25 -10.29 -103.56
CA LYS L 247 -35.25 -9.96 -104.58
C LYS L 247 -36.70 -9.92 -104.04
N THR L 248 -37.08 -10.98 -103.31
CA THR L 248 -38.39 -11.01 -102.62
C THR L 248 -38.18 -10.64 -101.15
N ARG L 249 -39.25 -10.18 -100.50
CA ARG L 249 -39.21 -9.94 -99.08
C ARG L 249 -40.44 -10.52 -98.31
N GLY L 250 -40.20 -11.50 -97.44
CA GLY L 250 -41.25 -11.98 -96.51
C GLY L 250 -42.05 -13.10 -97.14
N GLN L 251 -41.34 -13.95 -97.85
CA GLN L 251 -41.90 -14.81 -98.85
C GLN L 251 -41.03 -16.05 -98.87
N ALA L 252 -41.54 -17.10 -99.51
CA ALA L 252 -40.87 -18.40 -99.58
C ALA L 252 -39.48 -18.32 -100.25
N LEU L 253 -39.35 -17.46 -101.25
CA LEU L 253 -38.09 -17.39 -102.02
C LEU L 253 -37.00 -16.43 -101.42
N ASP L 254 -37.32 -15.70 -100.34
CA ASP L 254 -36.35 -14.83 -99.63
C ASP L 254 -34.99 -15.47 -99.51
N SER L 255 -33.96 -14.73 -99.91
CA SER L 255 -32.58 -15.21 -99.90
C SER L 255 -31.71 -13.96 -99.86
N TRP L 256 -30.77 -13.91 -98.90
CA TRP L 256 -30.01 -12.68 -98.62
C TRP L 256 -28.59 -12.76 -99.17
N THR L 257 -28.28 -11.90 -100.13
CA THR L 257 -26.99 -11.88 -100.77
C THR L 257 -26.17 -10.62 -100.36
N LEU L 258 -24.90 -10.81 -100.04
CA LEU L 258 -24.03 -9.69 -99.69
C LEU L 258 -23.63 -8.92 -100.96
N PHE L 259 -23.95 -7.63 -100.98
CA PHE L 259 -23.43 -6.75 -102.00
C PHE L 259 -22.62 -5.57 -101.42
N TYR L 260 -22.15 -4.72 -102.34
CA TYR L 260 -21.19 -3.68 -102.04
C TYR L 260 -21.32 -2.53 -103.03
N THR L 261 -21.19 -1.33 -102.49
CA THR L 261 -21.36 -0.10 -103.19
C THR L 261 -20.21 0.86 -102.79
N THR L 262 -19.70 1.53 -103.82
CA THR L 262 -18.67 2.56 -103.72
C THR L 262 -19.32 3.95 -103.57
N ASN L 263 -20.48 4.11 -104.19
CA ASN L 263 -21.08 5.41 -104.47
C ASN L 263 -22.26 5.83 -103.61
N THR L 264 -22.77 4.95 -102.76
CA THR L 264 -23.99 5.30 -102.03
C THR L 264 -23.66 5.65 -100.61
N ASN L 265 -24.63 6.21 -99.87
CA ASN L 265 -24.39 6.65 -98.49
C ASN L 265 -23.87 5.53 -97.54
N ARG L 266 -22.99 5.93 -96.62
CA ARG L 266 -22.30 5.05 -95.70
C ARG L 266 -22.60 5.58 -94.33
N VAL L 267 -23.24 4.76 -93.49
CA VAL L 267 -23.60 5.23 -92.18
C VAL L 267 -22.31 5.56 -91.44
N GLN L 268 -22.39 6.49 -90.50
CA GLN L 268 -21.27 6.80 -89.61
C GLN L 268 -21.66 6.47 -88.16
N ILE L 269 -21.17 5.34 -87.66
CA ILE L 269 -21.50 4.88 -86.31
C ILE L 269 -20.64 5.60 -85.26
N THR L 270 -21.29 6.37 -84.41
CA THR L 270 -20.66 7.28 -83.42
C THR L 270 -20.45 6.62 -82.05
N GLN L 271 -21.32 5.67 -81.71
CA GLN L 271 -21.17 4.95 -80.46
C GLN L 271 -21.58 3.49 -80.62
N ARG L 272 -21.13 2.68 -79.66
CA ARG L 272 -21.55 1.30 -79.52
C ARG L 272 -23.04 1.25 -79.26
N HIS L 273 -23.69 0.30 -79.93
CA HIS L 273 -25.11 -0.02 -79.75
C HIS L 273 -25.28 -1.51 -79.49
N PHE L 274 -26.19 -1.85 -78.57
CA PHE L 274 -26.48 -3.26 -78.31
C PHE L 274 -27.94 -3.57 -78.04
N ALA L 275 -28.46 -4.63 -78.66
CA ALA L 275 -29.83 -5.06 -78.33
C ALA L 275 -29.95 -6.58 -78.33
N TYR L 276 -30.83 -7.11 -77.51
CA TYR L 276 -31.29 -8.46 -77.68
C TYR L 276 -32.58 -8.36 -78.49
N VAL L 277 -32.70 -9.16 -79.54
CA VAL L 277 -33.90 -9.11 -80.37
C VAL L 277 -34.32 -10.53 -80.70
N CYS L 278 -35.57 -10.88 -80.33
CA CYS L 278 -36.15 -12.21 -80.65
C CYS L 278 -37.28 -12.16 -81.66
N ALA L 279 -37.55 -13.31 -82.28
CA ALA L 279 -38.69 -13.49 -83.17
C ALA L 279 -39.92 -13.72 -82.30
N ARG L 280 -40.90 -12.83 -82.44
CA ARG L 280 -42.16 -12.92 -81.73
C ARG L 280 -43.01 -14.04 -82.28
N SER L 281 -43.11 -14.11 -83.60
CA SER L 281 -44.15 -14.86 -84.26
C SER L 281 -43.67 -16.25 -84.70
N PRO L 282 -44.60 -17.22 -84.81
CA PRO L 282 -44.18 -18.63 -84.95
C PRO L 282 -43.56 -18.98 -86.26
N ASP L 283 -43.73 -18.09 -87.24
CA ASP L 283 -43.07 -18.20 -88.55
C ASP L 283 -41.52 -18.22 -88.51
N TRP L 284 -40.92 -17.85 -87.38
CA TRP L 284 -39.49 -18.03 -87.22
C TRP L 284 -39.06 -19.47 -87.54
N ASN L 285 -39.98 -20.42 -87.33
CA ASN L 285 -39.70 -21.83 -87.60
C ASN L 285 -39.29 -22.09 -89.03
N VAL L 286 -39.66 -21.18 -89.92
CA VAL L 286 -39.43 -21.37 -91.33
C VAL L 286 -38.36 -20.37 -91.84
N ASP L 287 -37.99 -19.40 -90.99
CA ASP L 287 -37.00 -18.40 -91.35
C ASP L 287 -35.57 -18.91 -91.19
N LYS L 288 -34.94 -19.27 -92.31
CA LYS L 288 -33.63 -19.91 -92.30
C LYS L 288 -32.52 -18.97 -91.88
N SER L 289 -32.69 -17.69 -92.16
CA SER L 289 -31.71 -16.66 -91.90
C SER L 289 -31.78 -16.24 -90.45
N TRP L 290 -33.00 -16.09 -89.95
CA TRP L 290 -33.17 -15.85 -88.54
C TRP L 290 -32.53 -16.99 -87.74
N ILE L 291 -32.77 -18.23 -88.15
CA ILE L 291 -32.23 -19.38 -87.43
C ILE L 291 -30.71 -19.48 -87.51
N ALA L 292 -30.17 -19.11 -88.66
CA ALA L 292 -28.73 -19.08 -88.89
C ALA L 292 -28.11 -17.97 -88.00
N ALA L 293 -28.72 -16.81 -87.96
CA ALA L 293 -28.31 -15.74 -87.01
C ALA L 293 -28.43 -16.12 -85.52
N ALA L 294 -29.41 -16.96 -85.19
CA ALA L 294 -29.62 -17.43 -83.82
C ALA L 294 -28.59 -18.45 -83.42
N ASN L 295 -28.11 -19.22 -84.38
CA ASN L 295 -26.99 -20.15 -84.15
C ASN L 295 -25.64 -19.46 -83.93
N LEU L 296 -25.36 -18.42 -84.71
CA LEU L 296 -24.16 -17.57 -84.51
C LEU L 296 -24.22 -16.87 -83.16
N THR L 297 -25.41 -16.43 -82.75
CA THR L 297 -25.63 -15.75 -81.46
C THR L 297 -25.21 -16.64 -80.30
N ALA L 298 -25.57 -17.92 -80.33
CA ALA L 298 -25.07 -18.86 -79.33
C ALA L 298 -23.54 -18.97 -79.30
N ILE L 299 -22.89 -18.96 -80.46
CA ILE L 299 -21.43 -19.00 -80.49
C ILE L 299 -20.87 -17.69 -79.92
N VAL L 300 -21.36 -16.56 -80.39
CA VAL L 300 -21.00 -15.25 -79.84
C VAL L 300 -21.18 -15.17 -78.31
N MET L 301 -22.34 -15.53 -77.80
CA MET L 301 -22.57 -15.48 -76.35
C MET L 301 -21.79 -16.52 -75.52
N ALA L 302 -21.48 -17.65 -76.12
CA ALA L 302 -20.79 -18.73 -75.44
C ALA L 302 -19.34 -18.38 -74.99
N CYS L 303 -18.63 -17.59 -75.79
CA CYS L 303 -17.21 -17.30 -75.53
C CYS L 303 -17.00 -16.20 -74.48
N ARG L 304 -18.09 -15.50 -74.13
CA ARG L 304 -18.07 -14.32 -73.28
C ARG L 304 -19.06 -14.40 -72.14
N GLN L 305 -18.95 -13.47 -71.19
CA GLN L 305 -20.07 -13.12 -70.33
C GLN L 305 -20.84 -11.99 -71.01
N PRO L 306 -22.04 -12.33 -71.56
CA PRO L 306 -22.87 -11.36 -72.29
C PRO L 306 -23.74 -10.54 -71.37
N PRO L 307 -24.40 -9.49 -71.89
CA PRO L 307 -25.37 -8.76 -71.12
C PRO L 307 -26.42 -9.62 -70.44
N VAL L 308 -26.78 -9.20 -69.22
CA VAL L 308 -27.78 -9.88 -68.38
C VAL L 308 -29.21 -9.48 -68.81
N PHE L 309 -30.01 -10.45 -69.22
CA PHE L 309 -31.36 -10.24 -69.66
C PHE L 309 -32.19 -9.58 -68.58
N ALA L 310 -33.10 -8.71 -69.04
CA ALA L 310 -34.22 -8.26 -68.25
C ALA L 310 -35.09 -9.50 -67.96
N ASN L 311 -35.55 -9.59 -66.71
CA ASN L 311 -36.42 -10.68 -66.27
C ASN L 311 -37.69 -10.81 -67.10
N GLN L 312 -38.17 -9.69 -67.59
CA GLN L 312 -39.43 -9.68 -68.24
C GLN L 312 -39.27 -10.14 -69.69
N GLY L 313 -38.02 -10.29 -70.13
CA GLY L 313 -37.69 -10.81 -71.45
C GLY L 313 -37.41 -12.30 -71.53
N VAL L 314 -37.36 -12.97 -70.38
CA VAL L 314 -37.26 -14.44 -70.30
C VAL L 314 -38.53 -14.97 -69.58
N ILE L 315 -38.81 -16.27 -69.69
CA ILE L 315 -39.98 -16.86 -68.99
C ILE L 315 -39.79 -16.85 -67.46
N ASN L 316 -40.87 -16.86 -66.68
CA ASN L 316 -40.78 -16.82 -65.19
C ASN L 316 -39.70 -17.68 -64.54
N GLN L 317 -39.58 -18.94 -64.97
CA GLN L 317 -38.57 -19.85 -64.39
C GLN L 317 -37.11 -19.48 -64.73
N ALA L 318 -36.90 -18.68 -65.76
CA ALA L 318 -35.53 -18.34 -66.18
C ALA L 318 -35.07 -17.06 -65.50
N GLN L 319 -35.91 -16.51 -64.62
CA GLN L 319 -35.69 -15.19 -64.04
C GLN L 319 -34.80 -15.24 -62.83
N ASN L 320 -34.04 -14.16 -62.60
CA ASN L 320 -33.14 -13.99 -61.44
C ASN L 320 -32.04 -15.01 -61.39
N ARG L 321 -31.51 -15.39 -62.54
CA ARG L 321 -30.39 -16.28 -62.54
C ARG L 321 -29.11 -15.44 -62.62
N PRO L 322 -28.31 -15.43 -61.52
CA PRO L 322 -27.05 -14.64 -61.48
C PRO L 322 -26.13 -14.84 -62.70
N GLY L 323 -25.81 -13.71 -63.35
CA GLY L 323 -24.98 -13.71 -64.52
C GLY L 323 -25.81 -13.75 -65.78
N PHE L 324 -27.10 -14.05 -65.64
CA PHE L 324 -27.96 -14.39 -66.81
C PHE L 324 -29.16 -13.50 -66.93
N SER L 325 -29.90 -13.33 -65.84
CA SER L 325 -31.10 -12.51 -65.84
C SER L 325 -31.21 -11.73 -64.51
N MET L 326 -31.92 -10.61 -64.54
CA MET L 326 -31.93 -9.69 -63.42
C MET L 326 -33.07 -8.72 -63.61
N ASN L 327 -33.53 -8.14 -62.50
CA ASN L 327 -34.34 -6.94 -62.51
C ASN L 327 -33.51 -5.75 -62.99
N GLY L 328 -33.98 -5.09 -64.04
CA GLY L 328 -33.28 -3.95 -64.58
C GLY L 328 -32.26 -4.35 -65.60
N GLY L 329 -32.40 -5.55 -66.16
CA GLY L 329 -31.46 -6.05 -67.13
C GLY L 329 -31.69 -5.49 -68.49
N THR L 330 -30.95 -6.00 -69.49
CA THR L 330 -31.07 -5.56 -70.90
C THR L 330 -32.37 -6.03 -71.51
N PRO L 331 -33.20 -5.10 -72.05
CA PRO L 331 -34.52 -5.55 -72.56
C PRO L 331 -34.35 -6.52 -73.71
N VAL L 332 -35.33 -7.43 -73.85
CA VAL L 332 -35.43 -8.28 -75.01
C VAL L 332 -36.48 -7.68 -75.95
N HIS L 333 -36.02 -7.05 -77.02
CA HIS L 333 -36.92 -6.53 -78.04
C HIS L 333 -37.47 -7.69 -78.90
N GLU L 334 -38.67 -7.53 -79.45
CA GLU L 334 -39.29 -8.58 -80.24
C GLU L 334 -39.65 -8.08 -81.60
N LEU L 335 -39.59 -8.94 -82.61
CA LEU L 335 -40.04 -8.63 -83.97
C LEU L 335 -41.06 -9.63 -84.50
N ASN L 336 -42.23 -9.12 -84.87
CA ASN L 336 -43.16 -9.87 -85.67
C ASN L 336 -42.61 -9.95 -87.12
N LEU L 337 -42.31 -11.14 -87.58
CA LEU L 337 -41.61 -11.27 -88.86
C LEU L 337 -42.38 -10.80 -90.07
N LEU L 338 -43.70 -10.94 -90.07
CA LEU L 338 -44.49 -10.39 -91.20
C LEU L 338 -44.56 -8.86 -91.15
N THR L 339 -44.88 -8.28 -90.00
CA THR L 339 -44.81 -6.84 -89.80
C THR L 339 -43.46 -6.27 -90.21
N THR L 340 -42.40 -7.05 -90.01
CA THR L 340 -41.03 -6.63 -90.29
C THR L 340 -40.81 -6.67 -91.80
N ALA L 341 -41.30 -7.74 -92.44
CA ALA L 341 -41.26 -7.86 -93.88
C ALA L 341 -41.96 -6.69 -94.59
N GLN L 342 -43.15 -6.33 -94.11
CA GLN L 342 -43.88 -5.19 -94.63
C GLN L 342 -43.19 -3.85 -94.36
N GLU L 343 -42.65 -3.67 -93.15
CA GLU L 343 -41.77 -2.50 -92.86
C GLU L 343 -40.50 -2.43 -93.72
N CYS L 344 -39.84 -3.56 -93.94
CA CYS L 344 -38.69 -3.58 -94.80
C CYS L 344 -39.07 -3.12 -96.21
N ILE L 345 -40.17 -3.66 -96.74
CA ILE L 345 -40.69 -3.30 -98.05
C ILE L 345 -41.04 -1.79 -98.19
N ARG L 346 -41.50 -1.19 -97.10
CA ARG L 346 -41.85 0.21 -97.12
C ARG L 346 -40.60 1.12 -97.08
N GLN L 347 -39.52 0.58 -96.51
CA GLN L 347 -38.24 1.25 -96.44
C GLN L 347 -37.62 1.26 -97.83
N TRP L 348 -37.75 0.16 -98.55
CA TRP L 348 -37.30 0.07 -99.95
C TRP L 348 -38.06 1.01 -100.89
N VAL L 349 -39.31 1.33 -100.55
CA VAL L 349 -40.12 2.23 -101.38
C VAL L 349 -39.67 3.65 -101.13
N MET L 350 -39.45 4.00 -99.87
CA MET L 350 -38.95 5.31 -99.48
C MET L 350 -37.55 5.59 -100.03
N ALA L 351 -36.73 4.57 -100.12
CA ALA L 351 -35.36 4.75 -100.59
C ALA L 351 -35.35 4.76 -102.10
N GLY L 352 -36.55 4.68 -102.68
CA GLY L 352 -36.74 4.59 -104.10
C GLY L 352 -36.22 3.32 -104.75
N LEU L 353 -36.04 2.25 -103.96
CA LEU L 353 -35.39 1.03 -104.49
C LEU L 353 -36.35 0.13 -105.28
N VAL L 354 -37.65 0.30 -105.04
CA VAL L 354 -38.69 -0.38 -105.78
C VAL L 354 -39.78 0.64 -106.02
N SER L 355 -40.53 0.46 -107.12
CA SER L 355 -41.67 1.34 -107.43
C SER L 355 -42.73 1.14 -106.39
N ALA L 356 -43.52 2.17 -106.11
CA ALA L 356 -44.66 2.04 -105.20
C ALA L 356 -45.58 0.87 -105.58
N ALA L 357 -45.55 0.49 -106.87
CA ALA L 357 -46.38 -0.59 -107.42
C ALA L 357 -45.77 -1.96 -107.16
N LYS L 358 -44.43 -2.02 -107.18
CA LYS L 358 -43.72 -3.22 -106.80
C LYS L 358 -43.81 -3.50 -105.30
N GLY L 359 -43.91 -2.43 -104.50
CA GLY L 359 -44.02 -2.51 -103.07
C GLY L 359 -45.35 -3.07 -102.64
N GLN L 360 -46.40 -2.78 -103.42
CA GLN L 360 -47.71 -3.40 -103.23
C GLN L 360 -47.66 -4.87 -103.65
N ALA L 361 -47.03 -5.15 -104.78
CA ALA L 361 -46.89 -6.53 -105.22
C ALA L 361 -46.18 -7.37 -104.14
N LEU L 362 -44.98 -6.94 -103.75
CA LEU L 362 -44.16 -7.55 -102.69
C LEU L 362 -44.88 -7.72 -101.35
N THR L 363 -45.65 -6.70 -100.96
CA THR L 363 -46.42 -6.75 -99.71
C THR L 363 -47.54 -7.81 -99.73
N GLN L 364 -48.12 -8.02 -100.92
CA GLN L 364 -49.20 -8.95 -101.14
C GLN L 364 -48.62 -10.33 -101.13
N GLU L 365 -47.46 -10.52 -101.77
CA GLU L 365 -46.82 -11.85 -101.80
C GLU L 365 -46.39 -12.31 -100.40
N ALA L 366 -46.09 -11.34 -99.55
CA ALA L 366 -45.62 -11.62 -98.19
C ALA L 366 -46.82 -12.00 -97.30
N ASN L 367 -47.86 -11.15 -97.32
CA ASN L 367 -49.21 -11.50 -96.78
C ASN L 367 -49.76 -12.86 -97.23
N ASP L 368 -49.60 -13.18 -98.53
CA ASP L 368 -50.11 -14.44 -99.06
C ASP L 368 -49.33 -15.57 -98.45
N PHE L 369 -48.01 -15.48 -98.48
CA PHE L 369 -47.13 -16.53 -97.93
C PHE L 369 -47.29 -16.72 -96.41
N SER L 370 -47.57 -15.65 -95.69
CA SER L 370 -47.78 -15.69 -94.26
C SER L 370 -49.02 -16.48 -93.93
N ASN L 371 -50.11 -16.12 -94.59
CA ASN L 371 -51.37 -16.86 -94.45
C ASN L 371 -51.19 -18.37 -94.59
N LEU L 372 -50.45 -18.76 -95.61
CA LEU L 372 -50.11 -20.14 -95.86
C LEU L 372 -49.35 -20.79 -94.68
N ILE L 373 -48.30 -20.13 -94.21
CA ILE L 373 -47.44 -20.63 -93.13
C ILE L 373 -48.17 -20.62 -91.79
N GLN L 374 -49.01 -19.62 -91.58
CA GLN L 374 -49.77 -19.51 -90.37
C GLN L 374 -50.85 -20.60 -90.28
N ALA L 375 -51.39 -21.01 -91.42
CA ALA L 375 -52.31 -22.15 -91.46
C ALA L 375 -51.58 -23.46 -91.19
N ASP L 376 -50.38 -23.59 -91.75
CA ASP L 376 -49.57 -24.79 -91.58
C ASP L 376 -49.09 -24.95 -90.14
N LEU L 377 -48.49 -23.91 -89.60
CA LEU L 377 -48.03 -23.94 -88.22
C LEU L 377 -49.18 -24.08 -87.25
N GLY L 378 -50.28 -23.40 -87.53
CA GLY L 378 -51.50 -23.53 -86.72
C GLY L 378 -52.07 -24.96 -86.59
N GLN L 379 -51.91 -25.77 -87.63
CA GLN L 379 -52.42 -27.13 -87.58
C GLN L 379 -51.50 -28.08 -86.85
N ILE L 380 -50.20 -28.00 -87.17
CA ILE L 380 -49.13 -28.53 -86.31
C ILE L 380 -49.32 -28.22 -84.83
N LYS L 381 -49.57 -26.98 -84.46
CA LYS L 381 -49.85 -26.65 -83.07
C LYS L 381 -51.13 -27.36 -82.58
N ALA L 382 -52.26 -27.18 -83.29
CA ALA L 382 -53.51 -27.88 -82.93
C ALA L 382 -53.26 -29.38 -82.62
N GLN L 383 -52.74 -30.12 -83.58
CA GLN L 383 -52.54 -31.54 -83.42
C GLN L 383 -51.39 -31.98 -82.55
N ASP L 384 -50.40 -31.10 -82.30
CA ASP L 384 -49.34 -31.35 -81.31
C ASP L 384 -49.91 -31.17 -79.90
N ASP L 385 -50.68 -30.11 -79.70
CA ASP L 385 -51.32 -29.82 -78.43
C ASP L 385 -52.29 -30.92 -77.96
N ALA L 386 -53.14 -31.37 -78.90
CA ALA L 386 -54.05 -32.50 -78.68
C ALA L 386 -53.28 -33.81 -78.42
N LEU L 387 -52.38 -34.20 -79.33
CA LEU L 387 -51.63 -35.45 -79.17
C LEU L 387 -50.67 -35.55 -77.96
N TYR L 388 -50.08 -34.41 -77.54
CA TYR L 388 -49.27 -34.41 -76.32
C TYR L 388 -50.15 -34.69 -75.09
N ASN L 389 -51.32 -34.06 -75.04
CA ASN L 389 -52.30 -34.32 -74.00
C ASN L 389 -52.84 -35.77 -73.96
N GLN L 390 -53.28 -36.28 -75.10
CA GLN L 390 -54.02 -37.54 -75.14
C GLN L 390 -53.13 -38.76 -75.17
N GLN L 391 -51.96 -38.64 -75.79
CA GLN L 391 -51.19 -39.80 -76.14
C GLN L 391 -49.83 -39.85 -75.40
N PRO L 392 -49.69 -40.78 -74.42
CA PRO L 392 -48.41 -41.09 -73.78
C PRO L 392 -47.23 -41.30 -74.77
N GLY L 393 -46.12 -40.62 -74.48
CA GLY L 393 -44.90 -40.76 -75.30
C GLY L 393 -44.89 -39.96 -76.59
N TYR L 394 -45.83 -39.02 -76.71
CA TYR L 394 -45.83 -38.08 -77.86
C TYR L 394 -44.67 -37.06 -77.94
N ALA L 395 -44.01 -37.06 -79.10
CA ALA L 395 -42.95 -36.15 -79.49
C ALA L 395 -43.44 -34.93 -80.26
N ARG L 396 -43.39 -33.75 -79.63
CA ARG L 396 -43.73 -32.49 -80.28
C ARG L 396 -42.72 -32.15 -81.38
N ARG L 397 -43.22 -31.49 -82.42
CA ARG L 397 -42.45 -31.31 -83.65
C ARG L 397 -41.75 -29.94 -83.71
N ILE L 398 -42.30 -28.97 -82.99
CA ILE L 398 -41.88 -27.58 -82.98
C ILE L 398 -42.16 -27.03 -81.56
N LYS L 399 -41.48 -25.96 -81.19
CA LYS L 399 -41.70 -25.37 -79.89
C LYS L 399 -43.19 -24.93 -79.75
N PRO L 400 -43.80 -25.25 -78.61
CA PRO L 400 -45.13 -24.73 -78.33
C PRO L 400 -45.18 -23.21 -78.43
N PHE L 401 -46.28 -22.67 -78.94
CA PHE L 401 -46.46 -21.23 -79.02
C PHE L 401 -47.90 -20.95 -78.76
N VAL L 402 -48.26 -19.67 -78.65
CA VAL L 402 -49.65 -19.25 -78.47
C VAL L 402 -50.10 -18.46 -79.71
N ASN L 403 -51.41 -18.51 -80.02
CA ASN L 403 -51.95 -17.79 -81.17
C ASN L 403 -51.74 -16.24 -81.14
N GLY L 404 -51.59 -15.64 -79.96
CA GLY L 404 -51.35 -14.21 -79.81
C GLY L 404 -50.00 -13.76 -80.34
N ASP L 405 -49.10 -14.71 -80.53
CA ASP L 405 -47.77 -14.47 -81.09
C ASP L 405 -47.82 -13.91 -82.52
N TRP L 406 -48.98 -14.05 -83.16
CA TRP L 406 -49.18 -13.60 -84.54
C TRP L 406 -49.53 -12.12 -84.66
N THR L 407 -49.77 -11.45 -83.53
CA THR L 407 -50.02 -10.01 -83.51
C THR L 407 -48.68 -9.28 -83.56
N PRO L 408 -48.69 -8.00 -83.99
CA PRO L 408 -47.48 -7.14 -84.04
C PRO L 408 -46.74 -7.01 -82.71
N GLY L 409 -47.50 -6.95 -81.62
CA GLY L 409 -46.93 -6.72 -80.32
C GLY L 409 -46.10 -5.48 -80.33
N MET L 410 -44.83 -5.63 -79.99
CA MET L 410 -43.94 -4.51 -79.81
C MET L 410 -42.91 -4.36 -80.90
N THR L 411 -43.16 -4.95 -82.06
CA THR L 411 -42.36 -4.72 -83.25
C THR L 411 -41.99 -3.24 -83.49
N ALA L 412 -42.95 -2.31 -83.41
CA ALA L 412 -42.68 -0.91 -83.79
C ALA L 412 -41.54 -0.39 -82.97
N GLN L 413 -41.58 -0.71 -81.68
CA GLN L 413 -40.59 -0.31 -80.69
C GLN L 413 -39.20 -0.92 -80.97
N ALA L 414 -39.18 -2.18 -81.43
CA ALA L 414 -37.92 -2.84 -81.77
C ALA L 414 -37.34 -2.20 -83.00
N LEU L 415 -38.20 -1.91 -83.98
CA LEU L 415 -37.81 -1.23 -85.23
C LEU L 415 -37.24 0.19 -85.03
N ALA L 416 -37.82 0.93 -84.09
CA ALA L 416 -37.38 2.28 -83.77
C ALA L 416 -35.98 2.27 -83.15
N VAL L 417 -35.73 1.29 -82.27
CA VAL L 417 -34.44 1.17 -81.56
C VAL L 417 -33.34 0.75 -82.50
N LEU L 418 -33.66 -0.17 -83.42
CA LEU L 418 -32.66 -0.70 -84.34
C LEU L 418 -32.24 0.32 -85.40
N ALA L 419 -33.16 1.20 -85.75
CA ALA L 419 -32.89 2.33 -86.65
C ALA L 419 -31.82 3.30 -86.10
N THR L 420 -31.68 3.39 -84.76
CA THR L 420 -30.57 4.15 -84.14
C THR L 420 -29.25 3.41 -84.07
N PHE L 421 -29.14 2.25 -84.69
CA PHE L 421 -27.91 1.43 -84.54
C PHE L 421 -26.84 1.79 -85.54
N THR L 422 -27.20 2.59 -86.53
CA THR L 422 -26.26 3.17 -87.48
C THR L 422 -25.93 4.64 -87.09
N ALA L 423 -26.29 5.04 -85.87
CA ALA L 423 -26.13 6.42 -85.44
C ALA L 423 -24.87 6.70 -84.60
#